data_1S0V
#
_entry.id   1S0V
#
_cell.length_a   81.133
_cell.length_b   87.703
_cell.length_c   206.531
_cell.angle_alpha   91.93
_cell.angle_beta   91.02
_cell.angle_gamma   110.66
#
_symmetry.space_group_name_H-M   'P 1'
#
loop_
_entity.id
_entity.type
_entity.pdbx_description
1 polymer "5'-D(*G*GP*GP*AP*AP*TP*CP*GP*AP*TP*AP*TP*CP*GP*CP*CP*GP*C)-3'"
2 polymer "5'-R(*AP*AP*CP*U*GP*CP*GP*GP*CP*GP*AP*U)-3'"
3 polymer "5'-D(*GP*TP*CP*GP*AP*TP*TP*CP*CP*C)-3'"
4 polymer 'DNA-directed RNA polymerase'
5 non-polymer 'MAGNESIUM ION'
6 non-polymer 'DIPHOSPHOMETHYLPHOSPHONIC ACID ADENOSYL ESTER'
7 water water
#
loop_
_entity_poly.entity_id
_entity_poly.type
_entity_poly.pdbx_seq_one_letter_code
_entity_poly.pdbx_strand_id
1 'polydeoxyribonucleotide' (DG)(DG)(DG)(DA)(DA)(DT)(DC)(DG)(DA)(DT)(DA)(DT)(DC)(DG)(DC)(DC)(DG)(DC) E,H,K,N
2 'polyribonucleotide' AACUGCGGCGAU F,I,L,O
3 'polydeoxyribonucleotide' (DG)(DT)(DC)(DG)(DA)(DT)(DT)(DC)(DC)(DC) G,J,M,P
4 'polypeptide(L)'
;MNTINIAKNDFSDIELAAIPFNTLADHYGERLAREQLALEHESYEMGEARFRKMFERQLKAGEVADNAAAKPLITTLLPK
MIARINDWFEEVKAKRGKRPTAFQFLQEIKPEAVAYITIKTTLACLTSADNTTVQAVASAIGRAIEDEARFGRIRDLEAK
HFKKNVEEQLNKRVGHVYKKAFMQVVEADMLSKGLLGGEAWSSWHKEDSIHVGVRCIEMLIESTGMVSLHRQNAGVVGQD
SETIELAPEYAEAIATRAGALAGISPMFQPCVVPPKPWTGITGGGYWANGRRPLALVRTHSKKALMRYEDVYMPEVYKAI
NIAQNTAWKINKKVLAVANVITKWKHCPVEDIPAIEREELPMKPEDIDMNPEALTAWKRAAAAVYRKDKARKSRRISLEF
MLEQANKFANHKAIWFPYNMDWRGRVYAVSMFNPQGNDMTKGLLTLAKGKPIGKEGYYWLKIHGANCAGVDKVPFPERIK
FIEENHENIMACAKSPLENTWWAEQDSPFCFLAFCFEYAGVQHHGLSYNCSLPLAFDGSCSGIQHFSAMLRDEVGGRAVN
LLPSETVQDIYGIVAKKVNEILQADAINGTDNEVVTVTDENTGEISEKVKLGTKALAGQWLAYGVTRSVTKRSVMTLAYG
SKEFGFRQQVLEDTIQPAIDSGKGLMFTQPNQAAGYMAKLIWESVSVTVVAAVEAMNWLKSAAKLLAAEVKDKKTGEILR
KRCAVHWVTPDGFPVWQEYKKPIQTRLNLMFLGQFRLQPTINTNKDSEIDAHKQESGIAPNFVHSQDGSHLRKTVVWAHE
KYGIESFALIHDSFGTIPADAANLFKAVRETMVDTYESCDVLADFYDQFADQLHESQLDKMPALPAKGNLNLRDILESDF
AFA
;
A,B,C,D
#
loop_
_chem_comp.id
_chem_comp.type
_chem_comp.name
_chem_comp.formula
A RNA linking ADENOSINE-5'-MONOPHOSPHATE 'C10 H14 N5 O7 P'
APC non-polymer 'DIPHOSPHOMETHYLPHOSPHONIC ACID ADENOSYL ESTER' 'C11 H18 N5 O12 P3'
C RNA linking CYTIDINE-5'-MONOPHOSPHATE 'C9 H14 N3 O8 P'
DA DNA linking 2'-DEOXYADENOSINE-5'-MONOPHOSPHATE 'C10 H14 N5 O6 P'
DC DNA linking 2'-DEOXYCYTIDINE-5'-MONOPHOSPHATE 'C9 H14 N3 O7 P'
DG DNA linking 2'-DEOXYGUANOSINE-5'-MONOPHOSPHATE 'C10 H14 N5 O7 P'
DT DNA linking THYMIDINE-5'-MONOPHOSPHATE 'C10 H15 N2 O8 P'
G RNA linking GUANOSINE-5'-MONOPHOSPHATE 'C10 H14 N5 O8 P'
MG non-polymer 'MAGNESIUM ION' 'Mg 2'
U RNA linking URIDINE-5'-MONOPHOSPHATE 'C9 H13 N2 O9 P'
#
# COMPACT_ATOMS: atom_id res chain seq x y z
N ASN M 2 63.31 26.72 -0.80
CA ASN M 2 64.06 26.75 -2.08
C ASN M 2 63.88 25.45 -2.83
N THR M 3 62.70 25.29 -3.43
CA THR M 3 62.37 24.06 -4.17
C THR M 3 62.84 24.09 -5.62
N ILE M 4 63.37 22.95 -6.05
CA ILE M 4 63.86 22.77 -7.41
C ILE M 4 62.73 23.10 -8.38
N ASN M 5 62.72 24.29 -8.96
CA ASN M 5 61.62 24.59 -9.84
C ASN M 5 61.48 23.56 -10.95
N ILE M 6 60.37 22.85 -10.97
CA ILE M 6 60.16 21.82 -11.97
C ILE M 6 59.92 22.45 -13.33
N ALA M 7 59.28 23.62 -13.27
CA ALA M 7 58.90 24.41 -14.44
C ALA M 7 60.08 24.66 -15.38
N LYS M 8 60.86 23.61 -15.65
CA LYS M 8 62.01 23.73 -16.54
C LYS M 8 61.91 22.69 -17.67
N ASN M 9 63.01 21.99 -17.90
CA ASN M 9 63.08 20.94 -18.91
C ASN M 9 62.01 19.86 -18.59
N ASP M 10 61.58 19.80 -17.33
CA ASP M 10 60.59 18.80 -16.89
C ASP M 10 59.26 18.99 -17.62
N PHE M 11 58.51 20.05 -17.32
CA PHE M 11 57.24 20.22 -18.00
C PHE M 11 57.47 20.48 -19.45
N SER M 12 58.64 21.05 -19.74
CA SER M 12 59.07 21.28 -21.11
C SER M 12 58.84 19.97 -21.90
N ASP M 13 59.04 18.83 -21.23
CA ASP M 13 58.86 17.47 -21.77
C ASP M 13 57.69 17.45 -22.72
N ILE M 14 56.51 17.77 -22.18
CA ILE M 14 55.33 17.82 -22.98
C ILE M 14 55.38 19.05 -23.86
N GLU M 15 56.12 18.89 -24.96
CA GLU M 15 56.35 19.91 -25.99
C GLU M 15 55.08 20.06 -26.85
N LEU M 16 54.49 21.26 -26.86
CA LEU M 16 53.26 21.54 -27.61
C LEU M 16 53.49 21.92 -29.11
N ALA M 17 54.75 22.00 -29.56
CA ALA M 17 55.12 22.36 -30.96
C ALA M 17 56.05 21.31 -31.63
N ALA M 18 56.77 20.51 -30.83
CA ALA M 18 57.71 19.47 -31.30
C ALA M 18 57.70 18.19 -30.41
N ILE M 19 56.80 17.28 -30.79
CA ILE M 19 56.54 15.97 -30.17
C ILE M 19 55.86 15.11 -31.23
N PRO M 20 55.78 13.78 -31.05
CA PRO M 20 55.09 13.04 -32.14
C PRO M 20 53.56 13.29 -32.08
N PHE M 21 53.18 14.57 -32.29
CA PHE M 21 51.79 15.04 -32.19
C PHE M 21 51.16 15.32 -33.54
N ASN M 22 51.93 15.11 -34.59
CA ASN M 22 51.38 15.31 -35.90
C ASN M 22 50.11 14.43 -35.98
N THR M 23 50.00 13.50 -35.04
CA THR M 23 48.85 12.60 -34.98
C THR M 23 47.60 13.44 -34.74
N LEU M 24 47.66 14.30 -33.73
CA LEU M 24 46.55 15.19 -33.41
C LEU M 24 46.42 16.25 -34.47
N ALA M 25 47.53 16.89 -34.81
CA ALA M 25 47.47 17.92 -35.84
C ALA M 25 46.62 17.44 -37.00
N ASP M 26 47.09 16.37 -37.63
CA ASP M 26 46.42 15.75 -38.75
C ASP M 26 44.93 15.62 -38.47
N HIS M 27 44.63 14.90 -37.41
CA HIS M 27 43.27 14.55 -37.01
C HIS M 27 42.35 15.73 -36.70
N TYR M 28 42.87 16.81 -36.11
CA TYR M 28 42.04 17.96 -35.70
C TYR M 28 42.61 19.29 -36.15
N GLY M 29 43.91 19.34 -36.40
CA GLY M 29 44.49 20.59 -36.88
C GLY M 29 45.65 21.06 -36.04
N GLU M 30 46.37 22.05 -36.55
CA GLU M 30 47.54 22.62 -35.89
C GLU M 30 47.16 23.41 -34.68
N ARG M 31 46.14 24.25 -34.81
CA ARG M 31 45.73 25.07 -33.68
C ARG M 31 45.21 24.23 -32.49
N LEU M 32 44.17 23.41 -32.69
CA LEU M 32 43.66 22.60 -31.60
C LEU M 32 44.72 21.63 -31.05
N ALA M 33 45.48 21.02 -31.91
CA ALA M 33 46.52 20.17 -31.39
C ALA M 33 47.62 21.00 -30.71
N ARG M 34 47.78 22.25 -31.12
CA ARG M 34 48.77 23.08 -30.46
C ARG M 34 48.16 23.56 -29.18
N GLU M 35 46.83 23.57 -29.16
CA GLU M 35 46.12 23.99 -27.98
C GLU M 35 46.11 22.83 -26.99
N GLN M 36 45.45 21.73 -27.34
CA GLN M 36 45.38 20.65 -26.39
C GLN M 36 46.68 20.47 -25.63
N LEU M 37 47.83 20.61 -26.29
CA LEU M 37 49.09 20.40 -25.55
C LEU M 37 49.49 21.55 -24.68
N ALA M 38 49.18 22.77 -25.06
CA ALA M 38 49.55 23.88 -24.20
C ALA M 38 48.60 23.95 -22.96
N LEU M 39 47.43 23.37 -23.14
CA LEU M 39 46.50 23.30 -22.06
C LEU M 39 47.04 22.30 -21.07
N GLU M 40 47.08 21.04 -21.53
CA GLU M 40 47.59 19.96 -20.71
C GLU M 40 48.80 20.47 -19.93
N HIS M 41 49.72 21.10 -20.66
CA HIS M 41 50.90 21.67 -20.05
C HIS M 41 50.53 22.58 -18.89
N GLU M 42 49.58 23.48 -19.13
CA GLU M 42 49.09 24.37 -18.06
C GLU M 42 48.68 23.50 -16.85
N SER M 43 47.81 22.54 -17.09
CA SER M 43 47.33 21.67 -16.03
C SER M 43 48.41 21.41 -15.05
N TYR M 44 49.57 21.01 -15.56
CA TYR M 44 50.73 20.73 -14.73
C TYR M 44 51.24 22.02 -14.14
N GLU M 45 51.36 23.03 -14.99
CA GLU M 45 51.83 24.27 -14.44
C GLU M 45 50.89 24.73 -13.35
N MET M 46 49.62 24.35 -13.44
CA MET M 46 48.66 24.76 -12.42
C MET M 46 48.76 23.82 -11.24
N GLY M 47 49.44 22.69 -11.49
CA GLY M 47 49.67 21.67 -10.48
C GLY M 47 50.87 22.01 -9.60
N GLU M 48 51.93 22.51 -10.23
CA GLU M 48 53.13 22.90 -9.50
C GLU M 48 52.72 24.03 -8.59
N ALA M 49 52.36 25.15 -9.19
CA ALA M 49 51.90 26.24 -8.38
C ALA M 49 51.09 25.68 -7.22
N ARG M 50 50.17 24.79 -7.50
CA ARG M 50 49.35 24.19 -6.46
C ARG M 50 50.16 23.79 -5.23
N PHE M 51 51.23 23.04 -5.51
CA PHE M 51 52.14 22.49 -4.52
C PHE M 51 52.90 23.55 -3.77
N ARG M 52 53.47 24.51 -4.48
CA ARG M 52 54.21 25.56 -3.81
C ARG M 52 53.43 26.26 -2.73
N LYS M 53 52.35 26.96 -3.09
CA LYS M 53 51.57 27.70 -2.09
C LYS M 53 51.18 26.81 -0.90
N MET M 54 50.88 25.54 -1.15
CA MET M 54 50.53 24.68 -0.03
C MET M 54 51.78 24.44 0.81
N PHE M 55 52.91 24.29 0.16
CA PHE M 55 54.19 24.04 0.84
C PHE M 55 54.68 25.31 1.54
N GLU M 56 54.24 26.45 1.04
CA GLU M 56 54.60 27.72 1.61
C GLU M 56 54.12 27.78 3.05
N ARG M 57 52.82 27.53 3.26
CA ARG M 57 52.23 27.59 4.62
C ARG M 57 52.58 26.38 5.47
N GLN M 58 53.31 25.43 4.90
CA GLN M 58 53.73 24.25 5.64
C GLN M 58 55.02 24.61 6.45
N LEU M 59 55.85 25.42 5.81
CA LEU M 59 57.03 25.92 6.42
C LEU M 59 56.60 27.02 7.32
N LYS M 60 55.83 27.96 6.77
CA LYS M 60 55.34 29.13 7.51
C LYS M 60 54.50 28.81 8.79
N ALA M 61 54.41 27.54 9.19
CA ALA M 61 53.73 27.14 10.44
C ALA M 61 54.52 26.00 11.11
N GLY M 62 55.62 25.64 10.44
CA GLY M 62 56.49 24.61 10.95
C GLY M 62 55.96 23.22 10.66
N GLU M 63 54.83 23.15 9.99
CA GLU M 63 54.24 21.85 9.71
C GLU M 63 54.95 21.14 8.58
N VAL M 64 56.18 21.54 8.29
CA VAL M 64 56.97 20.96 7.19
C VAL M 64 57.25 19.46 7.37
N ALA M 65 56.79 18.87 8.48
CA ALA M 65 56.96 17.43 8.77
C ALA M 65 55.72 16.64 8.31
N ASP M 66 54.61 17.37 8.30
CA ASP M 66 53.29 16.91 7.85
C ASP M 66 53.14 17.19 6.33
N ASN M 67 54.25 16.99 5.62
CA ASN M 67 54.33 17.26 4.19
C ASN M 67 55.06 16.07 3.53
N ALA M 68 54.45 15.47 2.51
CA ALA M 68 55.07 14.32 1.87
C ALA M 68 56.45 14.64 1.34
N ALA M 69 56.81 15.90 1.31
CA ALA M 69 58.13 16.23 0.83
C ALA M 69 59.18 15.91 1.88
N ALA M 70 58.76 15.97 3.15
CA ALA M 70 59.67 15.74 4.25
C ALA M 70 59.45 14.40 4.95
N LYS M 71 58.46 13.62 4.53
CA LYS M 71 58.21 12.37 5.25
C LYS M 71 59.22 11.20 4.93
N PRO M 72 59.88 11.17 3.74
CA PRO M 72 60.82 10.07 3.48
C PRO M 72 62.09 10.05 4.41
N LEU M 73 62.54 11.25 4.87
CA LEU M 73 63.71 11.40 5.78
C LEU M 73 63.37 10.87 7.16
N ILE M 74 62.30 11.41 7.73
CA ILE M 74 61.83 11.05 9.06
C ILE M 74 61.53 9.55 9.15
N THR M 75 61.75 8.82 8.06
CA THR M 75 61.52 7.37 8.05
C THR M 75 62.82 6.58 8.36
N THR M 76 63.96 7.22 8.06
CA THR M 76 65.28 6.66 8.30
C THR M 76 65.93 7.47 9.38
N LEU M 77 65.34 8.62 9.63
CA LEU M 77 65.83 9.52 10.64
C LEU M 77 65.26 9.20 12.01
N LEU M 78 64.13 8.52 12.09
CA LEU M 78 63.67 8.27 13.42
C LEU M 78 64.22 7.00 14.07
N PRO M 79 64.77 6.04 13.27
CA PRO M 79 65.33 4.78 13.81
C PRO M 79 66.70 5.03 14.49
N LYS M 80 67.48 5.90 13.85
CA LYS M 80 68.79 6.33 14.33
C LYS M 80 68.64 7.05 15.66
N MET M 81 67.63 7.91 15.74
CA MET M 81 67.39 8.72 16.92
C MET M 81 66.72 7.95 18.06
N ILE M 82 65.88 6.96 17.80
CA ILE M 82 65.27 6.26 18.94
C ILE M 82 66.26 5.24 19.55
N ALA M 83 67.16 4.69 18.72
CA ALA M 83 68.19 3.76 19.19
C ALA M 83 69.17 4.49 20.12
N ARG M 84 69.76 5.58 19.65
CA ARG M 84 70.68 6.39 20.47
C ARG M 84 70.04 6.77 21.81
N ILE M 85 68.74 7.07 21.86
CA ILE M 85 68.15 7.42 23.16
C ILE M 85 67.87 6.18 23.97
N ASN M 86 67.90 5.01 23.32
CA ASN M 86 67.67 3.79 24.05
C ASN M 86 68.95 3.25 24.68
N ASP M 87 70.11 3.54 24.05
CA ASP M 87 71.41 3.16 24.61
C ASP M 87 71.74 4.10 25.77
N TRP M 88 71.36 5.36 25.59
CA TRP M 88 71.58 6.45 26.55
C TRP M 88 70.79 6.26 27.86
N PHE M 89 69.73 5.45 27.81
CA PHE M 89 68.93 5.16 28.97
C PHE M 89 69.54 3.97 29.76
N GLU M 90 70.46 3.25 29.10
CA GLU M 90 71.19 2.10 29.68
C GLU M 90 72.60 2.52 30.12
N GLU M 91 73.01 3.70 29.63
CA GLU M 91 74.30 4.39 29.87
C GLU M 91 74.32 5.07 31.26
N VAL M 92 73.17 5.63 31.67
CA VAL M 92 73.04 6.27 33.00
C VAL M 92 72.41 5.30 34.03
N LYS M 93 71.67 4.29 33.55
CA LYS M 93 71.05 3.28 34.43
C LYS M 93 72.11 2.30 34.95
N ALA M 94 73.16 2.11 34.14
CA ALA M 94 74.31 1.25 34.46
C ALA M 94 75.47 2.09 35.07
N LYS M 95 75.11 3.26 35.63
CA LYS M 95 76.06 4.19 36.29
C LYS M 95 75.40 4.93 37.48
N ARG M 96 75.91 4.66 38.69
CA ARG M 96 75.40 5.30 39.90
C ARG M 96 75.69 6.80 39.85
N GLY M 97 75.36 7.51 40.92
CA GLY M 97 75.51 8.94 40.88
C GLY M 97 74.21 9.55 40.39
N LYS M 98 73.78 10.67 40.99
CA LYS M 98 72.52 11.31 40.63
C LYS M 98 72.37 11.48 39.10
N ARG M 99 71.31 10.85 38.56
CA ARG M 99 70.95 10.85 37.10
C ARG M 99 70.72 12.28 36.56
N PRO M 100 71.25 12.59 35.34
CA PRO M 100 71.13 13.91 34.68
C PRO M 100 69.74 14.56 34.85
N THR M 101 69.63 15.87 34.61
CA THR M 101 68.35 16.60 34.77
C THR M 101 67.26 16.16 33.78
N ALA M 102 67.64 15.92 32.52
CA ALA M 102 66.66 15.49 31.54
C ALA M 102 66.19 14.04 31.78
N PHE M 103 67.11 13.14 32.18
CA PHE M 103 66.84 11.69 32.38
C PHE M 103 65.74 11.33 33.41
N GLN M 104 65.43 12.23 34.34
CA GLN M 104 64.36 11.97 35.35
C GLN M 104 62.96 12.03 34.68
N PHE M 105 62.84 12.97 33.73
CA PHE M 105 61.62 13.27 32.94
C PHE M 105 61.48 12.31 31.74
N LEU M 106 62.46 12.37 30.84
CA LEU M 106 62.52 11.52 29.64
C LEU M 106 62.33 10.05 29.99
N GLN M 107 62.05 9.74 31.25
CA GLN M 107 61.80 8.36 31.62
C GLN M 107 60.29 8.10 31.71
N GLU M 108 59.52 9.15 31.41
CA GLU M 108 58.03 9.19 31.44
C GLU M 108 57.34 9.04 30.05
N ILE M 109 57.83 9.77 29.03
CA ILE M 109 57.29 9.74 27.64
C ILE M 109 57.95 8.63 26.79
N LYS M 110 57.11 7.86 26.12
CA LYS M 110 57.59 6.82 25.25
C LYS M 110 58.77 7.39 24.48
N PRO M 111 59.95 6.73 24.56
CA PRO M 111 61.14 7.20 23.85
C PRO M 111 60.91 7.48 22.34
N GLU M 112 60.19 6.60 21.66
CA GLU M 112 59.92 6.80 20.25
C GLU M 112 59.28 8.15 20.05
N ALA M 113 58.31 8.42 20.91
CA ALA M 113 57.60 9.68 20.90
C ALA M 113 58.58 10.85 21.01
N VAL M 114 59.28 10.89 22.13
CA VAL M 114 60.24 11.96 22.30
C VAL M 114 61.04 12.09 20.99
N ALA M 115 61.66 10.97 20.59
CA ALA M 115 62.46 10.87 19.36
C ALA M 115 61.89 11.77 18.25
N TYR M 116 60.63 11.55 17.98
CA TYR M 116 59.97 12.30 16.94
C TYR M 116 59.73 13.73 17.40
N ILE M 117 59.12 13.87 18.57
CA ILE M 117 58.73 15.17 19.07
C ILE M 117 59.78 16.21 18.79
N THR M 118 61.02 15.77 18.85
CA THR M 118 62.18 16.63 18.64
C THR M 118 62.31 17.05 17.19
N ILE M 119 62.39 16.02 16.33
CA ILE M 119 62.57 16.15 14.88
C ILE M 119 61.70 17.25 14.29
N LYS M 120 60.41 17.08 14.55
CA LYS M 120 59.36 17.98 14.08
C LYS M 120 59.53 19.46 14.55
N THR M 121 59.25 19.70 15.83
CA THR M 121 59.34 21.06 16.35
C THR M 121 60.70 21.67 16.05
N THR M 122 61.66 20.80 15.74
CA THR M 122 62.99 21.21 15.37
C THR M 122 62.93 21.98 14.06
N LEU M 123 62.53 21.22 13.04
CA LEU M 123 62.40 21.67 11.67
C LEU M 123 61.42 22.79 11.57
N ALA M 124 60.49 22.79 12.51
CA ALA M 124 59.47 23.82 12.57
C ALA M 124 60.08 25.19 12.95
N CYS M 125 60.87 25.20 14.01
CA CYS M 125 61.51 26.45 14.45
C CYS M 125 62.61 26.82 13.49
N LEU M 126 63.24 25.80 12.90
CA LEU M 126 64.32 26.03 11.96
C LEU M 126 63.80 26.73 10.70
N THR M 127 62.50 26.61 10.42
CA THR M 127 61.91 27.25 9.23
C THR M 127 61.21 28.56 9.58
N SER M 128 61.45 29.01 10.81
CA SER M 128 60.94 30.29 11.33
C SER M 128 61.65 31.45 10.63
N ALA M 129 61.25 32.69 10.92
CA ALA M 129 61.86 33.88 10.30
C ALA M 129 63.33 34.09 10.72
N ASP M 130 63.59 34.29 12.04
CA ASP M 130 64.96 34.58 12.51
C ASP M 130 65.43 33.71 13.72
N ASN M 131 64.67 33.74 14.82
CA ASN M 131 65.01 33.03 16.07
C ASN M 131 65.24 31.50 15.88
N THR M 132 66.49 31.04 16.02
CA THR M 132 66.88 29.61 15.83
C THR M 132 67.75 29.11 16.99
N THR M 133 68.06 30.03 17.91
CA THR M 133 68.91 29.76 19.08
C THR M 133 68.45 28.53 19.81
N VAL M 134 69.43 27.73 20.27
CA VAL M 134 69.20 26.49 21.03
C VAL M 134 68.50 26.77 22.37
N GLN M 135 68.42 28.06 22.72
CA GLN M 135 67.78 28.54 23.95
C GLN M 135 66.26 28.43 23.85
N ALA M 136 65.70 29.11 22.85
CA ALA M 136 64.25 29.05 22.61
C ALA M 136 63.87 27.63 22.13
N VAL M 137 64.74 27.09 21.26
CA VAL M 137 64.66 25.77 20.67
C VAL M 137 64.51 24.67 21.71
N ALA M 138 65.50 24.58 22.59
CA ALA M 138 65.46 23.60 23.64
C ALA M 138 64.17 23.80 24.46
N SER M 139 63.80 25.06 24.66
CA SER M 139 62.60 25.44 25.41
C SER M 139 61.36 24.85 24.79
N ALA M 140 61.32 24.88 23.47
CA ALA M 140 60.18 24.33 22.77
C ALA M 140 60.09 22.81 22.98
N ILE M 141 61.13 22.09 22.54
CA ILE M 141 61.14 20.63 22.66
C ILE M 141 60.59 20.18 24.01
N GLY M 142 61.20 20.63 25.09
CA GLY M 142 60.73 20.23 26.40
C GLY M 142 59.25 20.51 26.60
N ARG M 143 58.86 21.77 26.38
CA ARG M 143 57.48 22.24 26.52
C ARG M 143 56.53 21.14 26.11
N ALA M 144 56.80 20.64 24.91
CA ALA M 144 56.01 19.59 24.29
C ALA M 144 56.18 18.23 24.98
N ILE M 145 57.40 17.71 25.07
CA ILE M 145 57.57 16.39 25.68
C ILE M 145 56.82 16.30 26.97
N GLU M 146 56.86 17.36 27.72
CA GLU M 146 56.19 17.54 29.03
C GLU M 146 54.72 17.10 28.88
N ASP M 147 54.05 17.76 27.94
CA ASP M 147 52.63 17.53 27.65
C ASP M 147 52.27 16.06 27.48
N GLU M 148 53.12 15.36 26.70
CA GLU M 148 52.92 13.94 26.34
C GLU M 148 53.10 12.94 27.52
N ALA M 149 53.99 13.23 28.47
CA ALA M 149 54.10 12.30 29.60
C ALA M 149 52.93 12.55 30.54
N ARG M 150 52.48 13.82 30.53
CA ARG M 150 51.38 14.35 31.36
C ARG M 150 50.02 13.89 30.88
N PHE M 151 49.68 14.21 29.64
CA PHE M 151 48.38 13.82 29.14
C PHE M 151 48.36 12.43 28.50
N GLY M 152 49.55 11.84 28.33
CA GLY M 152 49.70 10.51 27.74
C GLY M 152 49.48 9.41 28.75
N ARG M 153 49.45 9.84 30.02
CA ARG M 153 49.19 8.96 31.13
C ARG M 153 47.68 8.74 31.18
N ILE M 154 46.94 9.74 30.69
CA ILE M 154 45.48 9.66 30.64
C ILE M 154 45.09 8.54 29.68
N ARG M 155 45.71 8.58 28.50
CA ARG M 155 45.51 7.62 27.42
C ARG M 155 46.10 6.24 27.73
N ASP M 156 46.89 6.15 28.80
CA ASP M 156 47.60 4.90 29.16
C ASP M 156 46.97 4.07 30.31
N LEU M 157 46.68 4.69 31.44
CA LEU M 157 46.14 3.91 32.55
C LEU M 157 44.74 4.37 32.98
N GLU M 158 44.67 5.64 33.38
CA GLU M 158 43.43 6.27 33.89
C GLU M 158 42.21 6.11 32.94
N ALA M 159 42.30 6.57 31.67
CA ALA M 159 41.19 6.48 30.70
C ALA M 159 41.34 5.28 29.74
N LYS M 160 41.96 4.22 30.26
CA LYS M 160 42.20 2.97 29.52
C LYS M 160 41.09 2.70 28.49
N HIS M 161 39.84 2.99 28.91
CA HIS M 161 38.60 2.89 28.13
C HIS M 161 37.87 4.26 28.12
N PHE M 162 38.04 5.03 29.22
CA PHE M 162 37.43 6.35 29.37
C PHE M 162 37.90 7.24 28.24
N LYS M 163 39.06 6.89 27.71
CA LYS M 163 39.65 7.62 26.61
C LYS M 163 38.71 7.68 25.38
N LYS M 164 37.84 6.67 25.26
CA LYS M 164 36.89 6.60 24.14
C LYS M 164 36.12 7.91 24.02
N ASN M 165 35.55 8.31 25.15
CA ASN M 165 34.76 9.51 25.26
C ASN M 165 35.63 10.76 25.00
N VAL M 166 36.96 10.56 25.04
CA VAL M 166 37.97 11.62 24.85
C VAL M 166 38.44 11.76 23.41
N GLU M 167 39.13 10.72 22.94
CA GLU M 167 39.62 10.67 21.57
C GLU M 167 38.76 11.58 20.67
N GLU M 168 37.48 11.21 20.61
CA GLU M 168 36.45 11.87 19.83
C GLU M 168 36.56 13.37 19.85
N GLN M 169 36.25 13.97 20.99
CA GLN M 169 36.33 15.42 21.05
C GLN M 169 37.76 15.92 20.87
N LEU M 170 38.74 15.01 21.02
CA LEU M 170 40.16 15.38 20.87
C LEU M 170 40.48 15.72 19.40
N ASN M 171 40.38 14.70 18.52
CA ASN M 171 40.62 14.84 17.07
C ASN M 171 39.81 16.00 16.52
N LYS M 172 38.55 16.09 16.93
CA LYS M 172 37.70 17.18 16.49
C LYS M 172 38.40 18.51 16.78
N ARG M 173 39.18 18.55 17.88
CA ARG M 173 39.93 19.75 18.28
C ARG M 173 41.17 19.93 17.40
N VAL M 174 41.28 21.09 16.73
CA VAL M 174 42.40 21.36 15.82
C VAL M 174 43.32 22.45 16.36
N GLY M 175 44.61 22.35 16.02
CA GLY M 175 45.60 23.32 16.46
C GLY M 175 46.10 23.01 17.88
N HIS M 176 47.41 22.88 18.04
CA HIS M 176 48.07 22.56 19.32
C HIS M 176 47.35 23.15 20.58
N VAL M 177 47.05 24.46 20.57
CA VAL M 177 46.38 25.23 21.67
C VAL M 177 45.13 24.53 22.25
N TYR M 178 44.01 24.65 21.53
CA TYR M 178 42.73 24.08 21.93
C TYR M 178 42.85 22.62 22.39
N LYS M 179 43.68 21.83 21.69
CA LYS M 179 43.89 20.42 22.04
C LYS M 179 44.40 20.32 23.47
N LYS M 180 45.20 21.31 23.86
CA LYS M 180 45.71 21.37 25.22
C LYS M 180 44.59 21.86 26.13
N ALA M 181 43.85 22.87 25.64
CA ALA M 181 42.70 23.45 26.32
C ALA M 181 41.77 22.33 26.72
N PHE M 182 41.70 21.38 25.82
CA PHE M 182 40.87 20.22 26.00
C PHE M 182 41.40 19.28 27.07
N MET M 183 42.66 18.84 26.92
CA MET M 183 43.29 17.88 27.85
C MET M 183 43.46 18.33 29.35
N GLN M 184 43.57 19.64 29.60
CA GLN M 184 43.68 20.21 30.97
C GLN M 184 42.34 20.16 31.71
N VAL M 185 41.28 20.45 30.97
CA VAL M 185 39.91 20.44 31.49
C VAL M 185 39.45 18.99 31.72
N VAL M 186 40.04 18.06 30.96
CA VAL M 186 39.76 16.62 31.05
C VAL M 186 40.43 16.05 32.27
N GLU M 187 41.64 16.56 32.50
CA GLU M 187 42.50 16.19 33.63
C GLU M 187 41.87 16.66 34.98
N ALA M 188 41.36 17.89 34.99
CA ALA M 188 40.71 18.53 36.14
C ALA M 188 39.40 17.85 36.52
N ASP M 189 38.83 17.09 35.61
CA ASP M 189 37.60 16.36 35.90
C ASP M 189 37.89 14.88 36.10
N MET M 190 39.02 14.42 35.58
CA MET M 190 39.42 13.01 35.71
C MET M 190 39.83 12.68 37.12
N LEU M 191 40.66 13.55 37.72
CA LEU M 191 41.08 13.34 39.11
C LEU M 191 39.95 13.76 40.06
N SER M 192 38.98 14.51 39.53
CA SER M 192 37.79 15.02 40.26
C SER M 192 36.74 13.90 40.44
N LYS M 193 36.99 12.79 39.75
CA LYS M 193 36.11 11.64 39.82
C LYS M 193 36.95 10.34 39.66
N GLY M 194 37.49 10.14 38.46
CA GLY M 194 38.27 8.97 38.12
C GLY M 194 39.46 8.70 39.04
N LEU M 195 40.61 8.36 38.45
CA LEU M 195 41.81 8.06 39.23
C LEU M 195 42.36 9.31 39.90
N LEU M 196 42.84 9.13 41.15
CA LEU M 196 43.40 10.22 42.00
C LEU M 196 44.95 10.20 42.09
N GLY M 197 45.51 11.38 42.36
CA GLY M 197 46.95 11.55 42.46
C GLY M 197 47.29 13.01 42.56
N GLY M 198 48.42 13.42 41.98
CA GLY M 198 48.82 14.81 42.07
C GLY M 198 48.79 15.61 40.76
N GLU M 199 49.98 16.06 40.36
CA GLU M 199 50.27 16.87 39.15
C GLU M 199 51.76 17.24 39.11
N ALA M 200 52.64 16.23 39.27
CA ALA M 200 54.10 16.42 39.35
C ALA M 200 54.74 17.05 38.12
N TRP M 201 54.02 17.99 37.49
CA TRP M 201 54.51 18.68 36.29
C TRP M 201 54.52 20.20 36.51
N SER M 202 54.01 20.58 37.68
CA SER M 202 54.00 21.96 38.15
C SER M 202 55.40 22.29 38.72
N SER M 203 56.12 21.23 39.11
CA SER M 203 57.50 21.34 39.64
C SER M 203 58.51 21.46 38.44
N TRP M 204 58.04 21.09 37.25
CA TRP M 204 58.79 21.17 35.97
C TRP M 204 59.09 22.70 35.67
N HIS M 205 60.12 23.23 36.30
CA HIS M 205 60.46 24.65 36.08
C HIS M 205 60.94 24.85 34.63
N LYS M 206 60.77 26.11 34.13
CA LYS M 206 61.17 26.44 32.76
C LYS M 206 62.60 26.02 32.50
N GLU M 207 63.27 25.76 33.65
CA GLU M 207 64.64 25.29 33.64
C GLU M 207 64.60 23.83 33.20
N ASP M 208 63.77 23.05 33.93
CA ASP M 208 63.58 21.64 33.63
C ASP M 208 63.22 21.49 32.17
N SER M 209 62.43 22.45 31.71
CA SER M 209 61.98 22.48 30.32
C SER M 209 63.18 22.67 29.36
N ILE M 210 64.05 23.64 29.64
CA ILE M 210 65.22 23.88 28.80
C ILE M 210 66.18 22.67 28.83
N HIS M 211 66.31 22.09 30.02
CA HIS M 211 67.17 20.91 30.25
C HIS M 211 66.75 19.78 29.28
N VAL M 212 65.48 19.42 29.34
CA VAL M 212 64.95 18.39 28.47
C VAL M 212 65.28 18.73 27.01
N GLY M 213 64.76 19.87 26.54
CA GLY M 213 64.93 20.35 25.18
C GLY M 213 66.36 20.46 24.69
N VAL M 214 67.33 20.47 25.61
CA VAL M 214 68.75 20.55 25.22
C VAL M 214 69.41 19.15 25.13
N ARG M 215 69.22 18.27 26.12
CA ARG M 215 69.82 16.92 26.07
C ARG M 215 69.30 16.14 24.86
N CYS M 216 68.09 16.43 24.47
CA CYS M 216 67.53 15.77 23.32
C CYS M 216 68.35 16.14 22.07
N ILE M 217 68.27 17.42 21.68
CA ILE M 217 68.98 17.94 20.55
C ILE M 217 70.36 17.31 20.47
N GLU M 218 70.98 17.13 21.63
CA GLU M 218 72.30 16.51 21.72
C GLU M 218 72.24 15.12 21.13
N MET M 219 71.24 14.36 21.57
CA MET M 219 71.01 12.99 21.08
C MET M 219 70.82 13.01 19.57
N LEU M 220 70.18 14.08 19.12
CA LEU M 220 69.85 14.29 17.72
C LEU M 220 71.10 14.45 16.82
N ILE M 221 72.01 15.40 17.12
CA ILE M 221 73.23 15.60 16.29
C ILE M 221 74.23 14.44 16.44
N GLU M 222 73.94 13.63 17.45
CA GLU M 222 74.70 12.43 17.80
C GLU M 222 74.40 11.33 16.82
N SER M 223 73.17 10.82 16.90
CA SER M 223 72.69 9.72 16.06
C SER M 223 72.69 10.04 14.57
N THR M 224 72.57 11.33 14.24
CA THR M 224 72.48 11.75 12.84
C THR M 224 73.18 13.09 12.57
N GLY M 225 73.42 13.39 11.29
CA GLY M 225 74.08 14.63 10.89
C GLY M 225 73.12 15.59 10.23
N MET M 226 71.85 15.33 10.37
CA MET M 226 70.78 16.15 9.80
C MET M 226 71.10 17.62 10.06
N VAL M 227 71.55 17.88 11.28
CA VAL M 227 71.93 19.21 11.72
C VAL M 227 73.37 19.23 12.26
N SER M 228 74.14 20.18 11.74
CA SER M 228 75.52 20.41 12.17
C SER M 228 75.47 21.52 13.27
N LEU M 229 76.00 21.25 14.48
CA LEU M 229 75.96 22.27 15.54
C LEU M 229 77.21 23.14 15.52
N HIS M 230 77.12 24.28 14.83
CA HIS M 230 78.25 25.18 14.70
C HIS M 230 78.05 26.49 15.46
N ARG M 231 79.18 27.14 15.77
CA ARG M 231 79.29 28.41 16.52
C ARG M 231 79.01 29.62 15.59
N GLN M 232 78.21 30.59 16.07
CA GLN M 232 77.88 31.81 15.30
C GLN M 232 78.65 33.04 15.80
N ASN M 233 79.70 33.40 15.06
CA ASN M 233 80.57 34.53 15.41
C ASN M 233 81.26 34.35 16.78
N ALA M 234 82.11 33.32 16.92
CA ALA M 234 82.85 33.07 18.19
C ALA M 234 83.91 34.15 18.43
N GLY M 235 83.83 34.78 19.60
CA GLY M 235 84.75 35.84 19.97
C GLY M 235 84.02 37.14 20.28
N VAL M 236 82.71 37.05 20.49
CA VAL M 236 81.85 38.20 20.77
C VAL M 236 80.99 37.93 22.02
N VAL M 237 80.75 38.94 22.86
CA VAL M 237 79.95 38.71 24.05
C VAL M 237 78.43 38.65 23.71
N GLY M 238 77.92 39.62 22.93
CA GLY M 238 76.50 39.60 22.59
C GLY M 238 76.18 39.07 21.19
N GLN M 239 77.01 38.14 20.68
CA GLN M 239 76.83 37.52 19.34
C GLN M 239 77.21 36.03 19.34
N ASP M 240 78.14 35.67 20.23
CA ASP M 240 78.61 34.30 20.35
C ASP M 240 77.52 33.40 20.92
N SER M 241 76.65 32.93 20.04
CA SER M 241 75.59 32.04 20.45
C SER M 241 75.63 30.81 19.60
N GLU M 242 75.63 29.66 20.25
CA GLU M 242 75.63 28.43 19.50
C GLU M 242 74.19 28.22 18.96
N THR M 243 74.06 27.96 17.64
CA THR M 243 72.74 27.74 17.03
C THR M 243 72.71 26.48 16.13
N ILE M 244 71.50 26.11 15.69
CA ILE M 244 71.32 24.95 14.82
C ILE M 244 71.09 25.38 13.38
N GLU M 245 71.54 24.52 12.46
CA GLU M 245 71.44 24.70 11.02
C GLU M 245 71.12 23.35 10.33
N LEU M 246 70.26 23.35 9.32
CA LEU M 246 69.95 22.08 8.68
C LEU M 246 71.06 21.69 7.73
N ALA M 247 71.47 20.43 7.82
CA ALA M 247 72.51 19.92 6.96
C ALA M 247 72.18 20.23 5.49
N PRO M 248 72.95 21.12 4.84
CA PRO M 248 72.67 21.45 3.44
C PRO M 248 72.29 20.23 2.58
N GLU M 249 72.84 19.07 2.89
CA GLU M 249 72.57 17.83 2.15
C GLU M 249 71.11 17.43 2.28
N TYR M 250 70.65 17.39 3.52
CA TYR M 250 69.27 17.01 3.80
C TYR M 250 68.29 18.10 3.36
N ALA M 251 68.74 19.35 3.39
CA ALA M 251 67.87 20.40 2.88
C ALA M 251 67.61 20.14 1.37
N GLU M 252 68.64 19.65 0.64
CA GLU M 252 68.52 19.34 -0.80
C GLU M 252 67.59 18.15 -1.02
N ALA M 253 67.61 17.20 -0.08
CA ALA M 253 66.75 16.02 -0.18
C ALA M 253 65.31 16.48 -0.28
N ILE M 254 64.96 17.39 0.62
CA ILE M 254 63.64 17.98 0.70
C ILE M 254 63.37 18.80 -0.54
N ALA M 255 64.09 19.91 -0.70
CA ALA M 255 63.88 20.75 -1.86
C ALA M 255 63.70 19.89 -3.12
N THR M 256 64.39 18.74 -3.17
CA THR M 256 64.30 17.86 -4.33
C THR M 256 63.02 17.00 -4.31
N ARG M 257 62.73 16.36 -3.17
CA ARG M 257 61.53 15.52 -3.04
C ARG M 257 60.28 16.33 -3.32
N ALA M 258 60.30 17.58 -2.86
CA ALA M 258 59.24 18.55 -3.04
C ALA M 258 59.16 18.95 -4.48
N GLY M 259 60.33 19.09 -5.09
CA GLY M 259 60.39 19.42 -6.49
C GLY M 259 59.63 18.41 -7.34
N ALA M 260 60.10 17.16 -7.36
CA ALA M 260 59.47 16.07 -8.14
C ALA M 260 58.00 15.83 -7.77
N LEU M 261 57.65 16.11 -6.51
CA LEU M 261 56.28 15.97 -6.02
C LEU M 261 55.35 16.94 -6.76
N ALA M 262 55.71 18.21 -6.67
CA ALA M 262 54.99 19.28 -7.32
C ALA M 262 54.74 18.97 -8.78
N GLY M 263 55.27 17.89 -9.31
CA GLY M 263 55.07 17.63 -10.73
C GLY M 263 54.13 16.47 -11.03
N ILE M 264 53.46 15.93 -10.02
CA ILE M 264 52.55 14.83 -10.27
C ILE M 264 51.15 15.18 -9.77
N SER M 265 50.93 16.48 -9.46
CA SER M 265 49.63 17.00 -9.00
C SER M 265 49.08 17.88 -10.06
N PRO M 266 48.68 17.31 -11.22
CA PRO M 266 48.15 18.08 -12.34
C PRO M 266 46.71 18.61 -12.11
N MET M 267 46.44 19.82 -12.61
CA MET M 267 45.09 20.34 -12.56
C MET M 267 44.46 20.02 -13.91
N PHE M 268 43.72 18.92 -13.93
CA PHE M 268 43.07 18.37 -15.12
C PHE M 268 42.00 19.24 -15.66
N GLN M 269 42.25 19.78 -16.84
CA GLN M 269 41.29 20.62 -17.54
C GLN M 269 40.50 19.83 -18.56
N PRO M 270 39.69 20.50 -19.36
CA PRO M 270 39.08 19.51 -20.23
C PRO M 270 39.80 19.55 -21.55
N CYS M 271 39.32 18.87 -22.60
CA CYS M 271 40.04 18.87 -23.85
C CYS M 271 39.39 19.66 -24.88
N VAL M 272 40.22 20.12 -25.81
CA VAL M 272 39.87 20.95 -26.93
C VAL M 272 39.52 20.11 -28.12
N VAL M 273 39.88 18.85 -28.02
CA VAL M 273 39.70 17.88 -29.08
C VAL M 273 39.38 16.60 -28.46
N PRO M 274 38.38 15.88 -28.94
CA PRO M 274 38.00 14.59 -28.37
C PRO M 274 39.18 13.91 -27.76
N PRO M 275 38.98 13.28 -26.61
CA PRO M 275 40.09 12.60 -25.95
C PRO M 275 40.73 11.51 -26.80
N LYS M 276 41.92 11.08 -26.36
CA LYS M 276 42.66 9.99 -27.00
C LYS M 276 42.09 8.65 -26.53
N PRO M 277 41.33 8.00 -27.39
CA PRO M 277 40.73 6.71 -27.08
C PRO M 277 41.61 5.87 -26.16
N TRP M 278 40.98 4.98 -25.43
CA TRP M 278 41.70 4.13 -24.51
C TRP M 278 42.03 2.85 -25.16
N THR M 279 43.35 2.59 -25.22
CA THR M 279 43.92 1.34 -25.76
C THR M 279 44.02 0.29 -24.64
N GLY M 280 44.02 0.77 -23.38
CA GLY M 280 44.12 -0.13 -22.24
C GLY M 280 44.90 0.36 -21.01
N ILE M 281 44.70 -0.25 -19.87
CA ILE M 281 45.43 0.15 -18.70
C ILE M 281 45.79 1.57 -18.77
N THR M 282 46.80 1.94 -19.51
CA THR M 282 47.05 3.36 -19.51
C THR M 282 47.32 3.99 -20.84
N GLY M 283 47.79 5.25 -20.74
CA GLY M 283 48.12 6.06 -21.89
C GLY M 283 46.93 6.81 -22.39
N GLY M 284 45.76 6.48 -21.79
CA GLY M 284 44.47 7.05 -22.19
C GLY M 284 44.13 8.49 -21.77
N GLY M 285 43.06 8.98 -22.42
CA GLY M 285 42.51 10.31 -22.20
C GLY M 285 43.32 11.41 -22.82
N TYR M 286 44.03 12.17 -22.01
CA TYR M 286 44.82 13.20 -22.59
C TYR M 286 45.77 12.59 -23.60
N TRP M 287 46.31 13.45 -24.46
CA TRP M 287 47.21 13.04 -25.56
C TRP M 287 48.68 13.12 -25.15
N ALA M 288 49.11 14.28 -24.64
CA ALA M 288 50.51 14.43 -24.23
C ALA M 288 50.98 13.18 -23.47
N ASN M 289 52.28 13.20 -23.12
CA ASN M 289 52.94 12.12 -22.37
C ASN M 289 53.41 12.64 -21.04
N GLY M 290 52.50 13.30 -20.36
CA GLY M 290 52.79 13.91 -19.10
C GLY M 290 53.29 12.95 -18.10
N ARG M 291 54.01 13.50 -17.12
CA ARG M 291 54.59 12.71 -16.06
C ARG M 291 53.53 12.44 -15.04
N ARG M 292 52.40 11.97 -15.57
CA ARG M 292 51.27 11.63 -14.75
C ARG M 292 50.18 10.94 -15.52
N PRO M 293 50.51 9.98 -16.38
CA PRO M 293 49.49 9.25 -17.16
C PRO M 293 48.23 8.84 -16.37
N LEU M 294 47.16 8.71 -17.14
CA LEU M 294 45.81 8.34 -16.65
C LEU M 294 45.58 6.84 -16.68
N ALA M 295 45.05 6.32 -15.60
CA ALA M 295 44.82 4.91 -15.58
C ALA M 295 43.44 4.66 -16.01
N LEU M 296 43.28 3.57 -16.71
CA LEU M 296 41.94 3.16 -17.12
C LEU M 296 41.11 3.12 -15.88
N VAL M 297 41.74 2.55 -14.86
CA VAL M 297 41.13 2.43 -13.57
C VAL M 297 41.95 3.07 -12.46
N ARG M 298 41.23 3.84 -11.66
CA ARG M 298 41.72 4.54 -10.50
C ARG M 298 41.88 3.55 -9.42
N THR M 299 43.12 3.16 -9.16
CA THR M 299 43.35 2.23 -8.06
C THR M 299 44.40 2.73 -7.14
N HIS M 300 44.38 2.05 -6.00
CA HIS M 300 45.24 2.29 -4.85
C HIS M 300 46.69 1.76 -5.04
N SER M 301 46.83 0.45 -5.16
CA SER M 301 48.13 -0.18 -5.29
C SER M 301 48.54 -0.50 -6.72
N LYS M 302 49.77 -0.11 -7.09
CA LYS M 302 50.25 -0.33 -8.45
C LYS M 302 49.98 -1.74 -8.92
N LYS M 303 50.18 -2.71 -8.05
CA LYS M 303 49.93 -4.06 -8.50
C LYS M 303 48.45 -4.24 -8.83
N ALA M 304 47.56 -3.65 -8.04
CA ALA M 304 46.16 -3.87 -8.31
C ALA M 304 45.76 -3.38 -9.71
N LEU M 305 46.46 -2.39 -10.19
CA LEU M 305 46.16 -1.88 -11.51
C LEU M 305 46.65 -2.84 -12.58
N MET M 306 47.78 -3.44 -12.34
CA MET M 306 48.33 -4.36 -13.31
C MET M 306 47.45 -5.58 -13.55
N ARG M 307 46.73 -6.01 -12.53
CA ARG M 307 45.88 -7.17 -12.70
C ARG M 307 44.90 -7.02 -13.89
N TYR M 308 44.86 -5.83 -14.49
CA TYR M 308 43.94 -5.53 -15.61
C TYR M 308 44.60 -5.65 -16.98
N GLU M 309 45.79 -5.08 -17.04
CA GLU M 309 46.68 -5.04 -18.20
C GLU M 309 46.28 -5.96 -19.36
N ASP M 310 46.23 -7.23 -19.07
CA ASP M 310 45.95 -8.16 -20.12
C ASP M 310 44.53 -8.65 -20.07
N VAL M 311 43.62 -7.88 -19.53
CA VAL M 311 42.31 -8.44 -19.52
C VAL M 311 41.56 -8.00 -20.68
N TYR M 312 40.62 -8.83 -21.10
CA TYR M 312 39.82 -8.52 -22.26
C TYR M 312 38.49 -8.03 -21.81
N MET M 313 37.98 -7.07 -22.55
CA MET M 313 36.70 -6.46 -22.22
C MET M 313 36.58 -5.29 -23.11
N PRO M 314 35.96 -5.52 -24.24
CA PRO M 314 35.75 -4.46 -25.23
C PRO M 314 34.46 -3.72 -24.97
N GLU M 315 33.49 -4.43 -24.42
CA GLU M 315 32.28 -3.77 -24.08
C GLU M 315 32.61 -2.58 -23.25
N VAL M 316 33.54 -2.81 -22.36
CA VAL M 316 33.99 -1.78 -21.49
C VAL M 316 34.84 -0.76 -22.21
N TYR M 317 35.87 -1.18 -22.90
CA TYR M 317 36.69 -0.19 -23.56
C TYR M 317 35.87 0.71 -24.51
N LYS M 318 34.81 0.19 -25.09
CA LYS M 318 34.06 1.09 -25.97
C LYS M 318 33.33 2.04 -25.09
N ALA M 319 32.48 1.58 -24.16
CA ALA M 319 31.75 2.50 -23.26
C ALA M 319 32.58 3.74 -22.95
N ILE M 320 33.73 3.58 -22.25
CA ILE M 320 34.64 4.70 -21.92
C ILE M 320 34.83 5.59 -23.14
N ASN M 321 35.37 4.97 -24.16
CA ASN M 321 35.65 5.64 -25.40
C ASN M 321 34.41 6.31 -26.00
N ILE M 322 33.30 5.57 -26.17
CA ILE M 322 32.08 6.16 -26.70
C ILE M 322 31.76 7.38 -25.90
N ALA M 323 31.44 7.16 -24.61
CA ALA M 323 31.05 8.20 -23.60
C ALA M 323 32.03 9.38 -23.55
N GLN M 324 33.31 9.09 -23.69
CA GLN M 324 34.37 10.07 -23.65
C GLN M 324 34.40 10.97 -24.87
N ASN M 325 33.83 10.47 -25.99
CA ASN M 325 33.77 11.21 -27.29
C ASN M 325 32.74 12.32 -27.26
N THR M 326 31.74 12.19 -26.36
CA THR M 326 30.69 13.22 -26.24
C THR M 326 31.31 14.62 -26.23
N ALA M 327 30.76 15.47 -27.09
CA ALA M 327 31.19 16.84 -27.22
C ALA M 327 30.20 17.76 -26.50
N TRP M 328 30.76 18.62 -25.65
CA TRP M 328 29.91 19.58 -24.94
C TRP M 328 30.39 21.01 -25.23
N LYS M 329 29.55 21.98 -24.88
CA LYS M 329 29.90 23.39 -24.97
C LYS M 329 29.28 24.18 -23.80
N ILE M 330 30.00 25.24 -23.50
CA ILE M 330 29.60 26.16 -22.44
C ILE M 330 28.26 26.80 -22.74
N ASN M 331 27.37 26.95 -21.77
CA ASN M 331 26.07 27.49 -22.04
C ASN M 331 26.03 28.97 -21.98
N LYS M 332 26.81 29.56 -22.84
CA LYS M 332 26.94 31.00 -22.99
C LYS M 332 25.76 31.82 -22.51
N LYS M 333 24.56 31.37 -22.77
CA LYS M 333 23.51 32.18 -22.22
C LYS M 333 23.58 32.05 -20.63
N VAL M 334 23.33 30.83 -20.14
CA VAL M 334 23.40 30.61 -18.72
C VAL M 334 24.57 31.30 -18.09
N LEU M 335 25.75 31.22 -18.66
CA LEU M 335 26.82 31.85 -17.99
C LEU M 335 26.58 33.33 -17.86
N ALA M 336 26.19 34.11 -18.87
CA ALA M 336 26.17 35.51 -18.43
C ALA M 336 25.11 35.84 -17.38
N VAL M 337 24.34 34.86 -16.93
CA VAL M 337 23.45 35.07 -15.83
C VAL M 337 24.31 35.02 -14.54
N ALA M 338 24.99 33.89 -14.31
CA ALA M 338 25.91 33.71 -13.17
C ALA M 338 26.97 34.82 -13.19
N ASN M 339 27.39 35.16 -14.37
CA ASN M 339 28.35 36.17 -14.33
C ASN M 339 27.83 37.42 -13.69
N VAL M 340 26.56 37.43 -13.40
CA VAL M 340 26.09 38.59 -12.74
C VAL M 340 25.76 38.24 -11.37
N ILE M 341 24.70 37.48 -11.21
CA ILE M 341 24.44 37.26 -9.86
C ILE M 341 25.67 36.72 -9.04
N THR M 342 26.49 35.73 -9.38
CA THR M 342 27.58 35.56 -8.39
C THR M 342 28.44 36.87 -8.13
N LYS M 343 28.47 37.90 -8.95
CA LYS M 343 29.29 38.92 -8.41
C LYS M 343 28.53 39.83 -7.54
N TRP M 344 27.33 39.41 -7.13
CA TRP M 344 26.53 40.19 -6.19
C TRP M 344 25.96 39.25 -5.17
N LYS M 345 26.66 38.24 -4.73
CA LYS M 345 26.04 37.34 -3.75
C LYS M 345 26.93 36.16 -3.53
N HIS M 346 27.11 35.76 -2.29
CA HIS M 346 28.00 34.65 -2.16
C HIS M 346 27.46 33.47 -2.93
N CYS M 347 26.13 33.28 -2.82
CA CYS M 347 25.43 32.16 -3.46
C CYS M 347 24.21 32.59 -4.26
N PRO M 348 24.32 32.68 -5.58
CA PRO M 348 23.26 33.11 -6.48
C PRO M 348 21.97 32.58 -6.13
N VAL M 349 21.94 31.59 -5.29
CA VAL M 349 20.63 31.18 -5.11
C VAL M 349 20.34 30.96 -3.68
N GLU M 350 21.09 31.60 -2.79
CA GLU M 350 20.83 31.26 -1.41
C GLU M 350 19.73 32.01 -0.76
N ASP M 351 19.78 33.33 -0.75
CA ASP M 351 18.74 34.03 -0.03
C ASP M 351 18.04 35.01 -0.89
N ILE M 352 16.82 34.67 -1.24
CA ILE M 352 16.06 35.55 -2.06
C ILE M 352 14.72 35.80 -1.49
N PRO M 353 14.44 37.04 -1.21
CA PRO M 353 13.27 37.71 -0.65
C PRO M 353 11.94 37.01 -0.97
N ALA M 354 11.58 36.01 -0.19
CA ALA M 354 10.36 35.23 -0.40
C ALA M 354 9.26 35.52 0.65
N ILE M 355 8.00 35.25 0.31
CA ILE M 355 6.90 35.50 1.24
C ILE M 355 6.26 34.19 1.70
N GLU M 372 18.51 20.45 29.51
CA GLU M 372 19.07 20.73 28.20
C GLU M 372 19.17 22.23 27.96
N ALA M 373 20.10 22.90 28.63
CA ALA M 373 20.23 24.33 28.40
C ALA M 373 21.54 24.66 27.70
N LEU M 374 22.63 24.18 28.29
CA LEU M 374 23.96 24.41 27.72
C LEU M 374 24.06 23.72 26.37
N THR M 375 23.85 22.38 26.47
CA THR M 375 23.88 21.41 25.38
C THR M 375 22.94 21.80 24.25
N ALA M 376 22.33 22.96 24.38
CA ALA M 376 21.45 23.40 23.35
C ALA M 376 21.84 24.78 22.89
N TRP M 377 22.17 25.66 23.85
CA TRP M 377 22.57 27.01 23.47
C TRP M 377 23.93 26.92 22.83
N LYS M 378 24.74 25.98 23.29
CA LYS M 378 26.02 25.86 22.64
C LYS M 378 25.91 24.90 21.48
N ARG M 379 24.72 24.34 21.30
CA ARG M 379 24.48 23.43 20.19
C ARG M 379 24.34 24.22 18.89
N ALA M 380 23.47 25.23 18.95
CA ALA M 380 23.21 26.10 17.82
C ALA M 380 24.37 27.03 17.61
N ALA M 381 25.09 27.30 18.70
CA ALA M 381 26.24 28.14 18.54
C ALA M 381 27.20 27.42 17.62
N ALA M 382 27.36 26.11 17.80
CA ALA M 382 28.27 25.29 16.92
C ALA M 382 27.89 25.42 15.43
N ALA M 383 26.59 25.57 15.27
CA ALA M 383 25.98 25.71 14.01
C ALA M 383 26.53 26.89 13.43
N VAL M 384 26.02 27.97 13.91
CA VAL M 384 26.42 29.18 13.36
C VAL M 384 27.87 29.19 13.03
N TYR M 385 28.65 28.24 13.52
CA TYR M 385 30.05 28.29 13.12
C TYR M 385 30.21 27.63 11.76
N ARG M 386 29.93 26.33 11.67
CA ARG M 386 30.03 25.54 10.40
C ARG M 386 29.35 26.27 9.25
N LYS M 387 28.04 26.47 9.39
CA LYS M 387 27.23 27.15 8.40
C LYS M 387 28.00 28.32 7.75
N ASP M 388 29.08 28.79 8.37
CA ASP M 388 29.86 29.82 7.75
C ASP M 388 31.15 29.25 7.25
N LYS M 389 31.42 28.03 7.64
CA LYS M 389 32.64 27.48 7.15
C LYS M 389 32.45 27.21 5.71
N ALA M 390 31.36 26.49 5.47
CA ALA M 390 30.91 26.06 4.16
C ALA M 390 30.69 27.26 3.28
N ARG M 391 29.73 28.09 3.64
CA ARG M 391 29.45 29.29 2.88
C ARG M 391 30.72 29.87 2.39
N LYS M 392 31.87 29.47 2.93
CA LYS M 392 33.07 30.02 2.37
C LYS M 392 33.85 28.97 1.64
N SER M 393 33.69 27.71 2.02
CA SER M 393 34.35 26.70 1.23
C SER M 393 33.56 26.59 -0.09
N ARG M 394 32.23 26.57 0.01
CA ARG M 394 31.31 26.46 -1.15
C ARG M 394 31.48 27.53 -2.12
N ARG M 395 31.97 28.67 -1.67
CA ARG M 395 32.20 29.64 -2.66
C ARG M 395 33.56 29.43 -3.17
N ILE M 396 34.37 28.65 -2.45
CA ILE M 396 35.67 28.54 -3.05
C ILE M 396 35.57 27.73 -4.29
N SER M 397 34.68 26.74 -4.29
CA SER M 397 34.51 25.89 -5.47
C SER M 397 33.78 26.66 -6.57
N LEU M 398 32.86 27.55 -6.18
CA LEU M 398 32.13 28.32 -7.20
C LEU M 398 33.09 29.13 -8.01
N GLU M 399 33.79 30.05 -7.34
CA GLU M 399 34.78 30.90 -7.98
C GLU M 399 35.64 30.13 -9.04
N PHE M 400 35.83 28.82 -8.78
CA PHE M 400 36.58 27.94 -9.68
C PHE M 400 35.74 27.70 -10.87
N MET M 401 34.72 26.84 -10.75
CA MET M 401 33.87 26.59 -11.90
C MET M 401 33.79 27.89 -12.73
N LEU M 402 32.90 28.77 -12.30
CA LEU M 402 32.67 30.01 -12.97
C LEU M 402 33.86 30.59 -13.61
N GLU M 403 35.04 30.12 -13.29
CA GLU M 403 36.20 30.66 -13.95
C GLU M 403 36.47 29.78 -15.18
N GLN M 404 36.71 28.50 -14.88
CA GLN M 404 36.90 27.52 -15.91
C GLN M 404 35.95 27.90 -17.05
N ALA M 405 34.68 27.83 -16.70
CA ALA M 405 33.56 28.17 -17.54
C ALA M 405 33.87 29.41 -18.40
N ASN M 406 34.44 30.42 -17.78
CA ASN M 406 34.74 31.63 -18.51
C ASN M 406 35.90 31.44 -19.52
N LYS M 407 36.83 30.53 -19.24
CA LYS M 407 37.96 30.25 -20.16
C LYS M 407 37.42 29.72 -21.50
N PHE M 408 36.65 28.65 -21.39
CA PHE M 408 36.03 27.89 -22.49
C PHE M 408 34.59 28.30 -22.84
N ALA M 409 34.33 29.59 -22.89
CA ALA M 409 33.01 29.97 -23.28
C ALA M 409 32.98 30.17 -24.81
N ASN M 410 34.09 30.62 -25.41
CA ASN M 410 34.08 30.84 -26.85
C ASN M 410 34.59 29.69 -27.66
N HIS M 411 34.73 28.57 -27.01
CA HIS M 411 35.21 27.42 -27.71
C HIS M 411 34.07 26.77 -28.37
N LYS M 412 34.35 26.23 -29.54
CA LYS M 412 33.34 25.59 -30.29
C LYS M 412 32.89 24.34 -29.63
N ALA M 413 33.78 23.58 -29.04
CA ALA M 413 33.25 22.41 -28.37
C ALA M 413 34.35 21.79 -27.52
N ILE M 414 34.04 21.31 -26.29
CA ILE M 414 35.08 20.78 -25.43
C ILE M 414 34.75 19.38 -24.98
N TRP M 415 35.81 18.58 -24.72
CA TRP M 415 35.69 17.14 -24.31
C TRP M 415 36.40 16.79 -22.97
N PHE M 416 35.82 15.76 -22.34
CA PHE M 416 36.18 15.18 -21.07
C PHE M 416 36.62 13.72 -21.11
N PRO M 417 37.82 13.47 -20.67
CA PRO M 417 38.34 12.10 -20.63
C PRO M 417 37.62 11.24 -19.50
N TYR M 418 37.44 9.93 -19.62
CA TYR M 418 36.79 9.22 -18.48
C TYR M 418 37.50 7.92 -18.05
N ASN M 419 37.86 7.87 -16.75
CA ASN M 419 38.46 6.71 -16.09
C ASN M 419 37.35 5.90 -15.51
N MET M 420 37.71 5.13 -14.49
CA MET M 420 36.74 4.32 -13.77
C MET M 420 37.20 4.02 -12.33
N ASP M 421 36.31 3.68 -11.45
CA ASP M 421 36.87 3.42 -10.18
C ASP M 421 37.06 2.00 -10.03
N TRP M 422 37.89 1.65 -9.11
CA TRP M 422 38.09 0.24 -9.07
C TRP M 422 36.81 -0.60 -9.24
N ARG M 423 35.61 -0.06 -9.04
CA ARG M 423 34.48 -1.02 -9.16
C ARG M 423 33.67 -0.89 -10.40
N GLY M 424 34.14 -0.04 -11.27
CA GLY M 424 33.42 0.14 -12.49
C GLY M 424 33.17 1.59 -12.83
N ARG M 425 32.26 2.16 -12.09
CA ARG M 425 31.83 3.52 -12.31
C ARG M 425 32.81 4.50 -13.10
N VAL M 426 32.27 5.02 -14.19
CA VAL M 426 32.94 5.94 -15.04
C VAL M 426 32.92 7.27 -14.36
N TYR M 427 34.00 8.05 -14.49
CA TYR M 427 34.05 9.42 -13.92
C TYR M 427 34.66 10.32 -14.96
N ALA M 428 34.40 11.63 -14.99
CA ALA M 428 35.18 12.28 -16.02
C ALA M 428 36.57 12.49 -15.48
N VAL M 429 37.57 12.96 -16.20
CA VAL M 429 38.83 13.16 -15.47
C VAL M 429 38.95 14.57 -14.91
N SER M 430 38.95 15.57 -15.77
CA SER M 430 39.14 16.97 -15.36
C SER M 430 38.46 17.38 -14.04
N MET M 431 38.75 18.60 -13.61
CA MET M 431 38.16 19.12 -12.41
C MET M 431 36.77 19.61 -12.73
N PHE M 432 36.63 20.47 -13.76
CA PHE M 432 35.33 21.07 -14.23
C PHE M 432 34.50 20.07 -15.06
N ASN M 433 33.69 19.25 -14.44
CA ASN M 433 33.12 18.34 -15.34
C ASN M 433 31.68 18.17 -15.20
N PRO M 434 31.07 17.55 -16.20
CA PRO M 434 29.67 17.21 -16.37
C PRO M 434 29.04 16.76 -15.11
N GLN M 435 29.80 16.08 -14.26
CA GLN M 435 29.24 15.49 -13.02
C GLN M 435 29.27 16.45 -11.84
N GLY M 436 29.22 17.72 -12.21
CA GLY M 436 29.18 18.82 -11.27
C GLY M 436 27.92 18.86 -10.43
N ASN M 437 27.62 20.09 -10.03
CA ASN M 437 26.48 20.39 -9.18
C ASN M 437 25.54 21.19 -10.00
N ASP M 438 24.43 21.70 -9.46
CA ASP M 438 23.61 22.42 -10.38
C ASP M 438 24.40 23.38 -11.20
N MET M 439 24.68 24.49 -10.60
CA MET M 439 25.44 25.50 -11.30
C MET M 439 26.37 24.94 -12.37
N THR M 440 27.19 23.94 -11.99
CA THR M 440 28.15 23.26 -12.88
C THR M 440 27.47 22.67 -14.10
N LYS M 441 26.62 21.66 -13.89
CA LYS M 441 25.83 21.04 -14.90
C LYS M 441 25.07 22.08 -15.75
N GLY M 442 24.68 23.22 -15.17
CA GLY M 442 23.96 24.22 -15.93
C GLY M 442 24.85 25.06 -16.86
N LEU M 443 26.13 24.89 -16.83
CA LEU M 443 26.86 25.64 -17.77
C LEU M 443 27.25 24.65 -18.83
N LEU M 444 26.93 23.42 -18.56
CA LEU M 444 27.34 22.45 -19.52
C LEU M 444 26.26 21.83 -20.38
N THR M 445 26.26 22.27 -21.65
CA THR M 445 25.41 21.67 -22.65
C THR M 445 26.31 21.10 -23.79
N LEU M 446 25.75 20.11 -24.48
CA LEU M 446 26.31 19.30 -25.59
C LEU M 446 26.52 20.14 -26.81
N ALA M 447 27.55 19.80 -27.59
CA ALA M 447 27.95 20.58 -28.77
C ALA M 447 27.14 20.35 -30.03
N LYS M 448 26.81 19.10 -30.39
CA LYS M 448 26.02 18.80 -31.61
C LYS M 448 24.58 18.55 -31.22
N GLY M 449 23.75 19.27 -31.94
CA GLY M 449 22.34 19.19 -31.74
C GLY M 449 21.61 18.57 -32.92
N LYS M 450 20.34 18.36 -32.68
CA LYS M 450 19.46 17.77 -33.66
C LYS M 450 18.16 18.60 -33.77
N PRO M 451 17.51 18.56 -34.91
CA PRO M 451 16.37 19.37 -34.53
C PRO M 451 15.42 18.46 -33.68
N ILE M 452 14.84 19.09 -32.65
CA ILE M 452 13.98 18.53 -31.57
C ILE M 452 12.77 17.65 -31.94
N GLY M 453 11.76 18.26 -32.54
CA GLY M 453 10.60 17.51 -32.94
C GLY M 453 9.58 17.34 -31.86
N LYS M 454 8.34 17.22 -32.31
CA LYS M 454 7.16 17.06 -31.46
C LYS M 454 7.33 16.02 -30.36
N GLU M 455 8.26 15.08 -30.52
CA GLU M 455 8.52 14.09 -29.47
C GLU M 455 9.76 14.52 -28.70
N GLY M 456 10.69 15.18 -29.42
CA GLY M 456 11.90 15.70 -28.79
C GLY M 456 11.52 16.80 -27.77
N TYR M 457 10.53 17.61 -28.10
CA TYR M 457 10.11 18.64 -27.20
C TYR M 457 9.23 18.07 -26.07
N TYR M 458 8.53 16.97 -26.26
CA TYR M 458 7.76 16.39 -25.16
C TYR M 458 8.67 16.05 -23.95
N TRP M 459 9.93 15.84 -24.28
CA TRP M 459 10.95 15.53 -23.31
C TRP M 459 11.65 16.87 -22.85
N LEU M 460 11.98 17.84 -23.73
CA LEU M 460 12.46 19.08 -23.18
C LEU M 460 11.58 19.30 -22.07
N LYS M 461 10.38 19.72 -22.36
CA LYS M 461 9.43 19.90 -21.26
C LYS M 461 9.57 18.85 -20.12
N ILE M 462 9.47 17.54 -20.31
CA ILE M 462 9.56 16.72 -19.11
C ILE M 462 10.72 17.15 -18.25
N HIS M 463 11.94 17.12 -18.76
CA HIS M 463 13.09 17.61 -18.01
C HIS M 463 12.70 18.85 -17.24
N GLY M 464 12.45 19.95 -17.93
CA GLY M 464 11.99 21.15 -17.26
C GLY M 464 11.11 20.80 -16.07
N ALA M 465 10.35 19.75 -16.14
CA ALA M 465 9.56 19.51 -14.97
C ALA M 465 10.42 19.01 -13.83
N ASN M 466 11.39 18.15 -14.17
CA ASN M 466 12.33 17.54 -13.19
C ASN M 466 13.15 18.65 -12.53
N CYS M 467 13.80 19.46 -13.36
CA CYS M 467 14.56 20.57 -12.85
C CYS M 467 13.74 21.46 -11.94
N ALA M 468 12.43 21.36 -11.84
CA ALA M 468 11.86 22.32 -10.94
C ALA M 468 11.33 21.65 -9.76
N GLY M 469 11.46 20.33 -9.75
CA GLY M 469 11.09 19.63 -8.55
C GLY M 469 9.89 18.77 -8.68
N VAL M 470 9.15 18.90 -9.78
CA VAL M 470 8.01 18.02 -9.94
C VAL M 470 8.47 16.77 -10.58
N ASP M 471 8.49 15.71 -9.79
CA ASP M 471 8.95 14.45 -10.29
C ASP M 471 8.50 13.32 -9.46
N LYS M 472 7.31 13.38 -8.94
CA LYS M 472 6.82 12.23 -8.25
C LYS M 472 5.35 12.18 -8.48
N VAL M 473 5.09 12.68 -9.68
CA VAL M 473 3.80 12.78 -10.29
C VAL M 473 3.85 12.57 -11.82
N PRO M 474 3.04 11.63 -12.30
CA PRO M 474 2.85 11.19 -13.69
C PRO M 474 3.28 12.22 -14.76
N PHE M 475 3.93 11.73 -15.83
CA PHE M 475 4.43 12.66 -16.84
C PHE M 475 3.38 13.62 -17.38
N PRO M 476 2.11 13.22 -17.54
CA PRO M 476 1.36 14.37 -18.09
C PRO M 476 1.41 15.53 -17.11
N GLU M 477 1.12 15.18 -15.85
CA GLU M 477 1.14 16.14 -14.79
C GLU M 477 2.33 17.02 -14.99
N ARG M 478 3.53 16.41 -14.85
CA ARG M 478 4.74 17.18 -15.06
C ARG M 478 4.57 18.05 -16.31
N ILE M 479 3.78 17.64 -17.27
CA ILE M 479 3.69 18.54 -18.35
C ILE M 479 2.69 19.61 -18.08
N LYS M 480 1.60 19.21 -17.43
CA LYS M 480 0.59 20.19 -17.02
C LYS M 480 1.31 21.42 -16.42
N PHE M 481 2.16 21.06 -15.45
CA PHE M 481 2.99 21.98 -14.75
C PHE M 481 3.67 22.88 -15.76
N ILE M 482 4.54 22.31 -16.55
CA ILE M 482 5.24 23.16 -17.45
C ILE M 482 4.41 24.12 -18.20
N GLU M 483 3.24 23.66 -18.61
CA GLU M 483 2.36 24.49 -19.43
C GLU M 483 1.63 25.57 -18.63
N GLU M 484 1.29 25.22 -17.40
CA GLU M 484 0.59 26.20 -16.61
C GLU M 484 1.47 27.45 -16.40
N ASN M 485 2.78 27.23 -16.38
CA ASN M 485 3.71 28.30 -16.09
C ASN M 485 4.44 28.82 -17.33
N HIS M 486 3.95 28.43 -18.50
CA HIS M 486 4.61 28.84 -19.72
C HIS M 486 4.96 30.31 -19.72
N GLU M 487 4.06 31.14 -19.28
CA GLU M 487 4.41 32.55 -19.28
C GLU M 487 5.70 32.83 -18.41
N ASN M 488 5.71 32.24 -17.23
CA ASN M 488 6.81 32.46 -16.33
C ASN M 488 8.04 32.19 -17.06
N ILE M 489 8.20 30.90 -17.41
CA ILE M 489 9.39 30.46 -18.13
C ILE M 489 9.82 31.45 -19.13
N MET M 490 8.90 31.72 -19.99
CA MET M 490 9.23 32.67 -21.01
C MET M 490 9.88 33.93 -20.41
N ALA M 491 9.26 34.42 -19.33
CA ALA M 491 9.72 35.64 -18.68
C ALA M 491 11.23 35.64 -18.45
N CYS M 492 11.58 34.55 -17.78
CA CYS M 492 12.90 34.19 -17.33
C CYS M 492 13.87 34.21 -18.43
N ALA M 493 13.50 33.56 -19.54
CA ALA M 493 14.34 33.47 -20.75
C ALA M 493 14.44 34.79 -21.49
N LYS M 494 13.37 35.58 -21.40
CA LYS M 494 13.36 36.92 -22.02
C LYS M 494 14.43 37.77 -21.38
N SER M 495 14.19 37.93 -20.07
CA SER M 495 15.06 38.65 -19.09
C SER M 495 15.21 37.81 -17.81
N PRO M 496 16.37 37.08 -17.65
CA PRO M 496 16.72 36.19 -16.52
C PRO M 496 17.00 36.95 -15.21
N LEU M 497 17.62 38.11 -15.40
CA LEU M 497 17.96 38.91 -14.25
C LEU M 497 16.79 39.65 -13.79
N GLU M 498 15.64 39.62 -14.46
CA GLU M 498 14.67 40.46 -13.86
C GLU M 498 13.75 39.61 -13.21
N ASN M 499 13.99 38.32 -13.30
CA ASN M 499 13.04 37.40 -12.68
C ASN M 499 13.68 36.27 -11.89
N THR M 500 13.24 36.13 -10.67
CA THR M 500 13.82 35.14 -9.79
C THR M 500 12.99 33.91 -9.72
N TRP M 501 12.10 33.71 -10.64
CA TRP M 501 11.39 32.49 -10.44
C TRP M 501 12.27 31.31 -10.81
N TRP M 502 13.27 31.51 -11.65
CA TRP M 502 14.03 30.31 -11.87
C TRP M 502 14.67 29.91 -10.66
N ALA M 503 15.46 30.86 -10.16
CA ALA M 503 16.23 30.75 -8.96
C ALA M 503 15.58 29.92 -7.90
N GLU M 504 14.35 30.24 -7.50
CA GLU M 504 13.69 29.48 -6.42
C GLU M 504 13.47 27.97 -6.76
N GLN M 505 13.88 27.54 -7.95
CA GLN M 505 13.58 26.17 -8.42
C GLN M 505 14.54 25.08 -8.01
N ASP M 506 14.03 24.02 -7.40
CA ASP M 506 14.91 22.96 -6.95
C ASP M 506 16.14 22.78 -7.78
N SER M 507 16.33 23.30 -8.99
CA SER M 507 17.65 23.13 -9.66
C SER M 507 17.87 24.23 -10.62
N PRO M 508 17.72 25.42 -10.15
CA PRO M 508 17.84 26.72 -10.77
C PRO M 508 18.68 26.70 -11.98
N PHE M 509 19.96 26.97 -11.86
CA PHE M 509 20.88 26.97 -13.00
C PHE M 509 20.63 25.91 -14.13
N CYS M 510 20.22 24.70 -13.78
CA CYS M 510 19.79 23.80 -14.85
C CYS M 510 18.38 24.29 -15.32
N PHE M 511 17.38 24.27 -14.43
CA PHE M 511 16.04 24.74 -14.81
C PHE M 511 16.06 26.04 -15.58
N LEU M 512 17.12 26.83 -15.56
CA LEU M 512 17.16 28.06 -16.34
C LEU M 512 17.92 27.79 -17.61
N ALA M 513 18.52 26.60 -17.64
CA ALA M 513 19.25 26.16 -18.81
C ALA M 513 18.30 26.06 -19.85
N PHE M 514 17.22 25.43 -19.38
CA PHE M 514 16.04 25.00 -20.10
C PHE M 514 15.20 26.09 -20.43
N CYS M 515 14.76 26.89 -19.50
CA CYS M 515 13.99 28.00 -19.96
C CYS M 515 14.61 28.66 -21.21
N PHE M 516 15.91 28.66 -21.45
CA PHE M 516 16.32 29.35 -22.69
C PHE M 516 16.16 28.45 -23.86
N GLU M 517 15.89 27.21 -23.59
CA GLU M 517 15.64 26.33 -24.68
C GLU M 517 14.15 26.44 -25.00
N TYR M 518 13.30 26.20 -24.00
CA TYR M 518 11.87 26.30 -24.15
C TYR M 518 11.45 27.57 -24.79
N ALA M 519 12.26 28.61 -24.81
CA ALA M 519 11.80 29.79 -25.54
C ALA M 519 12.44 29.82 -26.92
N GLY M 520 13.37 28.90 -27.19
CA GLY M 520 13.95 28.78 -28.53
C GLY M 520 12.90 28.04 -29.38
N VAL M 521 12.30 27.01 -28.78
CA VAL M 521 11.20 26.29 -29.38
C VAL M 521 10.16 27.37 -29.77
N GLN M 522 9.53 28.04 -28.80
CA GLN M 522 8.51 29.05 -29.12
C GLN M 522 8.87 30.00 -30.26
N HIS M 523 10.13 30.35 -30.42
CA HIS M 523 10.55 31.32 -31.47
C HIS M 523 10.85 30.64 -32.77
N HIS M 524 11.17 29.35 -32.73
CA HIS M 524 11.49 28.66 -33.98
C HIS M 524 10.66 27.40 -34.20
N GLY M 525 9.62 27.14 -33.40
CA GLY M 525 8.85 25.96 -33.72
C GLY M 525 9.72 24.68 -33.78
N LEU M 526 9.06 23.55 -33.75
CA LEU M 526 9.80 22.32 -33.67
C LEU M 526 11.04 22.21 -34.50
N SER M 527 11.41 23.12 -35.39
CA SER M 527 12.66 22.86 -36.18
C SER M 527 13.96 23.27 -35.46
N TYR M 528 13.78 23.54 -34.17
CA TYR M 528 14.82 23.99 -33.24
C TYR M 528 15.93 22.94 -32.93
N ASN M 529 17.16 23.37 -33.25
CA ASN M 529 18.33 22.55 -32.96
C ASN M 529 18.62 22.75 -31.53
N CYS M 530 18.59 21.64 -30.79
CA CYS M 530 18.67 21.69 -29.32
C CYS M 530 19.60 20.62 -28.73
N SER M 531 20.77 21.09 -28.26
CA SER M 531 21.84 20.23 -27.70
C SER M 531 21.74 19.94 -26.22
N LEU M 532 20.74 20.50 -25.51
CA LEU M 532 20.62 20.33 -24.04
C LEU M 532 20.29 18.87 -23.51
N PRO M 533 21.14 18.40 -22.60
CA PRO M 533 21.11 17.09 -21.92
C PRO M 533 19.84 16.74 -21.13
N LEU M 534 18.87 16.07 -21.70
CA LEU M 534 17.76 15.67 -20.82
C LEU M 534 18.21 14.40 -20.12
N ALA M 535 17.98 14.29 -18.82
CA ALA M 535 18.54 13.15 -18.12
C ALA M 535 17.57 12.31 -17.40
N PHE M 536 17.73 11.01 -17.58
CA PHE M 536 16.85 10.11 -16.93
C PHE M 536 17.52 9.39 -15.76
N ASP M 537 17.23 9.88 -14.53
CA ASP M 537 17.75 9.40 -13.20
C ASP M 537 16.95 8.20 -12.73
N GLY M 538 17.62 7.13 -12.28
CA GLY M 538 16.89 5.95 -11.79
C GLY M 538 16.23 6.21 -10.43
N SER M 539 15.44 5.30 -9.88
CA SER M 539 14.89 5.58 -8.56
C SER M 539 15.98 5.43 -7.52
N CYS M 540 16.27 4.22 -7.07
CA CYS M 540 17.35 3.99 -6.10
C CYS M 540 18.21 2.84 -6.62
N SER M 541 18.98 3.17 -7.67
CA SER M 541 19.76 2.15 -8.34
C SER M 541 19.99 1.00 -7.41
N GLY M 542 20.49 1.36 -6.25
CA GLY M 542 20.79 0.34 -5.29
C GLY M 542 19.73 -0.74 -5.25
N ILE M 543 18.66 -0.48 -4.53
CA ILE M 543 17.57 -1.47 -4.34
C ILE M 543 17.07 -2.05 -5.68
N GLN M 544 16.90 -1.18 -6.67
CA GLN M 544 16.54 -1.68 -7.97
C GLN M 544 17.31 -2.98 -8.25
N HIS M 545 18.57 -2.82 -8.70
CA HIS M 545 19.44 -3.97 -9.03
C HIS M 545 19.21 -5.11 -8.07
N PHE M 546 19.40 -4.89 -6.79
CA PHE M 546 19.13 -6.00 -5.93
C PHE M 546 17.75 -6.53 -6.25
N SER M 547 16.70 -5.74 -6.10
CA SER M 547 15.40 -6.32 -6.34
C SER M 547 15.30 -7.05 -7.70
N ALA M 548 15.92 -6.52 -8.78
CA ALA M 548 15.87 -7.28 -10.05
C ALA M 548 16.62 -8.68 -9.88
N MET M 549 17.92 -8.63 -9.60
CA MET M 549 18.73 -9.83 -9.42
C MET M 549 18.14 -10.78 -8.40
N LEU M 550 16.85 -10.67 -8.19
CA LEU M 550 16.25 -11.59 -7.28
C LEU M 550 14.77 -11.61 -7.50
N ARG M 551 14.36 -10.92 -8.55
CA ARG M 551 12.94 -10.91 -8.93
C ARG M 551 12.01 -10.51 -7.78
N ASP M 552 12.37 -9.51 -6.99
CA ASP M 552 11.49 -9.18 -5.89
C ASP M 552 10.45 -8.15 -6.27
N GLU M 553 9.24 -8.62 -6.55
CA GLU M 553 8.14 -7.74 -6.95
C GLU M 553 7.75 -6.73 -5.87
N VAL M 554 7.79 -7.12 -4.60
CA VAL M 554 7.46 -6.13 -3.59
C VAL M 554 8.38 -4.97 -3.78
N GLY M 555 9.65 -5.33 -3.67
CA GLY M 555 10.73 -4.39 -3.79
C GLY M 555 10.72 -3.64 -5.09
N GLY M 556 10.73 -4.31 -6.22
CA GLY M 556 10.77 -3.53 -7.44
C GLY M 556 9.65 -2.50 -7.49
N ARG M 557 8.48 -2.91 -6.99
CA ARG M 557 7.33 -2.04 -7.01
C ARG M 557 7.72 -0.74 -6.49
N ALA M 558 8.51 -0.85 -5.44
CA ALA M 558 8.99 0.24 -4.68
C ALA M 558 9.90 1.11 -5.42
N VAL M 559 10.86 0.57 -6.14
CA VAL M 559 11.71 1.52 -6.83
C VAL M 559 11.18 1.84 -8.21
N ASN M 560 10.03 1.24 -8.55
CA ASN M 560 9.37 1.40 -9.85
C ASN M 560 10.00 0.53 -10.88
N LEU M 561 10.19 -0.69 -10.48
CA LEU M 561 10.69 -1.62 -11.42
C LEU M 561 9.47 -2.02 -12.26
N LEU M 562 8.32 -2.16 -11.61
CA LEU M 562 7.06 -2.45 -12.30
C LEU M 562 6.41 -1.17 -12.72
N PRO M 563 5.77 -1.18 -13.87
CA PRO M 563 5.14 0.09 -14.24
C PRO M 563 3.85 0.31 -13.45
N SER M 564 3.56 1.56 -13.17
CA SER M 564 2.37 1.94 -12.45
C SER M 564 1.90 3.23 -13.02
N GLU M 565 0.77 3.70 -12.54
CA GLU M 565 0.22 4.95 -12.99
C GLU M 565 0.75 6.09 -12.11
N THR M 566 0.92 5.76 -10.83
CA THR M 566 1.39 6.68 -9.79
C THR M 566 2.82 6.40 -9.33
N VAL M 567 3.68 7.40 -9.55
CA VAL M 567 5.08 7.38 -9.17
C VAL M 567 5.25 6.74 -7.79
N GLN M 568 5.92 5.60 -7.65
CA GLN M 568 6.07 5.05 -6.33
C GLN M 568 7.30 5.66 -5.63
N ASP M 569 7.20 5.91 -4.31
CA ASP M 569 8.26 6.57 -3.46
C ASP M 569 8.71 5.73 -2.25
N ILE M 570 9.84 5.04 -2.44
CA ILE M 570 10.34 4.10 -1.44
C ILE M 570 10.21 4.67 -0.02
N TYR M 571 10.67 5.89 0.20
CA TYR M 571 10.55 6.48 1.53
C TYR M 571 9.08 6.48 2.02
N GLY M 572 8.22 7.18 1.25
CA GLY M 572 6.80 7.32 1.58
C GLY M 572 6.11 6.03 2.02
N ILE M 573 6.49 4.93 1.39
CA ILE M 573 5.92 3.64 1.68
C ILE M 573 6.59 3.06 2.92
N VAL M 574 7.88 3.28 3.18
CA VAL M 574 8.37 2.69 4.43
C VAL M 574 7.92 3.58 5.55
N ALA M 575 7.61 4.82 5.20
CA ALA M 575 7.04 5.75 6.16
C ALA M 575 5.82 5.10 6.72
N LYS M 576 4.97 4.81 5.73
CA LYS M 576 3.72 4.14 5.89
C LYS M 576 3.87 2.99 6.85
N LYS M 577 4.54 1.95 6.38
CA LYS M 577 4.77 0.76 7.17
C LYS M 577 5.20 1.10 8.54
N VAL M 578 5.72 2.29 8.75
CA VAL M 578 6.08 2.54 10.12
C VAL M 578 4.88 3.14 10.88
N ASN M 579 4.22 4.16 10.33
CA ASN M 579 3.03 4.73 10.98
C ASN M 579 2.08 3.60 11.42
N GLU M 580 2.03 2.55 10.60
CA GLU M 580 1.22 1.37 10.89
C GLU M 580 1.74 0.69 12.16
N ILE M 581 3.04 0.69 12.44
CA ILE M 581 3.47 0.05 13.67
C ILE M 581 3.17 0.96 14.87
N LEU M 582 3.39 2.26 14.69
CA LEU M 582 3.15 3.22 15.76
C LEU M 582 1.78 3.00 16.36
N GLN M 583 0.77 3.26 15.54
CA GLN M 583 -0.59 3.10 15.97
C GLN M 583 -0.82 1.73 16.58
N ALA M 584 0.01 0.74 16.26
CA ALA M 584 -0.18 -0.63 16.79
C ALA M 584 0.43 -0.78 18.14
N ASP M 585 1.28 0.15 18.46
CA ASP M 585 1.86 0.10 19.76
C ASP M 585 1.16 1.12 20.62
N ALA M 586 0.71 2.16 19.94
CA ALA M 586 -0.03 3.22 20.61
C ALA M 586 -1.17 2.63 21.41
N ILE M 587 -1.66 1.44 20.99
CA ILE M 587 -2.76 0.83 21.71
C ILE M 587 -2.26 -0.31 22.57
N ASN M 588 -1.50 -1.23 22.02
CA ASN M 588 -0.94 -2.26 22.88
C ASN M 588 0.46 -1.84 23.22
N GLY M 589 1.34 -2.85 23.44
CA GLY M 589 2.75 -2.59 23.72
C GLY M 589 3.11 -2.44 25.18
N THR M 590 4.40 -2.30 25.45
CA THR M 590 4.92 -2.17 26.82
C THR M 590 4.71 -0.76 27.41
N ASP M 591 4.74 -0.73 28.75
CA ASP M 591 4.60 0.48 29.54
C ASP M 591 5.98 0.95 29.99
N ASN M 592 6.01 2.13 30.58
CA ASN M 592 7.25 2.69 31.09
C ASN M 592 7.91 1.73 32.03
N GLU M 593 8.99 2.22 32.66
CA GLU M 593 9.78 1.39 33.58
C GLU M 593 11.00 2.15 34.19
N VAL M 594 11.02 2.39 35.49
CA VAL M 594 12.17 3.08 36.07
C VAL M 594 13.25 2.06 36.49
N VAL M 595 14.36 2.03 35.75
CA VAL M 595 15.48 1.14 36.04
C VAL M 595 16.64 1.97 36.64
N THR M 596 17.40 1.38 37.56
CA THR M 596 18.53 2.13 38.17
C THR M 596 19.82 2.01 37.32
N VAL M 597 20.41 3.18 37.04
CA VAL M 597 21.61 3.26 36.23
C VAL M 597 22.73 3.94 36.98
N THR M 598 23.75 3.15 37.35
CA THR M 598 24.90 3.71 38.04
C THR M 598 26.01 4.04 37.00
N ASP M 599 26.56 5.24 37.12
CA ASP M 599 27.61 5.77 36.25
C ASP M 599 28.90 4.88 36.33
N GLU M 600 29.61 4.70 35.19
CA GLU M 600 30.85 3.88 35.10
C GLU M 600 32.06 4.60 35.72
N ASN M 601 32.04 5.94 35.70
CA ASN M 601 33.12 6.76 36.25
C ASN M 601 32.85 7.23 37.72
N THR M 602 31.64 7.71 37.99
CA THR M 602 31.24 8.26 39.31
C THR M 602 30.70 7.20 40.34
N GLY M 603 30.16 6.08 39.87
CA GLY M 603 29.63 5.08 40.80
C GLY M 603 28.42 5.60 41.57
N GLU M 604 27.88 6.75 41.13
CA GLU M 604 26.71 7.42 41.73
C GLU M 604 25.42 6.73 41.32
N ILE M 605 24.44 6.66 42.22
CA ILE M 605 23.19 5.99 41.88
C ILE M 605 22.19 6.95 41.27
N SER M 606 21.47 6.48 40.25
CA SER M 606 20.49 7.30 39.53
C SER M 606 19.20 6.54 39.25
N GLU M 607 18.16 7.31 38.90
CA GLU M 607 16.78 6.90 38.54
C GLU M 607 16.46 7.34 37.11
N LYS M 608 16.14 6.36 36.26
CA LYS M 608 15.82 6.65 34.88
C LYS M 608 14.59 5.83 34.44
N VAL M 609 13.50 6.53 34.09
CA VAL M 609 12.31 5.85 33.63
C VAL M 609 12.44 5.46 32.12
N LYS M 610 12.45 4.15 31.79
CA LYS M 610 12.63 3.63 30.41
C LYS M 610 11.36 3.67 29.57
N LEU M 611 11.07 4.80 28.96
CA LEU M 611 9.88 4.89 28.16
C LEU M 611 9.61 3.52 27.50
N GLY M 612 8.32 3.21 27.43
CA GLY M 612 7.84 1.98 26.83
C GLY M 612 7.32 2.19 25.42
N THR M 613 7.22 1.11 24.69
CA THR M 613 6.75 1.18 23.33
C THR M 613 5.46 2.00 23.26
N LYS M 614 4.52 1.59 24.09
CA LYS M 614 3.24 2.23 24.15
C LYS M 614 3.31 3.79 24.09
N ALA M 615 4.15 4.42 24.92
CA ALA M 615 4.22 5.89 24.95
C ALA M 615 5.15 6.49 23.86
N LEU M 616 6.35 5.90 23.71
CA LEU M 616 7.35 6.32 22.73
C LEU M 616 6.64 6.64 21.44
N ALA M 617 5.86 5.66 21.01
CA ALA M 617 5.06 5.84 19.83
C ALA M 617 4.22 7.11 20.00
N GLY M 618 3.42 7.12 21.07
CA GLY M 618 2.55 8.26 21.34
C GLY M 618 3.21 9.55 20.87
N GLN M 619 4.46 9.67 21.29
CA GLN M 619 5.27 10.80 20.94
C GLN M 619 5.47 10.87 19.44
N TRP M 620 6.02 9.78 18.93
CA TRP M 620 6.32 9.70 17.54
C TRP M 620 5.13 10.25 16.74
N LEU M 621 3.98 9.67 17.10
CA LEU M 621 2.69 10.06 16.53
C LEU M 621 2.48 11.53 16.87
N ALA M 622 2.76 11.82 18.13
CA ALA M 622 2.66 13.18 18.55
C ALA M 622 3.49 14.06 17.59
N TYR M 623 4.72 13.65 17.26
CA TYR M 623 5.52 14.52 16.38
C TYR M 623 4.92 14.54 14.93
N GLY M 624 4.96 13.41 14.22
CA GLY M 624 4.43 13.41 12.85
C GLY M 624 5.38 12.85 11.77
N VAL M 625 5.56 11.53 11.85
CA VAL M 625 6.40 10.68 10.95
C VAL M 625 6.03 10.84 9.47
N THR M 626 6.94 11.27 8.59
CA THR M 626 6.64 11.34 7.13
C THR M 626 7.83 10.87 6.31
N ARG M 627 7.73 10.89 4.99
CA ARG M 627 8.88 10.42 4.21
C ARG M 627 10.24 10.89 4.85
N SER M 628 10.23 12.14 5.33
CA SER M 628 11.39 12.89 5.83
C SER M 628 12.07 12.36 7.07
N VAL M 629 11.44 11.43 7.72
CA VAL M 629 12.01 10.83 8.90
C VAL M 629 12.65 9.54 8.49
N THR M 630 12.46 9.18 7.23
CA THR M 630 12.95 7.87 6.77
C THR M 630 13.97 7.95 5.65
N LYS M 631 13.89 9.03 4.87
CA LYS M 631 14.77 9.18 3.79
C LYS M 631 16.14 8.67 4.09
N ARG M 632 17.08 9.55 4.47
CA ARG M 632 18.48 9.14 4.81
C ARG M 632 18.59 7.64 5.19
N SER M 633 18.17 7.24 6.39
CA SER M 633 18.28 5.82 6.64
C SER M 633 18.08 4.94 5.39
N VAL M 634 16.90 4.92 4.78
CA VAL M 634 16.67 4.00 3.63
C VAL M 634 17.55 4.27 2.42
N MET M 635 17.85 5.55 2.20
CA MET M 635 18.61 5.88 1.02
C MET M 635 20.13 5.58 1.16
N THR M 636 20.48 5.22 2.38
CA THR M 636 21.84 4.86 2.65
C THR M 636 21.90 3.35 2.83
N LEU M 637 20.69 2.76 2.98
CA LEU M 637 20.52 1.34 3.23
C LEU M 637 21.33 0.47 2.25
N ALA M 638 21.64 1.10 1.15
CA ALA M 638 22.36 0.43 0.12
C ALA M 638 23.83 0.38 0.45
N TYR M 639 24.33 1.27 1.32
CA TYR M 639 25.75 1.32 1.63
C TYR M 639 26.05 0.54 2.87
N GLY M 640 25.03 -0.06 3.46
CA GLY M 640 25.24 -0.86 4.66
C GLY M 640 24.38 -0.51 5.89
N SER M 641 24.40 0.77 6.33
CA SER M 641 23.61 1.18 7.50
C SER M 641 22.49 0.25 7.76
N LYS M 642 22.32 -0.15 8.97
CA LYS M 642 21.21 -1.03 9.26
C LYS M 642 20.42 -0.45 10.41
N GLU M 643 20.18 -1.25 11.43
CA GLU M 643 19.46 -0.73 12.56
C GLU M 643 20.26 0.32 13.37
N PHE M 644 21.49 -0.04 13.72
CA PHE M 644 22.35 0.83 14.53
C PHE M 644 22.60 2.23 13.95
N GLY M 645 22.95 2.27 12.69
CA GLY M 645 23.29 3.56 12.10
C GLY M 645 22.13 4.52 11.88
N PHE M 646 20.89 4.08 11.95
CA PHE M 646 19.77 5.02 11.73
C PHE M 646 19.57 5.85 12.95
N ARG M 647 19.72 5.20 14.12
CA ARG M 647 19.59 5.95 15.34
C ARG M 647 20.28 7.25 15.09
N GLN M 648 21.60 7.23 15.13
CA GLN M 648 22.35 8.46 14.89
C GLN M 648 21.67 9.40 13.89
N GLN M 649 21.12 8.84 12.81
CA GLN M 649 20.49 9.63 11.76
C GLN M 649 19.15 10.17 12.20
N VAL M 650 18.27 9.27 12.59
CA VAL M 650 16.97 9.70 13.07
C VAL M 650 17.20 10.94 13.88
N LEU M 651 17.89 10.67 15.03
CA LEU M 651 18.28 11.59 16.13
C LEU M 651 18.77 12.90 15.63
N GLU M 652 19.75 12.91 14.74
CA GLU M 652 20.20 14.20 14.35
C GLU M 652 19.48 14.72 13.14
N ASP M 653 18.97 13.83 12.32
CA ASP M 653 18.31 14.35 11.13
C ASP M 653 16.86 14.90 11.43
N THR M 654 16.26 14.55 12.55
CA THR M 654 14.92 15.06 12.73
C THR M 654 14.64 15.37 14.22
N ILE M 655 15.05 14.48 15.13
CA ILE M 655 14.83 14.66 16.59
C ILE M 655 15.57 15.87 17.13
N GLN M 656 16.83 16.06 16.77
CA GLN M 656 17.52 17.21 17.28
C GLN M 656 16.92 18.47 16.68
N PRO M 657 17.09 18.66 15.36
CA PRO M 657 16.54 19.87 14.76
C PRO M 657 15.11 20.12 15.16
N ALA M 658 14.49 19.12 15.74
CA ALA M 658 13.13 19.26 16.18
C ALA M 658 13.08 20.10 17.46
N ILE M 659 13.65 19.51 18.51
CA ILE M 659 13.76 20.15 19.82
C ILE M 659 14.29 21.58 19.63
N ASP M 660 15.48 21.63 19.01
CA ASP M 660 16.23 22.85 18.67
C ASP M 660 15.44 23.74 17.66
N SER M 661 14.14 23.46 17.45
CA SER M 661 13.28 24.22 16.50
C SER M 661 12.03 24.75 17.16
N GLY M 662 11.72 24.10 18.27
CA GLY M 662 10.54 24.44 19.02
C GLY M 662 9.73 23.19 19.30
N LYS M 663 9.46 22.43 18.26
CA LYS M 663 8.75 21.21 18.49
C LYS M 663 9.74 20.29 19.19
N GLY M 664 9.42 19.01 19.38
CA GLY M 664 10.38 18.13 20.04
C GLY M 664 10.06 17.87 21.52
N LEU M 665 9.13 18.66 22.03
CA LEU M 665 8.69 18.55 23.42
C LEU M 665 8.52 17.08 23.77
N MET M 666 7.70 16.43 22.95
CA MET M 666 7.36 15.04 23.15
C MET M 666 8.57 14.22 23.28
N PHE M 667 9.69 14.73 22.80
CA PHE M 667 10.92 13.93 22.83
C PHE M 667 11.57 13.95 24.18
N THR M 668 10.93 13.25 25.09
CA THR M 668 11.46 13.23 26.40
C THR M 668 12.79 12.49 26.43
N GLN M 669 12.88 11.25 25.98
CA GLN M 669 14.20 10.56 26.02
C GLN M 669 14.91 10.49 24.62
N PRO M 670 15.30 11.65 24.04
CA PRO M 670 15.92 11.56 22.74
C PRO M 670 16.53 10.22 22.43
N ASN M 671 17.62 9.85 23.09
CA ASN M 671 18.20 8.59 22.70
C ASN M 671 17.12 7.49 22.64
N GLN M 672 16.30 7.35 23.68
CA GLN M 672 15.33 6.27 23.62
C GLN M 672 14.35 6.41 22.43
N ALA M 673 13.93 7.64 22.10
CA ALA M 673 12.99 7.84 20.97
C ALA M 673 13.66 7.48 19.67
N ALA M 674 14.95 7.77 19.58
CA ALA M 674 15.71 7.44 18.40
C ALA M 674 16.20 6.00 18.44
N GLY M 675 16.34 5.38 19.60
CA GLY M 675 16.71 3.99 19.56
C GLY M 675 15.59 3.16 18.94
N TYR M 676 14.37 3.51 19.34
CA TYR M 676 13.15 2.87 18.89
C TYR M 676 12.87 3.14 17.41
N MET M 677 12.47 4.37 17.03
CA MET M 677 12.21 4.66 15.63
C MET M 677 13.11 3.87 14.69
N ALA M 678 14.37 3.69 15.09
CA ALA M 678 15.36 2.89 14.35
C ALA M 678 14.71 1.60 14.04
N LYS M 679 14.70 0.71 15.04
CA LYS M 679 14.03 -0.59 14.86
C LYS M 679 12.79 -0.45 13.99
N LEU M 680 11.88 0.46 14.30
CA LEU M 680 10.76 0.57 13.39
C LEU M 680 11.25 0.64 11.96
N ILE M 681 11.92 1.72 11.62
CA ILE M 681 12.41 1.80 10.27
C ILE M 681 13.01 0.49 9.84
N TRP M 682 13.95 -0.03 10.61
CA TRP M 682 14.66 -1.25 10.24
C TRP M 682 13.78 -2.44 10.03
N GLU M 683 12.64 -2.47 10.66
CA GLU M 683 11.73 -3.58 10.40
C GLU M 683 10.94 -3.24 9.16
N SER M 684 10.46 -2.00 9.08
CA SER M 684 9.70 -1.65 7.90
C SER M 684 10.53 -1.70 6.59
N VAL M 685 11.84 -1.56 6.61
CA VAL M 685 12.43 -1.74 5.29
C VAL M 685 12.77 -3.23 5.09
N SER M 686 13.36 -3.90 6.08
CA SER M 686 13.69 -5.32 5.88
C SER M 686 12.42 -6.22 5.53
N VAL M 687 11.34 -5.59 5.03
CA VAL M 687 10.13 -6.29 4.50
C VAL M 687 9.67 -5.62 3.19
N THR M 688 10.17 -4.42 2.93
CA THR M 688 9.81 -3.79 1.71
C THR M 688 10.86 -4.01 0.70
N VAL M 689 12.08 -4.20 1.14
CA VAL M 689 13.12 -4.49 0.17
C VAL M 689 13.87 -5.74 0.58
N VAL M 690 13.13 -6.65 1.16
CA VAL M 690 13.71 -7.89 1.59
C VAL M 690 14.85 -8.24 0.70
N ALA M 691 14.65 -8.06 -0.60
CA ALA M 691 15.67 -8.38 -1.61
C ALA M 691 17.04 -7.92 -1.16
N ALA M 692 17.17 -6.59 -1.13
CA ALA M 692 18.33 -5.84 -0.67
C ALA M 692 18.79 -6.36 0.66
N VAL M 693 17.88 -6.60 1.57
CA VAL M 693 18.36 -7.13 2.81
C VAL M 693 19.13 -8.41 2.52
N GLU M 694 18.43 -9.46 2.11
CA GLU M 694 19.02 -10.77 1.78
C GLU M 694 20.29 -10.67 0.95
N ALA M 695 20.22 -10.11 -0.24
CA ALA M 695 21.39 -10.04 -1.08
C ALA M 695 22.61 -9.50 -0.39
N MET M 696 22.41 -8.42 0.38
CA MET M 696 23.49 -7.77 1.09
C MET M 696 24.09 -8.74 2.11
N ASN M 697 23.26 -9.23 3.04
CA ASN M 697 23.73 -10.18 4.05
C ASN M 697 24.38 -11.39 3.39
N TRP M 698 23.74 -12.03 2.43
CA TRP M 698 24.40 -13.16 1.81
C TRP M 698 25.80 -12.76 1.41
N LEU M 699 25.87 -11.72 0.61
CA LEU M 699 27.14 -11.23 0.16
C LEU M 699 28.05 -11.05 1.37
N LYS M 700 27.59 -10.29 2.35
CA LYS M 700 28.40 -10.05 3.54
C LYS M 700 28.98 -11.34 4.08
N SER M 701 28.20 -12.42 4.10
CA SER M 701 28.76 -13.69 4.61
C SER M 701 29.96 -14.07 3.77
N ALA M 702 29.65 -14.28 2.51
CA ALA M 702 30.61 -14.63 1.51
C ALA M 702 31.95 -13.98 1.82
N ALA M 703 31.97 -12.66 1.82
CA ALA M 703 33.21 -11.94 2.07
C ALA M 703 33.82 -12.25 3.42
N LYS M 704 33.00 -12.31 4.48
CA LYS M 704 33.57 -12.63 5.77
C LYS M 704 34.46 -13.85 5.61
N LEU M 705 33.82 -14.98 5.31
CA LEU M 705 34.52 -16.24 5.13
C LEU M 705 35.82 -16.08 4.41
N LEU M 706 35.71 -15.64 3.16
CA LEU M 706 36.83 -15.39 2.28
C LEU M 706 37.84 -14.42 2.93
N ALA M 707 37.42 -13.69 3.94
CA ALA M 707 38.31 -12.75 4.59
C ALA M 707 39.09 -13.46 5.67
N ALA M 708 38.35 -14.27 6.41
CA ALA M 708 38.81 -15.08 7.53
C ALA M 708 40.24 -15.56 7.32
N GLU M 709 40.86 -16.10 8.38
CA GLU M 709 42.20 -16.68 8.31
C GLU M 709 42.17 -18.04 8.92
N VAL M 710 41.18 -18.81 8.51
CA VAL M 710 40.94 -20.18 8.98
C VAL M 710 42.23 -20.88 9.33
N LYS M 711 42.23 -21.50 10.51
CA LYS M 711 43.35 -22.25 11.07
C LYS M 711 42.85 -23.41 11.88
N ASP M 712 43.79 -24.14 12.46
CA ASP M 712 43.46 -25.22 13.37
C ASP M 712 44.07 -24.85 14.75
N LYS M 713 43.19 -24.55 15.72
CA LYS M 713 43.63 -24.13 17.05
C LYS M 713 44.04 -25.33 17.86
N LYS M 714 44.94 -26.07 17.26
CA LYS M 714 45.53 -27.29 17.81
C LYS M 714 46.96 -27.41 17.22
N THR M 715 47.18 -26.46 16.31
CA THR M 715 48.42 -26.26 15.57
C THR M 715 48.59 -24.76 15.38
N GLY M 716 47.46 -24.06 15.51
CA GLY M 716 47.48 -22.64 15.28
C GLY M 716 48.21 -22.43 13.96
N GLU M 717 47.93 -23.35 13.01
CA GLU M 717 48.53 -23.42 11.64
C GLU M 717 47.58 -22.89 10.51
N ILE M 718 48.18 -22.07 9.64
CA ILE M 718 47.52 -21.40 8.54
C ILE M 718 47.08 -22.35 7.50
N LEU M 719 45.79 -22.70 7.49
CA LEU M 719 45.22 -23.64 6.52
C LEU M 719 44.96 -23.05 5.14
N ARG M 720 44.50 -21.79 5.09
CA ARG M 720 44.14 -21.04 3.87
C ARG M 720 44.19 -19.55 4.12
N LYS M 721 45.31 -18.91 3.83
CA LYS M 721 45.43 -17.51 4.16
C LYS M 721 44.17 -16.71 3.83
N ARG M 722 44.26 -15.42 4.11
CA ARG M 722 43.16 -14.49 3.87
C ARG M 722 42.99 -14.18 2.37
N CYS M 723 41.83 -14.55 1.83
CA CYS M 723 41.50 -14.34 0.43
C CYS M 723 40.77 -13.02 0.15
N ALA M 724 41.19 -12.28 -0.88
CA ALA M 724 40.49 -11.04 -1.23
C ALA M 724 39.15 -11.42 -1.90
N VAL M 725 38.39 -10.49 -2.45
CA VAL M 725 37.18 -10.95 -3.14
C VAL M 725 37.20 -10.43 -4.61
N HIS M 726 36.83 -11.28 -5.57
CA HIS M 726 36.86 -10.90 -6.99
C HIS M 726 35.68 -11.42 -7.78
N TRP M 727 35.20 -10.60 -8.69
CA TRP M 727 34.08 -11.01 -9.53
C TRP M 727 34.14 -10.25 -10.84
N VAL M 728 33.22 -10.56 -11.75
CA VAL M 728 33.23 -9.89 -13.05
C VAL M 728 31.85 -9.44 -13.50
N THR M 729 31.77 -8.15 -13.71
CA THR M 729 30.55 -7.56 -14.13
C THR M 729 30.13 -8.10 -15.43
N PRO M 730 28.84 -8.07 -15.64
CA PRO M 730 28.17 -8.50 -16.82
C PRO M 730 28.77 -7.91 -18.12
N ASP M 731 29.45 -6.76 -18.08
CA ASP M 731 29.98 -6.27 -19.34
C ASP M 731 31.46 -6.50 -19.49
N GLY M 732 31.98 -7.49 -18.78
CA GLY M 732 33.40 -7.77 -18.89
C GLY M 732 34.29 -7.16 -17.83
N PHE M 733 33.79 -6.25 -17.01
CA PHE M 733 34.69 -5.70 -16.01
C PHE M 733 34.78 -6.68 -14.84
N PRO M 734 35.99 -6.82 -14.27
CA PRO M 734 36.42 -7.62 -13.14
C PRO M 734 36.86 -6.66 -12.02
N VAL M 735 36.33 -6.88 -10.85
CA VAL M 735 36.59 -6.07 -9.70
C VAL M 735 37.30 -6.92 -8.68
N TRP M 736 38.23 -6.29 -7.97
CA TRP M 736 39.06 -6.90 -6.96
C TRP M 736 39.02 -6.17 -5.66
N GLN M 737 38.21 -6.70 -4.74
CA GLN M 737 38.05 -6.12 -3.41
C GLN M 737 39.11 -6.66 -2.51
N GLU M 738 40.15 -5.85 -2.29
CA GLU M 738 41.37 -6.17 -1.51
C GLU M 738 41.74 -5.04 -0.53
N TYR M 739 41.14 -5.07 0.66
CA TYR M 739 41.37 -4.00 1.63
C TYR M 739 42.51 -4.31 2.56
N LYS M 740 43.56 -3.52 2.50
CA LYS M 740 44.70 -3.83 3.34
C LYS M 740 44.94 -2.88 4.51
N LYS M 741 45.20 -3.50 5.65
CA LYS M 741 45.48 -2.80 6.91
C LYS M 741 46.95 -3.01 7.32
N PRO M 742 47.64 -1.91 7.63
CA PRO M 742 49.04 -1.98 8.04
C PRO M 742 49.17 -2.56 9.47
N ILE M 743 50.33 -3.14 9.82
CA ILE M 743 50.50 -3.75 11.17
C ILE M 743 51.28 -2.84 12.14
N GLN M 744 51.53 -1.64 11.63
CA GLN M 744 52.22 -0.53 12.28
C GLN M 744 51.47 0.00 13.53
N THR M 745 51.56 1.32 13.74
CA THR M 745 50.92 2.10 14.81
C THR M 745 51.88 3.14 15.34
N ARG M 746 51.33 4.25 15.86
CA ARG M 746 52.14 5.33 16.40
C ARG M 746 51.25 6.51 16.77
N LEU M 747 50.32 6.33 17.71
CA LEU M 747 49.45 7.44 18.02
C LEU M 747 50.10 8.49 18.91
N ASN M 748 49.96 9.75 18.49
CA ASN M 748 50.45 10.86 19.29
C ASN M 748 49.25 11.63 19.81
N LEU M 749 49.48 12.49 20.80
CA LEU M 749 48.37 13.21 21.39
C LEU M 749 48.05 14.54 20.71
N MET M 750 48.90 15.54 20.92
CA MET M 750 48.57 16.85 20.39
C MET M 750 49.49 17.34 19.30
N PHE M 751 50.36 16.49 18.77
CA PHE M 751 51.21 17.05 17.74
C PHE M 751 50.88 16.47 16.38
N LEU M 752 51.11 15.16 16.22
CA LEU M 752 50.81 14.44 14.97
C LEU M 752 50.46 12.97 15.31
N GLY M 753 51.41 12.06 15.12
CA GLY M 753 51.18 10.66 15.39
C GLY M 753 50.98 9.92 14.08
N GLN M 754 52.08 9.71 13.35
CA GLN M 754 52.01 9.08 12.04
C GLN M 754 52.87 7.79 11.92
N PHE M 755 53.13 7.41 10.66
CA PHE M 755 53.89 6.24 10.24
C PHE M 755 54.85 5.72 11.31
N ARG M 756 55.13 4.43 11.26
CA ARG M 756 56.07 3.82 12.20
C ARG M 756 57.14 3.05 11.47
N ASP M 766 54.79 -3.61 5.56
CA ASP M 766 53.92 -4.78 5.30
C ASP M 766 52.43 -4.47 5.62
N SER M 767 51.57 -5.44 5.26
CA SER M 767 50.13 -5.27 5.32
C SER M 767 49.36 -6.58 5.30
N GLU M 768 48.11 -6.55 5.71
CA GLU M 768 47.23 -7.72 5.60
C GLU M 768 45.75 -7.31 5.31
N ILE M 769 44.98 -8.22 4.72
CA ILE M 769 43.57 -8.02 4.37
C ILE M 769 42.74 -7.62 5.62
N ASP M 770 42.04 -6.48 5.65
CA ASP M 770 41.26 -6.17 6.86
C ASP M 770 39.80 -6.64 6.77
N ALA M 771 39.61 -7.92 7.08
CA ALA M 771 38.30 -8.58 7.04
C ALA M 771 37.14 -7.72 7.38
N HIS M 772 37.34 -6.70 8.18
CA HIS M 772 36.18 -5.89 8.49
C HIS M 772 35.91 -5.08 7.26
N LYS M 773 36.86 -4.22 6.89
CA LYS M 773 36.66 -3.45 5.69
C LYS M 773 36.13 -4.38 4.63
N GLN M 774 36.73 -5.56 4.50
CA GLN M 774 36.32 -6.55 3.50
C GLN M 774 34.90 -6.91 3.56
N GLU M 775 34.39 -7.29 4.73
CA GLU M 775 33.00 -7.71 4.82
C GLU M 775 32.06 -6.53 4.80
N SER M 776 32.58 -5.35 5.04
CA SER M 776 31.76 -4.14 5.07
C SER M 776 31.37 -3.72 3.65
N GLY M 777 32.42 -3.29 2.94
CA GLY M 777 32.38 -2.78 1.58
C GLY M 777 31.92 -3.78 0.52
N ILE M 778 31.54 -5.03 0.81
CA ILE M 778 31.07 -5.89 -0.29
C ILE M 778 29.71 -5.40 -0.79
N ALA M 779 28.69 -5.54 0.03
CA ALA M 779 27.35 -5.08 -0.33
C ALA M 779 27.36 -3.86 -1.23
N PRO M 780 27.80 -2.71 -0.71
CA PRO M 780 27.76 -1.56 -1.61
C PRO M 780 28.56 -1.76 -2.86
N ASN M 781 29.81 -2.12 -2.67
CA ASN M 781 30.64 -2.21 -3.81
C ASN M 781 30.07 -3.03 -4.89
N PHE M 782 29.53 -4.19 -4.53
CA PHE M 782 28.96 -5.04 -5.55
C PHE M 782 27.88 -4.34 -6.34
N VAL M 783 26.82 -3.88 -5.68
CA VAL M 783 25.76 -3.17 -6.43
C VAL M 783 26.45 -2.13 -7.33
N HIS M 784 27.31 -1.38 -6.66
CA HIS M 784 28.11 -0.31 -7.24
C HIS M 784 28.98 -0.66 -8.49
N SER M 785 29.44 -1.92 -8.59
CA SER M 785 30.11 -2.34 -9.82
C SER M 785 29.01 -2.72 -10.77
N GLN M 786 27.91 -3.30 -10.24
CA GLN M 786 26.83 -3.67 -11.10
C GLN M 786 26.20 -2.49 -11.84
N ASP M 787 25.73 -1.48 -11.11
CA ASP M 787 25.15 -0.34 -11.82
C ASP M 787 26.15 0.06 -12.88
N GLY M 788 27.38 -0.25 -12.54
CA GLY M 788 28.50 0.07 -13.39
C GLY M 788 28.28 -0.57 -14.70
N SER M 789 28.35 -1.91 -14.72
CA SER M 789 28.10 -2.63 -15.95
C SER M 789 26.94 -1.92 -16.66
N HIS M 790 25.73 -2.07 -16.11
CA HIS M 790 24.50 -1.46 -16.66
C HIS M 790 24.71 -0.15 -17.40
N LEU M 791 25.35 0.84 -16.80
CA LEU M 791 25.52 2.12 -17.52
C LEU M 791 26.48 1.97 -18.68
N ARG M 792 27.59 1.28 -18.46
CA ARG M 792 28.51 1.14 -19.55
C ARG M 792 27.77 0.52 -20.74
N LYS M 793 26.90 -0.48 -20.49
CA LYS M 793 26.10 -1.13 -21.53
C LYS M 793 25.16 -0.10 -22.17
N THR M 794 24.22 0.49 -21.46
CA THR M 794 23.43 1.47 -22.15
C THR M 794 24.29 2.41 -22.96
N VAL M 795 25.41 2.94 -22.48
CA VAL M 795 26.18 3.80 -23.41
C VAL M 795 26.32 3.11 -24.79
N VAL M 796 26.90 1.88 -24.77
CA VAL M 796 27.12 1.03 -25.96
C VAL M 796 25.79 0.77 -26.68
N TRP M 797 24.97 -0.10 -26.11
CA TRP M 797 23.71 -0.41 -26.68
C TRP M 797 23.16 0.73 -27.37
N ALA M 798 22.61 1.68 -26.63
CA ALA M 798 21.99 2.83 -27.27
C ALA M 798 22.90 3.61 -28.22
N HIS M 799 24.17 3.24 -28.34
CA HIS M 799 25.01 3.92 -29.30
C HIS M 799 24.89 3.19 -30.60
N GLU M 800 25.13 1.89 -30.53
CA GLU M 800 25.11 1.02 -31.71
C GLU M 800 23.72 0.88 -32.19
N LYS M 801 22.88 0.19 -31.44
CA LYS M 801 21.52 0.09 -31.84
C LYS M 801 20.95 1.48 -32.18
N TYR M 802 20.86 2.47 -31.31
CA TYR M 802 20.30 3.69 -31.92
C TYR M 802 21.34 4.79 -32.16
N GLY M 803 21.22 5.46 -33.30
CA GLY M 803 22.23 6.42 -33.65
C GLY M 803 22.69 7.38 -32.54
N ILE M 804 22.40 7.16 -31.24
CA ILE M 804 22.78 8.16 -30.21
C ILE M 804 24.26 8.22 -30.01
N GLU M 805 24.86 9.41 -30.15
CA GLU M 805 26.32 9.59 -30.05
C GLU M 805 26.73 10.66 -29.00
N SER M 806 25.72 11.20 -28.29
CA SER M 806 25.91 12.29 -27.32
C SER M 806 25.29 12.06 -25.92
N PHE M 807 26.10 11.61 -24.94
CA PHE M 807 25.63 11.32 -23.59
C PHE M 807 26.20 12.16 -22.39
N ALA M 808 25.33 12.15 -21.36
CA ALA M 808 25.41 12.74 -20.06
C ALA M 808 25.41 11.62 -19.07
N LEU M 809 26.53 11.32 -18.49
CA LEU M 809 26.63 10.22 -17.57
C LEU M 809 26.94 10.53 -16.07
N ILE M 810 26.03 10.11 -15.23
CA ILE M 810 26.22 10.33 -13.83
C ILE M 810 25.93 9.09 -13.03
N HIS M 811 26.78 8.08 -13.17
CA HIS M 811 26.63 6.81 -12.46
C HIS M 811 25.26 6.23 -12.71
N ASP M 812 24.29 6.78 -12.02
CA ASP M 812 22.99 6.27 -12.27
C ASP M 812 22.17 7.38 -12.97
N SER M 813 22.81 8.07 -13.91
CA SER M 813 22.06 9.03 -14.64
C SER M 813 22.64 9.27 -15.98
N PHE M 814 21.73 8.93 -16.90
CA PHE M 814 21.89 8.99 -18.34
C PHE M 814 21.04 10.06 -18.99
N GLY M 815 21.76 10.77 -19.84
CA GLY M 815 21.17 11.84 -20.55
C GLY M 815 21.71 11.91 -21.94
N THR M 816 20.94 12.64 -22.75
CA THR M 816 21.21 12.83 -24.15
C THR M 816 20.42 13.97 -24.61
N ILE M 817 20.54 14.24 -25.93
CA ILE M 817 19.82 15.36 -26.52
C ILE M 817 18.35 15.05 -26.72
N PRO M 818 17.53 16.08 -26.59
CA PRO M 818 16.08 16.04 -26.71
C PRO M 818 15.64 14.95 -27.66
N ALA M 819 16.33 14.95 -28.81
CA ALA M 819 16.02 14.03 -29.91
C ALA M 819 16.34 12.57 -29.65
N ASP M 820 17.57 12.22 -29.31
CA ASP M 820 17.88 10.80 -29.07
C ASP M 820 17.26 10.35 -27.77
N ALA M 821 16.74 11.36 -27.08
CA ALA M 821 16.15 11.17 -25.77
C ALA M 821 15.14 10.05 -25.74
N ALA M 822 14.13 10.19 -26.59
CA ALA M 822 13.04 9.23 -26.68
C ALA M 822 13.53 7.79 -26.51
N ASN M 823 14.61 7.57 -27.25
CA ASN M 823 15.38 6.35 -27.40
C ASN M 823 16.08 6.00 -26.10
N LEU M 824 17.01 6.86 -25.66
CA LEU M 824 17.70 6.51 -24.43
C LEU M 824 16.74 5.83 -23.52
N PHE M 825 15.79 6.63 -23.06
CA PHE M 825 14.76 6.22 -22.12
C PHE M 825 14.38 4.73 -22.21
N LYS M 826 14.27 4.27 -23.45
CA LYS M 826 13.98 2.85 -23.77
C LYS M 826 15.32 2.05 -23.76
N ALA M 827 16.37 2.57 -24.40
CA ALA M 827 17.61 1.81 -24.43
C ALA M 827 17.94 1.26 -23.04
N VAL M 828 17.78 2.08 -22.00
CA VAL M 828 18.11 1.65 -20.61
C VAL M 828 17.27 0.53 -20.14
N ARG M 829 15.95 0.80 -20.07
CA ARG M 829 14.97 -0.20 -19.67
C ARG M 829 15.22 -1.45 -20.49
N GLU M 830 15.98 -1.26 -21.55
CA GLU M 830 16.40 -2.35 -22.39
C GLU M 830 17.70 -2.92 -21.80
N THR M 831 18.76 -2.14 -21.92
CA THR M 831 20.02 -2.59 -21.44
C THR M 831 19.83 -3.28 -20.13
N MET M 832 18.90 -2.80 -19.35
CA MET M 832 18.72 -3.44 -18.11
C MET M 832 18.26 -4.87 -18.27
N VAL M 833 16.98 -5.04 -18.56
CA VAL M 833 16.37 -6.37 -18.61
C VAL M 833 17.28 -7.43 -19.31
N ASP M 834 18.14 -7.00 -20.21
CA ASP M 834 19.11 -7.87 -20.94
C ASP M 834 20.06 -8.53 -19.96
N THR M 835 20.70 -7.69 -19.18
CA THR M 835 21.67 -8.07 -18.18
C THR M 835 21.08 -8.97 -17.09
N TYR M 836 19.90 -8.63 -16.56
CA TYR M 836 19.37 -9.48 -15.51
C TYR M 836 18.78 -10.77 -16.01
N GLU M 837 18.32 -10.79 -17.26
CA GLU M 837 17.75 -12.00 -17.86
C GLU M 837 18.85 -13.04 -18.16
N SER M 838 19.87 -12.58 -18.87
CA SER M 838 21.00 -13.36 -19.31
C SER M 838 21.84 -13.90 -18.18
N CYS M 839 21.93 -13.24 -17.02
CA CYS M 839 22.75 -13.86 -15.95
C CYS M 839 22.19 -13.73 -14.54
N ASP M 840 22.94 -14.33 -13.63
CA ASP M 840 22.63 -14.23 -12.24
C ASP M 840 23.89 -13.93 -11.48
N VAL M 841 24.45 -12.74 -11.68
CA VAL M 841 25.70 -12.38 -10.99
C VAL M 841 25.77 -12.98 -9.61
N LEU M 842 24.68 -13.01 -8.85
CA LEU M 842 24.77 -13.56 -7.50
C LEU M 842 25.44 -14.92 -7.55
N ALA M 843 24.80 -15.85 -8.25
CA ALA M 843 25.35 -17.19 -8.43
C ALA M 843 26.69 -17.12 -9.15
N ASP M 844 26.73 -16.47 -10.31
CA ASP M 844 27.99 -16.34 -11.02
C ASP M 844 29.04 -16.03 -10.00
N PHE M 845 28.71 -15.12 -9.11
CA PHE M 845 29.62 -14.73 -8.08
C PHE M 845 30.00 -15.92 -7.21
N TYR M 846 29.11 -16.88 -7.09
CA TYR M 846 29.41 -18.04 -6.28
C TYR M 846 30.51 -18.79 -6.93
N ASP M 847 30.25 -19.22 -8.15
CA ASP M 847 31.22 -19.98 -8.87
C ASP M 847 32.60 -19.33 -8.73
N GLN M 848 32.66 -18.01 -8.59
CA GLN M 848 33.93 -17.27 -8.43
C GLN M 848 34.71 -17.65 -7.19
N PHE M 849 34.12 -17.53 -6.01
CA PHE M 849 34.88 -17.89 -4.83
C PHE M 849 34.77 -19.35 -4.47
N ALA M 850 33.56 -19.88 -4.50
CA ALA M 850 33.25 -21.28 -4.17
C ALA M 850 34.46 -22.15 -3.83
N ASP M 851 35.27 -22.44 -4.84
CA ASP M 851 36.45 -23.25 -4.61
C ASP M 851 37.56 -22.45 -3.90
N GLN M 852 37.20 -21.52 -3.04
CA GLN M 852 38.23 -20.85 -2.31
C GLN M 852 37.88 -20.82 -0.87
N LEU M 853 36.73 -21.38 -0.56
CA LEU M 853 36.34 -21.47 0.82
C LEU M 853 37.02 -22.70 1.41
N HIS M 854 37.86 -22.55 2.43
CA HIS M 854 38.48 -23.75 3.00
C HIS M 854 37.40 -24.84 3.34
N GLU M 855 37.86 -26.08 3.33
CA GLU M 855 37.08 -27.25 3.65
C GLU M 855 36.10 -26.96 4.80
N SER M 856 36.66 -26.62 5.94
CA SER M 856 35.97 -26.33 7.20
C SER M 856 34.80 -25.32 7.14
N GLN M 857 34.83 -24.35 6.22
CA GLN M 857 33.76 -23.32 6.22
C GLN M 857 32.65 -23.59 5.24
N LEU M 858 32.75 -24.69 4.51
CA LEU M 858 31.78 -25.02 3.50
C LEU M 858 30.37 -25.00 4.01
N ASP M 859 30.22 -24.94 5.33
CA ASP M 859 28.89 -24.93 5.91
C ASP M 859 28.41 -23.55 6.40
N LYS M 860 29.33 -22.67 6.84
CA LYS M 860 28.86 -21.37 7.31
C LYS M 860 28.41 -20.47 6.11
N MET M 861 28.39 -20.98 4.87
CA MET M 861 28.01 -20.17 3.71
C MET M 861 26.52 -20.34 3.31
N PRO M 862 25.61 -19.51 3.85
CA PRO M 862 24.20 -19.64 3.50
C PRO M 862 23.95 -19.75 1.99
N ALA M 863 22.73 -20.15 1.63
CA ALA M 863 22.33 -20.37 0.25
C ALA M 863 21.84 -19.12 -0.42
N LEU M 864 21.94 -19.06 -1.75
CA LEU M 864 21.44 -17.91 -2.45
C LEU M 864 19.95 -17.84 -2.27
N PRO M 865 19.46 -16.78 -1.63
CA PRO M 865 18.04 -16.54 -1.36
C PRO M 865 17.20 -16.82 -2.59
N ALA M 866 16.03 -17.39 -2.39
CA ALA M 866 15.19 -17.73 -3.49
C ALA M 866 14.88 -16.52 -4.29
N LYS M 867 14.37 -16.73 -5.49
CA LYS M 867 14.02 -15.63 -6.34
C LYS M 867 12.58 -15.16 -6.08
N GLY M 868 12.04 -14.40 -7.03
CA GLY M 868 10.71 -13.87 -6.87
C GLY M 868 9.87 -14.00 -8.12
N ASN M 869 8.77 -13.26 -8.17
CA ASN M 869 7.82 -13.32 -9.28
C ASN M 869 7.83 -12.04 -10.04
N LEU M 870 8.95 -11.39 -10.00
CA LEU M 870 8.99 -10.16 -10.73
C LEU M 870 9.25 -10.48 -12.18
N ASN M 871 8.55 -9.83 -13.09
CA ASN M 871 8.96 -10.12 -14.42
C ASN M 871 9.71 -8.99 -15.06
N LEU M 872 11.02 -9.05 -14.93
CA LEU M 872 11.91 -8.07 -15.53
C LEU M 872 11.29 -7.38 -16.77
N ARG M 873 10.74 -8.18 -17.68
CA ARG M 873 10.19 -7.61 -18.91
C ARG M 873 9.21 -6.47 -18.62
N ASP M 874 8.68 -6.42 -17.40
CA ASP M 874 7.76 -5.35 -17.06
C ASP M 874 8.50 -4.00 -17.17
N ILE M 875 9.75 -4.03 -16.72
CA ILE M 875 10.61 -2.85 -16.72
C ILE M 875 10.40 -2.03 -17.91
N LEU M 876 10.36 -2.73 -19.01
CA LEU M 876 10.21 -2.14 -20.29
C LEU M 876 9.02 -1.27 -20.38
N GLU M 877 8.10 -1.34 -19.43
CA GLU M 877 6.88 -0.50 -19.51
C GLU M 877 6.68 0.43 -18.27
N SER M 878 7.71 0.52 -17.41
CA SER M 878 7.72 1.36 -16.19
C SER M 878 8.12 2.77 -16.52
N ASP M 879 7.13 3.61 -16.77
CA ASP M 879 7.27 5.04 -17.10
C ASP M 879 8.33 5.73 -16.18
N PHE M 880 8.26 5.40 -14.88
CA PHE M 880 9.02 5.98 -13.73
C PHE M 880 10.33 5.38 -13.29
N ALA M 881 10.67 4.16 -13.69
CA ALA M 881 11.97 3.67 -13.32
C ALA M 881 12.98 4.19 -14.32
N PHE M 882 12.80 5.40 -14.91
CA PHE M 882 13.75 5.86 -15.91
C PHE M 882 14.95 5.02 -15.68
N ALA M 883 15.55 4.41 -16.69
CA ALA M 883 16.71 3.51 -16.51
C ALA M 883 16.42 2.43 -15.49
N ASN N 2 -62.82 -30.15 1.67
CA ASN N 2 -64.00 -29.46 1.05
C ASN N 2 -64.04 -27.99 1.43
N THR N 3 -63.09 -27.26 0.83
CA THR N 3 -62.89 -25.83 1.02
C THR N 3 -63.65 -25.03 -0.06
N ILE N 4 -64.40 -24.01 0.37
CA ILE N 4 -65.15 -23.16 -0.54
C ILE N 4 -64.23 -22.64 -1.65
N ASN N 5 -64.49 -22.97 -2.90
CA ASN N 5 -63.56 -22.48 -3.88
C ASN N 5 -63.58 -20.96 -4.06
N ILE N 6 -62.39 -20.40 -4.27
CA ILE N 6 -62.24 -18.98 -4.52
C ILE N 6 -62.19 -18.71 -6.03
N ALA N 7 -61.69 -19.67 -6.80
CA ALA N 7 -61.54 -19.54 -8.24
C ALA N 7 -62.89 -19.44 -8.94
N LYS N 8 -63.82 -18.69 -8.35
CA LYS N 8 -65.16 -18.43 -8.90
C LYS N 8 -65.26 -16.93 -9.21
N ASN N 9 -66.27 -16.29 -8.62
CA ASN N 9 -66.47 -14.86 -8.78
C ASN N 9 -65.37 -14.06 -8.05
N ASP N 10 -64.83 -14.64 -6.98
CA ASP N 10 -63.81 -13.97 -6.20
C ASP N 10 -62.67 -13.44 -7.08
N PHE N 11 -61.94 -14.39 -7.67
CA PHE N 11 -60.79 -14.09 -8.51
C PHE N 11 -61.21 -13.40 -9.79
N SER N 12 -62.40 -13.77 -10.25
CA SER N 12 -62.99 -13.18 -11.44
C SER N 12 -63.02 -11.66 -11.29
N ASP N 13 -62.78 -11.18 -10.09
CA ASP N 13 -62.75 -9.74 -9.86
C ASP N 13 -61.84 -9.08 -10.86
N ILE N 14 -60.59 -9.53 -10.83
CA ILE N 14 -59.54 -9.03 -11.70
C ILE N 14 -59.86 -9.33 -13.16
N GLU N 15 -61.00 -8.83 -13.62
CA GLU N 15 -61.41 -9.10 -14.98
C GLU N 15 -60.33 -8.66 -15.98
N LEU N 16 -59.87 -9.63 -16.80
CA LEU N 16 -58.85 -9.42 -17.85
C LEU N 16 -59.45 -8.90 -19.23
N ALA N 17 -60.79 -8.76 -19.32
CA ALA N 17 -61.45 -8.31 -20.57
C ALA N 17 -62.31 -7.03 -20.37
N ALA N 18 -62.96 -6.89 -19.20
CA ALA N 18 -63.84 -5.73 -18.87
C ALA N 18 -63.70 -5.21 -17.40
N ILE N 19 -62.86 -4.20 -17.27
CA ILE N 19 -62.50 -3.53 -16.01
C ILE N 19 -61.95 -2.15 -16.40
N PRO N 20 -61.80 -1.24 -15.44
CA PRO N 20 -61.24 0.08 -15.81
C PRO N 20 -59.76 -0.03 -16.21
N PHE N 21 -59.49 -0.96 -17.14
CA PHE N 21 -58.15 -1.27 -17.66
C PHE N 21 -57.83 -0.52 -18.95
N ASN N 22 -58.79 0.27 -19.37
CA ASN N 22 -58.64 1.12 -20.52
C ASN N 22 -57.40 1.99 -20.27
N THR N 23 -56.92 1.89 -19.02
CA THR N 23 -55.74 2.56 -18.50
C THR N 23 -54.50 1.99 -19.12
N LEU N 24 -54.56 0.67 -19.12
CA LEU N 24 -53.53 -0.21 -19.66
C LEU N 24 -53.69 -0.32 -21.15
N ALA N 25 -54.91 -0.63 -21.54
CA ALA N 25 -55.15 -0.71 -22.95
C ALA N 25 -54.46 0.47 -23.68
N ASP N 26 -54.99 1.70 -23.52
CA ASP N 26 -54.49 2.91 -24.19
C ASP N 26 -53.05 3.28 -23.85
N HIS N 27 -52.37 2.49 -23.04
CA HIS N 27 -51.02 2.89 -22.72
C HIS N 27 -50.00 2.00 -23.32
N TYR N 28 -50.40 0.75 -23.47
CA TYR N 28 -49.53 -0.30 -23.96
C TYR N 28 -50.27 -1.31 -24.84
N GLY N 29 -51.31 -0.90 -25.55
CA GLY N 29 -51.99 -1.90 -26.37
C GLY N 29 -52.82 -2.88 -25.55
N GLU N 30 -53.76 -3.50 -26.26
CA GLU N 30 -54.69 -4.46 -25.69
C GLU N 30 -54.07 -5.81 -25.48
N ARG N 31 -53.42 -6.37 -26.49
CA ARG N 31 -52.89 -7.68 -26.23
C ARG N 31 -52.10 -7.69 -24.95
N LEU N 32 -51.22 -6.70 -24.81
CA LEU N 32 -50.38 -6.55 -23.64
C LEU N 32 -51.19 -6.45 -22.36
N ALA N 33 -52.12 -5.48 -22.36
CA ALA N 33 -53.04 -5.27 -21.25
C ALA N 33 -53.83 -6.53 -20.96
N ARG N 34 -54.17 -7.29 -21.97
CA ARG N 34 -54.87 -8.53 -21.74
C ARG N 34 -53.93 -9.51 -21.15
N GLU N 35 -52.64 -9.40 -21.50
CA GLU N 35 -51.65 -10.35 -21.00
C GLU N 35 -51.43 -10.11 -19.51
N GLN N 36 -51.00 -8.88 -19.26
CA GLN N 36 -50.74 -8.41 -17.93
C GLN N 36 -51.81 -8.92 -16.97
N LEU N 37 -52.96 -8.27 -16.97
CA LEU N 37 -54.00 -8.70 -16.07
C LEU N 37 -54.20 -10.21 -16.12
N ALA N 38 -53.88 -10.84 -17.24
CA ALA N 38 -54.07 -12.28 -17.36
C ALA N 38 -53.14 -12.99 -16.46
N LEU N 39 -52.02 -12.30 -16.29
CA LEU N 39 -50.90 -12.76 -15.47
C LEU N 39 -51.25 -12.62 -14.01
N GLU N 40 -51.43 -11.35 -13.63
CA GLU N 40 -51.79 -11.05 -12.29
C GLU N 40 -52.82 -12.02 -11.86
N HIS N 41 -53.92 -12.07 -12.58
CA HIS N 41 -54.84 -13.03 -12.11
C HIS N 41 -54.14 -14.39 -11.97
N GLU N 42 -53.58 -14.98 -13.03
CA GLU N 42 -52.94 -16.31 -12.85
C GLU N 42 -52.26 -16.38 -11.48
N SER N 43 -51.50 -15.37 -11.12
CA SER N 43 -50.85 -15.44 -9.84
C SER N 43 -51.78 -16.08 -8.75
N TYR N 44 -52.83 -15.37 -8.33
CA TYR N 44 -53.70 -15.91 -7.30
C TYR N 44 -54.11 -17.32 -7.57
N GLU N 45 -54.35 -17.65 -8.82
CA GLU N 45 -54.73 -19.02 -9.08
C GLU N 45 -53.66 -19.93 -8.49
N MET N 46 -52.39 -19.76 -8.89
CA MET N 46 -51.34 -20.59 -8.32
C MET N 46 -51.27 -20.37 -6.84
N GLY N 47 -51.56 -19.12 -6.48
CA GLY N 47 -51.58 -18.80 -5.08
C GLY N 47 -52.56 -19.70 -4.40
N GLU N 48 -53.79 -19.68 -4.86
CA GLU N 48 -54.77 -20.54 -4.26
C GLU N 48 -54.28 -21.97 -4.32
N ALA N 49 -53.68 -22.31 -5.47
CA ALA N 49 -53.13 -23.65 -5.69
C ALA N 49 -52.28 -23.98 -4.50
N ARG N 50 -51.28 -23.14 -4.32
CA ARG N 50 -50.38 -23.25 -3.18
C ARG N 50 -51.18 -23.79 -1.98
N PHE N 51 -51.96 -22.86 -1.44
CA PHE N 51 -52.77 -23.06 -0.28
C PHE N 51 -53.56 -24.35 -0.24
N ARG N 52 -53.79 -24.95 -1.38
CA ARG N 52 -54.58 -26.14 -1.37
C ARG N 52 -53.69 -27.34 -1.16
N LYS N 53 -52.51 -27.22 -1.76
CA LYS N 53 -51.49 -28.25 -1.70
C LYS N 53 -51.05 -28.47 -0.27
N MET N 54 -50.82 -27.36 0.40
CA MET N 54 -50.39 -27.43 1.76
C MET N 54 -51.61 -27.51 2.70
N PHE N 55 -52.82 -27.28 2.18
CA PHE N 55 -53.95 -27.45 3.08
C PHE N 55 -54.29 -28.93 3.17
N GLU N 56 -53.88 -29.65 2.13
CA GLU N 56 -54.08 -31.08 2.07
C GLU N 56 -53.18 -31.83 3.03
N ARG N 57 -51.88 -31.55 2.94
CA ARG N 57 -50.98 -32.22 3.83
C ARG N 57 -51.42 -32.01 5.25
N GLN N 58 -51.59 -30.75 5.65
CA GLN N 58 -51.94 -30.46 7.02
C GLN N 58 -53.04 -31.38 7.55
N LEU N 59 -53.94 -31.87 6.69
CA LEU N 59 -55.01 -32.77 7.14
C LEU N 59 -54.51 -34.15 7.14
N LYS N 60 -53.74 -34.43 6.11
CA LYS N 60 -53.12 -35.73 5.97
C LYS N 60 -52.44 -36.14 7.24
N ALA N 61 -52.02 -35.17 8.06
CA ALA N 61 -51.27 -35.50 9.28
C ALA N 61 -51.94 -34.98 10.55
N GLY N 62 -53.24 -34.77 10.50
CA GLY N 62 -53.95 -34.30 11.66
C GLY N 62 -53.47 -32.94 12.09
N GLU N 63 -52.49 -32.44 11.33
CA GLU N 63 -51.89 -31.14 11.59
C GLU N 63 -52.85 -29.99 11.12
N VAL N 64 -54.12 -30.32 10.98
CA VAL N 64 -55.15 -29.36 10.55
C VAL N 64 -55.13 -28.13 11.47
N ALA N 65 -55.17 -28.40 12.76
CA ALA N 65 -55.18 -27.35 13.79
C ALA N 65 -53.93 -26.45 13.71
N ASP N 66 -52.92 -26.89 12.97
CA ASP N 66 -51.69 -26.12 12.81
C ASP N 66 -51.80 -25.27 11.53
N ASN N 67 -53.03 -24.88 11.21
CA ASN N 67 -53.25 -24.11 10.00
C ASN N 67 -54.13 -22.88 10.20
N ALA N 68 -53.67 -21.76 9.68
CA ALA N 68 -54.40 -20.52 9.77
C ALA N 68 -55.89 -20.73 9.77
N ALA N 69 -56.33 -21.70 8.97
CA ALA N 69 -57.75 -21.95 8.88
C ALA N 69 -58.40 -22.13 10.23
N ALA N 70 -58.04 -23.15 10.96
CA ALA N 70 -58.75 -23.32 12.20
C ALA N 70 -58.23 -22.43 13.29
N LYS N 71 -57.25 -21.58 13.03
CA LYS N 71 -56.75 -20.80 14.15
C LYS N 71 -57.83 -19.95 14.79
N PRO N 72 -58.53 -19.15 13.99
CA PRO N 72 -59.58 -18.30 14.57
C PRO N 72 -60.52 -19.06 15.50
N LEU N 73 -60.89 -20.27 15.10
CA LEU N 73 -61.84 -21.07 15.88
C LEU N 73 -61.27 -21.44 17.22
N ILE N 74 -60.13 -22.08 17.16
CA ILE N 74 -59.51 -22.56 18.36
C ILE N 74 -59.29 -21.45 19.38
N THR N 75 -59.15 -20.19 18.96
CA THR N 75 -58.90 -19.15 19.97
C THR N 75 -60.18 -18.81 20.72
N THR N 76 -61.29 -19.22 20.14
CA THR N 76 -62.56 -18.99 20.81
C THR N 76 -63.08 -20.30 21.38
N LEU N 77 -62.58 -21.40 20.84
CA LEU N 77 -62.99 -22.71 21.29
C LEU N 77 -62.21 -23.19 22.52
N LEU N 78 -61.06 -22.59 22.83
CA LEU N 78 -60.23 -23.04 23.97
C LEU N 78 -60.71 -22.47 25.31
N PRO N 79 -60.74 -21.14 25.47
CA PRO N 79 -61.20 -20.62 26.75
C PRO N 79 -62.49 -21.27 27.23
N LYS N 80 -63.31 -21.78 26.30
CA LYS N 80 -64.60 -22.42 26.60
C LYS N 80 -64.37 -23.84 27.10
N MET N 81 -63.15 -24.31 26.93
CA MET N 81 -62.78 -25.63 27.41
C MET N 81 -62.10 -25.56 28.77
N ILE N 82 -61.12 -24.64 28.90
CA ILE N 82 -60.34 -24.37 30.16
C ILE N 82 -61.27 -24.17 31.36
N ALA N 83 -62.31 -23.37 31.16
CA ALA N 83 -63.27 -23.09 32.19
C ALA N 83 -64.11 -24.32 32.56
N ARG N 84 -64.39 -25.20 31.58
CA ARG N 84 -65.20 -26.40 31.85
C ARG N 84 -64.49 -27.32 32.80
N ILE N 85 -63.20 -27.52 32.52
CA ILE N 85 -62.34 -28.38 33.33
C ILE N 85 -62.04 -27.79 34.72
N ASN N 86 -61.82 -26.48 34.85
CA ASN N 86 -61.59 -25.88 36.18
C ASN N 86 -62.89 -25.99 37.06
N ASP N 87 -64.04 -26.03 36.39
CA ASP N 87 -65.36 -26.17 37.01
C ASP N 87 -65.59 -27.61 37.35
N TRP N 88 -65.02 -28.47 36.52
CA TRP N 88 -65.10 -29.93 36.69
C TRP N 88 -64.17 -30.41 37.80
N PHE N 89 -63.11 -29.64 38.08
CA PHE N 89 -62.16 -29.99 39.13
C PHE N 89 -62.71 -29.47 40.51
N GLU N 90 -63.42 -28.34 40.46
CA GLU N 90 -64.02 -27.77 41.66
C GLU N 90 -65.21 -28.57 42.17
N GLU N 91 -65.95 -29.19 41.23
CA GLU N 91 -67.15 -30.02 41.50
C GLU N 91 -66.78 -31.45 41.97
N VAL N 92 -65.53 -31.87 41.75
CA VAL N 92 -65.09 -33.16 42.23
C VAL N 92 -64.36 -33.01 43.60
N LYS N 93 -63.76 -31.82 43.83
CA LYS N 93 -63.08 -31.50 45.09
C LYS N 93 -64.06 -31.37 46.30
N ALA N 94 -65.22 -30.75 46.06
CA ALA N 94 -66.26 -30.51 47.09
C ALA N 94 -67.23 -31.70 47.25
N LYS N 95 -66.87 -32.84 46.68
CA LYS N 95 -67.68 -34.04 46.81
C LYS N 95 -66.79 -35.17 47.33
N ARG N 96 -67.10 -35.70 48.51
CA ARG N 96 -66.31 -36.79 49.07
C ARG N 96 -66.51 -38.05 48.21
N GLY N 97 -65.87 -39.15 48.58
CA GLY N 97 -66.03 -40.37 47.80
C GLY N 97 -64.99 -40.50 46.70
N LYS N 98 -64.51 -41.71 46.47
CA LYS N 98 -63.49 -41.99 45.45
C LYS N 98 -63.66 -41.12 44.20
N ARG N 99 -62.67 -40.23 43.96
CA ARG N 99 -62.69 -39.35 42.79
C ARG N 99 -62.68 -40.18 41.45
N PRO N 100 -63.07 -39.53 40.32
CA PRO N 100 -63.11 -40.21 39.00
C PRO N 100 -61.74 -40.57 38.46
N THR N 101 -61.72 -41.72 37.79
CA THR N 101 -60.54 -42.29 37.18
C THR N 101 -59.70 -41.24 36.46
N ALA N 102 -60.34 -40.44 35.63
CA ALA N 102 -59.59 -39.44 34.92
C ALA N 102 -59.04 -38.35 35.85
N PHE N 103 -59.84 -37.93 36.83
CA PHE N 103 -59.41 -36.83 37.72
C PHE N 103 -58.07 -37.06 38.34
N GLN N 104 -57.73 -38.31 38.63
CA GLN N 104 -56.44 -38.59 39.26
C GLN N 104 -55.28 -38.07 38.40
N PHE N 105 -55.38 -38.23 37.07
CA PHE N 105 -54.30 -37.82 36.17
C PHE N 105 -54.41 -36.36 35.72
N LEU N 106 -55.55 -35.99 35.12
CA LEU N 106 -55.78 -34.63 34.59
C LEU N 106 -55.60 -33.55 35.62
N GLN N 107 -55.10 -33.93 36.79
CA GLN N 107 -54.89 -32.94 37.81
C GLN N 107 -53.40 -32.56 37.90
N GLU N 108 -52.56 -33.23 37.11
CA GLU N 108 -51.12 -32.91 37.11
C GLU N 108 -50.70 -32.09 35.89
N ILE N 109 -51.45 -32.22 34.80
CA ILE N 109 -51.17 -31.51 33.52
C ILE N 109 -51.69 -30.10 33.56
N LYS N 110 -50.89 -29.13 33.13
CA LYS N 110 -51.45 -27.81 33.10
C LYS N 110 -52.89 -27.93 32.48
N PRO N 111 -53.89 -27.19 33.00
CA PRO N 111 -55.28 -27.26 32.49
C PRO N 111 -55.41 -26.81 31.04
N GLU N 112 -54.89 -25.62 30.75
CA GLU N 112 -54.93 -25.08 29.41
C GLU N 112 -54.48 -26.10 28.44
N ALA N 113 -53.37 -26.69 28.80
CA ALA N 113 -52.79 -27.70 27.96
C ALA N 113 -53.77 -28.84 27.69
N VAL N 114 -54.52 -29.27 28.71
CA VAL N 114 -55.44 -30.37 28.52
C VAL N 114 -56.49 -29.98 27.54
N ALA N 115 -57.02 -28.78 27.72
CA ALA N 115 -58.01 -28.34 26.77
C ALA N 115 -57.46 -28.54 25.36
N TYR N 116 -56.51 -27.68 25.03
CA TYR N 116 -55.90 -27.67 23.72
C TYR N 116 -55.47 -29.03 23.25
N ILE N 117 -54.75 -29.78 24.05
CA ILE N 117 -54.33 -31.08 23.58
C ILE N 117 -55.51 -31.88 23.07
N THR N 118 -56.64 -31.75 23.75
CA THR N 118 -57.85 -32.49 23.39
C THR N 118 -58.45 -31.99 22.07
N ILE N 119 -58.65 -30.70 21.98
CA ILE N 119 -59.14 -30.08 20.78
C ILE N 119 -58.34 -30.54 19.59
N LYS N 120 -57.11 -30.10 19.59
CA LYS N 120 -56.16 -30.40 18.55
C LYS N 120 -56.19 -31.87 18.20
N THR N 121 -55.92 -32.75 19.18
CA THR N 121 -55.87 -34.19 18.90
C THR N 121 -57.19 -34.72 18.33
N THR N 122 -58.29 -34.02 18.63
CA THR N 122 -59.65 -34.33 18.14
C THR N 122 -59.67 -34.20 16.62
N LEU N 123 -59.60 -32.95 16.20
CA LEU N 123 -59.59 -32.62 14.82
C LEU N 123 -58.71 -33.55 14.03
N ALA N 124 -57.55 -33.88 14.59
CA ALA N 124 -56.56 -34.75 13.93
C ALA N 124 -57.11 -36.13 13.63
N CYS N 125 -57.98 -36.62 14.49
CA CYS N 125 -58.56 -37.91 14.24
C CYS N 125 -59.80 -37.76 13.41
N LEU N 126 -60.46 -36.64 13.65
CA LEU N 126 -61.62 -36.37 12.88
C LEU N 126 -61.27 -36.29 11.43
N THR N 127 -60.15 -35.68 11.09
CA THR N 127 -59.81 -35.59 9.69
C THR N 127 -59.03 -36.82 9.22
N SER N 128 -59.35 -37.96 9.83
CA SER N 128 -58.81 -39.28 9.49
C SER N 128 -59.57 -39.78 8.25
N ALA N 129 -59.20 -40.95 7.70
CA ALA N 129 -59.86 -41.51 6.47
C ALA N 129 -61.18 -42.24 6.77
N ASP N 130 -61.18 -43.12 7.77
CA ASP N 130 -62.38 -43.90 8.06
C ASP N 130 -62.75 -44.01 9.56
N ASN N 131 -61.86 -44.51 10.44
CA ASN N 131 -62.19 -44.63 11.90
C ASN N 131 -62.32 -43.27 12.62
N THR N 132 -63.42 -43.11 13.34
CA THR N 132 -63.70 -41.93 14.15
C THR N 132 -64.23 -42.37 15.49
N THR N 133 -64.05 -43.67 15.78
CA THR N 133 -64.54 -44.30 17.02
C THR N 133 -64.14 -43.51 18.26
N VAL N 134 -64.98 -43.57 19.30
CA VAL N 134 -64.72 -42.87 20.56
C VAL N 134 -63.67 -43.66 21.37
N GLN N 135 -63.51 -44.92 20.99
CA GLN N 135 -62.55 -45.84 21.62
C GLN N 135 -61.14 -45.42 21.28
N ALA N 136 -60.88 -45.35 19.98
CA ALA N 136 -59.56 -44.95 19.52
C ALA N 136 -59.30 -43.50 19.98
N VAL N 137 -60.21 -42.59 19.62
CA VAL N 137 -60.11 -41.17 19.98
C VAL N 137 -59.72 -40.98 21.44
N ALA N 138 -60.56 -41.45 22.36
CA ALA N 138 -60.23 -41.35 23.78
C ALA N 138 -58.79 -41.76 24.01
N SER N 139 -58.43 -42.92 23.45
CA SER N 139 -57.08 -43.48 23.55
C SER N 139 -56.02 -42.46 23.13
N ALA N 140 -56.18 -41.92 21.92
CA ALA N 140 -55.22 -40.95 21.43
C ALA N 140 -55.09 -39.76 22.42
N ILE N 141 -56.20 -39.12 22.79
CA ILE N 141 -56.09 -37.99 23.70
C ILE N 141 -55.30 -38.43 24.91
N GLY N 142 -55.58 -39.66 25.35
CA GLY N 142 -54.90 -40.22 26.51
C GLY N 142 -53.40 -40.25 26.39
N ARG N 143 -52.92 -41.18 25.56
CA ARG N 143 -51.48 -41.30 25.29
C ARG N 143 -50.82 -39.92 25.33
N ALA N 144 -51.36 -39.00 24.51
CA ALA N 144 -50.83 -37.65 24.40
C ALA N 144 -50.86 -36.98 25.75
N ILE N 145 -52.06 -36.67 26.24
CA ILE N 145 -52.18 -36.02 27.52
C ILE N 145 -51.09 -36.58 28.40
N GLU N 146 -51.00 -37.89 28.36
CA GLU N 146 -49.98 -38.57 29.12
C GLU N 146 -48.65 -37.99 28.73
N ASP N 147 -48.22 -38.30 27.53
CA ASP N 147 -46.95 -37.84 27.08
C ASP N 147 -46.64 -36.45 27.61
N GLU N 148 -47.54 -35.48 27.42
CA GLU N 148 -47.27 -34.11 27.88
C GLU N 148 -47.04 -34.01 29.39
N ALA N 149 -47.73 -34.81 30.18
CA ALA N 149 -47.51 -34.74 31.62
C ALA N 149 -46.13 -35.26 31.94
N ARG N 150 -45.79 -36.41 31.36
CA ARG N 150 -44.50 -37.04 31.61
C ARG N 150 -43.38 -36.18 31.17
N PHE N 151 -43.10 -36.20 29.91
CA PHE N 151 -41.99 -35.43 29.52
C PHE N 151 -42.17 -33.97 29.83
N GLY N 152 -43.33 -33.62 30.35
CA GLY N 152 -43.54 -32.22 30.70
C GLY N 152 -42.89 -31.92 32.04
N ARG N 153 -43.06 -32.87 32.95
CA ARG N 153 -42.50 -32.79 34.28
C ARG N 153 -41.10 -32.22 34.21
N ILE N 154 -40.45 -32.51 33.07
CA ILE N 154 -39.08 -32.11 32.74
C ILE N 154 -38.92 -30.61 32.56
N ARG N 155 -39.45 -30.11 31.47
CA ARG N 155 -39.37 -28.70 31.16
C ARG N 155 -39.68 -27.87 32.40
N ASP N 156 -40.53 -28.41 33.26
CA ASP N 156 -41.00 -27.69 34.46
C ASP N 156 -40.10 -27.79 35.68
N LEU N 157 -39.86 -28.98 36.20
CA LEU N 157 -39.02 -29.10 37.41
C LEU N 157 -37.60 -29.54 37.11
N GLU N 158 -37.36 -30.85 37.15
CA GLU N 158 -36.03 -31.40 36.93
C GLU N 158 -35.16 -30.47 36.08
N ALA N 159 -35.57 -30.21 34.85
CA ALA N 159 -34.79 -29.40 33.92
C ALA N 159 -35.06 -27.94 34.06
N LYS N 160 -35.57 -27.57 35.21
CA LYS N 160 -35.82 -26.18 35.48
C LYS N 160 -34.92 -25.34 34.55
N HIS N 161 -33.62 -25.63 34.63
CA HIS N 161 -32.59 -24.94 33.82
C HIS N 161 -31.99 -25.90 32.81
N PHE N 162 -31.75 -27.13 33.28
CA PHE N 162 -31.16 -28.15 32.45
C PHE N 162 -31.89 -28.25 31.09
N LYS N 163 -33.11 -27.73 31.03
CA LYS N 163 -33.86 -27.81 29.79
C LYS N 163 -33.06 -27.26 28.65
N LYS N 164 -32.13 -26.38 28.96
CA LYS N 164 -31.32 -25.72 27.97
C LYS N 164 -30.46 -26.63 27.14
N ASN N 165 -30.11 -27.79 27.65
CA ASN N 165 -29.31 -28.68 26.83
C ASN N 165 -30.21 -29.55 26.02
N VAL N 166 -31.51 -29.40 26.26
CA VAL N 166 -32.54 -30.17 25.59
C VAL N 166 -33.31 -29.36 24.55
N GLU N 167 -33.75 -28.16 24.91
CA GLU N 167 -34.47 -27.34 23.99
C GLU N 167 -33.95 -27.47 22.59
N GLU N 168 -32.89 -26.73 22.28
CA GLU N 168 -32.33 -26.74 20.93
C GLU N 168 -32.51 -28.10 20.24
N GLN N 169 -31.94 -29.15 20.83
CA GLN N 169 -31.99 -30.49 20.28
C GLN N 169 -33.39 -31.03 20.09
N LEU N 170 -34.32 -30.65 20.96
CA LEU N 170 -35.67 -31.13 20.78
C LEU N 170 -36.22 -30.55 19.52
N ASN N 171 -36.15 -29.23 19.47
CA ASN N 171 -36.62 -28.44 18.36
C ASN N 171 -36.01 -28.87 17.05
N LYS N 172 -34.75 -29.26 17.11
CA LYS N 172 -34.07 -29.72 15.91
C LYS N 172 -34.67 -31.05 15.43
N ARG N 173 -35.36 -31.75 16.33
CA ARG N 173 -36.00 -33.01 15.95
C ARG N 173 -37.36 -32.67 15.34
N VAL N 174 -37.67 -33.17 14.13
CA VAL N 174 -38.94 -32.92 13.41
C VAL N 174 -39.90 -34.11 13.30
N GLY N 175 -41.07 -34.02 13.94
CA GLY N 175 -42.04 -35.11 13.85
C GLY N 175 -42.31 -35.84 15.17
N HIS N 176 -43.55 -35.79 15.65
CA HIS N 176 -43.97 -36.41 16.90
C HIS N 176 -43.21 -37.72 17.28
N VAL N 177 -42.78 -38.58 16.32
CA VAL N 177 -42.06 -39.87 16.62
C VAL N 177 -40.67 -39.65 17.22
N TYR N 178 -39.88 -38.86 16.50
CA TYR N 178 -38.51 -38.53 16.87
C TYR N 178 -38.42 -37.66 18.11
N LYS N 179 -39.33 -36.68 18.24
CA LYS N 179 -39.33 -35.82 19.40
C LYS N 179 -39.82 -36.57 20.59
N LYS N 180 -40.23 -37.80 20.38
CA LYS N 180 -40.59 -38.58 21.53
C LYS N 180 -39.41 -39.45 21.87
N ALA N 181 -38.87 -40.11 20.86
CA ALA N 181 -37.73 -40.97 21.09
C ALA N 181 -36.63 -40.22 21.86
N PHE N 182 -36.40 -38.98 21.42
CA PHE N 182 -35.37 -38.10 21.99
C PHE N 182 -35.68 -37.78 23.45
N MET N 183 -36.95 -37.81 23.81
CA MET N 183 -37.33 -37.52 25.17
C MET N 183 -37.14 -38.72 26.09
N GLN N 184 -37.69 -39.89 25.74
CA GLN N 184 -37.57 -41.06 26.62
C GLN N 184 -36.09 -41.39 26.95
N VAL N 185 -35.17 -40.89 26.10
CA VAL N 185 -33.73 -41.10 26.31
C VAL N 185 -33.17 -40.06 27.33
N VAL N 186 -33.60 -38.80 27.22
CA VAL N 186 -33.17 -37.73 28.12
C VAL N 186 -33.66 -37.98 29.53
N GLU N 187 -34.75 -38.73 29.61
CA GLU N 187 -35.36 -39.14 30.88
C GLU N 187 -34.50 -40.26 31.44
N ALA N 188 -34.17 -41.19 30.55
CA ALA N 188 -33.30 -42.30 30.89
C ALA N 188 -32.04 -41.76 31.57
N ASP N 189 -31.46 -40.72 30.96
CA ASP N 189 -30.24 -40.11 31.50
C ASP N 189 -30.55 -39.13 32.62
N MET N 190 -31.55 -38.29 32.48
CA MET N 190 -31.80 -37.40 33.56
C MET N 190 -32.11 -38.15 34.87
N LEU N 191 -32.59 -39.37 34.82
CA LEU N 191 -32.84 -40.08 36.08
C LEU N 191 -31.55 -40.69 36.58
N SER N 192 -30.74 -41.06 35.61
CA SER N 192 -29.45 -41.65 35.87
C SER N 192 -28.67 -40.87 36.95
N LYS N 193 -28.53 -39.55 36.78
CA LYS N 193 -27.80 -38.68 37.71
C LYS N 193 -28.75 -37.70 38.44
N GLY N 194 -29.20 -36.68 37.69
CA GLY N 194 -30.08 -35.61 38.17
C GLY N 194 -31.33 -36.04 38.95
N LEU N 195 -32.27 -35.09 39.09
CA LEU N 195 -33.50 -35.32 39.83
C LEU N 195 -33.92 -36.71 39.69
N LEU N 196 -34.30 -37.26 40.82
CA LEU N 196 -34.66 -38.63 40.79
C LEU N 196 -36.14 -38.77 41.06
N GLY N 197 -36.63 -39.99 40.84
CA GLY N 197 -38.02 -40.31 41.01
C GLY N 197 -38.32 -41.61 40.31
N GLY N 198 -39.58 -41.82 39.95
CA GLY N 198 -39.97 -43.04 39.28
C GLY N 198 -40.36 -42.86 37.81
N GLU N 199 -41.53 -43.40 37.46
CA GLU N 199 -42.06 -43.36 36.11
C GLU N 199 -43.48 -43.92 36.14
N ALA N 200 -44.31 -43.33 37.01
CA ALA N 200 -45.69 -43.80 37.19
C ALA N 200 -46.51 -43.58 35.91
N TRP N 201 -45.93 -43.92 34.76
CA TRP N 201 -46.56 -43.82 33.44
C TRP N 201 -46.69 -45.22 32.89
N SER N 202 -45.87 -46.06 33.50
CA SER N 202 -45.92 -47.44 33.23
C SER N 202 -47.39 -47.82 33.51
N SER N 203 -47.85 -47.40 34.70
CA SER N 203 -49.22 -47.62 35.22
C SER N 203 -50.33 -47.05 34.28
N TRP N 204 -49.98 -46.10 33.40
CA TRP N 204 -50.96 -45.54 32.46
C TRP N 204 -51.37 -46.63 31.49
N HIS N 205 -51.95 -47.69 32.03
CA HIS N 205 -52.42 -48.80 31.26
C HIS N 205 -53.39 -48.30 30.21
N LYS N 206 -53.38 -48.86 29.00
CA LYS N 206 -54.30 -48.36 27.98
C LYS N 206 -55.73 -48.26 28.49
N GLU N 207 -56.01 -48.86 29.67
CA GLU N 207 -57.30 -48.77 30.31
C GLU N 207 -57.41 -47.37 30.85
N ASP N 208 -56.59 -47.03 31.82
CA ASP N 208 -56.62 -45.69 32.33
C ASP N 208 -56.51 -44.67 31.17
N SER N 209 -55.82 -45.02 30.08
CA SER N 209 -55.65 -44.09 28.94
C SER N 209 -57.01 -43.67 28.34
N ILE N 210 -57.82 -44.65 27.98
CA ILE N 210 -59.16 -44.42 27.43
C ILE N 210 -59.99 -43.49 28.32
N HIS N 211 -60.22 -43.90 29.55
CA HIS N 211 -61.02 -43.14 30.49
C HIS N 211 -60.72 -41.65 30.39
N VAL N 212 -59.47 -41.28 30.56
CA VAL N 212 -59.11 -39.88 30.46
C VAL N 212 -59.61 -39.29 29.15
N GLY N 213 -59.40 -40.06 28.09
CA GLY N 213 -59.76 -39.66 26.73
C GLY N 213 -61.22 -39.35 26.56
N VAL N 214 -62.04 -40.19 27.14
CA VAL N 214 -63.44 -39.95 27.03
C VAL N 214 -63.90 -38.83 27.98
N ARG N 215 -63.23 -38.62 29.12
CA ARG N 215 -63.59 -37.53 30.08
C ARG N 215 -63.21 -36.16 29.48
N CYS N 216 -62.38 -36.24 28.45
CA CYS N 216 -61.93 -35.09 27.65
C CYS N 216 -63.06 -34.73 26.67
N ILE N 217 -63.24 -35.69 25.75
CA ILE N 217 -64.25 -35.68 24.72
C ILE N 217 -65.55 -35.20 25.32
N GLU N 218 -65.83 -35.66 26.54
CA GLU N 218 -67.02 -35.24 27.25
C GLU N 218 -66.94 -33.76 27.64
N MET N 219 -65.89 -33.35 28.35
CA MET N 219 -65.79 -31.94 28.75
C MET N 219 -65.87 -31.01 27.57
N LEU N 220 -65.56 -31.54 26.40
CA LEU N 220 -65.62 -30.74 25.18
C LEU N 220 -67.08 -30.59 24.73
N ILE N 221 -67.65 -31.71 24.33
CA ILE N 221 -69.02 -31.78 23.91
C ILE N 221 -69.86 -30.92 24.85
N GLU N 222 -69.40 -30.78 26.10
CA GLU N 222 -70.15 -30.03 27.10
C GLU N 222 -69.69 -28.57 27.20
N SER N 223 -68.53 -28.24 26.66
CA SER N 223 -68.06 -26.86 26.70
C SER N 223 -68.46 -26.15 25.42
N THR N 224 -68.27 -26.91 24.33
CA THR N 224 -68.55 -26.48 22.96
C THR N 224 -69.06 -27.64 22.05
N GLY N 225 -69.94 -27.27 21.12
CA GLY N 225 -70.54 -28.25 20.25
C GLY N 225 -69.67 -28.70 19.10
N MET N 226 -68.39 -28.88 19.40
CA MET N 226 -67.48 -29.29 18.37
C MET N 226 -68.00 -30.54 17.65
N VAL N 227 -68.14 -31.62 18.41
CA VAL N 227 -68.57 -32.82 17.77
C VAL N 227 -69.88 -33.29 18.31
N SER N 228 -70.23 -34.52 17.94
CA SER N 228 -71.47 -35.15 18.37
C SER N 228 -71.26 -36.62 18.62
N LEU N 229 -72.03 -37.14 19.55
CA LEU N 229 -71.96 -38.53 19.84
C LEU N 229 -73.28 -39.15 19.45
N HIS N 230 -73.29 -39.70 18.25
CA HIS N 230 -74.47 -40.36 17.72
C HIS N 230 -74.19 -41.86 17.46
N ARG N 231 -75.05 -42.75 17.95
CA ARG N 231 -74.82 -44.19 17.79
C ARG N 231 -74.65 -44.57 16.31
N GLN N 232 -73.83 -45.60 16.06
CA GLN N 232 -73.66 -46.08 14.69
C GLN N 232 -74.19 -47.49 14.60
N ASN N 233 -75.16 -47.66 13.71
CA ASN N 233 -75.80 -48.94 13.48
C ASN N 233 -76.41 -49.51 14.78
N ALA N 234 -77.14 -48.67 15.53
CA ALA N 234 -77.78 -49.08 16.79
C ALA N 234 -78.77 -50.24 16.57
N GLY N 235 -78.34 -51.47 16.85
CA GLY N 235 -79.20 -52.63 16.65
C GLY N 235 -78.51 -53.81 15.99
N VAL N 236 -77.19 -53.72 15.90
CA VAL N 236 -76.43 -54.79 15.31
C VAL N 236 -75.30 -55.18 16.33
N VAL N 237 -74.96 -56.48 16.44
CA VAL N 237 -73.94 -57.04 17.38
C VAL N 237 -72.46 -56.74 16.99
N GLY N 238 -72.20 -56.44 15.71
CA GLY N 238 -70.84 -56.12 15.26
C GLY N 238 -70.78 -54.77 14.55
N GLN N 239 -71.90 -54.05 14.62
CA GLN N 239 -72.07 -52.74 13.97
C GLN N 239 -72.41 -51.60 14.97
N ASP N 240 -72.93 -51.95 16.15
CA ASP N 240 -73.31 -50.97 17.18
C ASP N 240 -72.05 -50.37 17.90
N SER N 241 -71.33 -49.47 17.22
CA SER N 241 -70.12 -48.84 17.79
C SER N 241 -70.30 -47.34 17.90
N GLU N 242 -70.21 -46.82 19.12
CA GLU N 242 -70.37 -45.38 19.28
C GLU N 242 -69.18 -44.65 18.63
N THR N 243 -69.46 -43.59 17.83
CA THR N 243 -68.40 -42.79 17.16
C THR N 243 -68.56 -41.25 17.32
N ILE N 244 -67.55 -40.51 16.83
CA ILE N 244 -67.55 -39.06 16.88
C ILE N 244 -67.62 -38.45 15.48
N GLU N 245 -68.26 -37.30 15.39
CA GLU N 245 -68.43 -36.57 14.14
C GLU N 245 -68.10 -35.11 14.31
N LEU N 246 -67.57 -34.48 13.26
CA LEU N 246 -67.22 -33.07 13.36
C LEU N 246 -68.41 -32.16 13.04
N ALA N 247 -68.51 -31.05 13.78
CA ALA N 247 -69.59 -30.03 13.69
C ALA N 247 -69.79 -29.48 12.26
N PRO N 248 -71.05 -29.49 11.79
CA PRO N 248 -71.26 -28.97 10.44
C PRO N 248 -70.84 -27.51 10.34
N GLU N 249 -71.36 -26.71 11.29
CA GLU N 249 -71.10 -25.26 11.36
C GLU N 249 -69.61 -24.98 11.40
N TYR N 250 -68.95 -25.67 12.33
CA TYR N 250 -67.52 -25.52 12.46
C TYR N 250 -66.83 -25.92 11.15
N ALA N 251 -66.96 -27.17 10.71
CA ALA N 251 -66.35 -27.63 9.44
C ALA N 251 -66.41 -26.52 8.39
N GLU N 252 -67.57 -25.88 8.30
CA GLU N 252 -67.72 -24.80 7.35
C GLU N 252 -66.83 -23.62 7.76
N ALA N 253 -67.05 -23.03 8.94
CA ALA N 253 -66.24 -21.88 9.39
C ALA N 253 -64.79 -22.11 8.99
N ILE N 254 -64.38 -23.38 9.03
CA ILE N 254 -63.06 -23.73 8.59
C ILE N 254 -62.99 -23.49 7.08
N ALA N 255 -63.56 -24.42 6.32
CA ALA N 255 -63.52 -24.31 4.87
C ALA N 255 -63.60 -22.87 4.43
N THR N 256 -64.49 -22.12 5.09
CA THR N 256 -64.69 -20.72 4.75
C THR N 256 -63.44 -19.90 5.08
N ARG N 257 -63.03 -19.89 6.33
CA ARG N 257 -61.87 -19.11 6.68
C ARG N 257 -60.68 -19.53 5.80
N ALA N 258 -60.58 -20.84 5.58
CA ALA N 258 -59.55 -21.47 4.72
C ALA N 258 -59.71 -20.98 3.26
N GLY N 259 -60.95 -20.92 2.80
CA GLY N 259 -61.12 -20.40 1.46
C GLY N 259 -60.42 -19.04 1.42
N ALA N 260 -61.08 -18.03 1.99
CA ALA N 260 -60.61 -16.63 2.08
C ALA N 260 -59.14 -16.53 1.89
N LEU N 261 -58.48 -17.23 2.79
CA LEU N 261 -57.05 -17.34 2.83
C LEU N 261 -56.49 -17.53 1.47
N ALA N 262 -56.80 -18.71 0.96
CA ALA N 262 -56.35 -19.20 -0.32
C ALA N 262 -56.35 -18.16 -1.38
N GLY N 263 -56.86 -16.97 -1.09
CA GLY N 263 -56.88 -15.95 -2.10
C GLY N 263 -55.91 -14.82 -1.90
N ILE N 264 -55.25 -14.74 -0.72
CA ILE N 264 -54.33 -13.63 -0.40
C ILE N 264 -52.85 -13.96 -0.45
N SER N 265 -52.54 -15.19 -0.88
CA SER N 265 -51.21 -15.81 -1.03
C SER N 265 -50.83 -15.81 -2.50
N PRO N 266 -51.07 -14.74 -3.16
CA PRO N 266 -50.75 -14.75 -4.59
C PRO N 266 -49.26 -14.92 -4.96
N MET N 267 -48.93 -15.87 -5.84
CA MET N 267 -47.53 -16.00 -6.26
C MET N 267 -47.18 -14.89 -7.22
N PHE N 268 -46.47 -13.85 -6.81
CA PHE N 268 -46.21 -12.76 -7.78
C PHE N 268 -45.23 -13.12 -8.85
N GLN N 269 -45.52 -12.66 -10.04
CA GLN N 269 -44.69 -12.87 -11.19
C GLN N 269 -44.38 -11.54 -11.74
N PRO N 270 -43.33 -11.43 -12.55
CA PRO N 270 -43.02 -10.11 -13.08
C PRO N 270 -44.17 -9.52 -13.93
N CYS N 271 -43.86 -8.42 -14.58
CA CYS N 271 -44.87 -7.86 -15.45
C CYS N 271 -44.32 -7.76 -16.85
N VAL N 272 -45.24 -7.48 -17.77
CA VAL N 272 -44.90 -7.47 -19.18
C VAL N 272 -44.99 -6.10 -19.75
N VAL N 273 -45.12 -5.17 -18.85
CA VAL N 273 -45.25 -3.79 -19.17
C VAL N 273 -44.81 -3.01 -17.99
N PRO N 274 -43.98 -2.00 -18.13
CA PRO N 274 -43.61 -1.28 -16.91
C PRO N 274 -44.76 -1.35 -15.83
N PRO N 275 -44.47 -1.16 -14.51
CA PRO N 275 -45.61 -1.26 -13.61
C PRO N 275 -46.30 0.06 -13.44
N LYS N 276 -47.23 0.08 -12.48
CA LYS N 276 -48.01 1.29 -12.17
C LYS N 276 -47.31 2.11 -11.11
N PRO N 277 -46.56 3.14 -11.50
CA PRO N 277 -45.83 4.01 -10.59
C PRO N 277 -46.50 4.16 -9.29
N TRP N 278 -45.65 4.24 -8.26
CA TRP N 278 -46.07 4.35 -6.89
C TRP N 278 -46.41 5.79 -6.59
N THR N 279 -47.61 5.98 -6.04
CA THR N 279 -48.00 7.34 -5.77
C THR N 279 -48.56 7.50 -4.36
N GLY N 280 -48.32 6.49 -3.54
CA GLY N 280 -48.82 6.56 -2.21
C GLY N 280 -48.52 5.30 -1.50
N ILE N 281 -49.22 5.14 -0.42
CA ILE N 281 -49.10 4.00 0.41
C ILE N 281 -49.33 2.76 -0.32
N THR N 282 -50.50 2.62 -0.95
CA THR N 282 -50.82 1.35 -1.68
C THR N 282 -51.26 1.48 -3.15
N GLY N 283 -51.68 0.29 -3.64
CA GLY N 283 -52.17 0.05 -4.98
C GLY N 283 -51.10 0.03 -6.05
N GLY N 284 -49.87 0.29 -5.61
CA GLY N 284 -48.72 0.35 -6.52
C GLY N 284 -48.15 -0.97 -7.04
N GLY N 285 -47.20 -0.82 -7.99
CA GLY N 285 -46.55 -1.91 -8.68
C GLY N 285 -47.47 -2.50 -9.72
N TYR N 286 -48.06 -3.64 -9.35
CA TYR N 286 -49.05 -4.34 -10.15
C TYR N 286 -50.27 -3.36 -10.40
N TRP N 287 -50.98 -3.46 -11.54
CA TRP N 287 -52.09 -2.54 -11.79
C TRP N 287 -53.40 -3.10 -11.35
N ALA N 288 -53.67 -4.39 -11.56
CA ALA N 288 -55.00 -4.92 -11.16
C ALA N 288 -55.30 -4.58 -9.72
N ASN N 289 -56.53 -4.77 -9.31
CA ASN N 289 -56.78 -4.50 -7.93
C ASN N 289 -57.32 -5.72 -7.31
N GLY N 290 -56.35 -6.46 -6.80
CA GLY N 290 -56.63 -7.75 -6.20
C GLY N 290 -57.05 -7.64 -4.76
N ARG N 291 -57.54 -8.75 -4.26
CA ARG N 291 -57.96 -8.78 -2.88
C ARG N 291 -56.73 -8.72 -1.96
N ARG N 292 -55.54 -8.40 -2.49
CA ARG N 292 -54.34 -8.37 -1.65
C ARG N 292 -53.34 -7.42 -2.19
N PRO N 293 -53.77 -6.24 -2.45
CA PRO N 293 -52.98 -5.14 -2.99
C PRO N 293 -51.53 -5.14 -2.46
N LEU N 294 -50.70 -4.26 -3.01
CA LEU N 294 -49.31 -4.07 -2.56
C LEU N 294 -49.21 -2.93 -1.59
N ALA N 295 -48.25 -3.03 -0.70
CA ALA N 295 -48.01 -1.95 0.24
C ALA N 295 -46.81 -1.23 -0.25
N LEU N 296 -46.64 0.04 0.05
CA LEU N 296 -45.43 0.70 -0.46
C LEU N 296 -44.26 0.46 0.44
N VAL N 297 -44.61 0.17 1.70
CA VAL N 297 -43.67 -0.11 2.78
C VAL N 297 -44.11 -1.32 3.54
N ARG N 298 -43.33 -2.40 3.49
CA ARG N 298 -43.66 -3.69 4.10
C ARG N 298 -43.86 -3.70 5.62
N THR N 299 -44.68 -2.85 6.17
CA THR N 299 -44.85 -2.83 7.61
C THR N 299 -45.56 -4.04 8.18
N HIS N 300 -45.31 -4.22 9.48
CA HIS N 300 -45.86 -5.30 10.31
C HIS N 300 -47.27 -4.98 10.79
N SER N 301 -47.67 -3.72 10.87
CA SER N 301 -49.00 -3.49 11.39
C SER N 301 -49.77 -2.43 10.63
N LYS N 302 -51.05 -2.74 10.36
CA LYS N 302 -51.93 -1.85 9.63
C LYS N 302 -51.60 -0.43 9.99
N LYS N 303 -51.92 -0.12 11.26
CA LYS N 303 -51.68 1.20 11.76
C LYS N 303 -50.22 1.61 11.49
N ALA N 304 -49.34 0.65 11.37
CA ALA N 304 -47.99 1.04 11.12
C ALA N 304 -47.86 1.70 9.77
N LEU N 305 -48.44 1.05 8.77
CA LEU N 305 -48.35 1.52 7.40
C LEU N 305 -48.81 2.95 7.30
N MET N 306 -50.07 3.13 7.66
CA MET N 306 -50.72 4.42 7.57
C MET N 306 -49.77 5.53 7.84
N ARG N 307 -48.89 5.31 8.80
CA ARG N 307 -47.91 6.32 9.21
C ARG N 307 -47.27 7.05 8.06
N TYR N 308 -47.33 6.47 6.87
CA TYR N 308 -46.73 7.09 5.70
C TYR N 308 -47.77 7.74 4.77
N GLU N 309 -49.02 7.26 4.93
CA GLU N 309 -50.14 7.69 4.10
C GLU N 309 -50.05 9.11 3.76
N ASP N 310 -49.73 9.95 4.69
CA ASP N 310 -49.70 11.29 4.22
C ASP N 310 -48.31 11.92 4.46
N VAL N 311 -47.25 11.17 4.17
CA VAL N 311 -45.91 11.69 4.37
C VAL N 311 -45.34 12.24 3.07
N TYR N 312 -44.75 13.42 3.08
CA TYR N 312 -44.19 13.95 1.82
C TYR N 312 -42.81 13.37 1.56
N MET N 313 -42.68 12.44 0.64
CA MET N 313 -41.33 11.87 0.49
C MET N 313 -40.87 11.76 -0.93
N PRO N 314 -40.69 12.87 -1.55
CA PRO N 314 -40.27 12.90 -2.92
C PRO N 314 -39.18 11.93 -3.28
N GLU N 315 -37.96 12.38 -3.04
CA GLU N 315 -36.82 11.62 -3.46
C GLU N 315 -36.96 10.14 -3.30
N VAL N 316 -37.95 9.72 -2.53
CA VAL N 316 -38.14 8.30 -2.40
C VAL N 316 -39.05 7.78 -3.49
N TYR N 317 -40.24 8.37 -3.61
CA TYR N 317 -41.15 7.91 -4.66
C TYR N 317 -40.41 7.87 -5.98
N LYS N 318 -39.47 8.80 -6.16
CA LYS N 318 -38.69 8.76 -7.38
C LYS N 318 -37.84 7.50 -7.38
N ALA N 319 -36.85 7.45 -6.51
CA ALA N 319 -36.01 6.27 -6.51
C ALA N 319 -36.82 4.98 -6.76
N ILE N 320 -37.93 4.74 -6.07
CA ILE N 320 -38.63 3.49 -6.36
C ILE N 320 -39.19 3.39 -7.78
N ASN N 321 -40.07 4.31 -8.20
CA ASN N 321 -40.62 4.21 -9.58
C ASN N 321 -39.50 4.11 -10.64
N ILE N 322 -38.47 4.99 -10.59
CA ILE N 322 -37.34 4.90 -11.56
C ILE N 322 -36.82 3.48 -11.61
N ALA N 323 -36.22 3.06 -10.51
CA ALA N 323 -35.76 1.72 -10.47
C ALA N 323 -36.85 0.82 -11.02
N GLN N 324 -38.04 0.99 -10.48
CA GLN N 324 -39.13 0.15 -10.88
C GLN N 324 -39.34 0.10 -12.39
N ASN N 325 -38.80 1.07 -13.12
CA ASN N 325 -38.94 1.17 -14.58
C ASN N 325 -37.87 0.43 -15.31
N THR N 326 -36.90 -0.17 -14.60
CA THR N 326 -35.83 -0.85 -15.32
C THR N 326 -36.41 -2.00 -16.16
N ALA N 327 -35.93 -2.07 -17.39
CA ALA N 327 -36.27 -3.02 -18.44
C ALA N 327 -35.48 -4.32 -18.36
N TRP N 328 -36.14 -5.47 -18.20
CA TRP N 328 -35.40 -6.74 -18.07
C TRP N 328 -35.87 -7.78 -19.04
N LYS N 329 -35.00 -8.72 -19.47
CA LYS N 329 -35.36 -9.80 -20.44
C LYS N 329 -34.71 -11.09 -20.18
N ILE N 330 -35.38 -12.16 -19.88
CA ILE N 330 -34.61 -13.39 -19.66
C ILE N 330 -33.51 -13.62 -20.68
N ASN N 331 -32.25 -13.86 -20.23
CA ASN N 331 -30.98 -14.18 -21.05
C ASN N 331 -31.22 -15.45 -21.81
N LYS N 332 -31.32 -15.31 -23.11
CA LYS N 332 -31.66 -16.48 -23.84
C LYS N 332 -30.61 -17.59 -23.80
N LYS N 333 -29.37 -17.31 -24.26
CA LYS N 333 -28.25 -18.29 -24.31
C LYS N 333 -27.95 -19.02 -22.93
N VAL N 334 -27.94 -18.26 -21.86
CA VAL N 334 -27.76 -18.96 -20.61
C VAL N 334 -28.93 -19.91 -20.33
N LEU N 335 -30.17 -19.43 -20.53
CA LEU N 335 -31.27 -20.30 -20.26
C LEU N 335 -31.07 -21.61 -20.93
N ALA N 336 -30.61 -21.61 -22.19
CA ALA N 336 -30.37 -22.92 -22.84
C ALA N 336 -29.49 -23.82 -21.99
N VAL N 337 -28.39 -23.23 -21.61
CA VAL N 337 -27.46 -23.94 -20.78
C VAL N 337 -28.14 -24.49 -19.56
N ALA N 338 -28.69 -23.60 -18.74
CA ALA N 338 -29.32 -24.06 -17.51
C ALA N 338 -30.33 -25.14 -17.70
N ASN N 339 -31.17 -24.97 -18.75
CA ASN N 339 -32.27 -25.89 -19.15
C ASN N 339 -31.81 -27.30 -19.31
N VAL N 340 -30.51 -27.43 -19.63
CA VAL N 340 -29.81 -28.70 -19.79
C VAL N 340 -29.07 -29.15 -18.55
N ILE N 341 -28.26 -28.31 -17.97
CA ILE N 341 -27.56 -28.96 -16.92
C ILE N 341 -28.50 -29.34 -15.86
N THR N 342 -29.30 -28.40 -15.41
CA THR N 342 -30.23 -28.68 -14.34
C THR N 342 -30.97 -29.98 -14.54
N LYS N 343 -31.02 -30.48 -15.75
CA LYS N 343 -31.75 -31.73 -15.87
C LYS N 343 -30.85 -32.97 -15.77
N TRP N 344 -29.54 -32.75 -15.64
CA TRP N 344 -28.63 -33.88 -15.55
C TRP N 344 -27.95 -33.96 -14.16
N LYS N 345 -27.94 -32.82 -13.48
CA LYS N 345 -27.35 -32.75 -12.17
C LYS N 345 -28.31 -32.07 -11.20
N HIS N 346 -28.67 -32.72 -10.09
CA HIS N 346 -29.52 -32.00 -9.17
C HIS N 346 -29.12 -30.53 -9.09
N CYS N 347 -27.84 -30.26 -8.77
CA CYS N 347 -27.32 -28.90 -8.70
C CYS N 347 -26.13 -28.70 -9.64
N PRO N 348 -26.36 -28.04 -10.76
CA PRO N 348 -25.56 -27.65 -11.91
C PRO N 348 -24.15 -27.38 -11.62
N VAL N 349 -23.85 -27.00 -10.40
CA VAL N 349 -22.46 -26.75 -10.29
C VAL N 349 -21.89 -27.36 -9.06
N GLU N 350 -22.52 -28.44 -8.64
CA GLU N 350 -22.09 -29.12 -7.43
C GLU N 350 -21.03 -30.17 -7.62
N ASP N 351 -21.16 -31.21 -8.41
CA ASP N 351 -19.98 -32.04 -8.35
C ASP N 351 -19.33 -32.22 -9.64
N ILE N 352 -18.38 -31.39 -9.97
CA ILE N 352 -17.83 -31.63 -11.27
C ILE N 352 -16.37 -32.06 -11.22
N PRO N 353 -16.09 -33.33 -11.57
CA PRO N 353 -14.78 -33.98 -11.61
C PRO N 353 -13.64 -33.04 -11.94
N ALA N 354 -12.62 -33.01 -11.08
CA ALA N 354 -11.50 -32.09 -11.23
C ALA N 354 -10.26 -32.51 -10.41
N ILE N 355 -9.05 -32.33 -10.98
CA ILE N 355 -7.77 -32.67 -10.33
C ILE N 355 -7.18 -31.46 -9.54
N GLU N 372 -13.28 -37.71 22.80
CA GLU N 372 -14.59 -37.55 22.19
C GLU N 372 -14.74 -38.51 21.02
N ALA N 373 -15.72 -39.41 21.15
CA ALA N 373 -16.04 -40.39 20.14
C ALA N 373 -17.42 -40.11 19.55
N LEU N 374 -18.45 -40.40 20.34
CA LEU N 374 -19.86 -40.23 19.93
C LEU N 374 -20.18 -38.82 19.43
N THR N 375 -19.43 -37.81 19.89
CA THR N 375 -19.70 -36.46 19.44
C THR N 375 -18.70 -36.02 18.39
N ALA N 376 -18.21 -36.98 17.60
CA ALA N 376 -17.22 -36.70 16.55
C ALA N 376 -17.54 -37.44 15.28
N TRP N 377 -18.22 -38.55 15.51
CA TRP N 377 -18.64 -39.40 14.42
C TRP N 377 -20.04 -39.00 13.97
N LYS N 378 -20.93 -38.97 14.96
CA LYS N 378 -22.32 -38.57 14.74
C LYS N 378 -22.38 -37.11 14.30
N ARG N 379 -21.40 -36.36 14.76
CA ARG N 379 -21.26 -34.96 14.41
C ARG N 379 -21.23 -34.84 12.88
N ALA N 380 -20.48 -35.70 12.20
CA ALA N 380 -20.40 -35.59 10.77
C ALA N 380 -21.59 -36.28 10.13
N ALA N 381 -22.27 -37.10 10.91
CA ALA N 381 -23.44 -37.74 10.35
C ALA N 381 -24.52 -36.73 10.15
N ALA N 382 -24.99 -36.12 11.24
CA ALA N 382 -26.05 -35.13 11.14
C ALA N 382 -25.62 -33.97 10.27
N ALA N 383 -24.48 -34.07 9.63
CA ALA N 383 -24.10 -32.98 8.74
C ALA N 383 -24.36 -33.42 7.37
N VAL N 384 -24.23 -34.71 7.17
CA VAL N 384 -24.52 -35.22 5.88
C VAL N 384 -25.99 -35.29 5.71
N TYR N 385 -26.71 -35.51 6.79
CA TYR N 385 -28.14 -35.51 6.72
C TYR N 385 -28.59 -34.10 6.38
N ARG N 386 -28.30 -33.07 7.19
CA ARG N 386 -28.76 -31.73 6.81
C ARG N 386 -28.29 -31.38 5.42
N LYS N 387 -27.08 -31.81 5.04
CA LYS N 387 -26.60 -31.49 3.71
C LYS N 387 -27.64 -31.91 2.70
N ASP N 388 -28.01 -33.18 2.73
CA ASP N 388 -28.98 -33.60 1.76
C ASP N 388 -30.30 -32.85 1.94
N LYS N 389 -30.76 -32.71 3.15
CA LYS N 389 -31.98 -31.98 3.34
C LYS N 389 -31.98 -30.73 2.49
N ALA N 390 -30.83 -30.06 2.49
CA ALA N 390 -30.58 -28.79 1.75
C ALA N 390 -30.62 -28.95 0.25
N ARG N 391 -29.62 -29.69 -0.27
CA ARG N 391 -29.54 -30.01 -1.69
C ARG N 391 -30.92 -30.46 -2.14
N LYS N 392 -31.88 -30.49 -1.21
CA LYS N 392 -33.24 -30.80 -1.54
C LYS N 392 -34.03 -29.55 -1.47
N SER N 393 -33.70 -28.68 -0.55
CA SER N 393 -34.46 -27.48 -0.58
C SER N 393 -33.90 -26.54 -1.65
N ARG N 394 -32.63 -26.63 -2.02
CA ARG N 394 -32.16 -25.73 -3.07
C ARG N 394 -32.80 -26.09 -4.42
N ARG N 395 -33.01 -27.37 -4.67
CA ARG N 395 -33.64 -27.75 -5.92
C ARG N 395 -34.91 -26.98 -6.07
N ILE N 396 -35.93 -27.43 -5.32
CA ILE N 396 -37.25 -26.82 -5.37
C ILE N 396 -37.24 -25.36 -5.76
N SER N 397 -36.44 -24.55 -5.07
CA SER N 397 -36.43 -23.19 -5.55
C SER N 397 -35.92 -23.18 -7.05
N LEU N 398 -34.83 -23.86 -7.37
CA LEU N 398 -34.28 -23.82 -8.71
C LEU N 398 -35.32 -24.15 -9.79
N GLU N 399 -35.98 -25.29 -9.67
CA GLU N 399 -36.99 -25.70 -10.68
C GLU N 399 -37.94 -24.57 -11.02
N PHE N 400 -38.35 -23.89 -9.95
CA PHE N 400 -39.28 -22.78 -10.05
C PHE N 400 -38.66 -21.62 -10.71
N MET N 401 -37.61 -21.10 -10.17
CA MET N 401 -37.03 -20.02 -10.86
C MET N 401 -36.75 -20.47 -12.24
N LEU N 402 -36.37 -21.73 -12.44
CA LEU N 402 -36.10 -22.19 -13.79
C LEU N 402 -37.29 -21.98 -14.70
N GLU N 403 -38.38 -22.67 -14.34
CA GLU N 403 -39.64 -22.54 -15.03
C GLU N 403 -39.91 -21.06 -15.35
N GLN N 404 -40.20 -20.30 -14.32
CA GLN N 404 -40.48 -18.93 -14.56
C GLN N 404 -39.64 -18.26 -15.63
N ALA N 405 -38.40 -18.66 -15.79
CA ALA N 405 -37.54 -18.01 -16.78
C ALA N 405 -37.93 -18.42 -18.16
N ASN N 406 -38.12 -19.75 -18.22
CA ASN N 406 -38.60 -20.39 -19.45
C ASN N 406 -39.96 -19.73 -19.77
N LYS N 407 -40.80 -19.48 -18.76
CA LYS N 407 -42.02 -18.82 -19.13
C LYS N 407 -41.77 -17.43 -19.79
N PHE N 408 -40.92 -16.56 -19.25
CA PHE N 408 -40.78 -15.25 -19.93
C PHE N 408 -39.62 -15.21 -20.80
N ALA N 409 -39.09 -16.39 -20.98
CA ALA N 409 -37.99 -16.53 -21.81
C ALA N 409 -38.11 -15.80 -23.20
N ASN N 410 -39.28 -15.45 -23.76
CA ASN N 410 -39.28 -14.80 -25.13
C ASN N 410 -39.81 -13.42 -25.18
N HIS N 411 -40.47 -12.92 -24.13
CA HIS N 411 -41.04 -11.56 -24.15
C HIS N 411 -40.01 -10.50 -24.33
N LYS N 412 -40.27 -9.68 -25.33
CA LYS N 412 -39.38 -8.57 -25.66
C LYS N 412 -38.75 -7.96 -24.39
N ALA N 413 -39.51 -8.09 -23.29
CA ALA N 413 -39.04 -7.60 -22.01
C ALA N 413 -40.09 -7.75 -20.87
N ILE N 414 -39.52 -7.89 -19.69
CA ILE N 414 -40.30 -7.91 -18.50
C ILE N 414 -39.77 -6.85 -17.50
N TRP N 415 -40.65 -6.48 -16.55
CA TRP N 415 -40.40 -5.49 -15.50
C TRP N 415 -40.85 -6.02 -14.20
N PHE N 416 -40.10 -5.66 -13.12
CA PHE N 416 -40.48 -6.07 -11.77
C PHE N 416 -40.76 -4.94 -10.89
N PRO N 417 -41.81 -5.09 -10.03
CA PRO N 417 -42.19 -4.02 -9.09
C PRO N 417 -41.33 -3.96 -7.81
N TYR N 418 -41.05 -2.77 -7.32
CA TYR N 418 -40.27 -2.78 -6.09
C TYR N 418 -40.97 -2.17 -4.86
N ASN N 419 -40.47 -2.68 -3.74
CA ASN N 419 -40.89 -2.35 -2.42
C ASN N 419 -39.83 -1.73 -1.54
N MET N 420 -40.10 -1.82 -0.26
CA MET N 420 -39.26 -1.30 0.79
C MET N 420 -39.69 -1.92 2.14
N ASP N 421 -38.66 -2.30 2.87
CA ASP N 421 -38.87 -2.88 4.15
C ASP N 421 -38.98 -1.73 5.08
N TRP N 422 -39.57 -2.03 6.23
CA TRP N 422 -39.73 -0.97 7.20
C TRP N 422 -38.48 -0.05 7.28
N ARG N 423 -37.29 -0.61 7.34
CA ARG N 423 -36.05 0.15 7.38
C ARG N 423 -35.89 1.04 6.17
N GLY N 424 -36.38 0.56 5.02
CA GLY N 424 -36.29 1.41 3.84
C GLY N 424 -35.72 0.81 2.61
N ARG N 425 -35.24 -0.40 2.72
CA ARG N 425 -34.58 -0.98 1.56
C ARG N 425 -35.56 -1.47 0.44
N VAL N 426 -35.14 -1.26 -0.81
CA VAL N 426 -35.86 -1.68 -2.02
C VAL N 426 -35.71 -3.14 -2.25
N TYR N 427 -36.87 -3.78 -2.33
CA TYR N 427 -37.00 -5.23 -2.54
C TYR N 427 -37.74 -5.53 -3.89
N ALA N 428 -37.53 -6.68 -4.51
CA ALA N 428 -38.33 -6.89 -5.75
C ALA N 428 -39.58 -7.77 -5.45
N VAL N 429 -40.78 -7.46 -5.92
CA VAL N 429 -41.87 -8.36 -5.50
C VAL N 429 -41.92 -9.81 -6.19
N SER N 430 -41.71 -9.87 -7.47
CA SER N 430 -41.84 -11.14 -8.16
C SER N 430 -41.13 -12.27 -7.60
N MET N 431 -41.69 -13.16 -6.81
CA MET N 431 -40.84 -14.30 -6.42
C MET N 431 -39.59 -14.34 -7.31
N PHE N 432 -39.74 -14.72 -8.58
CA PHE N 432 -38.63 -14.76 -9.53
C PHE N 432 -38.07 -13.31 -9.82
N ASN N 433 -36.89 -12.90 -9.33
CA ASN N 433 -36.46 -11.51 -9.66
C ASN N 433 -35.02 -11.47 -9.80
N PRO N 434 -34.38 -10.33 -9.93
CA PRO N 434 -32.93 -10.08 -10.12
C PRO N 434 -32.06 -10.06 -8.88
N GLN N 435 -32.65 -10.08 -7.71
CA GLN N 435 -31.99 -10.13 -6.43
C GLN N 435 -31.98 -11.52 -6.00
N GLY N 436 -31.53 -12.46 -6.84
CA GLY N 436 -31.66 -13.89 -6.41
C GLY N 436 -30.37 -14.69 -6.50
N ASN N 437 -30.41 -16.03 -6.35
CA ASN N 437 -29.12 -16.69 -6.35
C ASN N 437 -28.50 -16.67 -7.70
N ASP N 438 -27.35 -17.35 -7.82
CA ASP N 438 -26.57 -17.12 -9.03
C ASP N 438 -27.33 -17.38 -10.26
N MET N 439 -27.77 -18.61 -10.45
CA MET N 439 -28.48 -18.85 -11.66
C MET N 439 -29.66 -17.83 -11.80
N THR N 440 -30.50 -17.72 -10.77
CA THR N 440 -31.55 -16.78 -10.99
C THR N 440 -31.04 -15.48 -11.50
N LYS N 441 -29.87 -14.95 -11.14
CA LYS N 441 -29.47 -13.68 -11.85
C LYS N 441 -28.73 -14.00 -13.18
N GLY N 442 -28.44 -15.28 -13.34
CA GLY N 442 -27.87 -15.68 -14.61
C GLY N 442 -28.87 -15.43 -15.71
N LEU N 443 -29.99 -16.16 -15.56
CA LEU N 443 -31.15 -15.99 -16.41
C LEU N 443 -31.56 -14.49 -16.57
N LEU N 444 -31.85 -13.67 -15.57
CA LEU N 444 -32.28 -12.28 -15.98
C LEU N 444 -31.25 -11.46 -16.74
N THR N 445 -31.68 -10.37 -17.35
CA THR N 445 -30.75 -9.47 -18.01
C THR N 445 -31.47 -8.31 -18.70
N LEU N 446 -30.85 -7.14 -18.52
CA LEU N 446 -31.39 -5.87 -19.00
C LEU N 446 -31.90 -6.06 -20.38
N ALA N 447 -33.00 -5.35 -20.61
CA ALA N 447 -33.73 -5.41 -21.82
C ALA N 447 -33.29 -4.33 -22.81
N LYS N 448 -32.93 -3.12 -22.39
CA LYS N 448 -32.52 -2.24 -23.47
C LYS N 448 -31.02 -1.93 -23.46
N GLY N 449 -30.31 -2.43 -24.45
CA GLY N 449 -28.88 -2.23 -24.49
C GLY N 449 -28.34 -0.88 -24.94
N LYS N 450 -27.05 -0.90 -25.27
CA LYS N 450 -26.28 0.24 -25.75
C LYS N 450 -25.00 -0.16 -26.48
N PRO N 451 -24.56 0.65 -27.38
CA PRO N 451 -23.34 0.19 -27.99
C PRO N 451 -22.22 0.23 -26.93
N ILE N 452 -21.78 -0.93 -26.45
CA ILE N 452 -20.73 -1.02 -25.45
C ILE N 452 -19.72 0.13 -25.51
N GLY N 453 -18.59 -0.07 -26.16
CA GLY N 453 -17.63 1.00 -26.21
C GLY N 453 -16.42 0.63 -25.43
N LYS N 454 -15.28 1.27 -25.76
CA LYS N 454 -13.98 1.02 -25.13
C LYS N 454 -14.03 1.06 -23.60
N GLU N 455 -14.71 2.07 -23.08
CA GLU N 455 -14.88 2.20 -21.65
C GLU N 455 -15.81 1.07 -21.14
N GLY N 456 -16.99 0.99 -21.71
CA GLY N 456 -17.93 -0.03 -21.32
C GLY N 456 -17.40 -1.43 -21.49
N TYR N 457 -16.40 -1.64 -22.34
CA TYR N 457 -15.87 -2.99 -22.51
C TYR N 457 -15.00 -3.35 -21.30
N TYR N 458 -14.17 -2.35 -21.03
CA TYR N 458 -13.26 -2.35 -19.93
C TYR N 458 -14.01 -2.78 -18.71
N TRP N 459 -15.14 -2.16 -18.50
CA TRP N 459 -15.95 -2.56 -17.42
C TRP N 459 -16.56 -3.95 -17.66
N LEU N 460 -17.17 -4.23 -18.81
CA LEU N 460 -17.67 -5.60 -19.00
C LEU N 460 -16.57 -6.61 -18.58
N LYS N 461 -15.31 -6.34 -18.97
CA LYS N 461 -14.20 -7.21 -18.53
C LYS N 461 -14.11 -7.22 -16.95
N ILE N 462 -14.22 -6.04 -16.36
CA ILE N 462 -14.10 -5.96 -14.95
C ILE N 462 -15.15 -6.69 -14.28
N HIS N 463 -16.32 -6.86 -14.87
CA HIS N 463 -17.42 -7.60 -14.22
C HIS N 463 -17.21 -9.03 -14.33
N GLY N 464 -16.52 -9.35 -15.42
CA GLY N 464 -16.11 -10.72 -15.72
C GLY N 464 -15.16 -11.24 -14.67
N ALA N 465 -14.20 -10.42 -14.26
CA ALA N 465 -13.35 -10.89 -13.20
C ALA N 465 -14.18 -11.17 -11.90
N ASN N 466 -15.08 -10.26 -11.55
CA ASN N 466 -15.86 -10.38 -10.32
C ASN N 466 -16.71 -11.61 -10.13
N CYS N 467 -16.89 -12.37 -11.19
CA CYS N 467 -17.70 -13.57 -11.08
C CYS N 467 -16.77 -14.72 -10.93
N ALA N 468 -15.61 -14.44 -11.52
CA ALA N 468 -14.53 -15.36 -11.52
C ALA N 468 -14.12 -15.53 -10.13
N GLY N 469 -13.80 -14.36 -9.55
CA GLY N 469 -13.34 -14.29 -8.18
C GLY N 469 -12.13 -13.36 -8.02
N VAL N 470 -11.63 -12.88 -9.12
CA VAL N 470 -10.56 -11.96 -9.03
C VAL N 470 -11.05 -10.70 -8.37
N ASP N 471 -11.85 -10.79 -7.33
CA ASP N 471 -12.39 -9.51 -6.80
C ASP N 471 -11.68 -8.95 -5.62
N LYS N 472 -10.39 -9.25 -5.50
CA LYS N 472 -9.62 -8.81 -4.38
C LYS N 472 -8.30 -8.23 -4.84
N VAL N 473 -8.30 -7.60 -5.99
CA VAL N 473 -7.05 -7.09 -6.51
C VAL N 473 -7.31 -5.83 -7.26
N PRO N 474 -6.29 -5.06 -7.62
CA PRO N 474 -6.65 -3.83 -8.37
C PRO N 474 -7.16 -4.15 -9.75
N PHE N 475 -7.81 -3.15 -10.37
CA PHE N 475 -8.34 -3.37 -11.71
C PHE N 475 -7.31 -3.90 -12.66
N PRO N 476 -6.38 -3.05 -13.08
CA PRO N 476 -5.40 -3.61 -13.98
C PRO N 476 -5.27 -5.13 -13.88
N GLU N 477 -5.20 -5.65 -12.67
CA GLU N 477 -5.03 -7.08 -12.58
C GLU N 477 -6.26 -7.89 -12.94
N ARG N 478 -7.45 -7.38 -12.70
CA ARG N 478 -8.60 -8.16 -13.11
C ARG N 478 -8.49 -8.37 -14.59
N ILE N 479 -8.52 -7.26 -15.28
CA ILE N 479 -8.34 -7.30 -16.70
C ILE N 479 -7.36 -8.39 -17.08
N LYS N 480 -6.14 -8.20 -16.60
CA LYS N 480 -5.10 -9.17 -16.85
C LYS N 480 -5.72 -10.52 -16.85
N PHE N 481 -6.30 -10.87 -15.72
CA PHE N 481 -6.93 -12.16 -15.58
C PHE N 481 -7.78 -12.55 -16.76
N ILE N 482 -8.65 -11.65 -17.19
CA ILE N 482 -9.51 -11.98 -18.30
C ILE N 482 -8.67 -12.35 -19.51
N GLU N 483 -7.99 -11.35 -20.08
CA GLU N 483 -7.17 -11.54 -21.30
C GLU N 483 -6.34 -12.79 -21.23
N GLU N 484 -5.83 -13.11 -20.06
CA GLU N 484 -5.04 -14.33 -19.98
C GLU N 484 -5.89 -15.53 -20.30
N ASN N 485 -7.15 -15.52 -19.88
CA ASN N 485 -7.99 -16.66 -20.18
C ASN N 485 -8.80 -16.45 -21.44
N HIS N 486 -8.49 -15.39 -22.17
CA HIS N 486 -9.24 -15.17 -23.38
C HIS N 486 -9.69 -16.52 -24.03
N GLU N 487 -8.73 -17.33 -24.44
CA GLU N 487 -9.06 -18.58 -25.08
C GLU N 487 -10.06 -19.43 -24.25
N ASN N 488 -9.81 -19.52 -22.95
CA ASN N 488 -10.67 -20.27 -22.04
C ASN N 488 -12.10 -19.74 -22.07
N ILE N 489 -12.29 -18.47 -22.42
CA ILE N 489 -13.65 -17.95 -22.37
C ILE N 489 -14.42 -18.15 -23.65
N MET N 490 -13.82 -17.72 -24.75
CA MET N 490 -14.45 -17.91 -26.01
C MET N 490 -14.81 -19.37 -26.13
N ALA N 491 -13.93 -20.27 -25.74
CA ALA N 491 -14.30 -21.68 -25.87
C ALA N 491 -15.59 -22.01 -25.12
N CYS N 492 -15.79 -21.32 -24.01
CA CYS N 492 -16.95 -21.51 -23.17
C CYS N 492 -18.13 -20.86 -23.80
N ALA N 493 -17.85 -19.83 -24.58
CA ALA N 493 -18.95 -19.20 -25.26
C ALA N 493 -19.33 -20.07 -26.50
N LYS N 494 -18.30 -20.67 -27.13
CA LYS N 494 -18.47 -21.53 -28.32
C LYS N 494 -19.19 -22.82 -28.01
N SER N 495 -19.06 -23.40 -26.80
CA SER N 495 -19.86 -24.61 -26.59
C SER N 495 -19.98 -25.05 -25.18
N PRO N 496 -20.46 -24.14 -24.32
CA PRO N 496 -20.65 -24.28 -22.91
C PRO N 496 -21.00 -25.68 -22.51
N LEU N 497 -21.89 -26.40 -23.16
CA LEU N 497 -22.04 -27.69 -22.54
C LEU N 497 -20.76 -28.56 -22.64
N GLU N 498 -19.73 -28.10 -23.35
CA GLU N 498 -18.49 -28.89 -23.58
C GLU N 498 -17.22 -28.36 -22.86
N ASN N 499 -17.36 -27.39 -21.99
CA ASN N 499 -16.22 -26.85 -21.27
C ASN N 499 -16.64 -26.39 -19.95
N THR N 500 -16.48 -27.26 -18.94
CA THR N 500 -16.92 -26.98 -17.56
C THR N 500 -16.17 -25.85 -16.80
N TRP N 501 -15.19 -25.20 -17.37
CA TRP N 501 -14.55 -24.10 -16.72
C TRP N 501 -15.50 -23.13 -16.02
N TRP N 502 -16.38 -22.52 -16.84
CA TRP N 502 -17.39 -21.53 -16.42
C TRP N 502 -18.20 -22.07 -15.27
N ALA N 503 -18.30 -23.38 -15.17
CA ALA N 503 -19.00 -24.01 -14.10
C ALA N 503 -18.25 -23.81 -12.84
N GLU N 504 -16.94 -23.87 -12.96
CA GLU N 504 -16.06 -23.77 -11.82
C GLU N 504 -15.94 -22.36 -11.19
N GLN N 505 -16.09 -21.29 -11.95
CA GLN N 505 -15.98 -19.98 -11.37
C GLN N 505 -16.89 -19.87 -10.23
N ASP N 506 -16.88 -18.71 -9.57
CA ASP N 506 -17.66 -18.44 -8.34
C ASP N 506 -19.13 -18.26 -8.55
N SER N 507 -19.45 -17.46 -9.56
CA SER N 507 -20.80 -17.24 -9.95
C SER N 507 -20.91 -17.77 -11.29
N PRO N 508 -20.95 -19.11 -11.41
CA PRO N 508 -21.04 -19.75 -12.68
C PRO N 508 -22.03 -19.12 -13.61
N PHE N 509 -23.28 -19.48 -13.47
CA PHE N 509 -24.20 -18.91 -14.40
C PHE N 509 -24.01 -17.45 -14.66
N CYS N 510 -23.56 -16.67 -13.71
CA CYS N 510 -23.42 -15.29 -14.15
C CYS N 510 -22.17 -15.11 -14.90
N PHE N 511 -21.24 -15.98 -14.64
CA PHE N 511 -19.99 -15.83 -15.29
C PHE N 511 -20.17 -16.15 -16.71
N LEU N 512 -20.99 -17.17 -16.93
CA LEU N 512 -21.25 -17.57 -18.29
C LEU N 512 -21.77 -16.39 -19.05
N ALA N 513 -22.91 -15.87 -18.61
CA ALA N 513 -23.41 -14.73 -19.34
C ALA N 513 -22.28 -13.78 -19.49
N PHE N 514 -21.25 -13.83 -18.67
CA PHE N 514 -20.27 -12.89 -18.99
C PHE N 514 -19.40 -13.36 -20.11
N CYS N 515 -19.41 -14.63 -20.47
CA CYS N 515 -18.56 -14.97 -21.59
C CYS N 515 -19.27 -14.66 -22.89
N PHE N 516 -20.55 -14.94 -22.90
CA PHE N 516 -21.24 -14.65 -24.09
C PHE N 516 -20.98 -13.24 -24.58
N GLU N 517 -21.30 -12.25 -23.76
CA GLU N 517 -21.03 -10.87 -24.15
C GLU N 517 -19.49 -10.69 -24.26
N TYR N 518 -18.67 -11.51 -23.63
CA TYR N 518 -17.27 -11.25 -23.93
C TYR N 518 -17.13 -11.59 -25.36
N ALA N 519 -17.51 -12.83 -25.68
CA ALA N 519 -17.53 -13.35 -27.04
C ALA N 519 -18.09 -12.27 -28.01
N GLY N 520 -19.31 -11.85 -27.75
CA GLY N 520 -19.91 -10.86 -28.62
C GLY N 520 -19.08 -9.61 -28.87
N VAL N 521 -18.28 -9.17 -27.94
CA VAL N 521 -17.57 -8.02 -28.32
C VAL N 521 -16.45 -8.42 -29.28
N GLN N 522 -15.99 -9.67 -29.17
CA GLN N 522 -14.94 -10.18 -30.04
C GLN N 522 -15.40 -10.20 -31.46
N HIS N 523 -16.61 -10.73 -31.66
CA HIS N 523 -17.22 -10.91 -32.97
C HIS N 523 -17.85 -9.70 -33.62
N HIS N 524 -18.07 -8.58 -32.94
CA HIS N 524 -18.71 -7.48 -33.64
C HIS N 524 -18.02 -6.19 -33.44
N GLY N 525 -16.97 -6.19 -32.63
CA GLY N 525 -16.25 -4.95 -32.43
C GLY N 525 -16.85 -4.06 -31.34
N LEU N 526 -16.05 -3.10 -30.94
CA LEU N 526 -16.46 -2.20 -29.91
C LEU N 526 -17.87 -1.67 -30.10
N SER N 527 -18.59 -2.06 -31.17
CA SER N 527 -19.96 -1.54 -31.41
C SER N 527 -21.08 -2.40 -30.84
N TYR N 528 -20.76 -3.62 -30.47
CA TYR N 528 -21.73 -4.54 -29.94
C TYR N 528 -22.75 -3.89 -29.04
N ASN N 529 -23.99 -4.35 -29.09
CA ASN N 529 -24.85 -3.78 -28.13
C ASN N 529 -24.87 -4.73 -27.01
N CYS N 530 -24.49 -4.27 -25.82
CA CYS N 530 -24.41 -5.08 -24.57
C CYS N 530 -25.41 -4.57 -23.55
N SER N 531 -26.20 -5.49 -23.04
CA SER N 531 -27.22 -5.17 -22.06
C SER N 531 -26.98 -5.93 -20.77
N LEU N 532 -25.85 -6.63 -20.69
CA LEU N 532 -25.52 -7.36 -19.46
C LEU N 532 -25.42 -6.42 -18.29
N PRO N 533 -26.01 -6.79 -17.15
CA PRO N 533 -25.93 -5.88 -16.00
C PRO N 533 -24.60 -5.87 -15.18
N LEU N 534 -23.61 -5.01 -15.52
CA LEU N 534 -22.39 -5.01 -14.72
C LEU N 534 -22.67 -4.28 -13.44
N ALA N 535 -22.65 -4.98 -12.29
CA ALA N 535 -22.94 -4.36 -10.99
C ALA N 535 -21.72 -4.07 -10.20
N PHE N 536 -21.89 -3.19 -9.24
CA PHE N 536 -20.84 -2.82 -8.36
C PHE N 536 -21.17 -3.24 -6.90
N ASP N 537 -20.14 -3.66 -6.18
CA ASP N 537 -20.32 -4.09 -4.79
C ASP N 537 -19.77 -3.12 -3.78
N GLY N 538 -20.53 -2.78 -2.75
CA GLY N 538 -19.92 -1.97 -1.71
C GLY N 538 -19.14 -2.92 -0.78
N SER N 539 -17.95 -2.54 -0.25
CA SER N 539 -17.09 -3.35 0.66
C SER N 539 -17.88 -3.88 1.85
N CYS N 540 -17.86 -3.19 2.96
CA CYS N 540 -18.71 -3.63 4.04
C CYS N 540 -19.67 -2.49 4.37
N SER N 541 -20.59 -2.17 3.46
CA SER N 541 -21.51 -1.06 3.69
C SER N 541 -21.66 -0.83 5.19
N GLY N 542 -22.10 -1.87 5.92
CA GLY N 542 -22.23 -1.71 7.37
C GLY N 542 -21.25 -0.69 7.94
N ILE N 543 -20.05 -1.15 8.26
CA ILE N 543 -18.91 -0.38 8.79
C ILE N 543 -18.56 0.75 7.90
N GLN N 544 -18.79 0.53 6.63
CA GLN N 544 -18.50 1.56 5.71
C GLN N 544 -19.14 2.86 6.11
N HIS N 545 -20.47 2.83 6.03
CA HIS N 545 -21.27 3.97 6.38
C HIS N 545 -20.93 4.47 7.76
N PHE N 546 -21.00 3.60 8.74
CA PHE N 546 -20.62 4.11 10.01
C PHE N 546 -19.30 4.89 9.87
N SER N 547 -18.25 4.26 9.32
CA SER N 547 -16.96 4.94 9.17
C SER N 547 -17.08 6.31 8.50
N ALA N 548 -18.22 6.59 7.86
CA ALA N 548 -18.40 7.89 7.20
C ALA N 548 -18.97 8.83 8.20
N MET N 549 -20.14 8.45 8.73
CA MET N 549 -20.87 9.27 9.72
C MET N 549 -19.90 9.93 10.68
N LEU N 550 -18.91 9.16 11.11
CA LEU N 550 -17.94 9.62 12.08
C LEU N 550 -16.51 9.78 11.49
N ARG N 551 -16.45 9.93 10.18
CA ARG N 551 -15.23 10.11 9.41
C ARG N 551 -14.03 9.39 9.98
N ASP N 552 -14.20 8.18 10.47
CA ASP N 552 -13.06 7.43 11.01
C ASP N 552 -12.13 6.97 9.89
N GLU N 553 -11.08 7.69 9.59
CA GLU N 553 -10.22 7.26 8.52
C GLU N 553 -9.51 5.91 8.80
N VAL N 554 -9.50 5.39 10.02
CA VAL N 554 -8.81 4.12 10.18
C VAL N 554 -9.70 2.99 9.62
N GLY N 555 -11.01 3.15 9.93
CA GLY N 555 -12.11 2.23 9.54
C GLY N 555 -12.54 2.41 8.09
N GLY N 556 -12.78 3.61 7.63
CA GLY N 556 -13.00 3.69 6.22
C GLY N 556 -11.78 3.06 5.50
N ARG N 557 -10.53 3.47 5.80
CA ARG N 557 -9.34 2.91 5.14
C ARG N 557 -9.27 1.42 5.33
N ALA N 558 -10.26 0.87 6.02
CA ALA N 558 -10.35 -0.56 6.16
C ALA N 558 -11.44 -1.10 5.25
N VAL N 559 -12.47 -0.31 4.92
CA VAL N 559 -13.44 -0.83 3.98
C VAL N 559 -13.44 0.03 2.73
N ASN N 560 -12.19 0.22 2.25
CA ASN N 560 -11.70 0.95 1.03
C ASN N 560 -12.26 2.35 0.74
N LEU N 561 -12.83 3.06 1.71
CA LEU N 561 -13.36 4.38 1.40
C LEU N 561 -12.29 5.25 0.88
N LEU N 562 -11.05 4.87 1.16
CA LEU N 562 -9.90 5.66 0.72
C LEU N 562 -9.03 4.91 -0.23
N PRO N 563 -8.70 5.56 -1.30
CA PRO N 563 -7.88 5.21 -2.46
C PRO N 563 -6.58 4.64 -2.12
N SER N 564 -6.45 3.36 -2.39
CA SER N 564 -5.18 2.70 -2.18
C SER N 564 -4.62 2.19 -3.49
N GLU N 565 -3.41 1.69 -3.37
CA GLU N 565 -2.83 1.07 -4.47
C GLU N 565 -3.30 -0.36 -4.45
N THR N 566 -3.71 -0.83 -3.27
CA THR N 566 -4.14 -2.21 -3.10
C THR N 566 -5.52 -2.28 -2.65
N VAL N 567 -6.05 -3.46 -2.58
CA VAL N 567 -7.39 -3.50 -2.10
C VAL N 567 -7.41 -3.81 -0.64
N GLN N 568 -8.14 -2.96 0.08
CA GLN N 568 -8.29 -3.09 1.51
C GLN N 568 -9.23 -4.23 1.87
N ASP N 569 -8.68 -5.34 2.38
CA ASP N 569 -9.38 -6.59 2.80
C ASP N 569 -9.61 -6.62 4.34
N ILE N 570 -10.56 -5.81 4.82
CA ILE N 570 -10.77 -5.77 6.27
C ILE N 570 -10.71 -7.10 6.98
N TYR N 571 -11.20 -8.17 6.44
CA TYR N 571 -11.08 -9.36 7.23
C TYR N 571 -9.61 -9.61 7.51
N GLY N 572 -8.79 -9.28 6.53
CA GLY N 572 -7.35 -9.53 6.65
C GLY N 572 -6.64 -8.70 7.73
N ILE N 573 -6.81 -7.38 7.68
CA ILE N 573 -6.25 -6.50 8.68
C ILE N 573 -6.77 -6.94 10.07
N VAL N 574 -8.02 -7.34 10.25
CA VAL N 574 -8.33 -7.82 11.59
C VAL N 574 -7.70 -9.15 11.82
N ALA N 575 -7.00 -9.70 10.84
CA ALA N 575 -6.36 -11.00 11.06
C ALA N 575 -4.93 -10.83 11.54
N LYS N 576 -4.24 -9.85 10.95
CA LYS N 576 -2.90 -9.52 11.42
C LYS N 576 -3.08 -9.23 12.88
N LYS N 577 -3.90 -8.20 13.12
CA LYS N 577 -4.13 -7.77 14.46
C LYS N 577 -4.18 -8.92 15.38
N VAL N 578 -5.06 -9.87 15.21
CA VAL N 578 -5.04 -10.90 16.22
C VAL N 578 -3.69 -11.61 16.27
N ASN N 579 -3.04 -11.80 15.11
CA ASN N 579 -1.75 -12.49 15.13
C ASN N 579 -0.69 -11.63 15.82
N GLU N 580 -0.91 -10.33 15.83
CA GLU N 580 -0.03 -9.49 16.58
C GLU N 580 -0.09 -10.02 18.01
N ILE N 581 -1.16 -9.67 18.72
CA ILE N 581 -1.35 -10.17 20.06
C ILE N 581 -0.79 -11.57 20.19
N LEU N 582 -1.23 -12.50 19.34
CA LEU N 582 -0.76 -13.90 19.40
C LEU N 582 0.75 -14.06 19.63
N GLN N 583 1.58 -13.46 18.78
CA GLN N 583 3.03 -13.57 18.97
C GLN N 583 3.41 -12.93 20.31
N ALA N 584 2.50 -12.10 20.83
CA ALA N 584 2.74 -11.45 22.11
C ALA N 584 2.28 -12.31 23.30
N ASP N 585 1.14 -12.96 23.31
CA ASP N 585 0.87 -13.70 24.53
C ASP N 585 1.71 -14.98 24.56
N ALA N 586 2.59 -15.21 23.58
CA ALA N 586 3.41 -16.46 23.58
C ALA N 586 4.76 -16.29 24.30
N ILE N 587 5.13 -15.01 24.47
CA ILE N 587 6.35 -14.50 25.14
C ILE N 587 6.02 -14.08 26.58
N ASN N 588 4.95 -13.32 26.75
CA ASN N 588 4.57 -12.94 28.08
C ASN N 588 3.33 -13.63 28.46
N GLY N 589 2.38 -12.86 28.95
CA GLY N 589 1.09 -13.40 29.32
C GLY N 589 1.10 -14.55 30.30
N THR N 590 -0.02 -14.65 31.00
CA THR N 590 -0.23 -15.66 32.03
C THR N 590 0.13 -17.07 31.60
N ASP N 591 0.49 -17.85 32.62
CA ASP N 591 0.85 -19.28 32.49
C ASP N 591 -0.36 -20.09 32.88
N ASN N 592 -0.34 -21.40 32.64
CA ASN N 592 -1.48 -22.25 33.00
C ASN N 592 -1.80 -22.20 34.50
N GLU N 593 -2.58 -23.14 34.99
CA GLU N 593 -3.00 -23.11 36.37
C GLU N 593 -4.11 -24.04 36.54
N VAL N 594 -4.21 -24.66 37.68
CA VAL N 594 -5.26 -25.63 37.83
C VAL N 594 -6.35 -25.15 38.80
N VAL N 595 -7.56 -24.85 38.32
CA VAL N 595 -8.59 -24.47 39.29
C VAL N 595 -9.63 -25.57 39.46
N THR N 596 -10.12 -25.69 40.70
CA THR N 596 -11.09 -26.72 41.02
C THR N 596 -12.49 -26.25 40.71
N VAL N 597 -13.18 -27.02 39.88
CA VAL N 597 -14.55 -26.71 39.47
C VAL N 597 -15.49 -27.77 40.02
N THR N 598 -16.66 -27.33 40.52
CA THR N 598 -17.68 -28.27 41.06
C THR N 598 -18.99 -28.16 40.25
N ASP N 599 -19.39 -29.31 39.69
CA ASP N 599 -20.58 -29.44 38.88
C ASP N 599 -21.83 -29.07 39.67
N GLU N 600 -22.57 -28.08 39.17
CA GLU N 600 -23.81 -27.61 39.82
C GLU N 600 -24.74 -28.76 40.25
N ASN N 601 -25.09 -29.59 39.26
CA ASN N 601 -26.01 -30.72 39.40
C ASN N 601 -25.44 -31.87 40.28
N THR N 602 -24.28 -32.39 39.92
CA THR N 602 -23.65 -33.54 40.63
C THR N 602 -22.99 -33.20 42.00
N GLY N 603 -22.26 -32.08 42.08
CA GLY N 603 -21.56 -31.75 43.31
C GLY N 603 -20.20 -32.41 43.33
N GLU N 604 -19.88 -32.97 42.16
CA GLU N 604 -18.64 -33.69 41.88
C GLU N 604 -17.47 -32.71 41.64
N ILE N 605 -16.40 -32.89 42.41
CA ILE N 605 -15.22 -32.06 42.28
C ILE N 605 -14.43 -32.47 41.03
N SER N 606 -13.68 -31.52 40.49
CA SER N 606 -12.91 -31.80 39.30
C SER N 606 -11.70 -30.86 39.22
N GLU N 607 -10.76 -31.25 38.38
CA GLU N 607 -9.55 -30.48 38.13
C GLU N 607 -9.55 -29.98 36.72
N LYS N 608 -9.37 -28.69 36.54
CA LYS N 608 -9.34 -28.23 35.18
C LYS N 608 -8.24 -27.22 35.07
N VAL N 609 -7.29 -27.44 34.17
CA VAL N 609 -6.17 -26.54 34.04
C VAL N 609 -6.46 -25.29 33.20
N LYS N 610 -7.04 -24.25 33.81
CA LYS N 610 -7.34 -23.04 33.08
C LYS N 610 -6.19 -22.56 32.17
N LEU N 611 -5.90 -23.24 31.08
CA LEU N 611 -4.79 -22.83 30.24
C LEU N 611 -4.58 -21.27 30.24
N GLY N 612 -3.38 -20.81 29.89
CA GLY N 612 -3.11 -19.40 29.90
C GLY N 612 -2.70 -18.88 28.56
N THR N 613 -3.00 -17.62 28.33
CA THR N 613 -2.70 -17.03 27.05
C THR N 613 -1.32 -17.44 26.55
N LYS N 614 -0.37 -17.53 27.45
CA LYS N 614 0.98 -17.88 27.03
C LYS N 614 0.98 -19.23 26.30
N ALA N 615 0.03 -20.08 26.69
CA ALA N 615 -0.11 -21.45 26.17
C ALA N 615 -1.14 -21.47 25.07
N LEU N 616 -2.28 -20.87 25.36
CA LEU N 616 -3.29 -20.83 24.35
C LEU N 616 -2.62 -20.31 23.11
N ALA N 617 -2.27 -19.03 23.06
CA ALA N 617 -1.63 -18.52 21.86
C ALA N 617 -0.58 -19.50 21.35
N GLY N 618 -0.12 -20.38 22.22
CA GLY N 618 0.75 -21.37 21.66
C GLY N 618 -0.10 -22.11 20.61
N GLN N 619 -1.21 -22.69 21.14
CA GLN N 619 -2.19 -23.47 20.37
C GLN N 619 -2.64 -22.74 19.11
N TRP N 620 -3.07 -21.50 19.18
CA TRP N 620 -3.51 -20.91 17.93
C TRP N 620 -2.36 -20.82 16.93
N LEU N 621 -1.20 -20.35 17.37
CA LEU N 621 -0.10 -20.19 16.42
C LEU N 621 0.27 -21.49 15.80
N ALA N 622 0.01 -22.58 16.51
CA ALA N 622 0.27 -23.92 15.99
C ALA N 622 -0.70 -24.23 14.86
N TYR N 623 -1.90 -23.69 15.00
CA TYR N 623 -2.98 -23.88 14.05
C TYR N 623 -2.65 -23.23 12.69
N GLY N 624 -2.77 -21.91 12.68
CA GLY N 624 -2.52 -21.08 11.51
C GLY N 624 -3.69 -20.17 11.35
N VAL N 625 -3.62 -18.99 11.96
CA VAL N 625 -4.72 -18.03 11.89
C VAL N 625 -4.70 -17.25 10.56
N THR N 626 -5.86 -17.13 9.87
CA THR N 626 -5.98 -16.33 8.61
C THR N 626 -7.38 -15.75 8.46
N ARG N 627 -7.58 -14.75 7.59
CA ARG N 627 -8.92 -14.11 7.49
C ARG N 627 -9.99 -15.09 7.88
N SER N 628 -9.81 -16.29 7.40
CA SER N 628 -10.68 -17.45 7.59
C SER N 628 -11.28 -17.56 8.99
N VAL N 629 -10.61 -16.97 9.97
CA VAL N 629 -11.10 -17.08 11.34
C VAL N 629 -11.84 -15.87 11.79
N THR N 630 -11.41 -14.72 11.28
CA THR N 630 -12.03 -13.46 11.63
C THR N 630 -13.36 -13.19 10.82
N LYS N 631 -13.54 -13.90 9.69
CA LYS N 631 -14.68 -13.66 8.79
C LYS N 631 -16.02 -13.73 9.42
N ARG N 632 -16.53 -14.93 9.69
CA ARG N 632 -17.87 -15.01 10.22
C ARG N 632 -18.13 -13.84 11.15
N SER N 633 -17.28 -13.79 12.17
CA SER N 633 -17.31 -12.73 13.16
C SER N 633 -17.33 -11.32 12.57
N VAL N 634 -16.28 -10.83 11.91
CA VAL N 634 -16.42 -9.43 11.56
C VAL N 634 -17.62 -9.13 10.78
N MET N 635 -18.09 -10.10 9.98
CA MET N 635 -19.21 -9.68 9.13
C MET N 635 -20.54 -9.62 9.92
N THR N 636 -20.75 -10.53 10.88
CA THR N 636 -21.94 -10.41 11.68
C THR N 636 -21.84 -9.17 12.61
N LEU N 637 -20.72 -8.49 12.47
CA LEU N 637 -20.53 -7.35 13.32
C LEU N 637 -21.73 -6.44 13.31
N ALA N 638 -22.09 -5.93 12.13
CA ALA N 638 -23.13 -4.94 12.20
C ALA N 638 -24.51 -5.51 12.47
N TYR N 639 -24.62 -6.78 12.78
CA TYR N 639 -25.96 -7.24 13.07
C TYR N 639 -26.01 -7.42 14.60
N GLY N 640 -24.89 -6.95 15.18
CA GLY N 640 -24.78 -6.90 16.62
C GLY N 640 -23.73 -7.71 17.37
N SER N 641 -23.62 -9.01 17.12
CA SER N 641 -22.71 -9.87 17.88
C SER N 641 -21.46 -9.19 18.20
N LYS N 642 -20.90 -9.75 19.22
CA LYS N 642 -19.68 -9.25 19.77
C LYS N 642 -18.92 -10.39 20.45
N GLU N 643 -18.28 -10.04 21.56
CA GLU N 643 -17.42 -11.05 22.12
C GLU N 643 -18.16 -12.31 22.47
N PHE N 644 -19.14 -12.23 23.33
CA PHE N 644 -19.85 -13.46 23.72
C PHE N 644 -20.18 -14.26 22.50
N GLY N 645 -20.34 -13.45 21.46
CA GLY N 645 -20.72 -13.96 20.19
C GLY N 645 -19.64 -14.75 19.55
N PHE N 646 -18.80 -13.98 18.85
CA PHE N 646 -17.69 -14.50 18.13
C PHE N 646 -17.19 -15.77 18.74
N ARG N 647 -17.38 -15.94 20.02
CA ARG N 647 -16.96 -17.19 20.59
C ARG N 647 -17.61 -18.28 19.81
N GLN N 648 -18.83 -18.62 20.24
CA GLN N 648 -19.55 -19.66 19.54
C GLN N 648 -18.99 -19.76 18.11
N GLN N 649 -19.23 -18.73 17.32
CA GLN N 649 -18.78 -18.76 15.97
C GLN N 649 -17.42 -19.41 15.78
N VAL N 650 -16.36 -18.94 16.46
CA VAL N 650 -15.01 -19.48 16.31
C VAL N 650 -14.92 -20.92 16.68
N LEU N 651 -15.72 -21.31 17.63
CA LEU N 651 -15.70 -22.67 18.09
C LEU N 651 -16.16 -23.64 17.00
N GLU N 652 -17.07 -23.20 16.12
CA GLU N 652 -17.62 -24.08 15.07
C GLU N 652 -17.17 -23.74 13.66
N ASP N 653 -16.85 -22.50 13.38
CA ASP N 653 -16.41 -22.18 12.05
C ASP N 653 -15.01 -22.68 11.81
N THR N 654 -14.24 -22.77 12.90
CA THR N 654 -12.85 -23.21 12.74
C THR N 654 -12.41 -24.28 13.78
N ILE N 655 -12.64 -24.03 15.03
CA ILE N 655 -12.22 -25.01 15.96
C ILE N 655 -12.81 -26.42 15.68
N GLN N 656 -14.12 -26.61 15.86
CA GLN N 656 -14.71 -27.94 15.74
C GLN N 656 -14.49 -28.61 14.39
N PRO N 657 -14.61 -27.88 13.31
CA PRO N 657 -14.36 -28.57 12.05
C PRO N 657 -12.91 -28.96 11.92
N ALA N 658 -12.01 -28.20 12.54
CA ALA N 658 -10.63 -28.59 12.46
C ALA N 658 -10.42 -29.95 13.18
N ILE N 659 -10.93 -30.09 14.41
CA ILE N 659 -10.81 -31.36 15.15
C ILE N 659 -11.30 -32.52 14.29
N ASP N 660 -12.46 -32.28 13.68
CA ASP N 660 -13.13 -33.22 12.81
C ASP N 660 -12.41 -33.39 11.49
N SER N 661 -11.46 -32.51 11.24
CA SER N 661 -10.62 -32.51 10.03
C SER N 661 -9.29 -33.16 10.33
N GLY N 662 -9.23 -33.85 11.45
CA GLY N 662 -7.99 -34.48 11.86
C GLY N 662 -7.12 -33.47 12.58
N LYS N 663 -6.78 -32.39 11.89
CA LYS N 663 -5.98 -31.38 12.54
C LYS N 663 -6.65 -31.05 13.85
N GLY N 664 -6.31 -29.91 14.42
CA GLY N 664 -6.93 -29.53 15.68
C GLY N 664 -6.43 -30.31 16.89
N LEU N 665 -5.27 -30.93 16.74
CA LEU N 665 -4.67 -31.65 17.84
C LEU N 665 -4.20 -30.65 18.92
N MET N 666 -3.81 -29.45 18.45
CA MET N 666 -3.31 -28.35 19.30
C MET N 666 -4.42 -27.71 20.12
N PHE N 667 -5.66 -28.10 19.84
CA PHE N 667 -6.79 -27.54 20.53
C PHE N 667 -7.19 -28.42 21.70
N THR N 668 -6.79 -28.05 22.91
CA THR N 668 -7.16 -28.97 23.95
C THR N 668 -8.38 -28.53 24.64
N GLN N 669 -8.46 -27.26 25.05
CA GLN N 669 -9.75 -26.92 25.62
C GLN N 669 -10.45 -26.02 24.62
N PRO N 670 -11.19 -26.65 23.72
CA PRO N 670 -11.91 -25.91 22.70
C PRO N 670 -12.54 -24.65 23.24
N ASN N 671 -13.45 -24.78 24.20
CA ASN N 671 -14.04 -23.56 24.64
C ASN N 671 -12.99 -22.53 24.94
N GLN N 672 -12.10 -22.87 25.87
CA GLN N 672 -11.01 -21.97 26.26
C GLN N 672 -10.31 -21.33 25.03
N ALA N 673 -9.89 -22.12 24.05
CA ALA N 673 -9.27 -21.50 22.88
C ALA N 673 -10.20 -20.41 22.33
N ALA N 674 -11.44 -20.84 22.09
CA ALA N 674 -12.53 -20.02 21.58
C ALA N 674 -12.59 -18.72 22.33
N GLY N 675 -12.89 -18.90 23.62
CA GLY N 675 -13.01 -17.77 24.53
C GLY N 675 -11.94 -16.75 24.26
N TYR N 676 -10.71 -17.28 24.23
CA TYR N 676 -9.52 -16.51 23.97
C TYR N 676 -9.60 -15.86 22.58
N MET N 677 -9.55 -16.66 21.52
CA MET N 677 -9.58 -16.02 20.20
C MET N 677 -10.65 -14.96 20.15
N ALA N 678 -11.85 -15.32 20.59
CA ALA N 678 -12.91 -14.34 20.64
C ALA N 678 -12.28 -13.04 21.00
N LYS N 679 -11.98 -12.98 22.29
CA LYS N 679 -11.37 -11.83 22.88
C LYS N 679 -10.46 -11.14 21.93
N LEU N 680 -9.48 -11.85 21.34
CA LEU N 680 -8.58 -11.17 20.39
C LEU N 680 -9.35 -10.47 19.26
N ILE N 681 -10.27 -11.20 18.64
CA ILE N 681 -11.05 -10.64 17.56
C ILE N 681 -11.78 -9.43 18.05
N TRP N 682 -12.55 -9.59 19.15
CA TRP N 682 -13.29 -8.45 19.64
C TRP N 682 -12.39 -7.27 19.88
N GLU N 683 -11.18 -7.56 20.37
CA GLU N 683 -10.22 -6.50 20.65
C GLU N 683 -9.59 -5.97 19.35
N SER N 684 -9.23 -6.84 18.41
CA SER N 684 -8.62 -6.29 17.19
C SER N 684 -9.58 -5.37 16.39
N VAL N 685 -10.82 -5.78 16.15
CA VAL N 685 -11.65 -4.88 15.38
C VAL N 685 -11.95 -3.64 16.17
N SER N 686 -12.20 -3.83 17.48
CA SER N 686 -12.57 -2.74 18.34
C SER N 686 -11.59 -1.57 18.21
N VAL N 687 -10.46 -1.81 17.50
CA VAL N 687 -9.54 -0.68 17.25
C VAL N 687 -9.24 -0.47 15.79
N THR N 688 -10.02 -1.13 14.93
CA THR N 688 -9.86 -0.98 13.50
C THR N 688 -10.97 -0.07 12.99
N VAL N 689 -12.20 -0.58 13.09
CA VAL N 689 -13.40 0.16 12.63
C VAL N 689 -14.10 0.87 13.77
N VAL N 690 -13.29 1.17 14.77
CA VAL N 690 -13.71 1.94 15.90
C VAL N 690 -15.10 2.59 15.67
N ALA N 691 -15.16 3.49 14.70
CA ALA N 691 -16.39 4.25 14.37
C ALA N 691 -17.65 3.47 14.72
N ALA N 692 -17.84 2.42 13.94
CA ALA N 692 -18.96 1.48 14.02
C ALA N 692 -19.19 1.04 15.39
N VAL N 693 -18.20 0.34 15.94
CA VAL N 693 -18.27 -0.20 17.30
C VAL N 693 -18.84 0.83 18.28
N GLU N 694 -18.51 2.10 18.01
CA GLU N 694 -18.91 3.30 18.75
C GLU N 694 -20.39 3.60 18.58
N ALA N 695 -20.66 3.99 17.33
CA ALA N 695 -21.96 4.38 16.76
C ALA N 695 -23.10 3.43 17.06
N MET N 696 -22.79 2.15 17.11
CA MET N 696 -23.85 1.23 17.39
C MET N 696 -24.10 1.24 18.88
N ASN N 697 -23.05 1.56 19.68
CA ASN N 697 -23.18 1.55 21.16
C ASN N 697 -23.99 2.68 21.69
N TRP N 698 -23.83 3.80 21.02
CA TRP N 698 -24.60 4.96 21.30
C TRP N 698 -26.05 4.63 20.93
N LEU N 699 -26.29 4.46 19.63
CA LEU N 699 -27.64 4.12 19.19
C LEU N 699 -28.19 3.12 20.09
N LYS N 700 -27.40 2.10 20.41
CA LYS N 700 -27.90 1.06 21.31
C LYS N 700 -28.26 1.67 22.65
N SER N 701 -27.45 2.62 23.09
CA SER N 701 -27.77 3.25 24.31
C SER N 701 -29.13 3.91 24.19
N ALA N 702 -29.17 4.99 23.43
CA ALA N 702 -30.42 5.72 23.32
C ALA N 702 -31.60 4.78 23.18
N ALA N 703 -31.44 3.69 22.46
CA ALA N 703 -32.57 2.82 22.35
C ALA N 703 -33.02 2.49 23.73
N LYS N 704 -32.17 1.78 24.46
CA LYS N 704 -32.52 1.38 25.83
C LYS N 704 -33.40 2.44 26.49
N LEU N 705 -32.92 3.69 26.50
CA LEU N 705 -33.70 4.74 27.10
C LEU N 705 -35.10 4.78 26.54
N LEU N 706 -35.29 5.31 25.33
CA LEU N 706 -36.63 5.44 24.73
C LEU N 706 -37.55 4.26 24.92
N ALA N 707 -37.08 3.17 25.52
CA ALA N 707 -37.90 1.96 25.74
C ALA N 707 -38.08 1.62 27.22
N ALA N 708 -37.13 2.01 28.06
CA ALA N 708 -37.30 1.72 29.46
C ALA N 708 -38.57 2.34 29.89
N GLU N 709 -39.25 1.72 30.84
CA GLU N 709 -40.50 2.26 31.36
C GLU N 709 -40.21 3.00 32.65
N VAL N 710 -39.37 4.04 32.59
CA VAL N 710 -38.98 4.81 33.77
C VAL N 710 -40.15 5.09 34.70
N LYS N 711 -39.96 4.68 35.96
CA LYS N 711 -40.95 4.83 37.03
C LYS N 711 -40.28 5.28 38.34
N ASP N 712 -41.09 5.86 39.24
CA ASP N 712 -40.63 6.30 40.56
C ASP N 712 -40.97 5.18 41.58
N LYS N 713 -39.92 4.54 42.12
CA LYS N 713 -40.08 3.44 43.07
C LYS N 713 -40.35 4.00 44.45
N LYS N 714 -41.54 4.56 44.60
CA LYS N 714 -42.03 5.15 45.84
C LYS N 714 -43.54 5.16 45.77
N THR N 715 -43.97 5.11 44.52
CA THR N 715 -45.37 5.08 44.15
C THR N 715 -45.54 4.05 43.09
N GLY N 716 -44.43 3.76 42.41
CA GLY N 716 -44.50 2.83 41.31
C GLY N 716 -45.43 3.39 40.24
N GLU N 717 -45.27 4.69 39.94
CA GLU N 717 -46.09 5.36 38.95
C GLU N 717 -45.26 5.67 37.70
N ILE N 718 -45.83 5.35 36.55
CA ILE N 718 -45.20 5.52 35.26
C ILE N 718 -44.89 6.98 34.99
N LEU N 719 -43.64 7.25 34.68
CA LEU N 719 -43.29 8.60 34.41
C LEU N 719 -43.17 8.83 32.92
N ARG N 720 -42.87 7.76 32.16
CA ARG N 720 -42.76 7.88 30.70
C ARG N 720 -42.92 6.57 30.01
N LYS N 721 -44.12 6.28 29.52
CA LYS N 721 -44.32 5.01 28.84
C LYS N 721 -43.22 4.68 27.85
N ARG N 722 -43.29 3.44 27.38
CA ARG N 722 -42.31 2.90 26.44
C ARG N 722 -42.48 3.48 25.05
N CYS N 723 -41.62 4.43 24.70
CA CYS N 723 -41.69 5.08 23.40
C CYS N 723 -40.76 4.48 22.33
N ALA N 724 -41.39 4.13 21.22
CA ALA N 724 -40.75 3.57 20.03
C ALA N 724 -39.68 4.56 19.45
N VAL N 725 -38.69 4.03 18.76
CA VAL N 725 -37.61 4.87 18.25
C VAL N 725 -37.84 5.34 16.83
N HIS N 726 -37.98 6.65 16.56
CA HIS N 726 -38.26 7.03 15.17
C HIS N 726 -37.25 7.93 14.54
N TRP N 727 -36.85 7.63 13.31
CA TRP N 727 -35.88 8.52 12.69
C TRP N 727 -36.13 8.72 11.22
N VAL N 728 -35.31 9.55 10.57
CA VAL N 728 -35.48 9.68 9.14
C VAL N 728 -34.17 9.85 8.43
N THR N 729 -34.17 9.16 7.29
CA THR N 729 -33.07 9.04 6.38
C THR N 729 -32.83 10.29 5.62
N PRO N 730 -31.58 10.48 5.25
CA PRO N 730 -31.09 11.62 4.47
C PRO N 730 -31.92 11.82 3.18
N ASP N 731 -32.57 10.77 2.71
CA ASP N 731 -33.35 10.95 1.51
C ASP N 731 -34.82 11.18 1.88
N GLY N 732 -35.13 11.16 3.18
CA GLY N 732 -36.48 11.46 3.59
C GLY N 732 -37.34 10.25 3.86
N PHE N 733 -36.75 9.22 4.42
CA PHE N 733 -37.55 8.06 4.71
C PHE N 733 -37.65 7.91 6.19
N PRO N 734 -38.88 7.98 6.71
CA PRO N 734 -39.16 7.84 8.13
C PRO N 734 -39.39 6.43 8.45
N VAL N 735 -38.64 5.93 9.42
CA VAL N 735 -38.79 4.58 9.91
C VAL N 735 -39.16 4.64 11.38
N TRP N 736 -39.93 3.68 11.82
CA TRP N 736 -40.34 3.69 13.21
C TRP N 736 -40.03 2.34 13.81
N GLN N 737 -38.95 2.21 14.56
CA GLN N 737 -38.71 0.89 15.16
C GLN N 737 -39.66 0.81 16.33
N GLU N 738 -40.55 -0.18 16.29
CA GLU N 738 -41.53 -0.29 17.35
C GLU N 738 -41.79 -1.77 17.67
N TYR N 739 -40.73 -2.58 17.73
CA TYR N 739 -40.82 -4.03 17.99
C TYR N 739 -41.74 -4.24 19.16
N LYS N 740 -42.91 -4.81 18.95
CA LYS N 740 -43.81 -5.01 20.10
C LYS N 740 -43.64 -6.38 20.74
N LYS N 741 -44.30 -6.60 21.88
CA LYS N 741 -44.17 -7.89 22.54
C LYS N 741 -45.51 -8.37 23.08
N PRO N 742 -45.79 -9.64 22.89
CA PRO N 742 -47.10 -9.98 23.45
C PRO N 742 -46.99 -10.16 24.95
N ILE N 743 -48.15 -10.28 25.61
CA ILE N 743 -48.25 -10.51 27.07
C ILE N 743 -48.98 -11.84 27.26
N GLN N 744 -49.00 -12.58 26.14
CA GLN N 744 -49.60 -13.90 25.96
C GLN N 744 -48.52 -14.98 26.02
N THR N 745 -48.83 -16.16 26.52
CA THR N 745 -47.81 -17.20 26.63
C THR N 745 -48.46 -18.53 26.68
N ARG N 746 -47.82 -19.54 26.07
CA ARG N 746 -48.39 -20.89 26.11
C ARG N 746 -47.56 -21.86 25.31
N LEU N 747 -46.46 -22.35 25.88
CA LEU N 747 -45.63 -23.31 25.14
C LEU N 747 -46.07 -24.71 25.43
N ASN N 748 -45.98 -25.55 24.40
CA ASN N 748 -46.33 -26.93 24.55
C ASN N 748 -45.09 -27.74 24.34
N LEU N 749 -45.07 -29.03 24.68
CA LEU N 749 -43.83 -29.79 24.52
C LEU N 749 -43.73 -30.53 23.21
N MET N 750 -44.66 -31.44 22.95
CA MET N 750 -44.51 -32.18 21.73
C MET N 750 -45.61 -31.96 20.71
N PHE N 751 -46.49 -31.00 20.88
CA PHE N 751 -47.56 -30.85 19.89
C PHE N 751 -47.47 -29.63 19.03
N LEU N 752 -47.54 -28.48 19.67
CA LEU N 752 -47.48 -27.22 18.96
C LEU N 752 -47.13 -26.14 19.95
N GLY N 753 -48.13 -25.60 20.60
CA GLY N 753 -47.90 -24.56 21.56
C GLY N 753 -47.90 -23.22 20.90
N GLN N 754 -49.00 -22.48 21.10
CA GLN N 754 -49.13 -21.13 20.54
C GLN N 754 -50.28 -20.32 21.19
N PHE N 755 -50.67 -19.22 20.50
CA PHE N 755 -51.73 -18.22 20.82
C PHE N 755 -52.48 -18.45 22.17
N ARG N 756 -52.90 -17.34 22.78
CA ARG N 756 -53.61 -17.40 24.05
C ARG N 756 -55.05 -16.93 23.89
N ASP N 766 -53.42 -7.59 23.98
CA ASP N 766 -52.62 -6.36 24.15
C ASP N 766 -51.12 -6.60 23.86
N SER N 767 -50.41 -5.49 23.58
CA SER N 767 -48.98 -5.47 23.22
C SER N 767 -48.19 -4.27 23.81
N GLU N 768 -46.95 -4.50 24.30
CA GLU N 768 -46.07 -3.43 24.82
C GLU N 768 -44.76 -3.43 24.06
N ILE N 769 -44.16 -2.26 23.88
CA ILE N 769 -42.87 -2.20 23.19
C ILE N 769 -41.95 -3.24 23.81
N ASP N 770 -41.12 -3.95 23.04
CA ASP N 770 -40.21 -4.91 23.66
C ASP N 770 -38.82 -4.35 23.79
N ALA N 771 -38.52 -3.94 24.99
CA ALA N 771 -37.25 -3.34 25.23
C ALA N 771 -36.04 -4.13 24.71
N HIS N 772 -35.96 -5.43 24.88
CA HIS N 772 -34.71 -5.95 24.43
C HIS N 772 -34.53 -5.74 22.93
N LYS N 773 -35.46 -6.26 22.15
CA LYS N 773 -35.37 -6.17 20.71
C LYS N 773 -35.07 -4.75 20.30
N GLN N 774 -35.91 -3.83 20.74
CA GLN N 774 -35.74 -2.42 20.41
C GLN N 774 -34.28 -2.00 20.49
N GLU N 775 -33.63 -2.43 21.56
CA GLU N 775 -32.24 -2.13 21.84
C GLU N 775 -31.36 -2.90 20.90
N SER N 776 -31.68 -4.17 20.79
CA SER N 776 -30.96 -5.11 19.96
C SER N 776 -30.77 -4.61 18.50
N GLY N 777 -31.91 -4.30 17.81
CA GLY N 777 -31.94 -3.89 16.37
C GLY N 777 -31.87 -2.40 15.95
N ILE N 778 -31.58 -1.51 16.84
CA ILE N 778 -31.53 -0.20 16.35
C ILE N 778 -30.13 0.04 15.79
N ALA N 779 -29.18 -0.83 16.07
CA ALA N 779 -27.83 -0.63 15.50
C ALA N 779 -27.80 -0.77 14.00
N PRO N 780 -28.38 -1.90 13.50
CA PRO N 780 -28.49 -2.33 12.11
C PRO N 780 -29.79 -1.77 11.52
N ASN N 781 -30.90 -1.82 12.21
CA ASN N 781 -31.98 -1.23 11.50
C ASN N 781 -31.56 0.16 11.00
N PHE N 782 -30.92 0.91 11.87
CA PHE N 782 -30.55 2.22 11.43
C PHE N 782 -29.47 2.23 10.25
N VAL N 783 -28.40 1.44 10.31
CA VAL N 783 -27.43 1.53 9.19
C VAL N 783 -28.15 1.19 7.92
N HIS N 784 -28.68 -0.03 7.91
CA HIS N 784 -29.50 -0.45 6.79
C HIS N 784 -30.26 0.78 6.32
N SER N 785 -31.44 1.09 6.90
CA SER N 785 -32.13 2.33 6.52
C SER N 785 -31.17 3.38 5.92
N GLN N 786 -29.91 3.45 6.35
CA GLN N 786 -29.07 4.45 5.70
C GLN N 786 -28.65 4.05 4.27
N ASP N 787 -28.06 2.86 4.07
CA ASP N 787 -27.71 2.43 2.69
C ASP N 787 -28.99 2.56 1.82
N GLY N 788 -30.10 2.10 2.42
CA GLY N 788 -31.45 2.20 1.88
C GLY N 788 -31.62 3.60 1.33
N SER N 789 -31.25 4.62 2.10
CA SER N 789 -31.35 5.93 1.51
C SER N 789 -30.29 6.09 0.44
N HIS N 790 -29.09 5.58 0.73
CA HIS N 790 -27.95 5.74 -0.16
C HIS N 790 -28.23 5.41 -1.57
N LEU N 791 -28.66 4.16 -1.71
CA LEU N 791 -29.04 3.58 -2.99
C LEU N 791 -30.04 4.50 -3.64
N ARG N 792 -31.24 4.54 -3.05
CA ARG N 792 -32.28 5.43 -3.54
C ARG N 792 -31.72 6.75 -4.13
N LYS N 793 -30.81 7.45 -3.44
CA LYS N 793 -30.21 8.71 -3.99
C LYS N 793 -29.34 8.42 -5.20
N THR N 794 -28.68 7.28 -5.21
CA THR N 794 -27.86 7.06 -6.36
C THR N 794 -28.70 6.74 -7.55
N VAL N 795 -29.78 5.98 -7.40
CA VAL N 795 -30.62 5.79 -8.55
C VAL N 795 -31.08 7.16 -9.05
N VAL N 796 -31.80 7.89 -8.23
CA VAL N 796 -32.18 9.21 -8.64
C VAL N 796 -31.00 9.82 -9.37
N TRP N 797 -30.02 10.32 -8.61
CA TRP N 797 -28.81 10.97 -9.14
C TRP N 797 -28.37 10.43 -10.47
N ALA N 798 -28.29 9.12 -10.53
CA ALA N 798 -27.85 8.45 -11.74
C ALA N 798 -28.72 8.82 -12.90
N HIS N 799 -30.02 8.69 -12.66
CA HIS N 799 -31.04 8.95 -13.64
C HIS N 799 -31.15 10.44 -14.02
N GLU N 800 -30.89 11.41 -13.14
CA GLU N 800 -31.12 12.78 -13.62
C GLU N 800 -29.87 13.45 -14.11
N LYS N 801 -28.76 13.28 -13.43
CA LYS N 801 -27.54 13.92 -13.90
C LYS N 801 -26.97 13.13 -15.03
N TYR N 802 -26.88 11.81 -14.87
CA TYR N 802 -26.34 10.94 -15.91
C TYR N 802 -27.49 10.24 -16.63
N GLY N 803 -27.24 9.69 -17.82
CA GLY N 803 -28.31 9.06 -18.58
C GLY N 803 -28.99 7.96 -17.79
N ILE N 804 -28.22 6.92 -17.53
CA ILE N 804 -28.69 5.74 -16.81
C ILE N 804 -30.14 5.80 -16.46
N GLU N 805 -30.82 4.84 -17.06
CA GLU N 805 -32.24 4.63 -16.99
C GLU N 805 -32.51 3.21 -16.58
N SER N 806 -31.44 2.40 -16.48
CA SER N 806 -31.57 0.98 -16.05
C SER N 806 -30.54 0.52 -14.98
N PHE N 807 -31.09 0.14 -13.83
CA PHE N 807 -30.30 -0.31 -12.73
C PHE N 807 -30.79 -1.63 -12.23
N ALA N 808 -29.81 -2.43 -11.87
CA ALA N 808 -30.00 -3.74 -11.27
C ALA N 808 -29.57 -3.55 -9.84
N LEU N 809 -30.49 -3.67 -8.83
CA LEU N 809 -30.09 -3.31 -7.45
C LEU N 809 -30.32 -4.33 -6.34
N ILE N 810 -29.44 -4.33 -5.38
CA ILE N 810 -29.62 -5.28 -4.28
C ILE N 810 -28.88 -4.77 -3.00
N HIS N 811 -29.54 -3.76 -2.44
CA HIS N 811 -29.12 -3.11 -1.23
C HIS N 811 -27.88 -2.33 -1.44
N ASP N 812 -26.79 -3.07 -1.29
CA ASP N 812 -25.52 -2.49 -1.54
C ASP N 812 -25.01 -2.97 -2.84
N SER N 813 -25.95 -3.11 -3.77
CA SER N 813 -25.68 -3.60 -5.13
C SER N 813 -25.94 -2.51 -6.25
N PHE N 814 -24.95 -2.24 -7.10
CA PHE N 814 -25.12 -1.17 -8.13
C PHE N 814 -24.86 -1.58 -9.60
N GLY N 815 -25.95 -2.02 -10.28
CA GLY N 815 -25.85 -2.50 -11.65
C GLY N 815 -26.56 -1.71 -12.76
N THR N 816 -25.86 -1.66 -13.90
CA THR N 816 -26.31 -1.02 -15.14
C THR N 816 -25.76 -1.72 -16.33
N ILE N 817 -25.73 -1.01 -17.43
CA ILE N 817 -25.21 -1.59 -18.61
C ILE N 817 -23.85 -1.03 -18.86
N PRO N 818 -23.00 -1.88 -19.39
CA PRO N 818 -21.62 -1.60 -19.73
C PRO N 818 -21.46 -0.20 -20.12
N ALA N 819 -22.29 0.19 -21.08
CA ALA N 819 -22.24 1.54 -21.68
C ALA N 819 -22.72 2.60 -20.78
N ASP N 820 -23.17 2.24 -19.60
CA ASP N 820 -23.67 3.21 -18.63
C ASP N 820 -22.82 3.13 -17.31
N ALA N 821 -22.15 1.99 -17.13
CA ALA N 821 -21.31 1.70 -15.96
C ALA N 821 -20.28 2.77 -15.68
N ALA N 822 -19.64 3.21 -16.74
CA ALA N 822 -18.69 4.25 -16.62
C ALA N 822 -19.09 5.24 -15.53
N ASN N 823 -20.34 5.74 -15.63
CA ASN N 823 -20.86 6.72 -14.68
C ASN N 823 -21.45 6.15 -13.38
N LEU N 824 -22.38 5.21 -13.44
CA LEU N 824 -22.91 4.68 -12.19
C LEU N 824 -21.84 4.60 -11.14
N PHE N 825 -20.61 4.30 -11.58
CA PHE N 825 -19.46 4.19 -10.69
C PHE N 825 -19.24 5.52 -9.97
N LYS N 826 -19.26 6.59 -10.74
CA LYS N 826 -19.06 7.91 -10.20
C LYS N 826 -20.21 8.28 -9.37
N ALA N 827 -21.39 7.95 -9.88
CA ALA N 827 -22.61 8.30 -9.19
C ALA N 827 -22.61 7.81 -7.76
N VAL N 828 -22.70 6.50 -7.55
CA VAL N 828 -22.68 6.03 -6.18
C VAL N 828 -21.73 6.87 -5.34
N ARG N 829 -20.43 6.89 -5.69
CA ARG N 829 -19.47 7.66 -4.90
C ARG N 829 -19.94 9.09 -4.72
N GLU N 830 -20.39 9.68 -5.80
CA GLU N 830 -20.89 11.04 -5.77
C GLU N 830 -21.97 11.17 -4.68
N THR N 831 -23.11 10.54 -4.91
CA THR N 831 -24.18 10.63 -3.96
C THR N 831 -23.67 10.35 -2.52
N MET N 832 -22.87 9.31 -2.30
CA MET N 832 -22.44 9.06 -0.93
C MET N 832 -21.87 10.31 -0.28
N VAL N 833 -20.76 10.78 -0.82
CA VAL N 833 -20.08 11.98 -0.32
C VAL N 833 -21.04 13.13 -0.09
N ASP N 834 -21.99 13.30 -0.99
CA ASP N 834 -22.90 14.41 -0.80
C ASP N 834 -23.56 14.29 0.54
N THR N 835 -24.35 13.24 0.72
CA THR N 835 -25.12 13.05 1.96
C THR N 835 -24.31 13.17 3.33
N TYR N 836 -23.14 12.53 3.46
CA TYR N 836 -22.44 12.64 4.72
C TYR N 836 -21.91 14.07 4.91
N GLU N 837 -21.74 14.77 3.81
CA GLU N 837 -21.30 16.16 3.88
C GLU N 837 -22.48 17.04 4.23
N SER N 838 -23.69 16.60 3.94
CA SER N 838 -24.86 17.46 4.21
C SER N 838 -25.72 16.92 5.34
N CYS N 839 -25.24 15.92 6.06
CA CYS N 839 -26.08 15.47 7.15
C CYS N 839 -25.22 14.76 8.24
N ASP N 840 -25.74 14.77 9.47
CA ASP N 840 -25.08 14.09 10.57
C ASP N 840 -26.06 13.13 11.20
N VAL N 841 -26.71 12.36 10.33
CA VAL N 841 -27.70 11.37 10.75
C VAL N 841 -27.72 11.14 12.25
N LEU N 842 -26.56 10.88 12.82
CA LEU N 842 -26.48 10.62 14.24
C LEU N 842 -27.03 11.80 14.98
N ALA N 843 -26.35 12.92 14.88
CA ALA N 843 -26.81 14.12 15.55
C ALA N 843 -28.31 14.32 15.33
N ASP N 844 -28.72 14.41 14.07
CA ASP N 844 -30.11 14.61 13.71
C ASP N 844 -30.98 13.69 14.52
N PHE N 845 -30.62 12.40 14.54
CA PHE N 845 -31.38 11.39 15.27
C PHE N 845 -31.61 11.83 16.68
N TYR N 846 -30.58 12.51 17.21
CA TYR N 846 -30.66 13.03 18.57
C TYR N 846 -31.84 13.93 18.66
N ASP N 847 -31.82 14.97 17.87
CA ASP N 847 -32.91 15.87 17.91
C ASP N 847 -34.21 15.10 17.94
N GLN N 848 -34.33 14.04 17.17
CA GLN N 848 -35.63 13.34 17.18
C GLN N 848 -36.13 12.89 18.56
N PHE N 849 -35.35 12.15 19.35
CA PHE N 849 -35.80 11.61 20.68
C PHE N 849 -35.43 12.45 21.87
N ALA N 850 -34.35 13.23 21.80
CA ALA N 850 -33.93 14.04 22.92
C ALA N 850 -35.11 14.44 23.77
N ASP N 851 -35.88 15.36 23.24
CA ASP N 851 -36.98 15.81 23.99
C ASP N 851 -37.92 14.69 24.39
N GLN N 852 -37.51 13.45 24.27
CA GLN N 852 -38.40 12.38 24.70
C GLN N 852 -37.81 11.63 25.92
N LEU N 853 -36.57 11.96 26.25
CA LEU N 853 -35.92 11.34 27.38
C LEU N 853 -36.53 11.87 28.64
N HIS N 854 -36.92 11.02 29.60
CA HIS N 854 -37.48 11.55 30.86
C HIS N 854 -36.45 12.35 31.66
N GLU N 855 -36.92 13.38 32.38
CA GLU N 855 -36.05 14.27 33.20
C GLU N 855 -34.86 13.53 33.83
N SER N 856 -35.17 12.45 34.50
CA SER N 856 -34.19 11.71 35.22
C SER N 856 -33.05 11.10 34.41
N GLN N 857 -33.28 10.71 33.15
CA GLN N 857 -32.23 9.98 32.38
C GLN N 857 -31.37 10.82 31.44
N LEU N 858 -31.49 12.15 31.46
CA LEU N 858 -30.68 13.03 30.58
C LEU N 858 -29.16 12.80 30.78
N ASP N 859 -28.80 12.16 31.91
CA ASP N 859 -27.39 11.86 32.26
C ASP N 859 -26.93 10.43 31.84
N LYS N 860 -27.78 9.55 31.32
CA LYS N 860 -27.24 8.26 30.88
C LYS N 860 -27.08 8.21 29.35
N MET N 861 -27.19 9.36 28.70
CA MET N 861 -27.05 9.41 27.25
C MET N 861 -25.65 9.69 26.77
N PRO N 862 -24.82 8.66 26.71
CA PRO N 862 -23.47 8.94 26.23
C PRO N 862 -23.43 10.07 25.20
N ALA N 863 -22.27 10.73 25.15
CA ALA N 863 -22.04 11.87 24.27
C ALA N 863 -21.90 11.41 22.84
N LEU N 864 -22.45 12.13 21.87
CA LEU N 864 -22.36 11.73 20.45
C LEU N 864 -20.91 11.52 20.02
N PRO N 865 -20.51 10.26 19.89
CA PRO N 865 -19.13 9.89 19.51
C PRO N 865 -18.35 10.98 18.71
N ALA N 866 -17.04 10.99 18.92
CA ALA N 866 -16.12 11.96 18.32
C ALA N 866 -16.00 11.77 16.80
N LYS N 867 -15.74 12.87 16.09
CA LYS N 867 -15.53 12.85 14.64
C LYS N 867 -14.09 12.50 14.34
N GLY N 868 -13.73 12.29 13.07
CA GLY N 868 -12.34 11.93 12.75
C GLY N 868 -11.79 12.81 11.67
N ASN N 869 -10.80 12.29 10.95
CA ASN N 869 -10.19 13.09 9.87
C ASN N 869 -10.38 12.43 8.52
N LEU N 870 -11.33 11.51 8.42
CA LEU N 870 -11.55 10.95 7.11
C LEU N 870 -12.27 11.99 6.26
N ASN N 871 -11.56 12.34 5.20
CA ASN N 871 -12.03 13.31 4.27
C ASN N 871 -13.03 12.68 3.34
N LEU N 872 -14.32 12.87 3.55
CA LEU N 872 -15.21 12.22 2.60
C LEU N 872 -14.72 12.41 1.16
N ARG N 873 -14.41 13.63 0.74
CA ARG N 873 -13.95 13.90 -0.62
C ARG N 873 -12.96 12.92 -1.18
N ASP N 874 -12.40 12.02 -0.39
CA ASP N 874 -11.44 11.04 -0.91
C ASP N 874 -12.16 9.84 -1.56
N ILE N 875 -13.33 9.55 -1.03
CA ILE N 875 -14.19 8.54 -1.57
C ILE N 875 -14.25 8.64 -3.10
N LEU N 876 -14.69 9.81 -3.58
CA LEU N 876 -14.82 10.08 -5.01
C LEU N 876 -13.60 9.60 -5.82
N GLU N 877 -12.53 9.17 -5.18
CA GLU N 877 -11.40 8.71 -5.96
C GLU N 877 -10.93 7.32 -5.51
N SER N 878 -11.71 6.69 -4.64
CA SER N 878 -11.40 5.34 -4.15
C SER N 878 -11.78 4.31 -5.17
N ASP N 879 -10.80 3.59 -5.70
CA ASP N 879 -11.09 2.57 -6.70
C ASP N 879 -12.03 1.49 -6.16
N PHE N 880 -11.58 0.79 -5.13
CA PHE N 880 -12.31 -0.34 -4.61
C PHE N 880 -13.37 -0.02 -3.59
N ALA N 881 -14.09 1.05 -3.77
CA ALA N 881 -15.16 1.29 -2.83
C ALA N 881 -16.44 1.26 -3.63
N PHE N 882 -16.49 0.50 -4.74
CA PHE N 882 -17.74 0.48 -5.48
C PHE N 882 -18.77 0.84 -4.46
N ALA N 883 -19.45 1.94 -4.70
CA ALA N 883 -20.49 2.34 -3.76
C ALA N 883 -19.87 2.74 -2.50
N ASN O 2 -89.10 10.01 9.54
CA ASN O 2 -89.18 9.04 10.68
C ASN O 2 -87.82 8.47 11.00
N THR O 3 -87.07 9.28 11.72
CA THR O 3 -85.70 8.99 12.11
C THR O 3 -85.54 7.88 13.19
N ILE O 4 -84.54 7.02 12.95
CA ILE O 4 -84.16 5.91 13.84
C ILE O 4 -83.88 6.46 15.25
N ASN O 5 -84.80 6.33 16.20
CA ASN O 5 -84.47 6.85 17.51
C ASN O 5 -83.19 6.15 18.05
N ILE O 6 -82.23 6.95 18.51
CA ILE O 6 -80.98 6.45 19.08
C ILE O 6 -81.17 6.18 20.57
N ALA O 7 -82.17 6.87 21.15
CA ALA O 7 -82.50 6.77 22.57
C ALA O 7 -82.96 5.35 22.98
N LYS O 8 -82.25 4.32 22.50
CA LYS O 8 -82.54 2.93 22.84
C LYS O 8 -81.29 2.29 23.44
N ASN O 9 -80.93 1.13 22.92
CA ASN O 9 -79.75 0.40 23.36
C ASN O 9 -78.45 1.19 22.99
N ASP O 10 -78.55 2.22 22.12
CA ASP O 10 -77.37 3.02 21.72
C ASP O 10 -76.91 3.93 22.86
N PHE O 11 -77.81 4.82 23.30
CA PHE O 11 -77.48 5.71 24.40
C PHE O 11 -77.40 4.90 25.67
N SER O 12 -78.09 3.77 25.63
CA SER O 12 -78.09 2.79 26.71
C SER O 12 -76.62 2.34 26.97
N ASP O 13 -75.74 2.60 25.99
CA ASP O 13 -74.32 2.23 26.06
C ASP O 13 -73.70 2.63 27.38
N ILE O 14 -73.78 3.93 27.68
CA ILE O 14 -73.20 4.41 28.92
C ILE O 14 -74.11 4.05 30.10
N GLU O 15 -74.25 2.75 30.35
CA GLU O 15 -75.11 2.25 31.44
C GLU O 15 -74.70 2.80 32.81
N LEU O 16 -75.62 3.62 33.36
CA LEU O 16 -75.49 4.30 34.67
C LEU O 16 -75.77 3.36 35.91
N ALA O 17 -75.82 2.04 35.68
CA ALA O 17 -76.07 1.01 36.71
C ALA O 17 -75.00 -0.07 36.69
N ALA O 18 -74.68 -0.56 35.48
CA ALA O 18 -73.65 -1.61 35.30
C ALA O 18 -72.71 -1.33 34.09
N ILE O 19 -71.40 -1.30 34.38
CA ILE O 19 -70.32 -1.08 33.41
C ILE O 19 -69.02 -1.07 34.23
N PRO O 20 -67.88 -0.72 33.64
CA PRO O 20 -66.67 -0.74 34.49
C PRO O 20 -66.42 0.62 35.19
N PHE O 21 -67.45 1.10 35.88
CA PHE O 21 -67.45 2.37 36.62
C PHE O 21 -67.14 2.16 38.06
N ASN O 22 -66.78 0.93 38.41
CA ASN O 22 -66.40 0.64 39.79
C ASN O 22 -65.39 1.67 40.18
N THR O 23 -64.84 2.28 39.14
CA THR O 23 -63.85 3.34 39.22
C THR O 23 -64.41 4.52 40.04
N LEU O 24 -65.40 5.25 39.50
CA LEU O 24 -66.02 6.40 40.18
C LEU O 24 -66.80 5.97 41.41
N ALA O 25 -67.40 4.78 41.33
CA ALA O 25 -68.17 4.24 42.43
C ALA O 25 -67.30 4.29 43.66
N ASP O 26 -66.18 3.60 43.53
CA ASP O 26 -65.16 3.48 44.56
C ASP O 26 -64.54 4.82 44.93
N HIS O 27 -64.04 5.51 43.92
CA HIS O 27 -63.38 6.78 44.08
C HIS O 27 -64.24 7.88 44.67
N TYR O 28 -65.54 7.95 44.35
CA TYR O 28 -66.33 9.04 44.92
C TYR O 28 -67.71 8.64 45.37
N GLY O 29 -67.93 7.36 45.58
CA GLY O 29 -69.24 6.92 46.01
C GLY O 29 -69.99 6.28 44.87
N GLU O 30 -71.22 5.82 45.16
CA GLU O 30 -72.08 5.15 44.17
C GLU O 30 -73.19 6.12 43.67
N ARG O 31 -73.68 6.92 44.59
CA ARG O 31 -74.70 7.91 44.32
C ARG O 31 -74.21 8.81 43.26
N LEU O 32 -73.13 9.51 43.59
CA LEU O 32 -72.49 10.48 42.71
C LEU O 32 -72.00 9.87 41.38
N ALA O 33 -71.43 8.67 41.42
CA ALA O 33 -70.99 8.10 40.17
C ALA O 33 -72.23 7.75 39.41
N ARG O 34 -73.18 7.16 40.10
CA ARG O 34 -74.42 6.80 39.45
C ARG O 34 -75.00 8.01 38.77
N GLU O 35 -74.70 9.20 39.33
CA GLU O 35 -75.15 10.50 38.81
C GLU O 35 -74.25 10.97 37.67
N GLN O 36 -72.94 11.02 37.91
CA GLN O 36 -71.98 11.42 36.89
C GLN O 36 -72.31 10.77 35.55
N LEU O 37 -72.87 9.58 35.64
CA LEU O 37 -73.21 8.79 34.46
C LEU O 37 -74.65 9.02 34.00
N ALA O 38 -75.53 9.34 34.92
CA ALA O 38 -76.90 9.63 34.55
C ALA O 38 -76.91 10.99 33.87
N LEU O 39 -75.95 11.76 34.32
CA LEU O 39 -75.65 13.07 33.82
C LEU O 39 -75.25 12.93 32.36
N GLU O 40 -74.08 12.29 32.10
CA GLU O 40 -73.54 12.03 30.73
C GLU O 40 -74.60 11.32 29.87
N HIS O 41 -75.41 10.51 30.49
CA HIS O 41 -76.43 9.90 29.72
C HIS O 41 -77.36 10.97 29.19
N GLU O 42 -77.89 11.80 30.10
CA GLU O 42 -78.83 12.88 29.74
C GLU O 42 -78.24 13.82 28.67
N SER O 43 -76.97 14.16 28.76
CA SER O 43 -76.42 15.05 27.76
C SER O 43 -76.71 14.52 26.38
N TYR O 44 -76.47 13.24 26.19
CA TYR O 44 -76.71 12.67 24.87
C TYR O 44 -78.19 12.69 24.46
N GLU O 45 -79.12 12.40 25.35
CA GLU O 45 -80.50 12.43 24.92
C GLU O 45 -80.89 13.85 24.52
N MET O 46 -80.27 14.84 25.15
CA MET O 46 -80.54 16.25 24.86
C MET O 46 -79.87 16.70 23.56
N GLY O 47 -78.66 16.21 23.32
CA GLY O 47 -77.99 16.54 22.08
C GLY O 47 -78.79 15.91 20.93
N GLU O 48 -79.44 14.83 21.30
CA GLU O 48 -80.29 14.12 20.41
C GLU O 48 -81.48 14.98 20.13
N ALA O 49 -82.29 15.24 21.16
CA ALA O 49 -83.49 16.07 21.05
C ALA O 49 -83.20 17.35 20.26
N ARG O 50 -81.97 17.86 20.48
CA ARG O 50 -81.46 19.07 19.81
C ARG O 50 -81.46 18.90 18.29
N PHE O 51 -81.00 17.75 17.82
CA PHE O 51 -80.95 17.49 16.39
C PHE O 51 -82.34 17.16 15.81
N ARG O 52 -83.26 16.74 16.66
CA ARG O 52 -84.63 16.41 16.24
C ARG O 52 -85.41 17.66 15.91
N LYS O 53 -85.42 18.62 16.84
CA LYS O 53 -86.16 19.85 16.62
C LYS O 53 -85.62 20.55 15.41
N MET O 54 -84.32 20.43 15.23
CA MET O 54 -83.70 21.11 14.13
C MET O 54 -83.92 20.37 12.82
N PHE O 55 -83.99 19.06 12.87
CA PHE O 55 -84.28 18.32 11.65
C PHE O 55 -85.73 18.61 11.23
N GLU O 56 -86.62 18.56 12.21
CA GLU O 56 -88.01 18.86 11.99
C GLU O 56 -88.19 20.14 11.15
N ARG O 57 -87.70 21.28 11.62
CA ARG O 57 -87.87 22.51 10.82
C ARG O 57 -87.25 22.34 9.47
N GLN O 58 -86.17 21.58 9.44
CA GLN O 58 -85.44 21.30 8.23
C GLN O 58 -86.34 20.72 7.16
N LEU O 59 -87.19 19.78 7.54
CA LEU O 59 -88.10 19.18 6.56
C LEU O 59 -89.35 20.02 6.46
N LYS O 60 -89.70 20.69 7.54
CA LYS O 60 -90.88 21.52 7.54
C LYS O 60 -90.80 22.60 6.48
N ALA O 61 -89.67 22.74 5.79
CA ALA O 61 -89.58 23.80 4.81
C ALA O 61 -88.79 23.39 3.59
N GLY O 62 -88.63 22.08 3.44
CA GLY O 62 -87.91 21.54 2.29
C GLY O 62 -86.41 21.83 2.24
N GLU O 63 -85.80 22.27 3.35
CA GLU O 63 -84.33 22.57 3.45
C GLU O 63 -83.59 21.28 3.70
N VAL O 64 -84.33 20.20 3.54
CA VAL O 64 -83.78 18.91 3.80
C VAL O 64 -82.48 18.71 3.09
N ALA O 65 -82.36 19.16 1.84
CA ALA O 65 -81.10 18.96 1.15
C ALA O 65 -80.01 19.80 1.75
N ASP O 66 -80.40 20.57 2.78
CA ASP O 66 -79.46 21.40 3.53
C ASP O 66 -79.21 20.73 4.90
N ASN O 67 -79.08 19.42 4.88
CA ASN O 67 -78.92 18.66 6.10
C ASN O 67 -77.97 17.43 5.87
N ALA O 68 -76.83 17.40 6.58
CA ALA O 68 -75.84 16.32 6.41
C ALA O 68 -76.43 14.91 6.40
N ALA O 69 -77.75 14.80 6.40
CA ALA O 69 -78.40 13.51 6.37
C ALA O 69 -78.72 13.13 4.93
N ALA O 70 -78.83 14.13 4.08
CA ALA O 70 -79.17 13.84 2.70
C ALA O 70 -78.02 14.03 1.78
N LYS O 71 -77.01 14.81 2.21
CA LYS O 71 -75.88 15.06 1.35
C LYS O 71 -75.08 13.79 0.98
N PRO O 72 -74.97 12.77 1.86
CA PRO O 72 -74.16 11.62 1.39
C PRO O 72 -74.74 11.09 0.12
N LEU O 73 -76.06 11.19 0.06
CA LEU O 73 -76.85 10.79 -1.08
C LEU O 73 -76.60 11.72 -2.24
N ILE O 74 -76.83 13.00 -1.98
CA ILE O 74 -76.66 14.01 -2.99
C ILE O 74 -75.21 14.05 -3.58
N THR O 75 -74.21 13.52 -2.87
CA THR O 75 -72.85 13.55 -3.42
C THR O 75 -72.64 12.43 -4.44
N THR O 76 -73.37 11.33 -4.24
CA THR O 76 -73.30 10.16 -5.12
C THR O 76 -74.40 10.25 -6.18
N LEU O 77 -75.46 10.96 -5.85
CA LEU O 77 -76.56 11.09 -6.75
C LEU O 77 -76.32 12.11 -7.87
N LEU O 78 -75.75 13.28 -7.60
CA LEU O 78 -75.57 14.37 -8.62
C LEU O 78 -74.72 14.01 -9.84
N PRO O 79 -73.78 13.11 -9.68
CA PRO O 79 -72.94 12.72 -10.81
C PRO O 79 -73.77 11.99 -11.91
N LYS O 80 -74.53 10.97 -11.48
CA LYS O 80 -75.41 10.20 -12.35
C LYS O 80 -76.28 11.13 -13.17
N MET O 81 -76.97 12.02 -12.47
CA MET O 81 -77.84 13.02 -13.08
C MET O 81 -77.07 13.92 -14.02
N ILE O 82 -76.00 14.56 -13.55
CA ILE O 82 -75.27 15.40 -14.48
C ILE O 82 -74.88 14.58 -15.68
N ALA O 83 -74.37 13.35 -15.47
CA ALA O 83 -74.03 12.50 -16.61
C ALA O 83 -75.21 12.46 -17.61
N ARG O 84 -76.33 11.88 -17.16
CA ARG O 84 -77.55 11.73 -17.96
C ARG O 84 -78.01 13.02 -18.61
N ILE O 85 -77.41 14.13 -18.23
CA ILE O 85 -77.80 15.39 -18.82
C ILE O 85 -76.94 15.72 -20.03
N ASN O 86 -75.66 15.41 -19.95
CA ASN O 86 -74.82 15.75 -21.07
C ASN O 86 -75.02 14.84 -22.26
N ASP O 87 -75.47 13.61 -22.00
CA ASP O 87 -75.78 12.66 -23.08
C ASP O 87 -77.03 13.13 -23.77
N TRP O 88 -77.95 13.61 -22.94
CA TRP O 88 -79.18 14.09 -23.46
C TRP O 88 -78.97 15.33 -24.29
N PHE O 89 -77.97 16.14 -23.96
CA PHE O 89 -77.73 17.34 -24.74
C PHE O 89 -77.16 16.98 -26.12
N GLU O 90 -76.38 15.89 -26.17
CA GLU O 90 -75.70 15.37 -27.38
C GLU O 90 -76.64 14.54 -28.29
N GLU O 91 -77.65 13.92 -27.67
CA GLU O 91 -78.60 13.12 -28.41
C GLU O 91 -79.68 13.98 -29.08
N VAL O 92 -79.57 15.30 -28.91
CA VAL O 92 -80.51 16.25 -29.53
C VAL O 92 -79.77 17.12 -30.53
N LYS O 93 -78.44 17.09 -30.42
CA LYS O 93 -77.51 17.83 -31.28
C LYS O 93 -77.28 17.08 -32.61
N ALA O 94 -77.13 15.76 -32.49
CA ALA O 94 -76.89 14.90 -33.64
C ALA O 94 -78.21 14.48 -34.37
N LYS O 95 -79.31 15.20 -34.11
CA LYS O 95 -80.61 14.96 -34.77
C LYS O 95 -81.22 16.25 -35.25
N ARG O 96 -81.49 16.35 -36.53
CA ARG O 96 -82.10 17.56 -37.08
C ARG O 96 -83.56 17.62 -36.60
N GLY O 97 -84.35 18.51 -37.22
CA GLY O 97 -85.75 18.66 -36.86
C GLY O 97 -85.90 19.39 -35.53
N LYS O 98 -86.71 20.46 -35.51
CA LYS O 98 -86.93 21.27 -34.29
C LYS O 98 -86.60 20.47 -33.00
N ARG O 99 -85.77 21.07 -32.15
CA ARG O 99 -85.37 20.48 -30.88
C ARG O 99 -86.46 20.70 -29.86
N PRO O 100 -86.59 19.76 -28.90
CA PRO O 100 -87.59 19.77 -27.82
C PRO O 100 -87.66 21.12 -27.09
N THR O 101 -88.80 21.41 -26.47
CA THR O 101 -88.92 22.70 -25.82
C THR O 101 -87.96 22.81 -24.63
N ALA O 102 -87.79 21.71 -23.90
CA ALA O 102 -86.90 21.70 -22.75
C ALA O 102 -85.50 22.22 -23.09
N PHE O 103 -84.76 21.38 -23.80
CA PHE O 103 -83.39 21.65 -24.25
C PHE O 103 -83.14 23.10 -24.70
N GLN O 104 -84.14 23.77 -25.28
CA GLN O 104 -83.97 25.16 -25.70
C GLN O 104 -83.43 26.00 -24.55
N PHE O 105 -84.17 25.92 -23.46
CA PHE O 105 -83.88 26.60 -22.22
C PHE O 105 -82.69 25.96 -21.50
N LEU O 106 -82.89 24.73 -21.02
CA LEU O 106 -81.88 23.97 -20.29
C LEU O 106 -80.49 24.05 -20.86
N GLN O 107 -80.30 24.79 -21.94
CA GLN O 107 -78.96 24.91 -22.51
C GLN O 107 -78.27 26.13 -21.98
N GLU O 108 -79.05 26.99 -21.32
CA GLU O 108 -78.54 28.24 -20.77
C GLU O 108 -77.81 28.05 -19.44
N ILE O 109 -78.45 27.36 -18.50
CA ILE O 109 -77.92 27.11 -17.15
C ILE O 109 -76.85 26.02 -17.12
N LYS O 110 -75.84 26.19 -16.26
CA LYS O 110 -74.79 25.20 -16.12
C LYS O 110 -75.41 23.85 -15.79
N PRO O 111 -75.23 22.84 -16.66
CA PRO O 111 -75.79 21.50 -16.44
C PRO O 111 -75.62 21.06 -15.02
N GLU O 112 -74.43 21.29 -14.47
CA GLU O 112 -74.12 20.95 -13.08
C GLU O 112 -75.27 21.40 -12.20
N ALA O 113 -75.53 22.70 -12.28
CA ALA O 113 -76.59 23.32 -11.50
C ALA O 113 -77.91 22.66 -11.81
N VAL O 114 -78.22 22.60 -13.11
CA VAL O 114 -79.44 22.00 -13.64
C VAL O 114 -79.74 20.76 -12.83
N ALA O 115 -78.80 19.83 -12.86
CA ALA O 115 -78.94 18.62 -12.08
C ALA O 115 -79.36 18.94 -10.65
N TYR O 116 -78.47 19.64 -9.96
CA TYR O 116 -78.66 20.02 -8.57
C TYR O 116 -80.04 20.61 -8.26
N ILE O 117 -80.39 21.71 -8.94
CA ILE O 117 -81.64 22.41 -8.69
C ILE O 117 -82.78 21.49 -8.59
N THR O 118 -82.75 20.50 -9.46
CA THR O 118 -83.81 19.50 -9.54
C THR O 118 -83.87 18.62 -8.32
N ILE O 119 -82.73 18.01 -7.97
CA ILE O 119 -82.58 17.11 -6.80
C ILE O 119 -83.18 17.75 -5.56
N LYS O 120 -82.68 18.97 -5.36
CA LYS O 120 -83.06 19.81 -4.26
C LYS O 120 -84.54 20.08 -4.27
N THR O 121 -84.97 20.90 -5.22
CA THR O 121 -86.36 21.32 -5.30
C THR O 121 -87.31 20.17 -5.19
N THR O 122 -86.84 19.02 -5.64
CA THR O 122 -87.63 17.81 -5.62
C THR O 122 -87.85 17.31 -4.22
N LEU O 123 -86.74 17.03 -3.55
CA LEU O 123 -86.82 16.54 -2.20
C LEU O 123 -87.69 17.44 -1.36
N ALA O 124 -87.66 18.73 -1.68
CA ALA O 124 -88.46 19.72 -0.94
C ALA O 124 -89.92 19.44 -1.08
N CYS O 125 -90.38 19.26 -2.31
CA CYS O 125 -91.79 19.02 -2.50
C CYS O 125 -92.22 17.64 -2.01
N LEU O 126 -91.33 16.66 -1.99
CA LEU O 126 -91.71 15.32 -1.50
C LEU O 126 -92.00 15.32 0.02
N THR O 127 -91.32 16.22 0.75
CA THR O 127 -91.47 16.37 2.20
C THR O 127 -92.66 17.26 2.54
N SER O 128 -93.38 17.66 1.48
CA SER O 128 -94.58 18.47 1.62
C SER O 128 -95.67 17.60 2.28
N ALA O 129 -96.74 18.23 2.81
CA ALA O 129 -97.86 17.51 3.50
C ALA O 129 -98.73 16.64 2.54
N ASP O 130 -99.21 17.22 1.42
CA ASP O 130 -100.07 16.50 0.45
C ASP O 130 -99.58 16.56 -1.00
N ASN O 131 -99.71 17.72 -1.63
CA ASN O 131 -99.35 17.91 -3.05
C ASN O 131 -97.94 17.36 -3.42
N THR O 132 -97.94 16.30 -4.23
CA THR O 132 -96.73 15.61 -4.75
C THR O 132 -96.91 15.34 -6.25
N THR O 133 -97.89 16.02 -6.80
CA THR O 133 -98.27 15.91 -8.19
C THR O 133 -97.13 16.28 -9.13
N VAL O 134 -96.84 15.38 -10.06
CA VAL O 134 -95.78 15.62 -11.01
C VAL O 134 -96.04 16.96 -11.80
N GLN O 135 -97.22 17.54 -11.63
CA GLN O 135 -97.60 18.79 -12.32
C GLN O 135 -97.16 20.03 -11.52
N ALA O 136 -97.13 19.88 -10.20
CA ALA O 136 -96.72 20.93 -9.28
C ALA O 136 -95.19 20.98 -9.25
N VAL O 137 -94.62 19.81 -8.95
CA VAL O 137 -93.17 19.64 -8.90
C VAL O 137 -92.55 20.26 -10.15
N ALA O 138 -93.01 19.81 -11.32
CA ALA O 138 -92.51 20.33 -12.59
C ALA O 138 -92.49 21.83 -12.53
N SER O 139 -93.67 22.40 -12.34
CA SER O 139 -93.82 23.85 -12.26
C SER O 139 -92.72 24.37 -11.39
N ALA O 140 -92.53 23.69 -10.28
CA ALA O 140 -91.49 24.13 -9.41
C ALA O 140 -90.18 24.17 -10.19
N ILE O 141 -89.59 23.01 -10.32
CA ILE O 141 -88.30 22.87 -10.95
C ILE O 141 -88.03 23.89 -12.02
N GLY O 142 -88.95 24.07 -12.93
CA GLY O 142 -88.71 25.04 -13.97
C GLY O 142 -88.62 26.44 -13.42
N ARG O 143 -89.59 26.79 -12.57
CA ARG O 143 -89.68 28.12 -11.95
C ARG O 143 -88.28 28.53 -11.46
N ALA O 144 -87.60 27.53 -10.92
CA ALA O 144 -86.28 27.70 -10.38
C ALA O 144 -85.27 27.96 -11.49
N ILE O 145 -85.14 26.98 -12.36
CA ILE O 145 -84.17 27.07 -13.42
C ILE O 145 -84.13 28.45 -14.11
N GLU O 146 -85.26 28.95 -14.59
CA GLU O 146 -85.22 30.24 -15.28
C GLU O 146 -84.51 31.32 -14.45
N ASP O 147 -84.82 31.37 -13.15
CA ASP O 147 -84.22 32.36 -12.25
C ASP O 147 -82.69 32.33 -12.33
N GLU O 148 -82.11 31.15 -12.18
CA GLU O 148 -80.67 31.04 -12.23
C GLU O 148 -80.14 31.32 -13.64
N ALA O 149 -80.96 31.19 -14.66
CA ALA O 149 -80.47 31.48 -15.99
C ALA O 149 -80.53 32.97 -16.26
N ARG O 150 -81.61 33.57 -15.78
CA ARG O 150 -81.84 34.98 -15.95
C ARG O 150 -80.90 35.85 -15.08
N PHE O 151 -80.87 35.57 -13.75
CA PHE O 151 -80.08 36.35 -12.80
C PHE O 151 -78.68 35.87 -12.70
N GLY O 152 -78.51 34.66 -13.19
CA GLY O 152 -77.20 34.06 -13.22
C GLY O 152 -76.39 34.66 -14.36
N ARG O 153 -77.08 35.31 -15.27
CA ARG O 153 -76.44 35.96 -16.39
C ARG O 153 -75.74 37.20 -15.85
N ILE O 154 -76.20 37.64 -14.67
CA ILE O 154 -75.66 38.81 -14.03
C ILE O 154 -74.28 38.55 -13.55
N ARG O 155 -74.23 37.56 -12.69
CA ARG O 155 -73.03 37.14 -12.04
C ARG O 155 -71.97 36.56 -12.97
N ASP O 156 -72.25 36.45 -14.27
CA ASP O 156 -71.27 35.85 -15.18
C ASP O 156 -70.65 36.87 -16.15
N LEU O 157 -71.48 37.54 -16.93
CA LEU O 157 -70.91 38.48 -17.84
C LEU O 157 -71.17 39.89 -17.37
N GLU O 158 -72.45 40.32 -17.42
CA GLU O 158 -72.84 41.67 -17.01
C GLU O 158 -72.12 42.15 -15.70
N ALA O 159 -72.18 41.38 -14.60
CA ALA O 159 -71.54 41.76 -13.33
C ALA O 159 -70.27 40.95 -13.00
N LYS O 160 -69.46 40.67 -14.01
CA LYS O 160 -68.21 39.92 -13.83
C LYS O 160 -67.47 40.48 -12.62
N HIS O 161 -67.50 41.80 -12.50
CA HIS O 161 -66.87 42.50 -11.40
C HIS O 161 -67.93 43.18 -10.52
N PHE O 162 -68.75 44.05 -11.13
CA PHE O 162 -69.83 44.70 -10.40
C PHE O 162 -70.46 43.71 -9.41
N LYS O 163 -70.28 42.41 -9.68
CA LYS O 163 -70.82 41.37 -8.83
C LYS O 163 -70.55 41.67 -7.37
N LYS O 164 -69.43 42.36 -7.10
CA LYS O 164 -69.03 42.72 -5.73
C LYS O 164 -70.11 43.53 -5.04
N ASN O 165 -70.59 44.55 -5.71
CA ASN O 165 -71.65 45.39 -5.15
C ASN O 165 -72.90 44.62 -4.93
N VAL O 166 -72.88 43.34 -5.26
CA VAL O 166 -74.07 42.55 -5.15
C VAL O 166 -73.96 41.42 -4.12
N GLU O 167 -72.94 40.56 -4.28
CA GLU O 167 -72.70 39.40 -3.41
C GLU O 167 -72.96 39.71 -1.95
N GLU O 168 -72.16 40.61 -1.40
CA GLU O 168 -72.27 40.97 -0.02
C GLU O 168 -73.73 41.25 0.39
N GLN O 169 -74.43 42.13 -0.33
CA GLN O 169 -75.82 42.48 0.03
C GLN O 169 -76.80 41.38 -0.31
N LEU O 170 -76.45 40.59 -1.30
CA LEU O 170 -77.32 39.50 -1.65
C LEU O 170 -77.30 38.52 -0.50
N ASN O 171 -76.08 38.11 -0.15
CA ASN O 171 -75.83 37.16 0.95
C ASN O 171 -76.55 37.59 2.21
N LYS O 172 -76.50 38.88 2.51
CA LYS O 172 -77.14 39.42 3.71
C LYS O 172 -78.67 39.25 3.65
N ARG O 173 -79.17 39.05 2.43
CA ARG O 173 -80.58 38.84 2.20
C ARG O 173 -80.89 37.37 2.39
N VAL O 174 -81.92 37.10 3.18
CA VAL O 174 -82.35 35.74 3.47
C VAL O 174 -83.81 35.56 3.08
N GLY O 175 -84.12 34.40 2.54
CA GLY O 175 -85.46 34.13 2.09
C GLY O 175 -85.51 34.20 0.59
N HIS O 176 -85.67 33.05 -0.05
CA HIS O 176 -85.72 33.09 -1.49
C HIS O 176 -86.39 34.37 -1.94
N VAL O 177 -87.63 34.58 -1.47
CA VAL O 177 -88.42 35.74 -1.88
C VAL O 177 -87.61 37.06 -1.89
N TYR O 178 -87.00 37.41 -0.76
CA TYR O 178 -86.20 38.66 -0.66
C TYR O 178 -84.96 38.59 -1.53
N LYS O 179 -84.55 37.37 -1.87
CA LYS O 179 -83.39 37.22 -2.72
C LYS O 179 -83.76 37.58 -4.13
N LYS O 180 -84.98 37.26 -4.51
CA LYS O 180 -85.35 37.63 -5.84
C LYS O 180 -85.40 39.10 -5.88
N ALA O 181 -86.34 39.59 -5.10
CA ALA O 181 -86.61 41.00 -4.98
C ALA O 181 -85.38 41.85 -5.30
N PHE O 182 -84.31 41.63 -4.54
CA PHE O 182 -83.08 42.42 -4.66
C PHE O 182 -82.40 42.25 -6.01
N MET O 183 -82.62 41.12 -6.65
CA MET O 183 -81.99 40.96 -7.95
C MET O 183 -82.86 41.57 -9.07
N GLN O 184 -84.19 41.45 -8.94
CA GLN O 184 -85.10 42.01 -9.94
C GLN O 184 -84.85 43.49 -10.08
N VAL O 185 -84.60 44.11 -8.96
CA VAL O 185 -84.36 45.53 -8.95
C VAL O 185 -82.92 45.83 -9.33
N VAL O 186 -82.09 44.79 -9.22
CA VAL O 186 -80.67 44.88 -9.60
C VAL O 186 -80.55 45.00 -11.11
N GLU O 187 -81.36 44.21 -11.80
CA GLU O 187 -81.44 44.17 -13.29
C GLU O 187 -82.00 45.50 -13.80
N ALA O 188 -83.03 45.95 -13.08
CA ALA O 188 -83.79 47.20 -13.27
C ALA O 188 -82.85 48.41 -13.28
N ASP O 189 -81.72 48.23 -12.60
CA ASP O 189 -80.73 49.27 -12.51
C ASP O 189 -79.58 48.98 -13.44
N MET O 190 -79.17 47.73 -13.54
CA MET O 190 -78.07 47.49 -14.42
C MET O 190 -78.44 47.75 -15.86
N LEU O 191 -79.66 47.40 -16.27
CA LEU O 191 -80.08 47.64 -17.67
C LEU O 191 -80.33 49.15 -17.91
N SER O 192 -80.61 49.84 -16.80
CA SER O 192 -80.84 51.28 -16.78
C SER O 192 -79.54 52.05 -17.05
N LYS O 193 -78.37 51.43 -16.91
CA LYS O 193 -77.10 52.10 -17.20
C LYS O 193 -76.12 51.16 -17.92
N GLY O 194 -75.71 50.12 -17.20
CA GLY O 194 -74.73 49.12 -17.66
C GLY O 194 -75.19 48.22 -18.81
N LEU O 195 -74.75 46.95 -18.79
CA LEU O 195 -75.10 46.01 -19.85
C LEU O 195 -76.55 46.11 -20.20
N LEU O 196 -76.82 46.43 -21.45
CA LEU O 196 -78.19 46.58 -21.87
C LEU O 196 -78.71 45.32 -22.54
N GLY O 197 -80.02 45.38 -22.82
CA GLY O 197 -80.75 44.30 -23.44
C GLY O 197 -82.22 44.41 -23.06
N GLY O 198 -82.97 43.31 -23.14
CA GLY O 198 -84.37 43.38 -22.78
C GLY O 198 -84.68 42.53 -21.58
N GLU O 199 -85.46 41.48 -21.82
CA GLU O 199 -85.86 40.53 -20.79
C GLU O 199 -86.69 39.34 -21.40
N ALA O 200 -85.97 38.46 -22.11
CA ALA O 200 -86.53 37.28 -22.77
C ALA O 200 -87.01 36.21 -21.78
N TRP O 201 -87.49 36.60 -20.59
CA TRP O 201 -87.96 35.61 -19.62
C TRP O 201 -89.47 35.76 -19.46
N SER O 202 -89.96 36.91 -19.89
CA SER O 202 -91.38 37.22 -19.82
C SER O 202 -92.17 36.37 -20.86
N SER O 203 -91.43 35.82 -21.84
CA SER O 203 -91.98 34.93 -22.89
C SER O 203 -92.03 33.50 -22.31
N TRP O 204 -91.33 33.32 -21.17
CA TRP O 204 -91.30 32.04 -20.45
C TRP O 204 -92.71 31.80 -19.88
N HIS O 205 -93.59 31.39 -20.79
CA HIS O 205 -94.98 31.07 -20.57
C HIS O 205 -95.06 30.01 -19.48
N LYS O 206 -95.98 30.17 -18.51
CA LYS O 206 -96.06 29.17 -17.47
C LYS O 206 -96.13 27.73 -18.04
N GLU O 207 -96.19 27.63 -19.37
CA GLU O 207 -96.19 26.32 -20.02
C GLU O 207 -94.76 25.81 -20.08
N ASP O 208 -93.89 26.72 -20.56
CA ASP O 208 -92.46 26.50 -20.75
C ASP O 208 -91.80 26.09 -19.41
N SER O 209 -92.40 26.54 -18.32
CA SER O 209 -91.93 26.23 -16.99
C SER O 209 -92.04 24.73 -16.75
N ILE O 210 -93.28 24.26 -16.76
CA ILE O 210 -93.60 22.84 -16.54
C ILE O 210 -92.73 21.93 -17.40
N HIS O 211 -92.82 22.14 -18.71
CA HIS O 211 -92.05 21.39 -19.71
C HIS O 211 -90.64 21.05 -19.17
N VAL O 212 -89.79 22.08 -19.12
CA VAL O 212 -88.43 21.91 -18.66
C VAL O 212 -88.43 21.11 -17.40
N GLY O 213 -89.43 21.39 -16.56
CA GLY O 213 -89.55 20.69 -15.31
C GLY O 213 -89.71 19.20 -15.54
N VAL O 214 -90.78 18.85 -16.20
CA VAL O 214 -91.04 17.46 -16.46
C VAL O 214 -89.82 16.77 -17.11
N ARG O 215 -89.25 17.41 -18.13
CA ARG O 215 -88.09 16.82 -18.79
C ARG O 215 -87.10 16.28 -17.73
N CYS O 216 -86.74 17.14 -16.78
CA CYS O 216 -85.80 16.84 -15.71
C CYS O 216 -86.26 15.70 -14.85
N ILE O 217 -87.47 15.79 -14.35
CA ILE O 217 -87.96 14.73 -13.53
C ILE O 217 -87.70 13.44 -14.22
N GLU O 218 -88.06 13.41 -15.49
CA GLU O 218 -87.84 12.20 -16.24
C GLU O 218 -86.40 11.75 -16.03
N MET O 219 -85.48 12.55 -16.55
CA MET O 219 -84.03 12.32 -16.51
C MET O 219 -83.57 11.75 -15.19
N LEU O 220 -84.02 12.37 -14.11
CA LEU O 220 -83.64 11.95 -12.79
C LEU O 220 -84.06 10.52 -12.56
N ILE O 221 -85.32 10.21 -12.85
CA ILE O 221 -85.77 8.84 -12.63
C ILE O 221 -85.06 7.94 -13.62
N GLU O 222 -84.58 8.58 -14.68
CA GLU O 222 -83.84 7.87 -15.72
C GLU O 222 -82.50 7.40 -15.15
N SER O 223 -81.66 8.37 -14.83
CA SER O 223 -80.28 8.23 -14.29
C SER O 223 -80.20 7.50 -12.92
N THR O 224 -81.21 7.72 -12.07
CA THR O 224 -81.27 7.10 -10.75
C THR O 224 -82.69 6.81 -10.34
N GLY O 225 -82.84 5.85 -9.47
CA GLY O 225 -84.18 5.49 -9.06
C GLY O 225 -84.62 6.19 -7.80
N MET O 226 -84.47 7.51 -7.73
CA MET O 226 -84.87 8.31 -6.54
C MET O 226 -86.41 8.44 -6.40
N VAL O 227 -87.03 8.96 -7.46
CA VAL O 227 -88.48 9.12 -7.45
C VAL O 227 -89.14 8.14 -8.37
N SER O 228 -90.23 7.58 -7.88
CA SER O 228 -91.06 6.62 -8.60
C SER O 228 -92.29 7.33 -9.23
N LEU O 229 -92.47 7.20 -10.53
CA LEU O 229 -93.57 7.83 -11.21
C LEU O 229 -94.73 6.86 -11.32
N HIS O 230 -95.52 6.70 -10.26
CA HIS O 230 -96.63 5.78 -10.37
C HIS O 230 -97.99 6.50 -10.48
N ARG O 231 -98.98 5.77 -11.00
CA ARG O 231 -100.33 6.27 -11.24
C ARG O 231 -101.21 6.29 -9.97
N GLN O 232 -101.73 7.48 -9.64
CA GLN O 232 -102.61 7.63 -8.49
C GLN O 232 -104.08 7.42 -8.91
N ASN O 233 -104.65 6.26 -8.52
CA ASN O 233 -106.05 5.90 -8.84
C ASN O 233 -106.27 5.79 -10.35
N ALA O 234 -105.73 4.76 -11.00
CA ALA O 234 -105.88 4.60 -12.45
C ALA O 234 -107.30 4.13 -12.86
N GLY O 235 -108.23 5.09 -13.00
CA GLY O 235 -109.61 4.78 -13.37
C GLY O 235 -110.65 5.74 -12.80
N VAL O 236 -110.32 7.03 -12.66
CA VAL O 236 -111.28 8.02 -12.15
C VAL O 236 -111.16 9.34 -12.92
N VAL O 237 -112.31 10.00 -13.14
CA VAL O 237 -112.37 11.27 -13.85
C VAL O 237 -111.51 12.33 -13.14
N GLY O 238 -111.77 12.48 -11.84
CA GLY O 238 -111.05 13.45 -11.05
C GLY O 238 -110.11 12.85 -10.02
N GLN O 239 -109.65 11.62 -10.24
CA GLN O 239 -108.71 11.00 -9.29
C GLN O 239 -107.47 10.49 -10.02
N ASP O 240 -107.67 10.23 -11.30
CA ASP O 240 -106.65 9.74 -12.24
C ASP O 240 -105.47 10.73 -12.28
N SER O 241 -104.72 10.77 -11.16
CA SER O 241 -103.57 11.67 -10.89
C SER O 241 -102.19 10.99 -11.02
N GLU O 242 -101.38 11.47 -11.96
CA GLU O 242 -100.02 10.98 -12.11
C GLU O 242 -99.19 11.81 -11.16
N THR O 243 -98.54 11.15 -10.21
CA THR O 243 -97.73 11.86 -9.21
C THR O 243 -96.35 11.22 -8.97
N ILE O 244 -95.61 11.82 -8.06
CA ILE O 244 -94.30 11.32 -7.73
C ILE O 244 -94.20 10.85 -6.29
N GLU O 245 -93.33 9.86 -6.10
CA GLU O 245 -93.06 9.20 -4.81
C GLU O 245 -91.53 8.99 -4.61
N LEU O 246 -91.05 8.96 -3.37
CA LEU O 246 -89.63 8.74 -3.11
C LEU O 246 -89.35 7.29 -2.77
N ALA O 247 -88.12 6.89 -3.10
CA ALA O 247 -87.65 5.53 -2.87
C ALA O 247 -87.58 5.20 -1.39
N PRO O 248 -88.25 4.11 -0.97
CA PRO O 248 -88.31 3.62 0.43
C PRO O 248 -86.92 3.45 1.08
N GLU O 249 -85.89 3.30 0.27
CA GLU O 249 -84.53 3.06 0.76
C GLU O 249 -83.80 4.34 0.96
N TYR O 250 -83.81 5.18 -0.05
CA TYR O 250 -83.16 6.45 0.10
C TYR O 250 -83.67 7.15 1.33
N ALA O 251 -84.97 7.07 1.54
CA ALA O 251 -85.54 7.70 2.72
C ALA O 251 -84.90 7.13 3.96
N GLU O 252 -84.69 5.81 3.92
CA GLU O 252 -84.07 5.08 5.01
C GLU O 252 -82.64 5.61 5.20
N ALA O 253 -81.92 5.77 4.09
CA ALA O 253 -80.54 6.28 4.12
C ALA O 253 -80.48 7.60 4.90
N ILE O 254 -81.35 8.53 4.56
CA ILE O 254 -81.40 9.76 5.29
C ILE O 254 -81.71 9.41 6.76
N ALA O 255 -82.86 8.80 7.00
CA ALA O 255 -83.27 8.43 8.34
C ALA O 255 -82.11 7.90 9.17
N THR O 256 -81.38 6.90 8.67
CA THR O 256 -80.25 6.26 9.42
C THR O 256 -79.06 7.24 9.64
N ARG O 257 -78.66 7.94 8.59
CA ARG O 257 -77.57 8.90 8.77
C ARG O 257 -78.03 9.92 9.80
N ALA O 258 -79.28 10.33 9.66
CA ALA O 258 -79.91 11.27 10.58
C ALA O 258 -79.97 10.67 11.96
N GLY O 259 -80.21 9.35 12.02
CA GLY O 259 -80.23 8.70 13.31
C GLY O 259 -78.87 8.80 14.03
N ALA O 260 -77.80 8.32 13.37
CA ALA O 260 -76.43 8.36 13.93
C ALA O 260 -76.02 9.79 14.27
N LEU O 261 -76.06 10.67 13.27
CA LEU O 261 -75.74 12.06 13.48
C LEU O 261 -76.32 12.52 14.82
N ALA O 262 -77.65 12.55 14.89
CA ALA O 262 -78.39 12.94 16.08
C ALA O 262 -77.65 12.49 17.34
N GLY O 263 -76.97 11.35 17.26
CA GLY O 263 -76.25 10.84 18.40
C GLY O 263 -74.78 11.21 18.47
N ILE O 264 -74.33 12.32 17.88
CA ILE O 264 -72.92 12.63 17.99
C ILE O 264 -72.71 14.07 18.42
N SER O 265 -73.83 14.70 18.78
CA SER O 265 -73.85 16.06 19.29
C SER O 265 -74.53 16.06 20.67
N PRO O 266 -73.73 15.90 21.72
CA PRO O 266 -74.18 15.87 23.11
C PRO O 266 -74.05 17.23 23.75
N MET O 267 -75.13 17.67 24.40
CA MET O 267 -75.08 18.94 25.08
C MET O 267 -74.21 18.75 26.27
N PHE O 268 -73.05 19.37 26.25
CA PHE O 268 -72.12 19.16 27.30
C PHE O 268 -72.42 19.96 28.55
N GLN O 269 -72.65 19.17 29.63
CA GLN O 269 -72.91 19.65 31.00
C GLN O 269 -71.65 19.52 31.83
N PRO O 270 -71.71 19.98 33.08
CA PRO O 270 -70.47 19.83 33.85
C PRO O 270 -70.40 18.46 34.62
N CYS O 271 -69.42 18.32 35.52
CA CYS O 271 -69.30 17.04 36.20
C CYS O 271 -69.62 17.10 37.69
N VAL O 272 -70.18 16.00 38.18
CA VAL O 272 -70.58 15.85 39.55
C VAL O 272 -69.44 15.31 40.36
N VAL O 273 -68.34 14.98 39.68
CA VAL O 273 -67.13 14.42 40.33
C VAL O 273 -65.94 14.89 39.58
N PRO O 274 -64.79 15.02 40.21
CA PRO O 274 -63.67 15.49 39.38
C PRO O 274 -63.66 14.77 38.08
N PRO O 275 -63.19 15.43 37.01
CA PRO O 275 -63.12 14.87 35.66
C PRO O 275 -62.12 13.71 35.53
N LYS O 276 -62.31 12.82 34.55
CA LYS O 276 -61.38 11.71 34.31
C LYS O 276 -60.09 12.31 33.72
N PRO O 277 -58.99 12.33 34.49
CA PRO O 277 -57.74 12.93 33.99
C PRO O 277 -57.38 12.56 32.58
N TRP O 278 -56.61 13.44 31.97
CA TRP O 278 -56.21 13.23 30.60
C TRP O 278 -55.04 12.27 30.45
N THR O 279 -55.38 11.06 30.01
CA THR O 279 -54.41 10.00 29.83
C THR O 279 -53.82 9.94 28.41
N GLY O 280 -54.28 10.78 27.49
CA GLY O 280 -53.70 10.70 26.16
C GLY O 280 -54.43 11.51 25.16
N ILE O 281 -54.71 10.94 24.02
CA ILE O 281 -55.40 11.65 22.98
C ILE O 281 -56.88 11.65 23.23
N THR O 282 -57.52 10.53 23.24
CA THR O 282 -58.88 10.76 23.49
C THR O 282 -59.22 10.18 24.83
N GLY O 283 -60.51 10.20 25.18
CA GLY O 283 -61.01 9.65 26.43
C GLY O 283 -60.75 10.50 27.66
N GLY O 284 -60.43 11.77 27.51
CA GLY O 284 -60.18 12.62 28.66
C GLY O 284 -61.35 13.52 28.99
N GLY O 285 -61.61 13.67 30.29
CA GLY O 285 -62.71 14.48 30.78
C GLY O 285 -63.82 13.60 31.28
N TYR O 286 -64.85 13.43 30.48
CA TYR O 286 -65.94 12.60 30.90
C TYR O 286 -65.49 11.21 31.08
N TRP O 287 -66.28 10.41 31.78
CA TRP O 287 -65.94 9.02 32.04
C TRP O 287 -66.64 8.09 31.04
N ALA O 288 -67.98 8.20 30.99
CA ALA O 288 -68.82 7.39 30.10
C ALA O 288 -68.13 7.02 28.78
N ASN O 289 -68.65 5.98 28.12
CA ASN O 289 -68.09 5.49 26.84
C ASN O 289 -69.02 5.85 25.68
N GLY O 290 -69.33 7.14 25.59
CA GLY O 290 -70.21 7.63 24.55
C GLY O 290 -69.57 7.61 23.19
N ARG O 291 -70.40 7.72 22.18
CA ARG O 291 -69.89 7.67 20.82
C ARG O 291 -69.27 9.00 20.40
N ARG O 292 -69.02 9.89 21.36
CA ARG O 292 -68.43 11.17 21.01
C ARG O 292 -67.38 11.56 21.97
N PRO O 293 -66.36 10.74 21.99
CA PRO O 293 -65.23 10.97 22.88
C PRO O 293 -64.63 12.34 22.69
N LEU O 294 -64.08 12.85 23.77
CA LEU O 294 -63.43 14.15 23.76
C LEU O 294 -62.03 14.03 23.34
N ALA O 295 -61.54 15.06 22.70
CA ALA O 295 -60.19 14.99 22.28
C ALA O 295 -59.33 15.87 23.09
N LEU O 296 -58.18 15.36 23.47
CA LEU O 296 -57.30 16.25 24.14
C LEU O 296 -57.09 17.50 23.31
N VAL O 297 -57.30 17.38 21.99
CA VAL O 297 -57.17 18.55 21.17
C VAL O 297 -58.36 18.70 20.25
N ARG O 298 -58.69 19.96 20.06
CA ARG O 298 -59.78 20.45 19.26
C ARG O 298 -59.26 20.72 17.86
N THR O 299 -59.40 19.70 16.98
CA THR O 299 -58.94 19.82 15.59
C THR O 299 -59.97 19.39 14.60
N HIS O 300 -59.70 19.87 13.39
CA HIS O 300 -60.51 19.73 12.21
C HIS O 300 -60.47 18.34 11.56
N SER O 301 -59.27 17.92 11.19
CA SER O 301 -59.05 16.66 10.48
C SER O 301 -58.70 15.49 11.42
N LYS O 302 -59.48 14.41 11.40
CA LYS O 302 -59.18 13.30 12.29
C LYS O 302 -57.71 12.98 12.29
N LYS O 303 -57.09 13.19 11.12
CA LYS O 303 -55.68 12.93 10.95
C LYS O 303 -54.85 13.90 11.81
N ALA O 304 -55.17 15.18 11.76
CA ALA O 304 -54.41 16.15 12.54
C ALA O 304 -54.46 15.88 14.04
N LEU O 305 -55.49 15.18 14.47
CA LEU O 305 -55.55 14.89 15.85
C LEU O 305 -54.47 13.84 16.18
N MET O 306 -54.39 12.84 15.32
CA MET O 306 -53.45 11.74 15.47
C MET O 306 -52.02 12.25 15.66
N ARG O 307 -51.67 13.29 14.94
CA ARG O 307 -50.35 13.89 15.08
C ARG O 307 -49.91 13.81 16.51
N TYR O 308 -50.89 13.84 17.39
CA TYR O 308 -50.63 13.94 18.80
C TYR O 308 -50.53 12.61 19.56
N GLU O 309 -51.36 11.62 19.25
CA GLU O 309 -51.34 10.33 19.97
C GLU O 309 -50.02 9.95 20.63
N ASP O 310 -48.85 10.29 20.10
CA ASP O 310 -47.60 9.84 20.76
C ASP O 310 -46.58 10.91 21.03
N VAL O 311 -47.05 12.05 21.50
CA VAL O 311 -46.17 13.13 21.78
C VAL O 311 -45.76 13.10 23.24
N TYR O 312 -44.50 13.43 23.53
CA TYR O 312 -44.11 13.49 24.93
C TYR O 312 -44.23 14.89 25.43
N MET O 313 -45.35 15.12 26.08
CA MET O 313 -45.64 16.38 26.70
C MET O 313 -46.31 16.03 27.99
N PRO O 314 -45.64 16.35 29.10
CA PRO O 314 -46.17 16.06 30.43
C PRO O 314 -46.62 17.33 31.14
N GLU O 315 -45.93 18.43 30.85
CA GLU O 315 -46.34 19.66 31.47
C GLU O 315 -47.74 19.94 31.07
N VAL O 316 -48.01 19.73 29.80
CA VAL O 316 -49.31 19.99 29.28
C VAL O 316 -50.37 19.16 30.01
N TYR O 317 -50.41 17.86 29.83
CA TYR O 317 -51.42 17.04 30.52
C TYR O 317 -51.67 17.56 31.94
N LYS O 318 -50.57 17.78 32.67
CA LYS O 318 -50.57 18.29 34.07
C LYS O 318 -51.44 19.57 34.21
N ALA O 319 -51.26 20.51 33.29
CA ALA O 319 -52.08 21.71 33.37
C ALA O 319 -53.54 21.31 33.28
N ILE O 320 -53.85 20.50 32.27
CA ILE O 320 -55.21 20.05 31.96
C ILE O 320 -55.79 19.19 33.04
N ASN O 321 -55.02 18.29 33.61
CA ASN O 321 -55.63 17.50 34.64
C ASN O 321 -55.76 18.33 35.91
N ILE O 322 -54.81 19.25 36.14
CA ILE O 322 -54.91 20.13 37.30
C ILE O 322 -56.15 20.94 37.14
N ALA O 323 -56.05 21.92 36.22
CA ALA O 323 -57.16 22.82 35.94
C ALA O 323 -58.45 22.03 36.01
N GLN O 324 -58.61 21.07 35.14
CA GLN O 324 -59.84 20.30 35.17
C GLN O 324 -60.31 19.94 36.55
N ASN O 325 -59.39 19.85 37.51
CA ASN O 325 -59.78 19.42 38.85
C ASN O 325 -60.30 20.53 39.78
N THR O 326 -60.09 21.80 39.42
CA THR O 326 -60.59 22.87 40.27
C THR O 326 -62.04 22.63 40.63
N ALA O 327 -62.29 22.69 41.93
CA ALA O 327 -63.63 22.50 42.44
C ALA O 327 -64.36 23.84 42.43
N TRP O 328 -65.57 23.86 41.88
CA TRP O 328 -66.39 25.10 41.87
C TRP O 328 -67.76 24.79 42.46
N LYS O 329 -68.59 25.84 42.55
CA LYS O 329 -69.93 25.70 43.07
C LYS O 329 -70.79 26.86 42.65
N ILE O 330 -72.10 26.62 42.68
CA ILE O 330 -73.09 27.63 42.35
C ILE O 330 -73.14 28.72 43.46
N ASN O 331 -72.93 29.97 43.06
CA ASN O 331 -72.97 31.10 44.00
C ASN O 331 -74.36 31.37 44.37
N LYS O 332 -74.93 30.46 45.13
CA LYS O 332 -76.31 30.50 45.60
C LYS O 332 -76.88 31.93 45.83
N LYS O 333 -76.21 32.71 46.68
CA LYS O 333 -76.63 34.08 46.99
C LYS O 333 -76.86 34.92 45.70
N VAL O 334 -76.03 34.71 44.67
CA VAL O 334 -76.09 35.46 43.40
C VAL O 334 -77.16 34.90 42.46
N LEU O 335 -77.44 33.62 42.49
CA LEU O 335 -78.50 33.13 41.64
C LEU O 335 -79.83 33.67 42.09
N ALA O 336 -80.17 33.47 43.38
CA ALA O 336 -81.46 33.94 43.93
C ALA O 336 -81.82 35.29 43.31
N VAL O 337 -80.86 36.20 43.34
CA VAL O 337 -80.95 37.47 42.69
C VAL O 337 -81.57 37.24 41.33
N ALA O 338 -80.71 37.06 40.31
CA ALA O 338 -81.14 36.83 38.91
C ALA O 338 -82.42 35.97 38.84
N ASN O 339 -82.44 34.86 39.54
CA ASN O 339 -83.62 34.10 39.43
C ASN O 339 -84.84 34.94 39.57
N VAL O 340 -84.66 36.23 39.82
CA VAL O 340 -85.81 37.11 39.90
C VAL O 340 -85.75 38.24 38.90
N ILE O 341 -84.95 39.25 39.10
CA ILE O 341 -85.04 40.21 38.05
C ILE O 341 -85.00 39.56 36.70
N THR O 342 -84.63 38.30 36.56
CA THR O 342 -84.66 37.86 35.18
C THR O 342 -86.01 37.34 34.76
N LYS O 343 -87.01 37.36 35.61
CA LYS O 343 -88.31 36.94 35.11
C LYS O 343 -89.11 38.18 34.88
N TRP O 344 -88.45 39.29 35.17
CA TRP O 344 -88.99 40.63 35.05
C TRP O 344 -88.46 41.33 33.86
N LYS O 345 -87.14 41.52 33.80
CA LYS O 345 -86.52 42.20 32.66
C LYS O 345 -85.87 41.18 31.64
N HIS O 346 -85.93 41.44 30.33
CA HIS O 346 -85.28 40.51 29.41
C HIS O 346 -83.81 40.44 29.73
N CYS O 347 -83.29 41.58 30.14
CA CYS O 347 -81.95 41.62 30.61
C CYS O 347 -81.93 42.54 31.77
N PRO O 348 -81.72 41.96 32.97
CA PRO O 348 -81.64 42.53 34.31
C PRO O 348 -80.66 43.68 34.45
N VAL O 349 -80.01 44.10 33.38
CA VAL O 349 -79.04 45.19 33.50
C VAL O 349 -78.98 46.05 32.25
N GLU O 350 -80.00 45.95 31.38
CA GLU O 350 -79.94 46.73 30.15
C GLU O 350 -80.52 48.13 30.34
N ASP O 351 -81.70 48.23 30.96
CA ASP O 351 -82.38 49.53 31.14
C ASP O 351 -82.89 49.74 32.60
N ILE O 352 -82.07 50.43 33.36
CA ILE O 352 -82.44 50.74 34.69
C ILE O 352 -82.37 52.26 34.86
N PRO O 353 -83.43 52.87 35.45
CA PRO O 353 -83.68 54.29 35.76
C PRO O 353 -82.46 55.02 36.35
N ALA O 354 -81.74 55.78 35.52
CA ALA O 354 -80.50 56.48 35.95
C ALA O 354 -80.41 57.99 35.52
N ILE O 355 -80.23 58.89 36.50
CA ILE O 355 -80.14 60.36 36.27
C ILE O 355 -78.72 60.79 35.77
N GLU O 372 -76.68 62.97 2.67
CA GLU O 372 -76.93 61.67 3.29
C GLU O 372 -78.27 61.66 4.05
N ALA O 373 -79.38 61.54 3.32
CA ALA O 373 -80.71 61.49 3.95
C ALA O 373 -81.15 60.04 4.16
N LEU O 374 -81.44 59.33 3.07
CA LEU O 374 -81.88 57.93 3.14
C LEU O 374 -80.89 57.04 3.88
N THR O 375 -79.57 57.26 3.66
CA THR O 375 -78.54 56.47 4.34
C THR O 375 -78.31 56.99 5.75
N ALA O 376 -79.41 57.49 6.33
CA ALA O 376 -79.43 58.02 7.67
C ALA O 376 -80.75 57.67 8.39
N TRP O 377 -81.92 57.86 7.78
CA TRP O 377 -83.14 57.50 8.49
C TRP O 377 -83.48 56.04 8.25
N LYS O 378 -82.81 55.47 7.27
CA LYS O 378 -82.95 54.06 6.93
C LYS O 378 -81.80 53.28 7.62
N ARG O 379 -80.74 53.98 7.98
CA ARG O 379 -79.60 53.39 8.69
C ARG O 379 -79.99 53.20 10.15
N ALA O 380 -80.60 54.23 10.73
CA ALA O 380 -81.03 54.14 12.10
C ALA O 380 -82.22 53.20 12.22
N ALA O 381 -83.03 53.10 11.17
CA ALA O 381 -84.16 52.19 11.25
C ALA O 381 -83.66 50.77 11.19
N ALA O 382 -82.52 50.61 10.52
CA ALA O 382 -81.86 49.32 10.37
C ALA O 382 -81.20 48.91 11.66
N ALA O 383 -80.89 49.89 12.49
CA ALA O 383 -80.26 49.60 13.77
C ALA O 383 -81.29 49.14 14.77
N VAL O 384 -82.48 49.70 14.70
CA VAL O 384 -83.50 49.28 15.62
C VAL O 384 -83.77 47.82 15.49
N TYR O 385 -83.71 47.30 14.27
CA TYR O 385 -83.95 45.87 14.05
C TYR O 385 -82.87 45.02 14.71
N ARG O 386 -81.64 45.15 14.25
CA ARG O 386 -80.57 44.36 14.84
C ARG O 386 -80.69 44.38 16.32
N LYS O 387 -80.90 45.57 16.87
CA LYS O 387 -81.05 45.67 18.31
C LYS O 387 -82.14 44.73 18.79
N ASP O 388 -83.28 44.65 18.14
CA ASP O 388 -84.25 43.71 18.67
C ASP O 388 -83.89 42.28 18.27
N LYS O 389 -83.02 42.09 17.28
CA LYS O 389 -82.67 40.71 16.96
C LYS O 389 -81.83 40.14 18.10
N ALA O 390 -80.80 40.92 18.49
CA ALA O 390 -79.83 40.61 19.56
C ALA O 390 -80.52 40.43 20.97
N ARG O 391 -81.36 41.39 21.39
CA ARG O 391 -82.07 41.27 22.66
C ARG O 391 -82.99 40.04 22.66
N LYS O 392 -82.95 39.27 21.59
CA LYS O 392 -83.74 38.08 21.68
C LYS O 392 -82.81 36.90 21.77
N SER O 393 -81.65 36.95 21.14
CA SER O 393 -80.76 35.80 21.30
C SER O 393 -80.00 35.92 22.62
N ARG O 394 -79.69 37.15 23.03
CA ARG O 394 -79.00 37.33 24.28
C ARG O 394 -79.89 36.89 25.46
N ARG O 395 -81.08 36.43 25.14
CA ARG O 395 -82.00 35.96 26.16
C ARG O 395 -82.01 34.46 26.16
N ILE O 396 -82.21 33.94 24.97
CA ILE O 396 -82.17 32.52 24.77
C ILE O 396 -81.01 31.96 25.61
N SER O 397 -79.81 32.55 25.41
CA SER O 397 -78.55 32.19 26.15
C SER O 397 -78.75 32.41 27.64
N LEU O 398 -78.86 33.67 27.98
CA LEU O 398 -79.10 33.98 29.34
C LEU O 398 -80.19 33.03 29.94
N GLU O 399 -81.12 32.46 29.17
CA GLU O 399 -82.12 31.56 29.77
C GLU O 399 -81.59 30.15 29.93
N PHE O 400 -80.43 29.96 29.32
CA PHE O 400 -79.78 28.68 29.33
C PHE O 400 -79.02 28.53 30.56
N MET O 401 -78.00 29.39 30.69
CA MET O 401 -77.14 29.36 31.85
C MET O 401 -78.00 29.34 33.05
N LEU O 402 -78.93 30.29 33.15
CA LEU O 402 -79.82 30.32 34.30
C LEU O 402 -80.53 28.95 34.55
N GLU O 403 -81.25 28.33 33.59
CA GLU O 403 -81.84 27.00 33.90
C GLU O 403 -80.72 26.07 34.40
N GLN O 404 -79.51 26.30 33.87
CA GLN O 404 -78.31 25.53 34.17
C GLN O 404 -78.01 25.58 35.64
N ALA O 405 -77.60 26.78 36.07
CA ALA O 405 -77.23 27.15 37.44
C ALA O 405 -78.12 26.48 38.48
N ASN O 406 -79.42 26.75 38.36
CA ASN O 406 -80.44 26.20 39.24
C ASN O 406 -80.37 24.66 39.35
N LYS O 407 -80.29 23.97 38.23
CA LYS O 407 -80.16 22.52 38.30
C LYS O 407 -79.01 22.16 39.28
N PHE O 408 -77.84 22.76 39.05
CA PHE O 408 -76.57 22.60 39.82
C PHE O 408 -76.44 23.51 41.00
N ALA O 409 -77.53 23.95 41.55
CA ALA O 409 -77.32 24.84 42.64
C ALA O 409 -77.23 24.12 44.01
N ASN O 410 -77.70 22.88 44.14
CA ASN O 410 -77.63 22.24 45.47
C ASN O 410 -76.49 21.23 45.65
N HIS O 411 -75.63 21.08 44.65
CA HIS O 411 -74.51 20.14 44.73
C HIS O 411 -73.39 20.77 45.49
N LYS O 412 -72.82 19.99 46.40
CA LYS O 412 -71.70 20.43 47.25
C LYS O 412 -70.56 20.98 46.39
N ALA O 413 -70.51 20.53 45.15
CA ALA O 413 -69.51 21.03 44.22
C ALA O 413 -69.67 20.42 42.80
N ILE O 414 -68.91 20.97 41.85
CA ILE O 414 -68.95 20.56 40.47
C ILE O 414 -67.63 20.91 39.78
N TRP O 415 -67.35 20.29 38.64
CA TRP O 415 -66.14 20.61 37.90
C TRP O 415 -66.34 20.46 36.37
N PHE O 416 -65.51 21.20 35.66
CA PHE O 416 -65.54 21.28 34.20
C PHE O 416 -64.37 20.62 33.49
N PRO O 417 -64.63 19.61 32.65
CA PRO O 417 -63.54 18.96 31.92
C PRO O 417 -62.90 19.95 30.99
N TYR O 418 -61.63 19.89 30.68
CA TYR O 418 -61.13 20.92 29.76
C TYR O 418 -60.34 20.35 28.56
N ASN O 419 -60.48 20.99 27.38
CA ASN O 419 -59.78 20.65 26.10
C ASN O 419 -58.66 21.69 25.80
N MET O 420 -58.33 21.76 24.54
CA MET O 420 -57.37 22.71 24.05
C MET O 420 -57.75 23.01 22.62
N ASP O 421 -57.52 24.22 22.14
CA ASP O 421 -57.89 24.39 20.76
C ASP O 421 -56.64 24.18 19.92
N TRP O 422 -56.82 23.70 18.69
CA TRP O 422 -55.71 23.45 17.84
C TRP O 422 -54.50 24.32 18.21
N ARG O 423 -54.69 25.47 18.85
CA ARG O 423 -53.61 26.45 19.15
C ARG O 423 -52.93 26.30 20.52
N GLY O 424 -53.65 25.69 21.46
CA GLY O 424 -53.14 25.48 22.80
C GLY O 424 -54.07 25.91 23.91
N ARG O 425 -54.79 27.01 23.72
CA ARG O 425 -55.65 27.48 24.78
C ARG O 425 -56.50 26.37 25.42
N VAL O 426 -56.82 26.57 26.69
CA VAL O 426 -57.65 25.61 27.39
C VAL O 426 -59.04 26.14 27.31
N TYR O 427 -60.01 25.31 26.92
CA TYR O 427 -61.42 25.70 26.83
C TYR O 427 -62.26 24.77 27.65
N ALA O 428 -63.23 25.26 28.36
CA ALA O 428 -63.92 24.25 29.10
C ALA O 428 -64.83 23.49 28.18
N VAL O 429 -65.10 22.27 28.50
CA VAL O 429 -65.95 21.60 27.60
C VAL O 429 -67.40 21.90 27.79
N SER O 430 -68.00 21.68 28.96
CA SER O 430 -69.42 21.87 28.91
C SER O 430 -69.83 23.27 28.58
N MET O 431 -71.07 23.32 28.13
CA MET O 431 -71.66 24.56 27.73
C MET O 431 -71.59 25.53 28.90
N PHE O 432 -72.32 25.24 29.99
CA PHE O 432 -72.31 26.14 31.14
C PHE O 432 -70.94 26.21 31.75
N ASN O 433 -70.19 27.24 31.49
CA ASN O 433 -68.87 27.18 32.03
C ASN O 433 -68.29 28.50 32.51
N PRO O 434 -67.28 28.37 33.30
CA PRO O 434 -66.40 29.26 33.98
C PRO O 434 -65.97 30.37 33.08
N GLN O 435 -65.88 30.12 31.78
CA GLN O 435 -65.48 31.22 30.96
C GLN O 435 -66.70 31.88 30.27
N GLY O 436 -67.87 31.72 30.91
CA GLY O 436 -69.14 32.28 30.48
C GLY O 436 -69.16 33.80 30.44
N ASN O 437 -70.38 34.35 30.42
CA ASN O 437 -70.63 35.79 30.35
C ASN O 437 -70.67 36.35 31.75
N ASP O 438 -70.82 37.68 31.88
CA ASP O 438 -70.87 38.26 33.23
C ASP O 438 -71.82 37.46 34.07
N MET O 439 -73.06 37.33 33.56
CA MET O 439 -74.12 36.58 34.21
C MET O 439 -73.63 35.24 34.66
N THR O 440 -73.04 34.50 33.74
CA THR O 440 -72.58 33.18 34.15
C THR O 440 -71.48 33.31 35.17
N LYS O 441 -70.36 33.96 34.83
CA LYS O 441 -69.33 34.12 35.85
C LYS O 441 -69.92 34.46 37.23
N GLY O 442 -70.93 35.29 37.31
CA GLY O 442 -71.50 35.47 38.62
C GLY O 442 -71.98 34.13 39.21
N LEU O 443 -72.85 33.42 38.49
CA LEU O 443 -73.34 32.18 39.05
C LEU O 443 -72.26 31.15 39.46
N LEU O 444 -70.98 31.49 39.48
CA LEU O 444 -70.01 30.45 39.89
C LEU O 444 -68.94 30.95 40.81
N THR O 445 -68.66 30.15 41.85
CA THR O 445 -67.61 30.42 42.83
C THR O 445 -66.84 29.13 43.15
N LEU O 446 -65.56 29.26 43.48
CA LEU O 446 -64.82 28.07 43.90
C LEU O 446 -65.56 27.41 45.10
N ALA O 447 -65.34 26.10 45.32
CA ALA O 447 -65.98 25.29 46.40
C ALA O 447 -65.08 25.17 47.58
N LYS O 448 -63.80 24.97 47.30
CA LYS O 448 -62.79 24.90 48.34
C LYS O 448 -62.32 26.31 48.71
N GLY O 449 -62.92 26.77 49.81
CA GLY O 449 -62.67 28.10 50.36
C GLY O 449 -61.71 28.12 51.54
N LYS O 450 -61.04 29.26 51.73
CA LYS O 450 -60.02 29.44 52.77
C LYS O 450 -60.26 30.63 53.67
N PRO O 451 -59.53 30.64 54.77
CA PRO O 451 -59.68 31.79 55.65
C PRO O 451 -59.02 32.95 54.93
N ILE O 452 -59.84 33.84 54.43
CA ILE O 452 -59.32 34.95 53.65
C ILE O 452 -58.10 35.61 54.26
N GLY O 453 -58.20 36.02 55.51
CA GLY O 453 -57.08 36.69 56.15
C GLY O 453 -56.84 38.07 55.54
N LYS O 454 -56.08 38.92 56.23
CA LYS O 454 -55.78 40.28 55.76
C LYS O 454 -55.34 40.35 54.27
N GLU O 455 -54.39 39.56 53.81
CA GLU O 455 -53.99 39.67 52.41
C GLU O 455 -55.16 39.37 51.49
N GLY O 456 -55.89 38.31 51.85
CA GLY O 456 -57.06 37.81 51.12
C GLY O 456 -58.19 38.82 50.92
N TYR O 457 -58.50 39.55 51.98
CA TYR O 457 -59.49 40.61 51.91
C TYR O 457 -58.93 41.76 51.05
N TYR O 458 -57.63 42.04 51.21
CA TYR O 458 -56.96 43.08 50.45
C TYR O 458 -57.24 42.99 48.94
N TRP O 459 -57.19 41.75 48.46
CA TRP O 459 -57.44 41.42 47.06
C TRP O 459 -58.93 41.18 46.77
N LEU O 460 -59.68 40.64 47.75
CA LEU O 460 -61.13 40.48 47.55
C LEU O 460 -61.74 41.83 47.29
N LYS O 461 -60.96 42.85 47.59
CA LYS O 461 -61.30 44.25 47.40
C LYS O 461 -60.84 44.69 46.01
N ILE O 462 -59.53 44.79 45.80
CA ILE O 462 -59.06 45.17 44.48
C ILE O 462 -59.92 44.53 43.41
N HIS O 463 -60.43 43.29 43.68
CA HIS O 463 -61.32 42.55 42.76
C HIS O 463 -62.66 43.23 42.70
N GLY O 464 -63.16 43.66 43.87
CA GLY O 464 -64.41 44.38 43.86
C GLY O 464 -64.27 45.64 43.01
N ALA O 465 -63.07 46.25 43.09
CA ALA O 465 -62.70 47.48 42.35
C ALA O 465 -62.75 47.30 40.81
N ASN O 466 -62.03 46.26 40.41
CA ASN O 466 -61.91 45.83 39.04
C ASN O 466 -63.29 45.40 38.52
N CYS O 467 -64.11 44.80 39.40
CA CYS O 467 -65.47 44.35 39.06
C CYS O 467 -66.44 45.52 38.97
N ALA O 468 -65.97 46.68 39.35
CA ALA O 468 -66.80 47.84 39.34
C ALA O 468 -66.52 48.66 38.15
N GLY O 469 -65.22 48.73 37.84
CA GLY O 469 -64.79 49.47 36.68
C GLY O 469 -63.60 50.37 36.96
N VAL O 470 -63.12 50.31 38.20
CA VAL O 470 -61.95 51.11 38.61
C VAL O 470 -60.70 50.29 38.37
N ASP O 471 -60.35 50.06 37.12
CA ASP O 471 -59.18 49.20 36.86
C ASP O 471 -58.04 49.94 36.25
N LYS O 472 -58.25 51.20 35.97
CA LYS O 472 -57.21 51.96 35.36
C LYS O 472 -56.61 52.93 36.38
N VAL O 473 -56.62 52.49 37.62
CA VAL O 473 -56.16 53.36 38.68
C VAL O 473 -55.36 52.58 39.79
N PRO O 474 -54.17 53.11 40.24
CA PRO O 474 -53.32 52.48 41.26
C PRO O 474 -54.07 51.63 42.24
N PHE O 475 -53.40 50.64 42.82
CA PHE O 475 -54.02 49.78 43.85
C PHE O 475 -54.52 50.62 45.04
N PRO O 476 -53.81 51.74 45.37
CA PRO O 476 -54.34 52.50 46.49
C PRO O 476 -55.78 52.87 46.22
N GLU O 477 -55.94 53.84 45.32
CA GLU O 477 -57.24 54.35 44.94
C GLU O 477 -58.29 53.25 44.68
N ARG O 478 -57.87 52.04 44.32
CA ARG O 478 -58.87 50.99 44.12
C ARG O 478 -59.47 50.66 45.47
N ILE O 479 -58.58 50.39 46.41
CA ILE O 479 -59.00 50.11 47.75
C ILE O 479 -59.80 51.31 48.24
N LYS O 480 -59.22 52.49 48.05
CA LYS O 480 -59.84 53.75 48.40
C LYS O 480 -61.24 53.73 47.87
N PHE O 481 -61.37 53.50 46.56
CA PHE O 481 -62.69 53.45 45.97
C PHE O 481 -63.59 52.52 46.77
N ILE O 482 -63.14 51.29 46.97
CA ILE O 482 -63.95 50.31 47.69
C ILE O 482 -64.44 50.78 49.06
N GLU O 483 -63.52 51.29 49.87
CA GLU O 483 -63.86 51.75 51.21
C GLU O 483 -64.91 52.87 51.20
N GLU O 484 -64.67 53.95 50.46
CA GLU O 484 -65.57 55.11 50.39
C GLU O 484 -67.03 54.67 50.23
N ASN O 485 -67.26 53.63 49.47
CA ASN O 485 -68.62 53.20 49.32
C ASN O 485 -68.89 52.02 50.16
N HIS O 486 -68.26 51.89 51.30
CA HIS O 486 -68.53 50.72 52.09
C HIS O 486 -70.01 50.51 52.32
N GLU O 487 -70.68 51.57 52.78
CA GLU O 487 -72.10 51.42 53.10
C GLU O 487 -72.89 50.95 51.86
N ASN O 488 -72.63 51.60 50.73
CA ASN O 488 -73.28 51.20 49.51
C ASN O 488 -73.20 49.70 49.39
N ILE O 489 -71.97 49.23 49.36
CA ILE O 489 -71.62 47.81 49.23
C ILE O 489 -72.49 46.92 50.09
N MET O 490 -72.44 47.25 51.35
CA MET O 490 -73.14 46.55 52.42
C MET O 490 -74.63 46.40 52.12
N ALA O 491 -75.20 47.48 51.57
CA ALA O 491 -76.62 47.55 51.17
C ALA O 491 -76.89 46.43 50.19
N CYS O 492 -76.25 46.66 49.03
CA CYS O 492 -76.23 45.78 47.90
C CYS O 492 -76.34 44.36 48.39
N ALA O 493 -75.53 44.11 49.41
CA ALA O 493 -75.41 42.84 50.08
C ALA O 493 -76.61 42.46 50.93
N LYS O 494 -77.02 43.37 51.81
CA LYS O 494 -78.12 43.06 52.67
C LYS O 494 -79.36 42.92 51.84
N SER O 495 -79.61 43.99 51.10
CA SER O 495 -80.76 44.10 50.21
C SER O 495 -80.32 44.15 48.77
N PRO O 496 -80.06 42.98 48.13
CA PRO O 496 -79.65 42.98 46.73
C PRO O 496 -80.77 43.43 45.74
N LEU O 497 -82.04 43.08 46.00
CA LEU O 497 -83.15 43.54 45.14
C LEU O 497 -83.47 45.06 45.32
N GLU O 498 -83.51 45.48 46.58
CA GLU O 498 -83.91 46.82 46.97
C GLU O 498 -82.94 47.89 46.61
N ASN O 499 -81.82 47.55 46.01
CA ASN O 499 -80.84 48.57 45.68
C ASN O 499 -80.17 48.22 44.36
N THR O 500 -80.38 49.03 43.33
CA THR O 500 -79.78 48.74 42.03
C THR O 500 -78.37 49.33 41.87
N TRP O 501 -77.60 49.50 42.93
CA TRP O 501 -76.27 50.09 42.72
C TRP O 501 -75.25 49.08 42.17
N TRP O 502 -75.39 47.78 42.48
CA TRP O 502 -74.47 46.80 41.87
C TRP O 502 -74.73 46.75 40.38
N ALA O 503 -75.97 46.41 40.02
CA ALA O 503 -76.42 46.26 38.63
C ALA O 503 -76.15 47.49 37.71
N GLU O 504 -75.31 48.42 38.11
CA GLU O 504 -75.01 49.60 37.30
C GLU O 504 -73.51 49.69 37.10
N GLN O 505 -72.81 48.74 37.73
CA GLN O 505 -71.35 48.64 37.64
C GLN O 505 -70.98 47.89 36.37
N ASP O 506 -69.84 48.23 35.78
CA ASP O 506 -69.37 47.53 34.58
C ASP O 506 -69.69 46.01 34.62
N SER O 507 -69.41 45.28 35.70
CA SER O 507 -69.68 43.84 35.72
C SER O 507 -70.61 43.44 36.82
N PRO O 508 -71.92 43.59 36.57
CA PRO O 508 -73.13 43.34 37.35
C PRO O 508 -73.04 42.15 38.29
N PHE O 509 -73.42 40.99 37.80
CA PHE O 509 -73.44 39.83 38.66
C PHE O 509 -72.10 39.32 39.08
N CYS O 510 -71.03 40.01 38.79
CA CYS O 510 -69.76 39.53 39.30
C CYS O 510 -69.27 40.53 40.35
N PHE O 511 -69.86 41.75 40.31
CA PHE O 511 -69.61 42.79 41.32
C PHE O 511 -70.60 42.61 42.46
N LEU O 512 -71.72 41.98 42.15
CA LEU O 512 -72.74 41.73 43.14
C LEU O 512 -72.29 40.58 44.03
N ALA O 513 -71.57 39.64 43.43
CA ALA O 513 -71.10 38.50 44.19
C ALA O 513 -69.87 38.86 45.02
N PHE O 514 -69.23 39.97 44.68
CA PHE O 514 -68.06 40.47 45.44
C PHE O 514 -68.53 41.25 46.62
N CYS O 515 -69.81 41.55 46.59
CA CYS O 515 -70.44 42.26 47.67
C CYS O 515 -70.89 41.23 48.74
N PHE O 516 -71.61 40.19 48.34
CA PHE O 516 -71.96 39.22 49.35
C PHE O 516 -70.75 38.90 50.23
N GLU O 517 -69.60 38.64 49.61
CA GLU O 517 -68.33 38.34 50.31
C GLU O 517 -67.85 39.54 51.21
N TYR O 518 -67.88 40.74 50.65
CA TYR O 518 -67.46 41.88 51.44
C TYR O 518 -68.33 41.98 52.63
N ALA O 519 -69.49 41.34 52.53
CA ALA O 519 -70.54 41.31 53.56
C ALA O 519 -70.26 40.29 54.65
N GLY O 520 -69.72 39.16 54.23
CA GLY O 520 -69.42 38.07 55.15
C GLY O 520 -68.04 38.19 55.79
N VAL O 521 -67.25 39.22 55.40
CA VAL O 521 -65.92 39.51 56.00
C VAL O 521 -66.12 40.46 57.21
N GLN O 522 -67.11 41.34 57.06
CA GLN O 522 -67.50 42.31 58.07
C GLN O 522 -68.11 41.65 59.32
N HIS O 523 -69.18 40.89 59.13
CA HIS O 523 -69.81 40.27 60.28
C HIS O 523 -69.03 39.07 60.73
N HIS O 524 -68.03 38.59 59.98
CA HIS O 524 -67.30 37.41 60.48
C HIS O 524 -65.78 37.63 60.62
N GLY O 525 -65.28 38.83 60.29
CA GLY O 525 -63.86 39.09 60.48
C GLY O 525 -62.92 38.27 59.58
N LEU O 526 -61.66 38.69 59.57
CA LEU O 526 -60.67 38.06 58.74
C LEU O 526 -60.61 36.53 58.85
N SER O 527 -61.52 35.86 59.53
CA SER O 527 -61.40 34.37 59.58
C SER O 527 -62.42 33.75 58.65
N TYR O 528 -62.91 34.60 57.77
CA TYR O 528 -63.91 34.16 56.83
C TYR O 528 -63.35 33.21 55.83
N ASN O 529 -64.11 32.15 55.64
CA ASN O 529 -63.82 31.18 54.63
C ASN O 529 -64.37 31.74 53.30
N CYS O 530 -63.54 32.54 52.61
CA CYS O 530 -63.88 33.19 51.32
C CYS O 530 -63.48 32.32 50.10
N SER O 531 -64.45 31.98 49.22
CA SER O 531 -64.26 31.11 48.05
C SER O 531 -64.21 31.80 46.69
N LEU O 532 -64.95 32.91 46.54
CA LEU O 532 -65.04 33.65 45.27
C LEU O 532 -63.71 33.77 44.52
N PRO O 533 -63.71 33.37 43.24
CA PRO O 533 -62.54 33.39 42.32
C PRO O 533 -61.93 34.78 41.99
N LEU O 534 -60.88 35.20 42.72
CA LEU O 534 -60.20 36.53 42.51
C LEU O 534 -59.29 36.52 41.26
N ALA O 535 -59.80 37.05 40.15
CA ALA O 535 -59.10 37.00 38.86
C ALA O 535 -58.21 38.19 38.57
N PHE O 536 -57.13 37.87 37.85
CA PHE O 536 -56.17 38.87 37.42
C PHE O 536 -56.15 38.93 35.88
N ASP O 537 -56.58 40.08 35.32
CA ASP O 537 -56.67 40.40 33.86
C ASP O 537 -55.33 40.86 33.24
N GLY O 538 -54.78 40.10 32.27
CA GLY O 538 -53.54 40.53 31.59
C GLY O 538 -53.83 41.70 30.66
N SER O 539 -53.03 42.77 30.70
CA SER O 539 -53.28 43.97 29.86
C SER O 539 -53.55 43.66 28.38
N CYS O 540 -52.52 43.57 27.54
CA CYS O 540 -52.79 43.23 26.14
C CYS O 540 -51.97 41.99 25.70
N SER O 541 -52.42 40.81 26.22
CA SER O 541 -51.80 39.50 25.97
C SER O 541 -51.05 39.56 24.68
N GLY O 542 -51.75 39.91 23.62
CA GLY O 542 -51.07 40.02 22.36
C GLY O 542 -49.72 40.69 22.51
N ILE O 543 -49.74 42.00 22.59
CA ILE O 543 -48.53 42.79 22.71
C ILE O 543 -47.68 42.41 23.95
N GLN O 544 -48.28 41.83 24.97
CA GLN O 544 -47.44 41.47 26.09
C GLN O 544 -46.35 40.58 25.55
N HIS O 545 -46.70 39.30 25.39
CA HIS O 545 -45.83 38.28 24.86
C HIS O 545 -44.91 38.79 23.77
N PHE O 546 -45.42 39.55 22.78
CA PHE O 546 -44.51 40.04 21.75
C PHE O 546 -43.39 40.89 22.35
N SER O 547 -43.84 41.93 23.06
CA SER O 547 -42.94 42.87 23.75
C SER O 547 -41.87 42.09 24.54
N ALA O 548 -42.31 41.02 25.19
CA ALA O 548 -41.45 40.15 26.00
C ALA O 548 -40.43 39.43 25.13
N MET O 549 -40.89 38.55 24.25
CA MET O 549 -39.96 37.76 23.48
C MET O 549 -39.08 38.59 22.55
N LEU O 550 -39.01 39.90 22.78
CA LEU O 550 -38.14 40.75 21.98
C LEU O 550 -37.53 41.81 22.86
N ARG O 551 -37.90 41.75 24.12
CA ARG O 551 -37.44 42.65 25.17
C ARG O 551 -37.73 44.13 24.89
N ASP O 552 -38.82 44.45 24.18
CA ASP O 552 -39.12 45.85 23.89
C ASP O 552 -39.71 46.55 25.11
N GLU O 553 -38.94 47.52 25.62
CA GLU O 553 -39.31 48.34 26.77
C GLU O 553 -40.51 49.18 26.44
N VAL O 554 -40.33 50.07 25.49
CA VAL O 554 -41.43 50.92 25.12
C VAL O 554 -42.72 50.11 25.14
N GLY O 555 -42.80 49.10 24.26
CA GLY O 555 -43.99 48.27 24.21
C GLY O 555 -44.34 47.74 25.60
N GLY O 556 -43.50 46.85 26.09
CA GLY O 556 -43.72 46.30 27.42
C GLY O 556 -44.29 47.31 28.41
N ARG O 557 -43.69 48.50 28.53
CA ARG O 557 -44.17 49.50 29.50
C ARG O 557 -45.61 49.95 29.22
N ALA O 558 -45.98 49.97 27.96
CA ALA O 558 -47.31 50.39 27.64
C ALA O 558 -48.32 49.30 27.98
N VAL O 559 -47.82 48.07 28.19
CA VAL O 559 -48.73 46.97 28.54
C VAL O 559 -48.55 46.54 29.97
N ASN O 560 -47.90 47.38 30.77
CA ASN O 560 -47.67 47.12 32.20
C ASN O 560 -46.65 46.03 32.46
N LEU O 561 -45.67 45.92 31.58
CA LEU O 561 -44.64 44.91 31.76
C LEU O 561 -43.67 45.37 32.79
N LEU O 562 -43.24 46.62 32.65
CA LEU O 562 -42.31 47.20 33.59
C LEU O 562 -43.04 47.84 34.74
N PRO O 563 -42.41 47.89 35.91
CA PRO O 563 -43.08 48.50 37.06
C PRO O 563 -43.16 50.06 36.97
N SER O 564 -44.36 50.58 37.17
CA SER O 564 -44.59 52.00 37.20
C SER O 564 -45.56 52.22 38.33
N GLU O 565 -45.77 53.46 38.74
CA GLU O 565 -46.72 53.71 39.83
C GLU O 565 -48.15 53.99 39.30
N THR O 566 -48.28 54.25 37.99
CA THR O 566 -49.59 54.52 37.34
C THR O 566 -49.97 53.45 36.30
N VAL O 567 -51.24 53.05 36.29
CA VAL O 567 -51.75 52.06 35.32
C VAL O 567 -51.64 52.55 33.88
N GLN O 568 -50.54 52.25 33.22
CA GLN O 568 -50.38 52.66 31.83
C GLN O 568 -51.62 52.17 31.04
N ASP O 569 -52.06 53.01 30.12
CA ASP O 569 -53.25 52.71 29.31
C ASP O 569 -52.85 52.75 27.84
N ILE O 570 -52.47 51.60 27.32
CA ILE O 570 -52.04 51.55 25.95
C ILE O 570 -53.04 52.22 25.01
N TYR O 571 -54.36 52.01 25.22
CA TYR O 571 -55.34 52.70 24.34
C TYR O 571 -55.26 54.19 24.61
N GLY O 572 -54.78 54.50 25.80
CA GLY O 572 -54.61 55.89 26.15
C GLY O 572 -53.37 56.44 25.45
N ILE O 573 -52.24 55.74 25.60
CA ILE O 573 -50.96 56.22 25.04
C ILE O 573 -50.98 56.38 23.49
N VAL O 574 -51.49 55.39 22.76
CA VAL O 574 -51.53 55.51 21.30
C VAL O 574 -52.14 56.83 20.93
N ALA O 575 -53.15 57.17 21.73
CA ALA O 575 -53.95 58.37 21.60
C ALA O 575 -53.09 59.65 21.72
N LYS O 576 -52.33 59.73 22.81
CA LYS O 576 -51.46 60.88 23.04
C LYS O 576 -50.62 61.18 21.79
N LYS O 577 -50.04 60.13 21.23
CA LYS O 577 -49.18 60.26 20.06
C LYS O 577 -49.98 60.60 18.85
N VAL O 578 -51.25 60.22 18.89
CA VAL O 578 -52.15 60.55 17.80
C VAL O 578 -52.31 62.08 17.75
N ASN O 579 -52.85 62.65 18.83
CA ASN O 579 -53.07 64.09 18.92
C ASN O 579 -51.79 64.87 18.61
N GLU O 580 -50.64 64.27 18.95
CA GLU O 580 -49.33 64.89 18.69
C GLU O 580 -49.12 65.10 17.18
N ILE O 581 -49.68 64.22 16.37
CA ILE O 581 -49.59 64.36 14.92
C ILE O 581 -50.81 65.17 14.41
N LEU O 582 -51.79 65.31 15.32
CA LEU O 582 -53.03 66.06 15.07
C LEU O 582 -52.76 67.58 15.12
N GLN O 583 -52.16 67.98 16.23
CA GLN O 583 -51.80 69.35 16.49
C GLN O 583 -50.58 69.78 15.61
N ALA O 584 -49.79 68.81 15.15
CA ALA O 584 -48.65 69.14 14.28
C ALA O 584 -49.15 69.39 12.86
N ASP O 585 -50.20 68.67 12.47
CA ASP O 585 -50.77 68.81 11.14
C ASP O 585 -51.68 70.02 11.03
N ALA O 586 -52.23 70.43 12.17
CA ALA O 586 -53.12 71.62 12.27
C ALA O 586 -52.33 72.93 11.96
N ILE O 587 -51.00 72.87 12.25
CA ILE O 587 -50.01 73.95 12.01
C ILE O 587 -49.56 73.90 10.55
N ASN O 588 -48.87 72.82 10.20
CA ASN O 588 -48.45 72.62 8.81
C ASN O 588 -49.51 71.76 8.12
N GLY O 589 -49.06 70.72 7.43
CA GLY O 589 -49.98 69.82 6.74
C GLY O 589 -50.42 70.34 5.37
N THR O 590 -50.55 69.43 4.41
CA THR O 590 -50.97 69.81 3.09
C THR O 590 -52.35 70.47 3.08
N ASP O 591 -52.61 71.21 2.02
CA ASP O 591 -53.88 71.88 1.84
C ASP O 591 -54.83 70.96 1.04
N ASN O 592 -56.10 71.32 0.97
CA ASN O 592 -57.13 70.52 0.25
C ASN O 592 -56.85 70.44 -1.30
N GLU O 593 -57.80 69.95 -2.08
CA GLU O 593 -57.63 69.84 -3.54
C GLU O 593 -58.74 69.03 -4.16
N VAL O 594 -58.93 69.18 -5.46
CA VAL O 594 -59.99 68.46 -6.16
C VAL O 594 -59.46 67.61 -7.31
N VAL O 595 -59.82 66.33 -7.28
CA VAL O 595 -59.40 65.39 -8.31
C VAL O 595 -60.61 64.78 -8.99
N THR O 596 -60.46 64.58 -10.30
CA THR O 596 -61.54 64.06 -11.13
C THR O 596 -61.69 62.54 -10.99
N VAL O 597 -62.97 62.13 -10.92
CA VAL O 597 -63.34 60.72 -10.81
C VAL O 597 -64.46 60.35 -11.84
N THR O 598 -64.17 59.38 -12.74
CA THR O 598 -65.13 58.90 -13.77
C THR O 598 -65.57 57.45 -13.48
N ASP O 599 -66.78 57.31 -12.91
CA ASP O 599 -67.33 56.00 -12.55
C ASP O 599 -67.09 54.97 -13.65
N GLU O 600 -66.96 53.71 -13.25
CA GLU O 600 -66.69 52.60 -14.20
C GLU O 600 -67.94 52.09 -14.94
N ASN O 601 -69.03 51.77 -14.19
CA ASN O 601 -70.28 51.27 -14.78
C ASN O 601 -71.02 52.34 -15.57
N THR O 602 -70.94 53.60 -15.11
CA THR O 602 -71.62 54.80 -15.71
C THR O 602 -70.67 55.71 -16.58
N GLY O 603 -69.36 55.66 -16.38
CA GLY O 603 -68.47 56.51 -17.16
C GLY O 603 -68.80 57.99 -16.95
N GLU O 604 -69.44 58.21 -15.80
CA GLU O 604 -69.87 59.51 -15.32
C GLU O 604 -68.75 60.26 -14.62
N ILE O 605 -68.38 61.39 -15.22
CA ILE O 605 -67.35 62.27 -14.69
C ILE O 605 -67.92 62.98 -13.43
N SER O 606 -67.18 62.95 -12.31
CA SER O 606 -67.63 63.63 -11.09
C SER O 606 -66.51 64.46 -10.47
N GLU O 607 -66.91 65.54 -9.80
CA GLU O 607 -65.94 66.38 -9.10
C GLU O 607 -65.90 65.94 -7.65
N LYS O 608 -64.69 65.84 -7.11
CA LYS O 608 -64.53 65.42 -5.73
C LYS O 608 -63.23 66.00 -5.16
N VAL O 609 -63.36 66.61 -3.97
CA VAL O 609 -62.25 67.26 -3.26
C VAL O 609 -61.58 66.35 -2.18
N LYS O 610 -60.23 66.29 -2.21
CA LYS O 610 -59.40 65.46 -1.31
C LYS O 610 -58.77 66.27 -0.15
N LEU O 611 -59.51 66.45 0.96
CA LEU O 611 -59.03 67.23 2.12
C LEU O 611 -57.62 66.81 2.51
N GLY O 612 -56.77 67.81 2.75
CA GLY O 612 -55.39 67.59 3.15
C GLY O 612 -55.30 67.46 4.66
N THR O 613 -54.14 67.07 5.19
CA THR O 613 -54.03 66.92 6.65
C THR O 613 -54.33 68.23 7.40
N LYS O 614 -54.20 69.36 6.72
CA LYS O 614 -54.51 70.67 7.31
C LYS O 614 -55.97 70.68 7.73
N ALA O 615 -56.83 70.26 6.81
CA ALA O 615 -58.27 70.20 7.02
C ALA O 615 -58.67 69.04 7.95
N LEU O 616 -58.23 67.84 7.59
CA LEU O 616 -58.53 66.65 8.37
C LEU O 616 -58.23 66.87 9.84
N ALA O 617 -56.94 66.98 10.16
CA ALA O 617 -56.51 67.22 11.54
C ALA O 617 -57.54 68.06 12.26
N GLY O 618 -57.85 69.21 11.69
CA GLY O 618 -58.83 70.05 12.32
C GLY O 618 -60.04 69.23 12.74
N GLN O 619 -60.70 68.69 11.71
CA GLN O 619 -61.92 67.91 11.88
C GLN O 619 -61.89 67.07 13.15
N TRP O 620 -60.83 66.28 13.27
CA TRP O 620 -60.66 65.41 14.44
C TRP O 620 -60.52 66.24 15.70
N LEU O 621 -59.56 67.15 15.65
CA LEU O 621 -59.31 68.00 16.79
C LEU O 621 -60.64 68.56 17.29
N ALA O 622 -61.50 69.03 16.39
CA ALA O 622 -62.82 69.60 16.74
C ALA O 622 -63.68 68.60 17.50
N TYR O 623 -63.55 67.34 17.11
CA TYR O 623 -64.32 66.26 17.74
C TYR O 623 -63.72 65.87 19.07
N GLY O 624 -62.42 65.57 19.08
CA GLY O 624 -61.73 65.16 20.30
C GLY O 624 -61.35 63.68 20.34
N VAL O 625 -60.17 63.36 19.84
CA VAL O 625 -59.66 61.96 19.80
C VAL O 625 -59.32 61.46 21.20
N THR O 626 -60.15 60.59 21.76
CA THR O 626 -59.87 60.08 23.09
C THR O 626 -59.39 58.64 22.99
N ARG O 627 -59.37 57.92 24.12
CA ARG O 627 -58.91 56.53 24.13
C ARG O 627 -59.89 55.64 23.33
N SER O 628 -61.13 56.13 23.19
CA SER O 628 -62.21 55.46 22.48
C SER O 628 -61.93 55.36 21.00
N VAL O 629 -61.32 56.38 20.45
CA VAL O 629 -61.06 56.32 19.05
C VAL O 629 -59.96 55.37 18.73
N THR O 630 -59.16 55.01 19.73
CA THR O 630 -58.08 54.15 19.42
C THR O 630 -58.25 52.74 19.94
N LYS O 631 -59.13 52.56 20.91
CA LYS O 631 -59.32 51.24 21.47
C LYS O 631 -59.44 50.15 20.43
N ARG O 632 -60.66 49.80 20.05
CA ARG O 632 -60.83 48.70 19.09
C ARG O 632 -59.59 48.47 18.26
N SER O 633 -59.27 49.45 17.44
CA SER O 633 -58.14 49.32 16.56
C SER O 633 -56.97 48.67 17.19
N VAL O 634 -56.35 49.30 18.18
CA VAL O 634 -55.18 48.69 18.78
C VAL O 634 -55.51 47.36 19.44
N MET O 635 -56.77 47.10 19.79
CA MET O 635 -57.06 45.86 20.51
C MET O 635 -57.42 44.69 19.65
N THR O 636 -57.11 44.86 18.36
CA THR O 636 -57.25 43.78 17.40
C THR O 636 -56.03 43.77 16.58
N LEU O 637 -55.00 44.49 17.03
CA LEU O 637 -53.73 44.54 16.31
C LEU O 637 -53.14 43.15 16.27
N ALA O 638 -53.51 42.38 17.29
CA ALA O 638 -53.06 41.00 17.51
C ALA O 638 -53.72 39.98 16.60
N TYR O 639 -54.72 40.38 15.82
CA TYR O 639 -55.39 39.46 14.91
C TYR O 639 -54.99 39.77 13.43
N GLY O 640 -54.02 40.70 13.28
CA GLY O 640 -53.45 41.03 11.98
C GLY O 640 -53.81 42.39 11.44
N SER O 641 -55.00 42.88 11.78
CA SER O 641 -55.45 44.16 11.28
C SER O 641 -54.36 45.18 11.40
N LYS O 642 -54.26 45.98 10.35
CA LYS O 642 -53.25 47.00 10.30
C LYS O 642 -53.84 48.30 9.83
N GLU O 643 -53.14 49.03 8.97
CA GLU O 643 -53.72 50.29 8.59
C GLU O 643 -55.09 50.11 7.95
N PHE O 644 -55.12 49.53 6.76
CA PHE O 644 -56.36 49.34 6.01
C PHE O 644 -57.51 48.89 6.89
N GLY O 645 -57.25 47.97 7.79
CA GLY O 645 -58.32 47.49 8.63
C GLY O 645 -59.00 48.56 9.45
N PHE O 646 -58.20 49.33 10.16
CA PHE O 646 -58.73 50.36 11.03
C PHE O 646 -59.74 51.26 10.35
N ARG O 647 -59.54 51.57 9.06
CA ARG O 647 -60.49 52.40 8.30
C ARG O 647 -61.86 51.97 8.75
N GLN O 648 -62.29 50.82 8.23
CA GLN O 648 -63.56 50.24 8.59
C GLN O 648 -63.98 50.57 10.03
N GLN O 649 -63.02 50.49 10.96
CA GLN O 649 -63.21 50.73 12.42
C GLN O 649 -63.50 52.24 12.85
N VAL O 650 -62.56 53.12 12.62
CA VAL O 650 -62.76 54.50 12.97
C VAL O 650 -64.17 54.87 12.56
N LEU O 651 -64.33 54.80 11.25
CA LEU O 651 -65.50 55.08 10.40
C LEU O 651 -66.81 54.42 10.85
N GLU O 652 -66.78 53.41 11.68
CA GLU O 652 -68.06 52.83 12.05
C GLU O 652 -68.25 52.80 13.56
N ASP O 653 -67.19 53.09 14.32
CA ASP O 653 -67.37 53.06 15.75
C ASP O 653 -67.03 54.42 16.39
N THR O 654 -66.67 55.39 15.58
CA THR O 654 -66.44 56.71 16.13
C THR O 654 -67.00 57.83 15.20
N ILE O 655 -66.80 57.71 13.88
CA ILE O 655 -67.30 58.69 12.89
C ILE O 655 -68.76 58.43 12.40
N GLN O 656 -69.22 57.21 12.35
CA GLN O 656 -70.58 56.98 11.89
C GLN O 656 -71.57 57.44 12.92
N PRO O 657 -71.51 56.86 14.11
CA PRO O 657 -72.42 57.19 15.22
C PRO O 657 -72.51 58.68 15.55
N ALA O 658 -71.34 59.31 15.70
CA ALA O 658 -71.25 60.72 16.03
C ALA O 658 -72.23 61.49 15.16
N ILE O 659 -72.11 61.28 13.86
CA ILE O 659 -72.97 61.89 12.84
C ILE O 659 -74.44 61.57 13.18
N ASP O 660 -74.73 60.27 13.29
CA ASP O 660 -76.07 59.74 13.62
C ASP O 660 -76.57 60.20 15.00
N SER O 661 -75.65 60.76 15.79
CA SER O 661 -75.93 61.30 17.11
C SER O 661 -75.97 62.86 17.00
N GLY O 662 -76.32 63.35 15.82
CA GLY O 662 -76.37 64.80 15.63
C GLY O 662 -75.00 65.43 15.50
N LYS O 663 -74.06 65.02 16.36
CA LYS O 663 -72.71 65.56 16.33
C LYS O 663 -71.95 65.10 15.06
N GLY O 664 -70.62 65.22 15.09
CA GLY O 664 -69.80 64.81 13.95
C GLY O 664 -70.00 65.69 12.74
N LEU O 665 -70.47 66.91 12.97
CA LEU O 665 -70.70 67.81 11.88
C LEU O 665 -69.37 68.21 11.22
N MET O 666 -68.29 68.15 11.99
CA MET O 666 -66.95 68.50 11.49
C MET O 666 -66.51 67.48 10.43
N PHE O 667 -67.11 66.30 10.49
CA PHE O 667 -66.80 65.25 9.53
C PHE O 667 -67.62 65.48 8.26
N THR O 668 -67.02 66.24 7.36
CA THR O 668 -67.69 66.50 6.10
C THR O 668 -67.52 65.28 5.21
N GLN O 669 -66.28 64.77 5.10
CA GLN O 669 -66.01 63.54 4.36
C GLN O 669 -65.60 62.47 5.35
N PRO O 670 -66.56 61.65 5.79
CA PRO O 670 -66.20 60.62 6.75
C PRO O 670 -65.09 59.69 6.25
N ASN O 671 -65.12 59.39 4.94
CA ASN O 671 -64.14 58.50 4.31
C ASN O 671 -62.73 59.00 4.50
N GLN O 672 -62.46 60.21 4.03
CA GLN O 672 -61.12 60.80 4.15
C GLN O 672 -60.73 60.86 5.62
N ALA O 673 -61.64 61.31 6.47
CA ALA O 673 -61.41 61.39 7.91
C ALA O 673 -60.98 60.02 8.47
N ALA O 674 -61.84 59.01 8.36
CA ALA O 674 -61.46 57.71 8.86
C ALA O 674 -60.20 57.22 8.16
N GLY O 675 -60.08 57.54 6.87
CA GLY O 675 -58.91 57.14 6.10
C GLY O 675 -57.64 57.71 6.71
N TYR O 676 -57.76 58.96 7.17
CA TYR O 676 -56.65 59.73 7.80
C TYR O 676 -56.39 59.24 9.23
N MET O 677 -57.39 59.32 10.09
CA MET O 677 -57.16 58.82 11.42
C MET O 677 -56.39 57.52 11.30
N ALA O 678 -56.94 56.59 10.53
CA ALA O 678 -56.36 55.26 10.31
C ALA O 678 -54.87 55.41 10.20
N LYS O 679 -54.43 56.16 9.22
CA LYS O 679 -53.02 56.40 9.04
C LYS O 679 -52.38 56.71 10.38
N LEU O 680 -52.94 57.72 11.06
CA LEU O 680 -52.44 58.16 12.36
C LEU O 680 -52.43 57.00 13.42
N ILE O 681 -53.56 56.34 13.68
CA ILE O 681 -53.53 55.21 14.63
C ILE O 681 -52.36 54.31 14.31
N TRP O 682 -52.21 53.91 13.06
CA TRP O 682 -51.08 53.05 12.72
C TRP O 682 -49.76 53.73 13.06
N GLU O 683 -49.52 54.90 12.49
CA GLU O 683 -48.29 55.62 12.76
C GLU O 683 -48.03 55.70 14.25
N SER O 684 -49.09 55.67 15.04
CA SER O 684 -48.93 55.76 16.48
C SER O 684 -48.57 54.44 17.16
N VAL O 685 -49.16 53.32 16.75
CA VAL O 685 -48.87 52.03 17.39
C VAL O 685 -47.51 51.46 16.97
N SER O 686 -47.23 51.45 15.66
CA SER O 686 -45.99 50.90 15.12
C SER O 686 -44.72 51.62 15.68
N VAL O 687 -44.89 52.37 16.76
CA VAL O 687 -43.79 53.07 17.37
C VAL O 687 -43.85 52.97 18.88
N THR O 688 -45.01 52.52 19.34
CA THR O 688 -45.23 52.30 20.74
C THR O 688 -44.97 50.82 21.05
N VAL O 689 -45.46 49.95 20.17
CA VAL O 689 -45.26 48.53 20.38
C VAL O 689 -44.46 47.93 19.22
N VAL O 690 -43.46 48.71 18.77
CA VAL O 690 -42.56 48.33 17.69
C VAL O 690 -42.51 46.84 17.56
N ALA O 691 -42.15 46.23 18.68
CA ALA O 691 -41.98 44.79 18.81
C ALA O 691 -43.13 43.99 18.18
N ALA O 692 -44.34 44.03 18.78
CA ALA O 692 -45.47 43.28 18.22
C ALA O 692 -45.55 43.51 16.71
N VAL O 693 -45.11 44.69 16.23
CA VAL O 693 -45.08 44.98 14.78
C VAL O 693 -44.17 43.97 14.08
N GLU O 694 -42.89 44.14 14.37
CA GLU O 694 -41.79 43.33 13.87
C GLU O 694 -42.03 41.84 14.01
N ALA O 695 -42.57 41.44 15.15
CA ALA O 695 -42.81 40.04 15.32
C ALA O 695 -43.90 39.56 14.39
N MET O 696 -44.94 40.37 14.21
CA MET O 696 -46.06 39.96 13.37
C MET O 696 -45.70 40.00 11.89
N ASN O 697 -44.82 40.92 11.54
CA ASN O 697 -44.34 41.03 10.16
C ASN O 697 -43.27 39.94 9.91
N TRP O 698 -42.79 39.31 10.98
CA TRP O 698 -41.79 38.26 10.85
C TRP O 698 -42.49 36.95 10.60
N LEU O 699 -43.08 36.37 11.63
CA LEU O 699 -43.80 35.10 11.46
C LEU O 699 -44.72 35.12 10.22
N LYS O 700 -45.06 36.32 9.74
CA LYS O 700 -45.87 36.37 8.55
C LYS O 700 -44.98 36.02 7.41
N SER O 701 -43.85 36.71 7.34
CA SER O 701 -42.87 36.38 6.33
C SER O 701 -42.79 34.88 6.26
N ALA O 702 -42.14 34.35 7.30
CA ALA O 702 -41.91 32.92 7.44
C ALA O 702 -43.07 32.13 6.88
N ALA O 703 -44.22 32.24 7.51
CA ALA O 703 -45.37 31.52 7.06
C ALA O 703 -45.49 31.57 5.55
N LYS O 704 -45.37 32.77 5.00
CA LYS O 704 -45.49 32.98 3.55
C LYS O 704 -44.68 31.96 2.76
N LEU O 705 -43.36 32.03 2.95
CA LEU O 705 -42.45 31.13 2.29
C LEU O 705 -42.94 29.72 2.48
N LEU O 706 -43.09 29.29 3.75
CA LEU O 706 -43.55 27.93 4.07
C LEU O 706 -44.81 27.52 3.34
N ALA O 707 -45.49 28.47 2.72
CA ALA O 707 -46.72 28.09 2.03
C ALA O 707 -46.53 28.02 0.52
N ALA O 708 -45.71 28.93 0.04
CA ALA O 708 -45.37 29.04 -1.37
C ALA O 708 -45.17 27.67 -1.98
N GLU O 709 -45.47 27.60 -3.29
CA GLU O 709 -45.31 26.40 -4.14
C GLU O 709 -44.21 26.71 -5.14
N VAL O 710 -43.01 26.93 -4.60
CA VAL O 710 -41.85 27.29 -5.40
C VAL O 710 -41.49 26.23 -6.41
N LYS O 711 -41.45 26.66 -7.66
CA LYS O 711 -41.08 25.80 -8.78
C LYS O 711 -40.00 26.49 -9.61
N ASP O 712 -39.71 25.87 -10.75
CA ASP O 712 -38.79 26.40 -11.74
C ASP O 712 -39.64 26.63 -13.01
N LYS O 713 -39.70 27.88 -13.48
CA LYS O 713 -40.56 28.22 -14.64
C LYS O 713 -39.85 28.08 -16.03
N LYS O 714 -39.15 26.96 -16.15
CA LYS O 714 -38.43 26.54 -17.34
C LYS O 714 -38.85 25.11 -17.58
N THR O 715 -39.66 24.68 -16.62
CA THR O 715 -40.18 23.33 -16.58
C THR O 715 -41.51 23.33 -15.89
N GLY O 716 -41.76 24.42 -15.15
CA GLY O 716 -42.97 24.53 -14.37
C GLY O 716 -43.04 23.37 -13.38
N GLU O 717 -41.88 22.78 -13.10
CA GLU O 717 -41.73 21.62 -12.22
C GLU O 717 -41.74 22.02 -10.74
N ILE O 718 -42.34 21.16 -9.92
CA ILE O 718 -42.46 21.40 -8.51
C ILE O 718 -41.18 21.00 -7.78
N LEU O 719 -40.51 22.01 -7.22
CA LEU O 719 -39.31 21.78 -6.45
C LEU O 719 -39.67 21.46 -5.00
N ARG O 720 -40.70 22.12 -4.47
CA ARG O 720 -41.19 21.89 -3.09
C ARG O 720 -42.67 22.27 -2.97
N LYS O 721 -43.52 21.27 -2.76
CA LYS O 721 -44.92 21.54 -2.64
C LYS O 721 -45.17 22.33 -1.40
N ARG O 722 -46.32 23.02 -1.38
CA ARG O 722 -46.71 23.85 -0.23
C ARG O 722 -46.71 23.06 1.08
N CYS O 723 -45.93 23.54 2.03
CA CYS O 723 -45.80 22.90 3.33
C CYS O 723 -46.50 23.71 4.44
N ALA O 724 -47.15 22.99 5.34
CA ALA O 724 -47.85 23.56 6.49
C ALA O 724 -46.82 24.04 7.51
N VAL O 725 -47.18 24.89 8.44
CA VAL O 725 -46.16 25.29 9.38
C VAL O 725 -46.38 24.64 10.71
N HIS O 726 -45.29 24.39 11.45
CA HIS O 726 -45.37 23.74 12.75
C HIS O 726 -44.23 24.14 13.67
N TRP O 727 -44.62 24.36 14.93
CA TRP O 727 -43.71 24.77 16.01
C TRP O 727 -44.21 24.27 17.39
N VAL O 728 -43.38 24.40 18.41
CA VAL O 728 -43.83 23.91 19.67
C VAL O 728 -43.54 24.88 20.75
N THR O 729 -44.50 24.91 21.66
CA THR O 729 -44.51 25.77 22.82
C THR O 729 -43.47 25.33 23.85
N PRO O 730 -42.83 26.31 24.52
CA PRO O 730 -41.80 26.15 25.55
C PRO O 730 -42.13 25.04 26.54
N ASP O 731 -43.43 24.81 26.72
CA ASP O 731 -43.92 23.77 27.64
C ASP O 731 -44.20 22.49 26.86
N GLY O 732 -43.94 22.50 25.57
CA GLY O 732 -44.09 21.25 24.87
C GLY O 732 -45.38 21.01 24.17
N PHE O 733 -46.03 22.08 23.72
CA PHE O 733 -47.20 21.78 22.94
C PHE O 733 -46.88 22.13 21.51
N PRO O 734 -46.92 21.10 20.62
CA PRO O 734 -46.67 21.20 19.19
C PRO O 734 -47.96 21.48 18.51
N VAL O 735 -47.97 22.58 17.75
CA VAL O 735 -49.12 23.11 16.96
C VAL O 735 -48.87 22.86 15.44
N TRP O 736 -49.89 22.65 14.62
CA TRP O 736 -49.58 22.46 13.21
C TRP O 736 -50.46 23.35 12.32
N GLN O 737 -49.95 24.52 11.94
CA GLN O 737 -50.74 25.41 11.09
C GLN O 737 -50.78 24.85 9.69
N GLU O 738 -51.93 24.26 9.36
CA GLU O 738 -52.18 23.60 8.06
C GLU O 738 -53.58 23.90 7.54
N TYR O 739 -53.80 25.15 7.12
CA TYR O 739 -55.09 25.67 6.59
C TYR O 739 -55.41 25.09 5.19
N LYS O 740 -56.50 24.34 5.01
CA LYS O 740 -56.72 23.74 3.68
C LYS O 740 -57.86 24.33 2.88
N LYS O 741 -57.56 24.60 1.60
CA LYS O 741 -58.45 25.16 0.60
C LYS O 741 -58.86 24.08 -0.43
N PRO O 742 -60.17 23.83 -0.56
CA PRO O 742 -60.57 22.80 -1.51
C PRO O 742 -60.18 23.18 -2.94
N ILE O 743 -60.44 22.26 -3.88
CA ILE O 743 -60.12 22.54 -5.28
C ILE O 743 -61.44 22.63 -6.11
N GLN O 744 -62.55 22.23 -5.47
CA GLN O 744 -63.88 22.26 -6.06
C GLN O 744 -64.30 23.67 -6.49
N THR O 745 -65.61 23.91 -6.56
CA THR O 745 -66.23 25.23 -6.93
C THR O 745 -67.68 25.07 -7.44
N ARG O 746 -68.67 25.56 -6.69
CA ARG O 746 -70.06 25.44 -7.13
C ARG O 746 -70.93 26.55 -6.50
N LEU O 747 -70.60 27.81 -6.78
CA LEU O 747 -71.39 28.90 -6.22
C LEU O 747 -72.71 29.00 -6.93
N ASN O 748 -73.81 28.81 -6.23
CA ASN O 748 -75.08 28.94 -6.91
C ASN O 748 -75.64 30.35 -6.74
N LEU O 749 -76.83 30.61 -7.27
CA LEU O 749 -77.36 31.94 -7.16
C LEU O 749 -78.44 32.09 -6.10
N MET O 750 -79.62 31.51 -6.28
CA MET O 750 -80.65 31.79 -5.29
C MET O 750 -81.18 30.60 -4.53
N PHE O 751 -80.47 29.49 -4.55
CA PHE O 751 -81.01 28.36 -3.81
C PHE O 751 -80.09 27.97 -2.71
N LEU O 752 -78.91 27.56 -3.12
CA LEU O 752 -77.89 27.15 -2.20
C LEU O 752 -76.54 27.47 -2.78
N GLY O 753 -75.72 26.45 -2.96
CA GLY O 753 -74.39 26.64 -3.52
C GLY O 753 -73.33 25.92 -2.71
N GLN O 754 -73.19 24.61 -2.94
CA GLN O 754 -72.20 23.86 -2.18
C GLN O 754 -71.45 22.81 -3.01
N PHE O 755 -70.78 21.93 -2.28
CA PHE O 755 -69.93 20.81 -2.72
C PHE O 755 -70.01 20.52 -4.20
N ARG O 756 -68.94 19.90 -4.69
CA ARG O 756 -68.78 19.53 -6.11
C ARG O 756 -68.59 18.01 -6.29
N ASP O 766 -59.70 16.07 -2.73
CA ASP O 766 -58.38 16.60 -2.43
C ASP O 766 -58.43 18.09 -2.02
N SER O 767 -57.26 18.62 -1.64
CA SER O 767 -57.18 19.95 -1.09
C SER O 767 -55.76 20.40 -1.02
N GLU O 768 -55.54 21.69 -1.06
CA GLU O 768 -54.17 22.17 -0.93
C GLU O 768 -54.04 23.24 0.17
N ILE O 769 -52.83 23.46 0.65
CA ILE O 769 -52.63 24.47 1.63
C ILE O 769 -53.10 25.82 1.04
N ASP O 770 -53.82 26.62 1.81
CA ASP O 770 -54.35 27.91 1.38
C ASP O 770 -53.42 29.08 1.77
N ALA O 771 -52.32 29.19 1.03
CA ALA O 771 -51.23 30.18 1.17
C ALA O 771 -51.60 31.51 1.80
N HIS O 772 -52.86 31.88 1.65
CA HIS O 772 -53.37 33.15 2.16
C HIS O 772 -53.78 33.01 3.64
N LYS O 773 -54.79 32.19 3.87
CA LYS O 773 -55.19 31.98 5.22
C LYS O 773 -53.97 31.65 6.07
N GLN O 774 -53.08 30.81 5.58
CA GLN O 774 -51.88 30.43 6.34
C GLN O 774 -50.95 31.63 6.59
N GLU O 775 -51.06 32.66 5.77
CA GLU O 775 -50.18 33.79 5.94
C GLU O 775 -50.80 34.72 6.93
N SER O 776 -52.10 34.53 7.07
CA SER O 776 -52.98 35.33 7.93
C SER O 776 -52.94 34.95 9.42
N GLY O 777 -53.26 33.70 9.76
CA GLY O 777 -53.31 33.28 11.17
C GLY O 777 -51.99 32.94 11.82
N ILE O 778 -50.89 33.00 11.06
CA ILE O 778 -49.59 32.70 11.58
C ILE O 778 -49.34 33.50 12.84
N ALA O 779 -49.24 34.82 12.73
CA ALA O 779 -48.93 35.63 13.91
C ALA O 779 -49.94 35.42 15.05
N PRO O 780 -51.22 35.60 14.78
CA PRO O 780 -52.19 35.41 15.86
C PRO O 780 -52.17 34.02 16.44
N ASN O 781 -52.00 32.98 15.64
CA ASN O 781 -52.00 31.67 16.25
C ASN O 781 -50.77 31.45 17.06
N PHE O 782 -49.70 32.11 16.66
CA PHE O 782 -48.45 31.99 17.37
C PHE O 782 -48.57 32.53 18.79
N VAL O 783 -48.95 33.82 18.98
CA VAL O 783 -49.11 34.37 20.35
C VAL O 783 -50.12 33.56 21.13
N HIS O 784 -51.24 33.21 20.51
CA HIS O 784 -52.30 32.38 21.12
C HIS O 784 -51.83 31.04 21.58
N SER O 785 -50.80 30.53 20.92
CA SER O 785 -50.25 29.26 21.31
C SER O 785 -49.24 29.52 22.39
N GLN O 786 -48.68 30.74 22.39
CA GLN O 786 -47.75 31.12 23.43
C GLN O 786 -48.50 31.33 24.70
N ASP O 787 -49.34 32.36 24.75
CA ASP O 787 -50.10 32.59 25.96
C ASP O 787 -50.83 31.36 26.43
N GLY O 788 -50.82 30.25 25.70
CA GLY O 788 -51.48 29.07 26.22
C GLY O 788 -50.47 28.29 27.05
N SER O 789 -49.23 28.42 26.56
CA SER O 789 -48.05 27.83 27.17
C SER O 789 -47.92 28.45 28.54
N HIS O 790 -47.77 29.76 28.53
CA HIS O 790 -47.63 30.53 29.72
C HIS O 790 -48.77 30.30 30.77
N LEU O 791 -49.99 30.02 30.33
CA LEU O 791 -51.06 29.76 31.28
C LEU O 791 -50.96 28.35 31.83
N ARG O 792 -50.77 27.36 30.97
CA ARG O 792 -50.66 25.99 31.51
C ARG O 792 -49.40 25.85 32.39
N LYS O 793 -48.32 26.54 32.03
CA LYS O 793 -47.05 26.55 32.79
C LYS O 793 -47.26 27.10 34.22
N THR O 794 -48.21 28.04 34.33
CA THR O 794 -48.63 28.63 35.60
C THR O 794 -49.55 27.63 36.34
N VAL O 795 -50.68 27.16 35.77
CA VAL O 795 -51.45 26.19 36.57
C VAL O 795 -50.49 25.16 37.15
N VAL O 796 -49.48 24.82 36.41
CA VAL O 796 -48.53 23.90 36.96
C VAL O 796 -47.82 24.58 38.11
N TRP O 797 -46.82 25.40 37.78
CA TRP O 797 -45.98 26.13 38.73
C TRP O 797 -46.68 26.51 39.98
N ALA O 798 -47.73 27.30 39.85
CA ALA O 798 -48.54 27.75 40.99
C ALA O 798 -49.32 26.62 41.69
N HIS O 799 -49.46 25.44 41.09
CA HIS O 799 -50.13 24.37 41.79
C HIS O 799 -49.13 23.55 42.67
N GLU O 800 -47.87 23.44 42.24
CA GLU O 800 -46.83 22.69 42.98
C GLU O 800 -46.01 23.57 43.87
N LYS O 801 -45.36 24.59 43.35
CA LYS O 801 -44.61 25.46 44.25
C LYS O 801 -45.54 26.03 45.33
N TYR O 802 -46.59 26.80 45.00
CA TYR O 802 -47.58 27.27 45.99
C TYR O 802 -48.70 26.26 46.05
N GLY O 803 -49.34 26.11 47.20
CA GLY O 803 -50.38 25.11 47.36
C GLY O 803 -51.61 25.31 46.51
N ILE O 804 -51.71 26.45 45.84
CA ILE O 804 -52.87 26.77 45.02
C ILE O 804 -53.40 25.56 44.20
N GLU O 805 -54.58 25.14 44.57
CA GLU O 805 -55.19 23.98 43.96
C GLU O 805 -56.54 24.33 43.39
N SER O 806 -56.82 25.62 43.21
CA SER O 806 -58.13 26.02 42.66
C SER O 806 -58.04 27.13 41.60
N PHE O 807 -58.20 26.78 40.30
CA PHE O 807 -58.06 27.76 39.20
C PHE O 807 -59.31 28.16 38.35
N ALA O 808 -59.28 29.47 38.05
CA ALA O 808 -60.21 30.22 37.23
C ALA O 808 -59.42 30.75 36.08
N LEU O 809 -59.34 29.90 35.09
CA LEU O 809 -58.56 30.22 33.89
C LEU O 809 -59.45 30.60 32.69
N ILE O 810 -59.07 31.70 32.04
CA ILE O 810 -59.74 32.13 30.86
C ILE O 810 -58.75 32.72 29.92
N HIS O 811 -57.96 31.84 29.34
CA HIS O 811 -56.95 32.20 28.37
C HIS O 811 -55.96 33.25 28.98
N ASP O 812 -56.27 34.55 29.07
CA ASP O 812 -55.32 35.50 29.72
C ASP O 812 -55.98 36.08 30.97
N SER O 813 -56.52 35.16 31.73
CA SER O 813 -57.27 35.41 32.94
C SER O 813 -57.10 34.24 34.00
N PHE O 814 -56.31 34.54 35.02
CA PHE O 814 -56.03 33.58 36.05
C PHE O 814 -56.73 33.96 37.31
N GLY O 815 -57.17 32.94 38.03
CA GLY O 815 -57.89 33.19 39.26
C GLY O 815 -57.74 32.11 40.32
N THR O 816 -57.90 32.56 41.57
CA THR O 816 -57.76 31.75 42.79
C THR O 816 -58.66 32.31 43.88
N ILE O 817 -58.84 31.52 44.95
CA ILE O 817 -59.56 32.05 46.10
C ILE O 817 -58.70 33.19 46.62
N PRO O 818 -59.23 34.06 47.51
CA PRO O 818 -58.57 35.24 48.10
C PRO O 818 -57.30 34.92 48.89
N ALA O 819 -57.37 33.85 49.67
CA ALA O 819 -56.23 33.41 50.46
C ALA O 819 -54.97 33.27 49.58
N ASP O 820 -54.98 32.35 48.60
CA ASP O 820 -53.82 32.12 47.70
C ASP O 820 -53.70 33.18 46.63
N ALA O 821 -54.70 34.03 46.55
CA ALA O 821 -54.69 35.11 45.61
C ALA O 821 -53.32 35.82 45.54
N ALA O 822 -52.68 36.05 46.68
CA ALA O 822 -51.42 36.80 46.55
C ALA O 822 -50.35 35.98 45.85
N ASN O 823 -50.33 34.68 46.13
CA ASN O 823 -49.34 33.79 45.54
C ASN O 823 -49.46 33.77 43.98
N LEU O 824 -50.52 33.13 43.48
CA LEU O 824 -50.80 33.05 42.05
C LEU O 824 -50.35 34.33 41.32
N PHE O 825 -50.60 35.46 41.96
CA PHE O 825 -50.27 36.75 41.41
C PHE O 825 -48.76 36.89 41.23
N LYS O 826 -48.01 36.27 42.14
CA LYS O 826 -46.56 36.31 42.08
C LYS O 826 -46.09 35.28 41.08
N ALA O 827 -46.73 34.10 41.14
CA ALA O 827 -46.46 32.92 40.26
C ALA O 827 -46.57 33.20 38.76
N VAL O 828 -47.68 33.74 38.32
CA VAL O 828 -47.75 34.03 36.91
C VAL O 828 -46.51 34.77 36.48
N ARG O 829 -46.34 35.97 37.05
CA ARG O 829 -45.19 36.85 36.78
C ARG O 829 -43.90 36.05 36.70
N GLU O 830 -43.64 35.30 37.76
CA GLU O 830 -42.47 34.48 37.70
C GLU O 830 -42.62 33.58 36.46
N THR O 831 -43.62 32.68 36.44
CA THR O 831 -43.78 31.80 35.29
C THR O 831 -43.37 32.50 34.01
N MET O 832 -43.86 33.74 33.85
CA MET O 832 -43.55 34.58 32.71
C MET O 832 -42.07 34.82 32.64
N VAL O 833 -41.57 35.74 33.48
CA VAL O 833 -40.13 36.09 33.46
C VAL O 833 -39.24 34.88 33.09
N ASP O 834 -39.32 33.79 33.84
CA ASP O 834 -38.52 32.58 33.55
C ASP O 834 -38.64 32.15 32.08
N THR O 835 -39.83 31.70 31.66
CA THR O 835 -40.07 31.23 30.28
C THR O 835 -39.48 32.20 29.23
N TYR O 836 -39.69 33.50 29.37
CA TYR O 836 -39.13 34.40 28.39
C TYR O 836 -37.68 34.62 28.66
N GLU O 837 -37.17 33.95 29.67
CA GLU O 837 -35.76 34.08 29.98
C GLU O 837 -35.00 32.85 29.47
N SER O 838 -35.66 31.70 29.46
CA SER O 838 -34.97 30.49 29.04
C SER O 838 -35.28 30.07 27.61
N CYS O 839 -36.29 30.69 26.95
CA CYS O 839 -36.68 30.32 25.59
C CYS O 839 -36.69 31.53 24.66
N ASP O 840 -36.39 31.33 23.37
CA ASP O 840 -36.49 32.41 22.37
C ASP O 840 -37.44 31.94 21.27
N VAL O 841 -38.56 31.40 21.71
CA VAL O 841 -39.63 30.90 20.87
C VAL O 841 -39.49 31.43 19.45
N LEU O 842 -39.17 32.71 19.27
CA LEU O 842 -39.02 33.20 17.91
C LEU O 842 -37.90 32.44 17.22
N ALA O 843 -36.70 32.51 17.76
CA ALA O 843 -35.57 31.80 17.17
C ALA O 843 -35.77 30.29 17.12
N ASP O 844 -36.43 29.74 18.14
CA ASP O 844 -36.71 28.31 18.24
C ASP O 844 -37.60 27.84 17.08
N PHE O 845 -38.48 28.74 16.66
CA PHE O 845 -39.38 28.48 15.56
C PHE O 845 -38.52 28.30 14.31
N TYR O 846 -37.71 29.32 14.02
CA TYR O 846 -36.77 29.29 12.90
C TYR O 846 -36.24 27.89 12.74
N ASP O 847 -35.45 27.47 13.72
CA ASP O 847 -34.90 26.14 13.69
C ASP O 847 -35.95 25.17 13.21
N GLN O 848 -37.15 25.33 13.73
CA GLN O 848 -38.27 24.46 13.38
C GLN O 848 -38.56 24.33 11.85
N PHE O 849 -38.72 25.45 11.14
CA PHE O 849 -39.07 25.38 9.72
C PHE O 849 -37.84 25.54 8.80
N ALA O 850 -36.87 26.39 9.18
CA ALA O 850 -35.65 26.65 8.37
C ALA O 850 -35.37 25.55 7.33
N ASP O 851 -35.03 24.36 7.85
CA ASP O 851 -34.70 23.23 6.98
C ASP O 851 -35.92 22.77 6.20
N GLN O 852 -36.78 23.74 5.87
CA GLN O 852 -37.92 23.45 5.05
C GLN O 852 -37.98 24.48 3.93
N LEU O 853 -37.19 25.54 4.06
CA LEU O 853 -37.17 26.54 3.01
C LEU O 853 -36.46 25.98 1.82
N HIS O 854 -37.09 25.96 0.66
CA HIS O 854 -36.34 25.44 -0.46
C HIS O 854 -35.27 26.45 -0.89
N GLU O 855 -34.23 25.87 -1.43
CA GLU O 855 -33.06 26.52 -1.94
C GLU O 855 -33.31 27.97 -2.39
N SER O 856 -34.19 28.16 -3.36
CA SER O 856 -34.43 29.48 -3.93
C SER O 856 -34.75 30.59 -2.93
N GLN O 857 -35.53 30.27 -1.88
CA GLN O 857 -36.05 31.27 -0.89
C GLN O 857 -35.26 31.45 0.40
N LEU O 858 -34.02 30.97 0.44
CA LEU O 858 -33.17 31.12 1.62
C LEU O 858 -32.66 32.55 1.76
N ASP O 859 -33.32 33.50 1.09
CA ASP O 859 -32.96 34.91 1.13
C ASP O 859 -34.17 35.81 1.42
N LYS O 860 -35.35 35.40 0.96
CA LYS O 860 -36.52 36.20 1.26
C LYS O 860 -36.95 35.98 2.72
N MET O 861 -36.10 35.34 3.55
CA MET O 861 -36.49 35.18 4.96
C MET O 861 -35.79 36.24 5.81
N PRO O 862 -36.41 37.44 5.94
CA PRO O 862 -35.83 38.53 6.73
C PRO O 862 -35.33 38.04 8.05
N ALA O 863 -34.33 38.74 8.58
CA ALA O 863 -33.74 38.29 9.82
C ALA O 863 -34.59 38.63 11.02
N LEU O 864 -34.47 37.79 12.06
CA LEU O 864 -35.20 38.01 13.30
C LEU O 864 -34.80 39.38 13.85
N PRO O 865 -35.79 40.20 14.17
CA PRO O 865 -35.53 41.54 14.72
C PRO O 865 -34.49 41.51 15.84
N ALA O 866 -33.74 42.60 16.01
CA ALA O 866 -32.77 42.70 17.09
C ALA O 866 -33.55 42.93 18.37
N LYS O 867 -33.12 42.41 19.52
CA LYS O 867 -33.90 42.63 20.75
C LYS O 867 -33.69 44.03 21.34
N GLY O 868 -34.32 44.21 22.50
CA GLY O 868 -34.27 45.47 23.22
C GLY O 868 -33.48 45.41 24.52
N ASN O 869 -33.87 46.26 25.47
CA ASN O 869 -33.17 46.39 26.75
C ASN O 869 -34.08 46.21 27.96
N LEU O 870 -35.25 45.62 27.79
CA LEU O 870 -36.08 45.46 28.96
C LEU O 870 -35.56 44.33 29.82
N ASN O 871 -35.70 44.45 31.12
CA ASN O 871 -35.27 43.38 32.00
C ASN O 871 -36.49 42.57 32.39
N LEU O 872 -36.63 41.41 31.79
CA LEU O 872 -37.77 40.55 32.10
C LEU O 872 -38.01 40.43 33.62
N ARG O 873 -37.01 40.75 34.43
CA ARG O 873 -37.19 40.58 35.87
C ARG O 873 -38.11 41.66 36.43
N ASP O 874 -38.11 42.80 35.77
CA ASP O 874 -38.93 43.89 36.22
C ASP O 874 -40.36 43.48 36.36
N ILE O 875 -40.76 42.44 35.61
CA ILE O 875 -42.15 41.96 35.65
C ILE O 875 -42.50 41.32 36.96
N LEU O 876 -41.48 40.99 37.73
CA LEU O 876 -41.72 40.41 39.04
C LEU O 876 -42.17 41.52 40.01
N GLU O 877 -42.02 42.77 39.57
CA GLU O 877 -42.45 43.89 40.41
C GLU O 877 -43.31 44.93 39.63
N SER O 878 -44.02 44.49 38.58
CA SER O 878 -44.99 45.35 37.84
C SER O 878 -46.41 45.03 38.34
N ASP O 879 -46.91 45.90 39.20
CA ASP O 879 -48.19 45.75 39.89
C ASP O 879 -49.41 45.42 39.00
N PHE O 880 -49.63 46.20 37.94
CA PHE O 880 -50.82 46.08 37.07
C PHE O 880 -50.70 45.06 35.87
N ALA O 881 -49.62 44.30 35.75
CA ALA O 881 -49.59 43.38 34.66
C ALA O 881 -50.16 42.09 35.10
N PHE O 882 -51.16 42.08 35.98
CA PHE O 882 -51.67 40.80 36.48
C PHE O 882 -51.48 39.74 35.43
N ALA O 883 -50.35 39.06 35.48
CA ALA O 883 -49.96 38.04 34.52
C ALA O 883 -49.27 38.72 33.31
N ASN P 2 89.48 -8.80 -12.25
CA ASN P 2 89.58 -8.63 -10.76
C ASN P 2 88.22 -8.54 -10.16
N THR P 3 87.35 -9.46 -10.54
CA THR P 3 85.99 -9.42 -10.07
C THR P 3 85.87 -9.40 -8.52
N ILE P 4 84.95 -8.54 -8.08
CA ILE P 4 84.64 -8.33 -6.68
C ILE P 4 84.17 -9.65 -6.03
N ASN P 5 85.08 -10.31 -5.30
CA ASN P 5 84.77 -11.58 -4.65
C ASN P 5 83.53 -11.51 -3.77
N ILE P 6 82.66 -12.51 -3.93
CA ILE P 6 81.41 -12.57 -3.18
C ILE P 6 81.59 -13.34 -1.87
N ALA P 7 82.66 -14.13 -1.82
CA ALA P 7 82.98 -14.94 -0.63
C ALA P 7 83.29 -14.05 0.58
N LYS P 8 82.45 -13.01 0.73
CA LYS P 8 82.52 -12.02 1.82
C LYS P 8 81.27 -12.14 2.67
N ASN P 9 80.74 -11.02 3.14
CA ASN P 9 79.50 -11.11 3.94
C ASN P 9 78.33 -11.51 3.05
N ASP P 10 78.47 -11.46 1.72
CA ASP P 10 77.31 -11.83 0.85
C ASP P 10 76.92 -13.25 1.15
N PHE P 11 77.91 -14.13 1.11
CA PHE P 11 77.65 -15.51 1.37
C PHE P 11 77.48 -15.73 2.87
N SER P 12 78.29 -15.04 3.68
CA SER P 12 78.18 -15.14 5.15
C SER P 12 76.72 -14.90 5.56
N ASP P 13 76.03 -14.16 4.70
CA ASP P 13 74.61 -13.87 4.84
C ASP P 13 73.94 -15.06 5.50
N ILE P 14 74.05 -16.20 4.80
CA ILE P 14 73.50 -17.47 5.25
C ILE P 14 74.35 -18.06 6.39
N GLU P 15 74.36 -17.37 7.53
CA GLU P 15 75.12 -17.76 8.73
C GLU P 15 74.62 -19.11 9.36
N LEU P 16 75.47 -20.16 9.27
CA LEU P 16 75.17 -21.54 9.76
C LEU P 16 75.51 -21.75 11.27
N ALA P 17 75.41 -20.69 12.06
CA ALA P 17 75.67 -20.78 13.49
C ALA P 17 74.91 -19.67 14.26
N ALA P 18 74.43 -18.65 13.52
CA ALA P 18 73.65 -17.48 14.05
C ALA P 18 72.68 -16.82 13.00
N ILE P 19 71.43 -17.29 13.00
CA ILE P 19 70.30 -16.87 12.15
C ILE P 19 69.01 -17.43 12.81
N PRO P 20 67.81 -17.04 12.33
CA PRO P 20 66.64 -17.63 13.01
C PRO P 20 66.35 -19.08 12.52
N PHE P 21 67.35 -19.97 12.65
CA PHE P 21 67.33 -21.39 12.21
C PHE P 21 67.04 -22.33 13.37
N ASN P 22 66.73 -21.73 14.49
CA ASN P 22 66.37 -22.44 15.69
C ASN P 22 65.15 -23.27 15.38
N THR P 23 64.65 -23.03 14.17
CA THR P 23 63.52 -23.78 13.65
C THR P 23 64.02 -25.17 13.36
N LEU P 24 65.13 -25.20 12.61
CA LEU P 24 65.80 -26.42 12.25
C LEU P 24 66.41 -27.07 13.49
N ALA P 25 67.30 -26.30 14.11
CA ALA P 25 67.97 -26.73 15.32
C ALA P 25 66.97 -27.46 16.23
N ASP P 26 65.93 -26.76 16.65
CA ASP P 26 64.91 -27.34 17.53
C ASP P 26 64.15 -28.48 16.83
N HIS P 27 64.10 -28.44 15.52
CA HIS P 27 63.38 -29.47 14.85
C HIS P 27 64.21 -30.72 14.60
N TYR P 28 65.50 -30.61 14.25
CA TYR P 28 66.26 -31.82 13.97
C TYR P 28 67.70 -31.84 14.57
N GLY P 29 67.95 -31.20 15.69
CA GLY P 29 69.31 -31.30 16.24
C GLY P 29 70.28 -30.22 15.80
N GLU P 30 71.23 -29.94 16.68
CA GLU P 30 72.22 -28.89 16.47
C GLU P 30 73.04 -29.15 15.24
N ARG P 31 73.44 -30.42 15.10
CA ARG P 31 74.30 -30.95 14.01
C ARG P 31 73.73 -30.80 12.61
N LEU P 32 72.75 -31.64 12.32
CA LEU P 32 72.15 -31.60 11.02
C LEU P 32 71.94 -30.14 10.61
N ALA P 33 71.33 -29.37 11.51
CA ALA P 33 71.00 -27.94 11.35
C ALA P 33 72.18 -27.10 10.95
N ARG P 34 73.29 -27.32 11.63
CA ARG P 34 74.45 -26.56 11.29
C ARG P 34 75.02 -27.08 10.00
N GLU P 35 74.57 -28.29 9.60
CA GLU P 35 75.03 -28.92 8.34
C GLU P 35 74.24 -28.41 7.13
N GLN P 36 72.92 -28.57 7.17
CA GLN P 36 72.00 -28.10 6.12
C GLN P 36 72.41 -26.74 5.58
N LEU P 37 72.64 -25.79 6.49
CA LEU P 37 73.00 -24.39 6.19
C LEU P 37 74.44 -24.22 5.72
N ALA P 38 75.29 -25.17 6.09
CA ALA P 38 76.70 -25.12 5.66
C ALA P 38 76.79 -25.55 4.17
N LEU P 39 75.96 -26.58 3.90
CA LEU P 39 75.71 -27.26 2.61
C LEU P 39 75.08 -26.28 1.62
N GLU P 40 74.03 -25.57 2.05
CA GLU P 40 73.47 -24.57 1.19
C GLU P 40 74.53 -23.51 0.91
N HIS P 41 75.28 -23.12 1.94
CA HIS P 41 76.35 -22.11 1.78
C HIS P 41 77.33 -22.51 0.72
N GLU P 42 77.74 -23.77 0.83
CA GLU P 42 78.65 -24.38 -0.12
C GLU P 42 78.10 -24.22 -1.53
N SER P 43 76.89 -24.72 -1.73
CA SER P 43 76.34 -24.65 -3.03
C SER P 43 76.70 -23.33 -3.66
N TYR P 44 76.49 -22.21 -2.95
CA TYR P 44 76.81 -20.87 -3.54
C TYR P 44 78.30 -20.66 -3.74
N GLU P 45 79.09 -21.24 -2.84
CA GLU P 45 80.52 -21.11 -3.00
C GLU P 45 80.90 -21.78 -4.30
N MET P 46 80.48 -23.03 -4.43
CA MET P 46 80.73 -23.82 -5.63
C MET P 46 80.03 -23.19 -6.85
N GLY P 47 78.96 -22.47 -6.62
CA GLY P 47 78.31 -21.79 -7.72
C GLY P 47 79.17 -20.60 -8.12
N GLU P 48 79.73 -19.94 -7.10
CA GLU P 48 80.61 -18.80 -7.34
C GLU P 48 81.82 -19.28 -8.13
N ALA P 49 82.47 -20.32 -7.63
CA ALA P 49 83.60 -20.88 -8.36
C ALA P 49 83.17 -21.14 -9.81
N ARG P 50 82.01 -21.79 -9.96
CA ARG P 50 81.41 -22.14 -11.26
C ARG P 50 81.44 -20.94 -12.18
N PHE P 51 80.96 -19.81 -11.70
CA PHE P 51 81.00 -18.69 -12.57
C PHE P 51 82.43 -18.23 -12.79
N ARG P 52 83.26 -18.29 -11.77
CA ARG P 52 84.63 -17.85 -11.94
C ARG P 52 85.25 -18.49 -13.15
N LYS P 53 85.51 -19.79 -13.01
CA LYS P 53 86.16 -20.53 -14.07
C LYS P 53 85.53 -20.18 -15.41
N MET P 54 84.22 -20.13 -15.51
CA MET P 54 83.65 -19.81 -16.80
C MET P 54 84.02 -18.40 -17.21
N PHE P 55 83.84 -17.43 -16.33
CA PHE P 55 84.18 -16.08 -16.73
C PHE P 55 85.65 -16.01 -17.08
N GLU P 56 86.45 -16.80 -16.39
CA GLU P 56 87.88 -16.86 -16.64
C GLU P 56 88.13 -17.06 -18.16
N ARG P 57 87.61 -18.15 -18.71
CA ARG P 57 87.76 -18.50 -20.13
C ARG P 57 87.35 -17.34 -21.05
N GLN P 58 86.21 -16.75 -20.70
CA GLN P 58 85.59 -15.65 -21.44
C GLN P 58 86.61 -14.58 -21.82
N LEU P 59 87.22 -13.98 -20.83
CA LEU P 59 88.19 -12.94 -21.10
C LEU P 59 89.46 -13.54 -21.69
N LYS P 60 89.63 -14.84 -21.47
CA LYS P 60 90.76 -15.59 -21.99
C LYS P 60 90.77 -15.55 -23.53
N ALA P 61 89.58 -15.54 -24.14
CA ALA P 61 89.47 -15.57 -25.61
C ALA P 61 88.79 -14.34 -26.22
N GLY P 62 88.82 -13.22 -25.50
CA GLY P 62 88.22 -11.99 -26.00
C GLY P 62 86.70 -12.00 -25.97
N GLU P 63 86.13 -13.19 -25.69
CA GLU P 63 84.67 -13.42 -25.64
C GLU P 63 84.05 -12.73 -24.38
N VAL P 64 84.68 -11.61 -23.99
CA VAL P 64 84.30 -10.74 -22.85
C VAL P 64 82.89 -10.20 -23.05
N ALA P 65 82.81 -9.34 -24.10
CA ALA P 65 81.58 -8.68 -24.50
C ALA P 65 80.42 -9.65 -24.74
N ASP P 66 80.70 -10.94 -24.62
CA ASP P 66 79.63 -11.89 -24.82
C ASP P 66 79.19 -12.45 -23.49
N ASN P 67 79.44 -11.67 -22.44
CA ASN P 67 79.08 -12.10 -21.10
C ASN P 67 78.04 -11.18 -20.45
N ALA P 68 77.11 -11.77 -19.70
CA ALA P 68 76.05 -11.00 -19.03
C ALA P 68 76.58 -9.73 -18.31
N ALA P 69 77.87 -9.75 -17.94
CA ALA P 69 78.52 -8.65 -17.20
C ALA P 69 78.79 -7.41 -18.04
N ALA P 70 79.00 -7.60 -19.34
CA ALA P 70 79.28 -6.48 -20.21
C ALA P 70 78.01 -5.93 -20.84
N LYS P 71 77.04 -6.82 -21.08
CA LYS P 71 75.78 -6.45 -21.75
C LYS P 71 75.08 -5.23 -21.17
N PRO P 72 75.14 -5.03 -19.86
CA PRO P 72 74.45 -3.84 -19.36
C PRO P 72 75.13 -2.56 -19.85
N LEU P 73 76.43 -2.62 -20.12
CA LEU P 73 77.15 -1.42 -20.57
C LEU P 73 76.93 -1.16 -22.04
N ILE P 74 77.20 -2.19 -22.83
CA ILE P 74 77.09 -2.15 -24.28
C ILE P 74 75.72 -1.63 -24.75
N THR P 75 74.64 -1.88 -23.99
CA THR P 75 73.30 -1.43 -24.41
C THR P 75 73.12 0.11 -24.29
N THR P 76 73.83 0.70 -23.36
CA THR P 76 73.75 2.14 -23.17
C THR P 76 74.83 2.84 -23.97
N LEU P 77 75.99 2.20 -24.10
CA LEU P 77 77.11 2.82 -24.82
C LEU P 77 76.92 2.83 -26.32
N LEU P 78 76.27 1.80 -26.84
CA LEU P 78 76.07 1.73 -28.25
C LEU P 78 75.28 2.91 -28.81
N PRO P 79 74.12 3.31 -28.18
CA PRO P 79 73.34 4.46 -28.70
C PRO P 79 74.19 5.73 -28.80
N LYS P 80 75.18 5.77 -27.93
CA LYS P 80 76.14 6.84 -27.87
C LYS P 80 77.01 6.76 -29.12
N MET P 81 77.54 5.58 -29.38
CA MET P 81 78.40 5.37 -30.53
C MET P 81 77.65 5.51 -31.85
N ILE P 82 76.48 4.91 -31.96
CA ILE P 82 75.64 4.95 -33.18
C ILE P 82 75.35 6.37 -33.65
N ALA P 83 74.76 7.16 -32.74
CA ALA P 83 74.43 8.53 -33.04
C ALA P 83 75.65 9.33 -33.53
N ARG P 84 76.82 9.13 -32.90
CA ARG P 84 78.04 9.85 -33.30
C ARG P 84 78.48 9.48 -34.73
N ILE P 85 78.04 8.32 -35.22
CA ILE P 85 78.37 7.88 -36.58
C ILE P 85 77.45 8.55 -37.62
N ASN P 86 76.19 8.74 -37.26
CA ASN P 86 75.23 9.37 -38.17
C ASN P 86 75.49 10.86 -38.34
N ASP P 87 75.95 11.53 -37.28
CA ASP P 87 76.24 12.97 -37.37
C ASP P 87 77.50 13.25 -38.16
N TRP P 88 78.52 12.41 -37.92
CA TRP P 88 79.81 12.53 -38.58
C TRP P 88 79.72 12.29 -40.10
N PHE P 89 78.78 11.43 -40.52
CA PHE P 89 78.57 11.12 -41.94
C PHE P 89 77.89 12.30 -42.67
N GLU P 90 77.14 13.10 -41.90
CA GLU P 90 76.44 14.30 -42.36
C GLU P 90 77.40 15.49 -42.44
N GLU P 91 78.40 15.49 -41.56
CA GLU P 91 79.45 16.52 -41.49
C GLU P 91 80.39 16.38 -42.67
N VAL P 92 80.47 15.14 -43.17
CA VAL P 92 81.27 14.77 -44.33
C VAL P 92 80.50 15.03 -45.64
N LYS P 93 79.16 14.85 -45.58
CA LYS P 93 78.20 15.03 -46.73
C LYS P 93 77.99 16.53 -47.08
N ALA P 94 77.81 17.35 -46.05
CA ALA P 94 77.63 18.79 -46.21
C ALA P 94 79.02 19.48 -46.28
N LYS P 95 79.94 18.85 -47.00
CA LYS P 95 81.30 19.37 -47.18
C LYS P 95 82.02 18.70 -48.39
N ARG P 96 82.46 19.54 -49.33
CA ARG P 96 83.16 19.13 -50.57
C ARG P 96 84.57 18.65 -50.27
N GLY P 97 85.37 18.54 -51.32
CA GLY P 97 86.74 18.08 -51.12
C GLY P 97 86.78 16.61 -50.72
N LYS P 98 87.76 15.89 -51.26
CA LYS P 98 87.96 14.45 -51.01
C LYS P 98 87.62 14.05 -49.55
N ARG P 99 86.64 13.14 -49.40
CA ARG P 99 86.19 12.60 -48.10
C ARG P 99 87.30 11.71 -47.46
N PRO P 100 87.29 11.52 -46.11
CA PRO P 100 88.30 10.72 -45.36
C PRO P 100 88.38 9.26 -45.81
N THR P 101 89.59 8.69 -45.69
CA THR P 101 89.83 7.30 -46.06
C THR P 101 88.82 6.37 -45.36
N ALA P 102 88.44 6.75 -44.14
CA ALA P 102 87.49 5.98 -43.35
C ALA P 102 86.05 6.13 -43.91
N PHE P 103 85.61 7.37 -44.08
CA PHE P 103 84.28 7.60 -44.62
C PHE P 103 84.02 6.74 -45.86
N GLN P 104 84.99 6.65 -46.77
CA GLN P 104 84.85 5.88 -48.01
C GLN P 104 84.27 4.50 -47.80
N PHE P 105 84.90 3.75 -46.89
CA PHE P 105 84.52 2.37 -46.57
C PHE P 105 83.40 2.34 -45.52
N LEU P 106 83.44 3.27 -44.58
CA LEU P 106 82.45 3.34 -43.52
C LEU P 106 81.02 3.57 -44.01
N GLN P 107 80.82 3.83 -45.30
CA GLN P 107 79.46 4.12 -45.80
C GLN P 107 78.74 2.90 -46.41
N GLU P 108 79.40 1.73 -46.42
CA GLU P 108 78.83 0.49 -46.96
C GLU P 108 78.27 -0.42 -45.85
N ILE P 109 78.95 -0.48 -44.70
CA ILE P 109 78.51 -1.30 -43.56
C ILE P 109 77.50 -0.55 -42.70
N LYS P 110 76.47 -1.27 -42.25
CA LYS P 110 75.41 -0.69 -41.42
C LYS P 110 75.99 0.03 -40.19
N PRO P 111 75.74 1.35 -40.07
CA PRO P 111 76.24 2.11 -38.91
C PRO P 111 75.94 1.40 -37.58
N GLU P 112 74.83 0.68 -37.49
CA GLU P 112 74.51 -0.04 -36.26
C GLU P 112 75.61 -1.09 -36.01
N ALA P 113 76.00 -1.77 -37.08
CA ALA P 113 77.05 -2.77 -37.03
C ALA P 113 78.40 -2.10 -36.67
N VAL P 114 78.85 -1.15 -37.51
CA VAL P 114 80.12 -0.42 -37.28
C VAL P 114 80.33 -0.23 -35.79
N ALA P 115 79.36 0.49 -35.21
CA ALA P 115 79.30 0.82 -33.80
C ALA P 115 79.58 -0.40 -32.95
N TYR P 116 78.77 -1.44 -33.12
CA TYR P 116 78.96 -2.62 -32.32
C TYR P 116 80.30 -3.32 -32.59
N ILE P 117 80.85 -3.18 -33.79
CA ILE P 117 82.11 -3.85 -34.14
C ILE P 117 83.23 -3.32 -33.33
N THR P 118 83.37 -2.01 -33.41
CA THR P 118 84.40 -1.33 -32.69
C THR P 118 84.39 -1.82 -31.24
N ILE P 119 83.32 -1.48 -30.51
CA ILE P 119 83.08 -1.85 -29.11
C ILE P 119 83.60 -3.27 -28.76
N LYS P 120 82.86 -4.30 -29.21
CA LYS P 120 83.22 -5.69 -28.93
C LYS P 120 84.70 -6.01 -29.27
N THR P 121 85.18 -5.64 -30.46
CA THR P 121 86.57 -5.92 -30.83
C THR P 121 87.55 -5.30 -29.82
N THR P 122 87.34 -4.01 -29.54
CA THR P 122 88.16 -3.26 -28.58
C THR P 122 88.37 -4.08 -27.34
N LEU P 123 87.30 -4.29 -26.58
CA LEU P 123 87.35 -5.04 -25.34
C LEU P 123 88.11 -6.33 -25.51
N ALA P 124 87.99 -6.94 -26.68
CA ALA P 124 88.68 -8.19 -26.96
C ALA P 124 90.16 -7.93 -26.98
N CYS P 125 90.47 -6.75 -27.46
CA CYS P 125 91.84 -6.30 -27.53
C CYS P 125 92.32 -5.90 -26.14
N LEU P 126 91.64 -4.93 -25.52
CA LEU P 126 92.03 -4.45 -24.20
C LEU P 126 92.17 -5.58 -23.15
N THR P 127 91.40 -6.67 -23.20
CA THR P 127 91.58 -7.77 -22.21
C THR P 127 92.58 -8.81 -22.76
N SER P 128 93.64 -8.28 -23.35
CA SER P 128 94.78 -8.99 -23.95
C SER P 128 96.05 -8.80 -23.04
N ALA P 129 96.81 -9.89 -22.82
CA ALA P 129 98.03 -9.93 -21.98
C ALA P 129 98.88 -8.63 -21.99
N ASP P 130 99.39 -8.19 -23.17
CA ASP P 130 100.27 -7.00 -23.25
C ASP P 130 99.92 -6.02 -24.39
N ASN P 131 100.09 -6.47 -25.63
CA ASN P 131 99.81 -5.62 -26.78
C ASN P 131 98.44 -4.99 -26.67
N THR P 132 98.43 -3.65 -26.71
CA THR P 132 97.22 -2.83 -26.62
C THR P 132 97.40 -1.58 -27.44
N THR P 133 98.43 -1.61 -28.29
CA THR P 133 98.77 -0.48 -29.15
C THR P 133 97.65 -0.19 -30.15
N VAL P 134 97.29 1.09 -30.25
CA VAL P 134 96.26 1.53 -31.16
C VAL P 134 96.57 1.04 -32.58
N GLN P 135 97.80 0.54 -32.76
CA GLN P 135 98.24 0.01 -34.04
C GLN P 135 97.69 -1.40 -34.23
N ALA P 136 97.59 -2.14 -33.13
CA ALA P 136 97.10 -3.53 -33.13
C ALA P 136 95.57 -3.59 -33.17
N VAL P 137 94.93 -2.64 -32.50
CA VAL P 137 93.47 -2.62 -32.44
C VAL P 137 92.82 -1.93 -33.64
N ALA P 138 93.49 -0.95 -34.24
CA ALA P 138 92.92 -0.28 -35.41
C ALA P 138 92.83 -1.27 -36.58
N SER P 139 93.92 -2.04 -36.78
CA SER P 139 94.02 -3.09 -37.81
C SER P 139 92.98 -4.16 -37.52
N ALA P 140 92.84 -4.42 -36.23
CA ALA P 140 91.89 -5.39 -35.74
C ALA P 140 90.45 -5.00 -36.15
N ILE P 141 90.08 -3.75 -35.85
CA ILE P 141 88.74 -3.23 -36.15
C ILE P 141 88.39 -3.32 -37.64
N GLY P 142 89.24 -2.69 -38.45
CA GLY P 142 89.04 -2.62 -39.90
C GLY P 142 88.89 -3.96 -40.62
N ARG P 143 89.69 -4.95 -40.26
CA ARG P 143 89.61 -6.28 -40.88
C ARG P 143 88.22 -6.84 -40.66
N ALA P 144 87.69 -6.62 -39.45
CA ALA P 144 86.38 -7.08 -38.98
C ALA P 144 85.27 -6.46 -39.80
N ILE P 145 85.44 -5.18 -40.09
CA ILE P 145 84.46 -4.40 -40.84
C ILE P 145 84.47 -4.73 -42.33
N GLU P 146 85.66 -5.01 -42.85
CA GLU P 146 85.80 -5.37 -44.25
C GLU P 146 84.99 -6.65 -44.54
N ASP P 147 85.12 -7.61 -43.63
CA ASP P 147 84.46 -8.92 -43.71
C ASP P 147 82.92 -8.82 -43.75
N GLU P 148 82.36 -7.86 -42.98
CA GLU P 148 80.89 -7.62 -42.89
C GLU P 148 80.33 -6.95 -44.17
N ALA P 149 81.14 -6.15 -44.83
CA ALA P 149 80.73 -5.48 -46.07
C ALA P 149 80.78 -6.47 -47.23
N ARG P 150 81.77 -7.35 -47.15
CA ARG P 150 82.03 -8.40 -48.15
C ARG P 150 81.07 -9.58 -48.00
N PHE P 151 81.10 -10.27 -46.86
CA PHE P 151 80.24 -11.43 -46.67
C PHE P 151 78.79 -11.03 -46.31
N GLY P 152 78.63 -9.77 -45.94
CA GLY P 152 77.32 -9.26 -45.60
C GLY P 152 76.52 -9.05 -46.85
N ARG P 153 77.23 -8.75 -47.93
CA ARG P 153 76.61 -8.53 -49.23
C ARG P 153 75.92 -9.81 -49.70
N ILE P 154 76.37 -10.95 -49.18
CA ILE P 154 75.75 -12.22 -49.56
C ILE P 154 74.48 -12.42 -48.78
N ARG P 155 74.49 -12.01 -47.53
CA ARG P 155 73.31 -12.12 -46.70
C ARG P 155 72.20 -11.17 -47.20
N ASP P 156 72.59 -10.15 -47.95
CA ASP P 156 71.64 -9.17 -48.42
C ASP P 156 71.08 -9.41 -49.83
N LEU P 157 71.87 -9.10 -50.86
CA LEU P 157 71.40 -9.23 -52.23
C LEU P 157 71.58 -10.64 -52.81
N GLU P 158 72.80 -10.95 -53.28
CA GLU P 158 73.12 -12.24 -53.90
C GLU P 158 72.29 -13.43 -53.32
N ALA P 159 72.36 -13.66 -52.00
CA ALA P 159 71.62 -14.75 -51.27
C ALA P 159 70.41 -14.24 -50.44
N LYS P 160 69.57 -13.45 -51.09
CA LYS P 160 68.37 -12.93 -50.46
C LYS P 160 67.61 -14.11 -49.89
N HIS P 161 67.68 -15.21 -50.63
CA HIS P 161 67.04 -16.48 -50.27
C HIS P 161 68.05 -17.64 -50.25
N PHE P 162 68.87 -17.78 -51.30
CA PHE P 162 69.88 -18.85 -51.38
C PHE P 162 70.72 -18.90 -50.09
N LYS P 163 70.54 -17.90 -49.21
CA LYS P 163 71.27 -17.79 -47.94
C LYS P 163 70.82 -18.81 -46.90
N LYS P 164 69.73 -19.54 -47.19
CA LYS P 164 69.22 -20.59 -46.30
C LYS P 164 70.14 -21.84 -46.36
N ASN P 165 70.72 -22.09 -47.53
CA ASN P 165 71.65 -23.20 -47.75
C ASN P 165 72.93 -22.97 -46.95
N VAL P 166 73.20 -21.68 -46.73
CA VAL P 166 74.36 -21.24 -45.99
C VAL P 166 74.06 -21.14 -44.48
N GLU P 167 73.38 -20.07 -44.03
CA GLU P 167 73.07 -19.86 -42.60
C GLU P 167 73.21 -21.13 -41.73
N GLU P 168 72.48 -22.19 -42.09
CA GLU P 168 72.51 -23.47 -41.33
C GLU P 168 73.93 -23.92 -41.06
N GLN P 169 74.65 -24.12 -42.17
CA GLN P 169 76.05 -24.57 -42.21
C GLN P 169 77.01 -23.51 -41.66
N LEU P 170 76.58 -22.26 -41.65
CA LEU P 170 77.42 -21.22 -41.10
C LEU P 170 77.40 -21.33 -39.58
N ASN P 171 76.20 -21.32 -39.01
CA ASN P 171 76.05 -21.42 -37.54
C ASN P 171 76.65 -22.73 -37.05
N LYS P 172 76.55 -23.77 -37.87
CA LYS P 172 77.14 -25.09 -37.56
C LYS P 172 78.63 -24.86 -37.26
N ARG P 173 79.25 -23.99 -38.06
CA ARG P 173 80.67 -23.64 -37.93
C ARG P 173 80.91 -22.70 -36.76
N VAL P 174 81.56 -23.24 -35.73
CA VAL P 174 81.90 -22.46 -34.54
C VAL P 174 83.36 -22.02 -34.65
N GLY P 175 83.58 -20.76 -34.35
CA GLY P 175 84.92 -20.21 -34.44
C GLY P 175 85.03 -19.25 -35.59
N HIS P 176 85.53 -18.05 -35.28
CA HIS P 176 85.73 -16.97 -36.23
C HIS P 176 86.46 -17.47 -37.52
N VAL P 177 87.60 -18.15 -37.34
CA VAL P 177 88.40 -18.69 -38.45
C VAL P 177 87.57 -19.50 -39.44
N TYR P 178 87.09 -20.64 -38.95
CA TYR P 178 86.28 -21.61 -39.70
C TYR P 178 85.00 -21.00 -40.30
N LYS P 179 84.42 -19.98 -39.65
CA LYS P 179 83.20 -19.31 -40.15
C LYS P 179 83.53 -18.43 -41.38
N LYS P 180 84.84 -18.23 -41.61
CA LYS P 180 85.35 -17.48 -42.76
C LYS P 180 85.73 -18.44 -43.89
N ALA P 181 86.41 -19.53 -43.55
CA ALA P 181 86.80 -20.50 -44.55
C ALA P 181 85.58 -20.99 -45.28
N PHE P 182 84.45 -20.92 -44.59
CA PHE P 182 83.17 -21.38 -45.14
C PHE P 182 82.53 -20.35 -46.08
N MET P 183 82.72 -19.07 -45.77
CA MET P 183 82.12 -17.99 -46.58
C MET P 183 82.97 -17.65 -47.82
N GLN P 184 84.23 -18.05 -47.79
CA GLN P 184 85.17 -17.84 -48.91
C GLN P 184 84.90 -18.82 -49.99
N VAL P 185 84.49 -20.01 -49.58
CA VAL P 185 84.18 -21.05 -50.52
C VAL P 185 82.79 -20.78 -51.11
N VAL P 186 81.94 -20.10 -50.33
CA VAL P 186 80.54 -19.76 -50.70
C VAL P 186 80.47 -18.63 -51.74
N GLU P 187 81.32 -17.64 -51.60
CA GLU P 187 81.34 -16.54 -52.53
C GLU P 187 82.06 -16.99 -53.84
N ALA P 188 82.85 -18.06 -53.72
CA ALA P 188 83.59 -18.66 -54.84
C ALA P 188 82.64 -19.44 -55.76
N ASP P 189 81.75 -20.24 -55.15
CA ASP P 189 80.73 -21.08 -55.85
C ASP P 189 79.54 -20.20 -56.34
N MET P 190 79.24 -19.12 -55.61
CA MET P 190 78.15 -18.23 -56.01
C MET P 190 78.57 -17.27 -57.12
N LEU P 191 79.87 -16.97 -57.22
CA LEU P 191 80.35 -16.11 -58.31
C LEU P 191 80.63 -16.97 -59.56
N SER P 192 80.67 -18.29 -59.32
CA SER P 192 80.89 -19.35 -60.32
C SER P 192 79.56 -19.77 -61.05
N LYS P 193 78.40 -19.44 -60.46
CA LYS P 193 77.06 -19.76 -61.04
C LYS P 193 76.06 -18.57 -60.92
N GLY P 194 75.67 -18.25 -59.68
CA GLY P 194 74.70 -17.19 -59.41
C GLY P 194 75.15 -15.74 -59.69
N LEU P 195 74.90 -14.85 -58.70
CA LEU P 195 75.25 -13.43 -58.84
C LEU P 195 76.73 -13.21 -59.09
N LEU P 196 76.96 -12.40 -60.13
CA LEU P 196 78.29 -12.06 -60.63
C LEU P 196 78.72 -10.60 -60.31
N GLY P 197 80.04 -10.36 -60.35
CA GLY P 197 80.65 -9.07 -60.04
C GLY P 197 82.16 -9.22 -59.88
N GLY P 198 82.80 -8.42 -59.01
CA GLY P 198 84.24 -8.55 -58.83
C GLY P 198 84.65 -9.01 -57.45
N GLU P 199 85.55 -8.27 -56.81
CA GLU P 199 86.02 -8.57 -55.45
C GLU P 199 86.84 -7.40 -54.94
N ALA P 200 86.14 -6.28 -54.73
CA ALA P 200 86.73 -5.01 -54.31
C ALA P 200 87.22 -5.01 -52.88
N TRP P 201 87.85 -6.11 -52.44
CA TRP P 201 88.38 -6.20 -51.08
C TRP P 201 89.86 -6.62 -51.11
N SER P 202 90.33 -6.95 -52.31
CA SER P 202 91.73 -7.31 -52.54
C SER P 202 92.53 -5.98 -52.56
N SER P 203 91.84 -4.91 -52.97
CA SER P 203 92.37 -3.54 -53.03
C SER P 203 92.38 -2.90 -51.63
N TRP P 204 91.81 -3.62 -50.65
CA TRP P 204 91.78 -3.21 -49.22
C TRP P 204 93.20 -3.39 -48.62
N HIS P 205 94.13 -2.49 -48.90
CA HIS P 205 95.46 -2.66 -48.35
C HIS P 205 95.38 -2.55 -46.83
N LYS P 206 96.32 -3.20 -46.12
CA LYS P 206 96.31 -3.10 -44.65
C LYS P 206 96.45 -1.64 -44.21
N GLU P 207 96.53 -0.73 -45.21
CA GLU P 207 96.59 0.71 -44.95
C GLU P 207 95.19 1.14 -44.57
N ASP P 208 94.30 0.85 -45.53
CA ASP P 208 92.87 1.11 -45.46
C ASP P 208 92.29 0.53 -44.17
N SER P 209 92.65 -0.71 -43.86
CA SER P 209 92.18 -1.40 -42.66
C SER P 209 92.48 -0.62 -41.33
N ILE P 210 93.69 -0.09 -41.18
CA ILE P 210 94.11 0.66 -39.97
C ILE P 210 93.41 2.00 -39.88
N HIS P 211 93.34 2.67 -41.04
CA HIS P 211 92.72 4.00 -41.24
C HIS P 211 91.24 3.97 -40.75
N VAL P 212 90.58 2.87 -41.04
CA VAL P 212 89.22 2.71 -40.59
C VAL P 212 89.25 2.56 -39.09
N GLY P 213 90.12 1.66 -38.62
CA GLY P 213 90.28 1.35 -37.20
C GLY P 213 90.58 2.55 -36.32
N VAL P 214 91.46 3.41 -36.79
CA VAL P 214 91.81 4.58 -36.02
C VAL P 214 90.57 5.50 -35.88
N ARG P 215 89.84 5.74 -36.98
CA ARG P 215 88.65 6.64 -36.99
C ARG P 215 87.51 6.13 -36.11
N CYS P 216 87.39 4.81 -36.03
CA CYS P 216 86.36 4.17 -35.21
C CYS P 216 86.68 4.44 -33.73
N ILE P 217 87.93 4.18 -33.36
CA ILE P 217 88.44 4.42 -32.01
C ILE P 217 88.26 5.90 -31.64
N GLU P 218 88.61 6.75 -32.60
CA GLU P 218 88.48 8.18 -32.44
C GLU P 218 87.02 8.51 -32.11
N MET P 219 86.11 7.90 -32.87
CA MET P 219 84.67 8.08 -32.72
C MET P 219 84.14 7.47 -31.41
N LEU P 220 84.87 6.48 -30.89
CA LEU P 220 84.55 5.74 -29.65
C LEU P 220 84.79 6.57 -28.37
N ILE P 221 85.97 7.16 -28.29
CA ILE P 221 86.36 8.01 -27.17
C ILE P 221 85.56 9.31 -27.26
N GLU P 222 85.23 9.65 -28.50
CA GLU P 222 84.49 10.85 -28.90
C GLU P 222 83.07 10.85 -28.35
N SER P 223 82.26 9.89 -28.76
CA SER P 223 80.89 9.83 -28.27
C SER P 223 80.83 9.34 -26.79
N THR P 224 81.88 8.61 -26.35
CA THR P 224 81.96 8.09 -24.96
C THR P 224 83.43 7.94 -24.53
N GLY P 225 83.66 7.89 -23.22
CA GLY P 225 85.01 7.75 -22.69
C GLY P 225 85.36 6.34 -22.34
N MET P 226 84.96 5.42 -23.21
CA MET P 226 85.21 4.03 -22.99
C MET P 226 86.69 3.73 -23.10
N VAL P 227 87.35 4.44 -24.01
CA VAL P 227 88.78 4.26 -24.19
C VAL P 227 89.51 5.59 -24.24
N SER P 228 90.78 5.57 -23.83
CA SER P 228 91.62 6.76 -23.81
C SER P 228 92.93 6.55 -24.63
N LEU P 229 93.12 7.40 -25.65
CA LEU P 229 94.27 7.42 -26.60
C LEU P 229 95.47 8.16 -26.00
N HIS P 230 96.16 7.47 -25.11
CA HIS P 230 97.31 8.02 -24.38
C HIS P 230 98.64 7.56 -24.95
N ARG P 231 99.54 8.53 -25.10
CA ARG P 231 100.89 8.29 -25.59
C ARG P 231 101.62 7.35 -24.63
N GLN P 232 102.48 6.52 -25.18
CA GLN P 232 103.26 5.66 -24.34
C GLN P 232 104.67 6.20 -24.38
N ASN P 233 105.32 6.29 -23.22
CA ASN P 233 106.70 6.80 -23.15
C ASN P 233 107.00 7.83 -24.26
N ALA P 234 106.31 8.98 -24.19
CA ALA P 234 106.48 10.09 -25.14
C ALA P 234 107.89 10.72 -24.98
N GLY P 235 108.82 10.40 -25.91
CA GLY P 235 110.18 10.92 -25.86
C GLY P 235 111.26 9.90 -26.20
N VAL P 236 110.85 8.77 -26.77
CA VAL P 236 111.79 7.71 -27.17
C VAL P 236 111.45 7.26 -28.64
N VAL P 237 112.49 7.08 -29.46
CA VAL P 237 112.32 6.70 -30.87
C VAL P 237 111.69 5.29 -31.02
N GLY P 238 112.09 4.35 -30.15
CA GLY P 238 111.58 2.98 -30.18
C GLY P 238 110.66 2.60 -29.01
N GLN P 239 110.15 3.59 -28.25
CA GLN P 239 109.24 3.37 -27.11
C GLN P 239 107.97 4.22 -27.29
N ASP P 240 108.15 5.37 -27.95
CA ASP P 240 107.08 6.33 -28.27
C ASP P 240 106.06 5.65 -29.18
N SER P 241 105.29 4.74 -28.56
CA SER P 241 104.24 3.93 -29.20
C SER P 241 102.81 4.39 -28.79
N GLU P 242 102.14 5.15 -29.67
CA GLU P 242 100.79 5.59 -29.40
C GLU P 242 99.92 4.33 -29.17
N THR P 243 99.19 4.27 -28.05
CA THR P 243 98.36 3.09 -27.73
C THR P 243 96.98 3.47 -27.16
N ILE P 244 96.22 2.45 -26.72
CA ILE P 244 94.87 2.63 -26.16
C ILE P 244 94.69 1.89 -24.81
N GLU P 245 93.82 2.45 -23.97
CA GLU P 245 93.52 1.95 -22.63
C GLU P 245 92.01 2.02 -22.30
N LEU P 246 91.55 1.05 -21.51
CA LEU P 246 90.17 0.86 -21.06
C LEU P 246 89.74 1.84 -19.96
N ALA P 247 88.44 1.93 -19.70
CA ALA P 247 87.86 2.82 -18.68
C ALA P 247 87.82 2.16 -17.28
N PRO P 248 88.51 2.78 -16.28
CA PRO P 248 88.65 2.37 -14.86
C PRO P 248 87.30 2.15 -14.15
N GLU P 249 86.32 2.95 -14.58
CA GLU P 249 84.94 2.90 -14.07
C GLU P 249 84.20 1.69 -14.65
N TYR P 250 84.15 1.61 -15.98
CA TYR P 250 83.48 0.50 -16.66
C TYR P 250 84.10 -0.85 -16.26
N ALA P 251 85.41 -0.86 -15.99
CA ALA P 251 86.11 -2.10 -15.58
C ALA P 251 85.53 -2.68 -14.28
N GLU P 252 85.26 -1.78 -13.33
CA GLU P 252 84.64 -2.14 -12.05
C GLU P 252 83.23 -2.68 -12.30
N ALA P 253 82.47 -1.92 -13.09
CA ALA P 253 81.08 -2.24 -13.45
C ALA P 253 80.97 -3.66 -13.99
N ILE P 254 81.90 -4.03 -14.87
CA ILE P 254 81.84 -5.38 -15.36
C ILE P 254 82.09 -6.29 -14.18
N ALA P 255 83.21 -6.01 -13.54
CA ALA P 255 83.64 -6.72 -12.35
C ALA P 255 82.46 -7.00 -11.42
N THR P 256 81.77 -5.94 -11.05
CA THR P 256 80.66 -6.02 -10.10
C THR P 256 79.51 -6.86 -10.60
N ARG P 257 79.01 -6.53 -11.81
CA ARG P 257 77.90 -7.24 -12.47
C ARG P 257 78.21 -8.72 -12.46
N ALA P 258 79.47 -9.01 -12.79
CA ALA P 258 79.97 -10.37 -12.78
C ALA P 258 80.00 -10.87 -11.37
N GLY P 259 80.56 -10.03 -10.50
CA GLY P 259 80.61 -10.41 -9.11
C GLY P 259 79.24 -10.93 -8.71
N ALA P 260 78.41 -10.02 -8.19
CA ALA P 260 77.06 -10.35 -7.75
C ALA P 260 76.52 -11.57 -8.48
N LEU P 261 76.60 -11.54 -9.82
CA LEU P 261 76.10 -12.61 -10.71
C LEU P 261 76.66 -13.95 -10.32
N ALA P 262 77.97 -13.99 -10.12
CA ALA P 262 78.63 -15.20 -9.69
C ALA P 262 77.89 -15.76 -8.49
N GLY P 263 77.12 -14.89 -7.86
CA GLY P 263 76.42 -15.31 -6.69
C GLY P 263 75.04 -15.86 -6.91
N ILE P 264 74.44 -15.66 -8.08
CA ILE P 264 73.09 -16.18 -8.25
C ILE P 264 73.04 -17.48 -9.04
N SER P 265 74.17 -18.18 -9.13
CA SER P 265 74.27 -19.48 -9.85
C SER P 265 74.69 -20.54 -8.83
N PRO P 266 73.76 -20.96 -7.97
CA PRO P 266 74.04 -21.95 -6.96
C PRO P 266 73.89 -23.39 -7.38
N MET P 267 75.04 -24.07 -7.43
CA MET P 267 75.03 -25.47 -7.73
C MET P 267 74.25 -26.22 -6.65
N PHE P 268 72.97 -26.48 -6.91
CA PHE P 268 72.12 -27.13 -5.93
C PHE P 268 72.50 -28.54 -5.57
N GLN P 269 72.71 -28.74 -4.27
CA GLN P 269 73.06 -30.02 -3.66
C GLN P 269 71.88 -30.58 -2.97
N PRO P 270 71.95 -31.84 -2.54
CA PRO P 270 70.74 -32.34 -1.87
C PRO P 270 70.57 -31.84 -0.42
N CYS P 271 69.45 -32.25 0.18
CA CYS P 271 69.17 -31.81 1.52
C CYS P 271 69.38 -32.91 2.50
N VAL P 272 69.98 -32.49 3.60
CA VAL P 272 70.33 -33.30 4.76
C VAL P 272 69.09 -33.70 5.57
N VAL P 273 68.19 -32.73 5.67
CA VAL P 273 66.97 -32.78 6.42
C VAL P 273 65.78 -32.54 5.51
N PRO P 274 64.55 -32.96 5.90
CA PRO P 274 63.40 -32.68 5.02
C PRO P 274 63.34 -31.18 4.62
N PRO P 275 63.27 -30.87 3.32
CA PRO P 275 63.22 -29.48 2.83
C PRO P 275 62.25 -28.59 3.58
N LYS P 276 62.35 -27.31 3.31
CA LYS P 276 61.43 -26.34 3.89
C LYS P 276 60.12 -26.49 3.17
N PRO P 277 59.08 -26.95 3.86
CA PRO P 277 57.82 -27.12 3.14
C PRO P 277 57.51 -25.91 2.37
N TRP P 278 56.70 -26.09 1.34
CA TRP P 278 56.29 -24.97 0.55
C TRP P 278 55.00 -24.35 1.12
N THR P 279 55.11 -23.04 1.36
CA THR P 279 54.10 -22.16 1.94
C THR P 279 53.34 -21.27 0.90
N GLY P 280 54.05 -20.75 -0.09
CA GLY P 280 53.46 -19.90 -1.10
C GLY P 280 54.21 -20.01 -2.40
N ILE P 281 54.51 -18.91 -3.04
CA ILE P 281 55.23 -18.96 -4.29
C ILE P 281 56.74 -19.03 -4.13
N THR P 282 57.37 -18.39 -3.12
CA THR P 282 58.83 -18.54 -3.02
C THR P 282 59.33 -18.94 -1.60
N GLY P 283 60.65 -18.87 -1.40
CA GLY P 283 61.26 -19.24 -0.12
C GLY P 283 61.09 -20.73 0.27
N GLY P 284 60.30 -21.53 -0.46
CA GLY P 284 60.11 -22.95 -0.12
C GLY P 284 61.29 -23.84 -0.55
N GLY P 285 61.40 -25.04 0.03
CA GLY P 285 62.49 -25.92 -0.37
C GLY P 285 63.69 -25.81 0.51
N TYR P 286 64.69 -25.03 0.14
CA TYR P 286 65.83 -24.95 1.01
C TYR P 286 65.48 -24.19 2.25
N TRP P 287 66.37 -24.17 3.25
CA TRP P 287 66.09 -23.40 4.46
C TRP P 287 66.84 -22.08 4.53
N ALA P 288 68.12 -22.04 4.12
CA ALA P 288 68.88 -20.77 4.14
C ALA P 288 68.13 -19.63 3.43
N ASN P 289 68.72 -18.43 3.45
CA ASN P 289 68.13 -17.25 2.81
C ASN P 289 69.11 -16.62 1.82
N GLY P 290 69.45 -17.43 0.81
CA GLY P 290 70.39 -17.05 -0.23
C GLY P 290 69.80 -16.08 -1.20
N ARG P 291 70.66 -15.39 -1.94
CA ARG P 291 70.24 -14.34 -2.87
C ARG P 291 69.74 -14.89 -4.23
N ARG P 292 68.77 -15.81 -4.14
CA ARG P 292 68.19 -16.48 -5.29
C ARG P 292 67.37 -17.68 -4.83
N PRO P 293 66.21 -17.44 -4.23
CA PRO P 293 65.33 -18.53 -3.76
C PRO P 293 64.61 -19.29 -4.86
N LEU P 294 64.08 -20.41 -4.45
CA LEU P 294 63.41 -21.33 -5.34
C LEU P 294 62.03 -20.90 -5.74
N ALA P 295 61.81 -20.61 -7.00
CA ALA P 295 60.45 -20.34 -7.42
C ALA P 295 59.62 -21.61 -7.22
N LEU P 296 58.33 -21.51 -6.95
CA LEU P 296 57.54 -22.72 -6.86
C LEU P 296 57.22 -23.17 -8.28
N VAL P 297 57.41 -22.25 -9.23
CA VAL P 297 57.21 -22.53 -10.65
C VAL P 297 58.30 -21.85 -11.45
N ARG P 298 59.09 -22.68 -12.14
CA ARG P 298 60.23 -22.16 -12.88
C ARG P 298 59.78 -21.42 -14.10
N THR P 299 59.50 -20.13 -13.96
CA THR P 299 59.04 -19.33 -15.12
C THR P 299 60.14 -18.49 -15.70
N HIS P 300 59.85 -17.86 -16.81
CA HIS P 300 60.85 -17.06 -17.47
C HIS P 300 60.86 -15.63 -16.99
N SER P 301 59.70 -15.00 -17.01
CA SER P 301 59.52 -13.60 -16.62
C SER P 301 59.04 -13.46 -15.15
N LYS P 302 59.47 -12.38 -14.45
CA LYS P 302 59.03 -12.21 -13.06
C LYS P 302 57.54 -12.18 -12.98
N LYS P 303 56.97 -11.29 -13.79
CA LYS P 303 55.53 -11.13 -13.84
C LYS P 303 54.79 -12.46 -13.90
N ALA P 304 55.14 -13.27 -14.89
CA ALA P 304 54.49 -14.55 -15.10
C ALA P 304 54.51 -15.38 -13.85
N LEU P 305 55.48 -15.05 -13.00
CA LEU P 305 55.63 -15.76 -11.74
C LEU P 305 54.65 -15.23 -10.72
N MET P 306 54.62 -13.91 -10.54
CA MET P 306 53.67 -13.35 -9.60
C MET P 306 52.33 -13.99 -9.84
N ARG P 307 51.96 -13.99 -11.13
CA ARG P 307 50.71 -14.55 -11.63
C ARG P 307 50.13 -15.60 -10.70
N TYR P 308 50.97 -16.32 -9.96
CA TYR P 308 50.51 -17.42 -9.09
C TYR P 308 50.38 -17.06 -7.63
N GLU P 309 51.23 -16.14 -7.22
CA GLU P 309 51.35 -15.57 -5.86
C GLU P 309 50.08 -15.68 -4.97
N ASP P 310 48.96 -15.22 -5.48
CA ASP P 310 47.80 -15.29 -4.67
C ASP P 310 46.84 -16.32 -5.21
N VAL P 311 47.35 -17.40 -5.77
CA VAL P 311 46.38 -18.32 -6.28
C VAL P 311 46.12 -19.41 -5.35
N TYR P 312 44.89 -19.90 -5.38
CA TYR P 312 44.47 -20.98 -4.51
C TYR P 312 44.58 -22.33 -5.22
N MET P 313 45.46 -23.15 -4.63
CA MET P 313 45.82 -24.49 -5.05
C MET P 313 46.34 -25.25 -3.84
N PRO P 314 45.48 -26.08 -3.27
CA PRO P 314 45.89 -26.88 -2.10
C PRO P 314 46.59 -28.17 -2.59
N GLU P 315 45.77 -28.95 -3.30
CA GLU P 315 46.13 -30.21 -3.98
C GLU P 315 47.58 -30.23 -4.39
N VAL P 316 47.96 -29.13 -5.03
CA VAL P 316 49.31 -28.91 -5.47
C VAL P 316 50.20 -28.70 -4.26
N TYR P 317 50.05 -27.57 -3.55
CA TYR P 317 50.90 -27.34 -2.40
C TYR P 317 51.13 -28.66 -1.60
N LYS P 318 50.12 -29.51 -1.45
CA LYS P 318 50.37 -30.78 -0.75
C LYS P 318 51.39 -31.60 -1.52
N ALA P 319 51.01 -32.19 -2.66
CA ALA P 319 51.91 -32.99 -3.49
C ALA P 319 53.37 -32.52 -3.39
N ILE P 320 53.68 -31.32 -3.84
CA ILE P 320 55.04 -30.87 -3.75
C ILE P 320 55.63 -31.13 -2.41
N ASN P 321 54.98 -30.62 -1.36
CA ASN P 321 55.47 -30.78 0.01
C ASN P 321 55.68 -32.27 0.34
N ILE P 322 54.66 -33.08 0.07
CA ILE P 322 54.70 -34.52 0.25
C ILE P 322 55.92 -35.16 -0.41
N ALA P 323 55.95 -35.11 -1.74
CA ALA P 323 57.09 -35.67 -2.42
C ALA P 323 58.37 -35.03 -1.80
N GLN P 324 58.54 -33.74 -1.94
CA GLN P 324 59.70 -33.12 -1.41
C GLN P 324 60.06 -33.61 -0.02
N ASN P 325 59.24 -34.48 0.59
CA ASN P 325 59.51 -35.00 1.97
C ASN P 325 59.89 -36.51 1.96
N THR P 326 60.17 -37.08 0.79
CA THR P 326 60.64 -38.46 0.79
C THR P 326 62.14 -38.43 1.15
N ALA P 327 62.54 -39.34 2.04
CA ALA P 327 63.94 -39.45 2.48
C ALA P 327 64.71 -40.48 1.64
N TRP P 328 65.85 -40.02 1.15
CA TRP P 328 66.69 -40.80 0.28
C TRP P 328 68.01 -41.06 0.93
N LYS P 329 68.59 -42.22 0.60
CA LYS P 329 69.88 -42.71 1.07
C LYS P 329 70.77 -43.26 -0.05
N ILE P 330 72.01 -42.82 -0.02
CA ILE P 330 72.99 -43.29 -0.97
C ILE P 330 73.08 -44.86 -0.96
N ASN P 331 72.81 -45.64 -2.06
CA ASN P 331 73.07 -47.14 -1.92
C ASN P 331 74.62 -47.35 -1.93
N LYS P 332 75.15 -47.66 -0.76
CA LYS P 332 76.59 -47.81 -0.58
C LYS P 332 77.14 -49.02 -1.35
N LYS P 333 76.30 -50.08 -1.49
CA LYS P 333 76.62 -51.36 -2.20
C LYS P 333 76.78 -51.10 -3.74
N VAL P 334 75.95 -50.21 -4.26
CA VAL P 334 76.09 -49.87 -5.64
C VAL P 334 77.31 -48.97 -5.77
N LEU P 335 77.51 -48.08 -4.80
CA LEU P 335 78.68 -47.16 -4.82
C LEU P 335 80.03 -47.93 -4.95
N ALA P 336 80.15 -49.01 -4.17
CA ALA P 336 81.31 -49.89 -4.16
C ALA P 336 81.75 -50.17 -5.59
N VAL P 337 80.95 -50.98 -6.28
CA VAL P 337 81.11 -51.43 -7.70
C VAL P 337 81.63 -50.31 -8.64
N ALA P 338 80.79 -49.30 -8.79
CA ALA P 338 81.04 -48.16 -9.62
C ALA P 338 82.26 -47.38 -9.17
N ASN P 339 82.44 -47.23 -7.88
CA ASN P 339 83.61 -46.48 -7.41
C ASN P 339 84.91 -47.13 -7.89
N VAL P 340 84.75 -48.26 -8.59
CA VAL P 340 85.88 -48.99 -9.12
C VAL P 340 85.80 -49.02 -10.62
N ILE P 341 84.93 -49.87 -11.14
CA ILE P 341 84.88 -49.94 -12.57
C ILE P 341 85.10 -48.56 -13.18
N THR P 342 84.44 -47.54 -12.67
CA THR P 342 84.56 -46.17 -13.23
C THR P 342 85.95 -45.55 -13.23
N LYS P 343 86.89 -46.09 -12.47
CA LYS P 343 88.23 -45.50 -12.53
C LYS P 343 89.08 -46.40 -13.34
N TRP P 344 88.35 -47.22 -14.10
CA TRP P 344 88.90 -48.22 -15.02
C TRP P 344 88.31 -48.06 -16.44
N LYS P 345 86.98 -47.93 -16.57
CA LYS P 345 86.29 -47.76 -17.88
C LYS P 345 85.69 -46.34 -18.04
N HIS P 346 86.00 -45.61 -19.11
CA HIS P 346 85.42 -44.27 -19.20
C HIS P 346 83.93 -44.36 -18.93
N CYS P 347 83.37 -45.52 -19.26
CA CYS P 347 81.97 -45.79 -19.04
C CYS P 347 81.77 -47.25 -18.70
N PRO P 348 81.73 -47.57 -17.42
CA PRO P 348 81.55 -48.91 -16.87
C PRO P 348 80.64 -49.82 -17.68
N VAL P 349 79.80 -49.34 -18.56
CA VAL P 349 79.07 -50.37 -19.24
C VAL P 349 79.06 -50.16 -20.74
N GLU P 350 80.11 -49.53 -21.27
CA GLU P 350 80.19 -49.26 -22.71
C GLU P 350 80.66 -50.47 -23.56
N ASP P 351 81.94 -50.89 -23.43
CA ASP P 351 82.47 -52.03 -24.21
C ASP P 351 82.93 -53.16 -23.31
N ILE P 352 82.03 -54.12 -23.15
CA ILE P 352 82.26 -55.29 -22.34
C ILE P 352 82.30 -56.53 -23.24
N PRO P 353 83.46 -57.24 -23.24
CA PRO P 353 83.87 -58.47 -23.96
C PRO P 353 82.77 -59.59 -24.08
N ALA P 354 81.85 -59.45 -25.03
CA ALA P 354 80.72 -60.39 -25.26
C ALA P 354 80.81 -61.18 -26.61
N ILE P 355 80.22 -62.38 -26.63
CA ILE P 355 80.21 -63.27 -27.81
C ILE P 355 78.87 -63.20 -28.55
N GLU P 372 77.15 -42.55 -54.09
CA GLU P 372 77.49 -41.79 -52.89
C GLU P 372 78.82 -42.29 -52.27
N ALA P 373 79.93 -41.58 -52.57
CA ALA P 373 81.28 -41.87 -52.03
C ALA P 373 81.71 -40.86 -50.91
N LEU P 374 82.03 -39.62 -51.25
CA LEU P 374 82.44 -38.64 -50.23
C LEU P 374 81.37 -38.39 -49.14
N THR P 375 80.10 -38.21 -49.55
CA THR P 375 79.02 -37.97 -48.58
C THR P 375 78.53 -39.29 -47.93
N ALA P 376 79.43 -40.29 -47.90
CA ALA P 376 79.14 -41.59 -47.32
C ALA P 376 80.30 -42.06 -46.47
N TRP P 377 81.52 -41.75 -46.92
CA TRP P 377 82.73 -42.13 -46.16
C TRP P 377 82.94 -41.09 -45.07
N LYS P 378 82.88 -39.83 -45.50
CA LYS P 378 83.02 -38.74 -44.57
C LYS P 378 81.86 -38.82 -43.57
N ARG P 379 80.76 -39.41 -44.01
CA ARG P 379 79.59 -39.61 -43.16
C ARG P 379 80.00 -40.43 -41.92
N ALA P 380 80.62 -41.60 -42.15
CA ALA P 380 81.07 -42.49 -41.08
C ALA P 380 82.12 -41.81 -40.30
N ALA P 381 82.89 -41.00 -41.01
CA ALA P 381 83.94 -40.23 -40.37
C ALA P 381 83.31 -39.27 -39.34
N ALA P 382 82.34 -38.46 -39.78
CA ALA P 382 81.65 -37.49 -38.94
C ALA P 382 81.07 -38.14 -37.71
N ALA P 383 80.50 -39.30 -37.91
CA ALA P 383 79.89 -40.03 -36.83
C ALA P 383 80.94 -40.41 -35.81
N VAL P 384 82.15 -40.61 -36.30
CA VAL P 384 83.29 -41.00 -35.48
C VAL P 384 83.77 -39.85 -34.62
N TYR P 385 83.48 -38.64 -35.05
CA TYR P 385 83.91 -37.50 -34.29
C TYR P 385 82.90 -37.19 -33.25
N ARG P 386 81.64 -37.26 -33.66
CA ARG P 386 80.53 -37.02 -32.77
C ARG P 386 80.50 -38.02 -31.60
N LYS P 387 80.69 -39.30 -31.86
CA LYS P 387 80.65 -40.27 -30.77
C LYS P 387 81.70 -39.97 -29.69
N ASP P 388 82.83 -39.38 -30.09
CA ASP P 388 83.94 -39.08 -29.17
C ASP P 388 83.60 -37.91 -28.24
N LYS P 389 83.04 -36.84 -28.80
CA LYS P 389 82.64 -35.65 -28.03
C LYS P 389 81.51 -36.05 -27.06
N ALA P 390 80.67 -36.99 -27.50
CA ALA P 390 79.60 -37.53 -26.68
C ALA P 390 80.21 -38.30 -25.51
N ARG P 391 80.85 -39.42 -25.83
CA ARG P 391 81.51 -40.24 -24.83
C ARG P 391 82.39 -39.37 -23.90
N LYS P 392 82.83 -38.18 -24.33
CA LYS P 392 83.65 -37.41 -23.41
C LYS P 392 82.79 -36.48 -22.60
N SER P 393 81.61 -36.16 -23.10
CA SER P 393 80.71 -35.34 -22.32
C SER P 393 80.02 -36.23 -21.32
N ARG P 394 79.75 -37.47 -21.75
CA ARG P 394 79.08 -38.44 -20.91
C ARG P 394 79.89 -38.82 -19.70
N ARG P 395 81.11 -38.31 -19.65
CA ARG P 395 82.01 -38.60 -18.53
C ARG P 395 81.87 -37.52 -17.49
N ILE P 396 81.97 -36.29 -17.97
CA ILE P 396 81.81 -35.17 -17.08
C ILE P 396 80.61 -35.42 -16.19
N SER P 397 79.50 -35.82 -16.81
CA SER P 397 78.29 -36.15 -16.09
C SER P 397 78.59 -37.21 -15.06
N LEU P 398 78.99 -38.36 -15.52
CA LEU P 398 79.26 -39.45 -14.61
C LEU P 398 80.12 -39.02 -13.42
N GLU P 399 81.32 -38.52 -13.68
CA GLU P 399 82.19 -38.15 -12.57
C GLU P 399 81.50 -37.32 -11.48
N PHE P 400 80.51 -36.51 -11.86
CA PHE P 400 79.74 -35.63 -10.95
C PHE P 400 78.70 -36.40 -10.16
N MET P 401 77.96 -37.31 -10.77
CA MET P 401 77.02 -38.07 -9.96
C MET P 401 77.77 -38.77 -8.87
N LEU P 402 78.87 -39.40 -9.26
CA LEU P 402 79.68 -40.12 -8.31
C LEU P 402 80.18 -39.22 -7.22
N GLU P 403 81.17 -38.37 -7.53
CA GLU P 403 81.71 -37.45 -6.53
C GLU P 403 80.62 -37.07 -5.56
N GLN P 404 79.46 -36.70 -6.12
CA GLN P 404 78.27 -36.34 -5.34
C GLN P 404 77.84 -37.53 -4.47
N ALA P 405 77.21 -38.56 -5.06
CA ALA P 405 76.77 -39.76 -4.34
C ALA P 405 77.78 -40.22 -3.28
N ASN P 406 79.07 -39.87 -3.49
CA ASN P 406 80.19 -40.17 -2.59
C ASN P 406 80.13 -39.24 -1.38
N LYS P 407 80.12 -37.94 -1.66
CA LYS P 407 80.04 -36.93 -0.61
C LYS P 407 78.99 -37.24 0.49
N PHE P 408 77.82 -37.72 0.05
CA PHE P 408 76.63 -38.09 0.89
C PHE P 408 76.51 -39.60 1.01
N ALA P 409 77.62 -40.30 1.14
CA ALA P 409 77.55 -41.76 1.22
C ALA P 409 77.40 -42.25 2.67
N ASN P 410 77.77 -41.39 3.62
CA ASN P 410 77.72 -41.74 5.05
C ASN P 410 76.60 -41.00 5.90
N HIS P 411 75.62 -40.32 5.30
CA HIS P 411 74.53 -39.79 6.11
C HIS P 411 73.40 -40.80 6.07
N LYS P 412 72.74 -40.95 7.19
CA LYS P 412 71.66 -41.92 7.31
C LYS P 412 70.50 -41.67 6.34
N ALA P 413 70.36 -40.42 5.87
CA ALA P 413 69.27 -40.08 4.95
C ALA P 413 69.42 -38.69 4.29
N ILE P 414 68.85 -38.54 3.10
CA ILE P 414 68.86 -37.25 2.47
C ILE P 414 67.56 -37.01 1.72
N TRP P 415 67.21 -35.72 1.55
CA TRP P 415 66.01 -35.30 0.82
C TRP P 415 66.35 -34.23 -0.22
N PHE P 416 65.40 -34.10 -1.17
CA PHE P 416 65.46 -33.16 -2.31
C PHE P 416 64.23 -32.24 -2.44
N PRO P 417 64.50 -30.97 -2.68
CA PRO P 417 63.43 -29.99 -2.87
C PRO P 417 62.80 -30.14 -4.29
N TYR P 418 61.51 -29.80 -4.48
CA TYR P 418 60.82 -29.93 -5.80
C TYR P 418 60.07 -28.65 -6.34
N ASN P 419 60.55 -28.17 -7.49
CA ASN P 419 59.96 -27.01 -8.17
C ASN P 419 58.84 -27.46 -9.05
N MET P 420 58.73 -26.75 -10.15
CA MET P 420 57.78 -27.05 -11.19
C MET P 420 58.07 -26.18 -12.42
N ASP P 421 57.70 -26.68 -13.58
CA ASP P 421 57.92 -25.94 -14.84
C ASP P 421 56.62 -25.31 -15.22
N TRP P 422 56.68 -24.21 -15.95
CA TRP P 422 55.46 -23.50 -16.25
C TRP P 422 54.24 -24.38 -16.62
N ARG P 423 54.38 -25.69 -16.85
CA ARG P 423 53.23 -26.54 -17.20
C ARG P 423 52.81 -27.36 -16.02
N GLY P 424 53.62 -27.28 -14.98
CA GLY P 424 53.27 -27.94 -13.73
C GLY P 424 53.92 -29.25 -13.44
N ARG P 425 55.06 -29.52 -14.04
CA ARG P 425 55.66 -30.83 -13.78
C ARG P 425 56.60 -30.80 -12.58
N VAL P 426 56.79 -31.96 -11.95
CA VAL P 426 57.68 -32.04 -10.78
C VAL P 426 59.13 -32.33 -11.19
N TYR P 427 60.03 -31.52 -10.61
CA TYR P 427 61.45 -31.59 -10.83
C TYR P 427 62.17 -31.57 -9.52
N ALA P 428 63.35 -32.16 -9.47
CA ALA P 428 64.16 -32.06 -8.26
C ALA P 428 65.04 -30.83 -8.41
N VAL P 429 65.40 -30.18 -7.33
CA VAL P 429 66.16 -28.99 -7.52
C VAL P 429 67.65 -29.22 -7.61
N SER P 430 68.12 -30.18 -6.83
CA SER P 430 69.55 -30.52 -6.72
C SER P 430 70.16 -31.11 -8.00
N MET P 431 71.41 -30.74 -8.30
CA MET P 431 72.07 -31.26 -9.48
C MET P 431 71.95 -32.78 -9.47
N PHE P 432 72.58 -33.45 -8.51
CA PHE P 432 72.48 -34.91 -8.39
C PHE P 432 71.02 -35.27 -7.95
N ASN P 433 70.32 -36.26 -8.50
CA ASN P 433 68.96 -36.42 -7.97
C ASN P 433 68.27 -37.63 -8.45
N PRO P 434 67.11 -37.92 -7.88
CA PRO P 434 66.21 -39.06 -8.14
C PRO P 434 65.75 -39.23 -9.58
N GLN P 435 65.89 -38.22 -10.39
CA GLN P 435 65.44 -38.38 -11.76
C GLN P 435 66.60 -38.37 -12.77
N GLY P 436 67.80 -38.74 -12.29
CA GLY P 436 69.00 -38.78 -13.13
C GLY P 436 69.02 -40.01 -14.00
N ASN P 437 70.21 -40.30 -14.55
CA ASN P 437 70.40 -41.42 -15.46
C ASN P 437 70.38 -42.78 -14.78
N ASP P 438 70.58 -43.84 -15.59
CA ASP P 438 70.50 -45.17 -15.06
C ASP P 438 71.46 -45.38 -13.91
N MET P 439 72.63 -44.75 -13.96
CA MET P 439 73.59 -44.92 -12.88
C MET P 439 73.17 -44.12 -11.65
N THR P 440 72.83 -42.86 -11.86
CA THR P 440 72.41 -42.06 -10.74
C THR P 440 71.18 -42.73 -10.14
N LYS P 441 70.24 -43.15 -11.00
CA LYS P 441 69.08 -43.86 -10.50
C LYS P 441 69.51 -45.10 -9.71
N GLY P 442 70.81 -45.42 -9.74
CA GLY P 442 71.27 -46.56 -8.98
C GLY P 442 71.81 -46.13 -7.65
N LEU P 443 72.74 -45.18 -7.67
CA LEU P 443 73.37 -44.68 -6.45
C LEU P 443 72.38 -44.10 -5.43
N LEU P 444 71.07 -44.34 -5.64
CA LEU P 444 70.06 -43.76 -4.72
C LEU P 444 68.91 -44.70 -4.38
N THR P 445 68.58 -44.73 -3.09
CA THR P 445 67.47 -45.54 -2.61
C THR P 445 66.86 -44.92 -1.35
N LEU P 446 65.54 -44.95 -1.29
CA LEU P 446 64.75 -44.44 -0.17
C LEU P 446 65.41 -44.83 1.17
N ALA P 447 65.36 -43.89 2.13
CA ALA P 447 65.96 -44.05 3.48
C ALA P 447 65.10 -44.86 4.47
N LYS P 448 63.78 -44.87 4.31
CA LYS P 448 62.91 -45.62 5.20
C LYS P 448 62.39 -46.86 4.55
N GLY P 449 62.80 -47.99 5.07
CA GLY P 449 62.35 -49.25 4.52
C GLY P 449 61.45 -49.98 5.49
N LYS P 450 60.78 -51.04 5.00
CA LYS P 450 59.87 -51.85 5.82
C LYS P 450 60.05 -53.31 5.51
N PRO P 451 59.44 -54.16 6.30
CA PRO P 451 59.67 -55.57 5.94
C PRO P 451 58.97 -55.93 4.62
N ILE P 452 59.78 -56.29 3.65
CA ILE P 452 59.33 -56.65 2.30
C ILE P 452 57.94 -57.32 2.30
N GLY P 453 57.82 -58.53 2.81
CA GLY P 453 56.53 -59.15 2.76
C GLY P 453 56.33 -59.75 1.39
N LYS P 454 55.72 -60.94 1.37
CA LYS P 454 55.45 -61.73 0.14
C LYS P 454 54.99 -60.86 -1.03
N GLU P 455 53.90 -60.12 -0.86
CA GLU P 455 53.45 -59.29 -1.97
C GLU P 455 54.63 -58.41 -2.38
N GLY P 456 55.18 -57.71 -1.37
CA GLY P 456 56.30 -56.82 -1.56
C GLY P 456 57.40 -57.45 -2.38
N TYR P 457 57.74 -58.70 -2.06
CA TYR P 457 58.78 -59.41 -2.81
C TYR P 457 58.36 -59.58 -4.27
N TYR P 458 57.11 -59.99 -4.49
CA TYR P 458 56.51 -60.25 -5.83
C TYR P 458 56.79 -59.18 -6.88
N TRP P 459 56.88 -57.94 -6.41
CA TRP P 459 57.18 -56.85 -7.28
C TRP P 459 58.69 -56.62 -7.24
N LEU P 460 59.35 -56.77 -6.08
CA LEU P 460 60.82 -56.57 -6.06
C LEU P 460 61.38 -57.32 -7.23
N LYS P 461 60.81 -58.48 -7.46
CA LYS P 461 61.25 -59.24 -8.61
C LYS P 461 60.68 -58.58 -9.87
N ILE P 462 59.39 -58.24 -9.90
CA ILE P 462 58.84 -57.63 -11.11
C ILE P 462 59.65 -56.42 -11.57
N HIS P 463 60.15 -55.64 -10.62
CA HIS P 463 60.96 -54.48 -10.92
C HIS P 463 62.26 -54.94 -11.46
N GLY P 464 62.70 -56.07 -10.97
CA GLY P 464 63.89 -56.63 -11.55
C GLY P 464 63.61 -56.86 -13.03
N ALA P 465 62.53 -57.63 -13.35
CA ALA P 465 62.12 -58.00 -14.72
C ALA P 465 62.13 -56.79 -15.65
N ASN P 466 61.58 -55.69 -15.15
CA ASN P 466 61.58 -54.44 -15.89
C ASN P 466 63.06 -54.04 -16.09
N CYS P 467 63.76 -53.82 -14.98
CA CYS P 467 65.17 -53.47 -14.99
C CYS P 467 65.99 -54.17 -16.08
N ALA P 468 65.58 -55.40 -16.43
CA ALA P 468 66.35 -56.20 -17.40
C ALA P 468 65.81 -56.19 -18.82
N GLY P 469 64.74 -55.42 -19.09
CA GLY P 469 64.27 -55.39 -20.45
C GLY P 469 63.04 -56.22 -20.69
N VAL P 470 62.77 -57.15 -19.77
CA VAL P 470 61.57 -57.93 -19.90
C VAL P 470 60.45 -57.05 -19.36
N ASP P 471 60.05 -56.05 -20.15
CA ASP P 471 58.99 -55.14 -19.73
C ASP P 471 57.82 -55.24 -20.67
N LYS P 472 57.96 -56.01 -21.72
CA LYS P 472 56.82 -56.12 -22.57
C LYS P 472 56.31 -57.53 -22.58
N VAL P 473 55.90 -58.00 -21.40
CA VAL P 473 55.41 -59.35 -21.22
C VAL P 473 54.63 -59.50 -19.89
N PRO P 474 53.48 -60.20 -19.91
CA PRO P 474 52.72 -60.35 -18.66
C PRO P 474 53.59 -60.65 -17.44
N PHE P 475 53.05 -60.45 -16.26
CA PHE P 475 53.80 -60.63 -15.02
C PHE P 475 54.30 -62.04 -14.78
N PRO P 476 53.40 -63.03 -14.81
CA PRO P 476 53.93 -64.38 -14.56
C PRO P 476 55.35 -64.57 -15.13
N GLU P 477 55.45 -64.44 -16.45
CA GLU P 477 56.69 -64.64 -17.19
C GLU P 477 57.81 -63.67 -16.79
N ARG P 478 57.51 -62.56 -16.13
CA ARG P 478 58.62 -61.70 -15.73
C ARG P 478 59.23 -62.32 -14.50
N ILE P 479 58.35 -62.89 -13.68
CA ILE P 479 58.78 -63.57 -12.46
C ILE P 479 59.60 -64.78 -12.88
N LYS P 480 58.96 -65.56 -13.75
CA LYS P 480 59.57 -66.73 -14.37
C LYS P 480 61.03 -66.39 -14.64
N PHE P 481 61.17 -65.37 -15.47
CA PHE P 481 62.44 -64.84 -15.89
C PHE P 481 63.40 -64.71 -14.71
N ILE P 482 63.03 -63.90 -13.72
CA ILE P 482 63.87 -63.64 -12.55
C ILE P 482 64.32 -64.90 -11.83
N GLU P 483 63.36 -65.74 -11.47
CA GLU P 483 63.65 -66.96 -10.74
C GLU P 483 64.56 -67.91 -11.54
N GLU P 484 64.35 -67.95 -12.85
CA GLU P 484 65.17 -68.78 -13.71
C GLU P 484 66.67 -68.46 -13.56
N ASN P 485 67.00 -67.19 -13.44
CA ASN P 485 68.40 -66.77 -13.35
C ASN P 485 68.83 -66.43 -11.97
N HIS P 486 68.02 -66.81 -10.98
CA HIS P 486 68.39 -66.49 -9.61
C HIS P 486 69.85 -66.73 -9.40
N GLU P 487 70.29 -67.91 -9.80
CA GLU P 487 71.68 -68.17 -9.57
C GLU P 487 72.47 -66.95 -10.02
N ASN P 488 72.33 -66.62 -11.30
CA ASN P 488 73.09 -65.52 -11.83
C ASN P 488 73.07 -64.33 -10.91
N ILE P 489 71.89 -63.97 -10.46
CA ILE P 489 71.70 -62.81 -9.61
C ILE P 489 72.49 -62.86 -8.33
N MET P 490 72.34 -63.95 -7.62
CA MET P 490 73.07 -64.08 -6.38
C MET P 490 74.61 -63.93 -6.62
N ALA P 491 75.04 -64.25 -7.82
CA ALA P 491 76.45 -64.21 -8.22
C ALA P 491 77.01 -62.81 -8.15
N CYS P 492 76.47 -62.00 -9.04
CA CYS P 492 76.76 -60.58 -9.17
C CYS P 492 76.52 -59.97 -7.82
N ALA P 493 75.62 -60.64 -7.11
CA ALA P 493 75.30 -60.24 -5.78
C ALA P 493 76.57 -60.44 -4.93
N LYS P 494 76.91 -61.71 -4.78
CA LYS P 494 78.06 -62.14 -4.03
C LYS P 494 79.28 -61.38 -4.50
N SER P 495 79.60 -61.51 -5.78
CA SER P 495 80.75 -60.79 -6.31
C SER P 495 80.43 -60.11 -7.65
N PRO P 496 80.03 -58.82 -7.59
CA PRO P 496 79.66 -57.93 -8.72
C PRO P 496 80.82 -57.68 -9.65
N LEU P 497 81.94 -57.28 -9.09
CA LEU P 497 83.10 -57.02 -9.89
C LEU P 497 83.58 -58.26 -10.62
N GLU P 498 83.05 -59.42 -10.30
CA GLU P 498 83.56 -60.58 -11.01
C GLU P 498 82.45 -61.21 -11.79
N ASN P 499 81.34 -60.51 -11.81
CA ASN P 499 80.21 -61.00 -12.53
C ASN P 499 79.51 -59.93 -13.30
N THR P 500 80.06 -59.65 -14.50
CA THR P 500 79.60 -58.59 -15.39
C THR P 500 78.17 -58.84 -16.05
N TRP P 501 77.43 -59.90 -15.74
CA TRP P 501 76.09 -60.07 -16.33
C TRP P 501 75.07 -58.97 -15.95
N TRP P 502 75.25 -58.30 -14.81
CA TRP P 502 74.29 -57.25 -14.46
C TRP P 502 74.47 -56.08 -15.34
N ALA P 503 75.70 -55.84 -15.75
CA ALA P 503 76.00 -54.71 -16.61
C ALA P 503 75.46 -54.93 -18.04
N GLU P 504 74.92 -56.11 -18.28
CA GLU P 504 74.40 -56.50 -19.59
C GLU P 504 72.88 -56.22 -19.72
N GLN P 505 72.15 -56.23 -18.60
CA GLN P 505 70.72 -55.90 -18.65
C GLN P 505 70.55 -54.51 -19.17
N ASP P 506 69.33 -54.17 -19.58
CA ASP P 506 69.15 -52.81 -20.09
C ASP P 506 69.52 -51.77 -19.03
N SER P 507 69.10 -51.95 -17.77
CA SER P 507 69.38 -50.93 -16.75
C SER P 507 70.37 -51.38 -15.71
N PRO P 508 71.67 -51.39 -16.08
CA PRO P 508 72.82 -51.76 -15.28
C PRO P 508 72.72 -51.40 -13.85
N PHE P 509 73.43 -50.37 -13.46
CA PHE P 509 73.46 -50.05 -12.08
C PHE P 509 72.13 -50.20 -11.44
N CYS P 510 71.06 -50.01 -12.19
CA CYS P 510 69.75 -50.20 -11.57
C CYS P 510 69.37 -51.68 -11.46
N PHE P 511 69.91 -52.53 -12.32
CA PHE P 511 69.63 -53.94 -12.20
C PHE P 511 70.28 -54.51 -10.97
N LEU P 512 71.51 -54.01 -10.72
CA LEU P 512 72.42 -54.37 -9.61
C LEU P 512 71.87 -53.98 -8.20
N ALA P 513 71.37 -52.73 -8.09
CA ALA P 513 70.77 -52.29 -6.83
C ALA P 513 69.63 -53.26 -6.48
N PHE P 514 68.93 -53.75 -7.50
CA PHE P 514 67.86 -54.70 -7.32
C PHE P 514 68.46 -55.98 -6.83
N CYS P 515 69.59 -56.30 -7.43
CA CYS P 515 70.35 -57.50 -7.12
C CYS P 515 70.59 -57.61 -5.67
N PHE P 516 71.41 -56.69 -5.18
CA PHE P 516 71.71 -56.74 -3.79
C PHE P 516 70.47 -57.07 -2.98
N GLU P 517 69.41 -56.29 -3.13
CA GLU P 517 68.21 -56.58 -2.34
C GLU P 517 67.72 -58.04 -2.50
N TYR P 518 67.77 -58.60 -3.72
CA TYR P 518 67.31 -59.99 -3.90
C TYR P 518 68.04 -60.93 -2.99
N ALA P 519 69.34 -60.65 -2.86
CA ALA P 519 70.27 -61.45 -2.05
C ALA P 519 69.98 -61.33 -0.54
N GLY P 520 69.57 -60.16 -0.10
CA GLY P 520 69.22 -60.00 1.30
C GLY P 520 67.88 -60.67 1.58
N VAL P 521 66.96 -60.65 0.60
CA VAL P 521 65.68 -61.33 0.82
C VAL P 521 65.98 -62.77 1.13
N GLN P 522 66.71 -63.42 0.22
CA GLN P 522 67.11 -64.80 0.41
C GLN P 522 67.88 -65.01 1.75
N HIS P 523 68.92 -64.22 2.02
CA HIS P 523 69.66 -64.37 3.27
C HIS P 523 68.91 -63.83 4.47
N HIS P 524 67.68 -63.34 4.31
CA HIS P 524 66.94 -62.82 5.47
C HIS P 524 65.42 -63.10 5.40
N GLY P 525 64.97 -63.95 4.48
CA GLY P 525 63.54 -64.23 4.42
C GLY P 525 62.69 -62.98 4.18
N LEU P 526 61.38 -63.21 4.01
CA LEU P 526 60.31 -62.21 3.71
C LEU P 526 60.18 -61.06 4.71
N SER P 527 60.92 -61.09 5.81
CA SER P 527 60.85 -60.04 6.81
C SER P 527 61.92 -59.03 6.62
N TYR P 528 62.68 -59.20 5.55
CA TYR P 528 63.75 -58.29 5.28
C TYR P 528 63.24 -56.89 4.97
N ASN P 529 63.88 -55.91 5.63
CA ASN P 529 63.63 -54.45 5.53
C ASN P 529 64.22 -53.92 4.19
N CYS P 530 63.36 -53.58 3.20
CA CYS P 530 63.79 -53.14 1.83
C CYS P 530 63.28 -51.73 1.44
N SER P 531 64.22 -50.80 1.25
CA SER P 531 63.87 -49.42 0.90
C SER P 531 63.97 -49.13 -0.61
N LEU P 532 64.33 -50.13 -1.43
CA LEU P 532 64.49 -49.98 -2.91
C LEU P 532 63.22 -49.57 -3.63
N PRO P 533 63.29 -48.41 -4.28
CA PRO P 533 62.25 -47.74 -5.06
C PRO P 533 61.78 -48.52 -6.33
N LEU P 534 60.64 -49.21 -6.26
CA LEU P 534 60.10 -49.95 -7.43
C LEU P 534 59.15 -49.05 -8.27
N ALA P 535 59.52 -48.79 -9.53
CA ALA P 535 58.76 -47.88 -10.42
C ALA P 535 57.87 -48.55 -11.45
N PHE P 536 56.80 -47.83 -11.74
CA PHE P 536 55.84 -48.29 -12.71
C PHE P 536 55.67 -47.22 -13.78
N ASP P 537 56.11 -47.53 -15.00
CA ASP P 537 56.05 -46.58 -16.11
C ASP P 537 54.74 -46.67 -16.93
N GLY P 538 54.13 -45.51 -17.23
CA GLY P 538 52.91 -45.45 -18.05
C GLY P 538 53.26 -45.46 -19.56
N SER P 539 52.69 -46.36 -20.35
CA SER P 539 53.06 -46.45 -21.78
C SER P 539 53.58 -45.14 -22.38
N CYS P 540 52.69 -44.39 -23.01
CA CYS P 540 53.06 -43.13 -23.65
C CYS P 540 52.21 -41.95 -23.06
N SER P 541 52.31 -41.75 -21.74
CA SER P 541 51.57 -40.69 -21.04
C SER P 541 50.95 -39.74 -22.05
N GLY P 542 51.77 -39.26 -22.97
CA GLY P 542 51.24 -38.37 -23.96
C GLY P 542 49.88 -38.82 -24.46
N ILE P 543 49.86 -39.87 -25.29
CA ILE P 543 48.64 -40.40 -25.94
C ILE P 543 47.70 -41.06 -24.99
N GLN P 544 48.22 -41.34 -23.81
CA GLN P 544 47.41 -41.94 -22.78
C GLN P 544 46.22 -41.01 -22.51
N HIS P 545 46.50 -39.98 -21.73
CA HIS P 545 45.48 -39.02 -21.38
C HIS P 545 44.71 -38.59 -22.59
N PHE P 546 45.38 -38.20 -23.67
CA PHE P 546 44.55 -37.82 -24.79
C PHE P 546 43.49 -38.92 -25.02
N SER P 547 43.94 -40.19 -25.16
CA SER P 547 43.06 -41.31 -25.43
C SER P 547 41.96 -41.43 -24.36
N ALA P 548 42.25 -40.93 -23.15
CA ALA P 548 41.33 -40.94 -21.99
C ALA P 548 40.27 -39.83 -22.07
N MET P 549 40.73 -38.60 -22.22
CA MET P 549 39.85 -37.44 -22.31
C MET P 549 38.94 -37.48 -23.55
N LEU P 550 39.09 -38.50 -24.38
CA LEU P 550 38.25 -38.58 -25.55
C LEU P 550 37.69 -39.97 -25.71
N ARG P 551 37.95 -40.77 -24.67
CA ARG P 551 37.50 -42.16 -24.58
C ARG P 551 37.87 -42.99 -25.81
N ASP P 552 39.06 -42.79 -26.37
CA ASP P 552 39.46 -43.56 -27.56
C ASP P 552 39.73 -45.04 -27.24
N GLU P 553 38.84 -45.95 -27.62
CA GLU P 553 39.07 -47.37 -27.32
C GLU P 553 40.27 -47.89 -28.07
N VAL P 554 40.28 -47.62 -29.36
CA VAL P 554 41.39 -48.05 -30.17
C VAL P 554 42.66 -47.51 -29.52
N GLY P 555 42.68 -46.19 -29.35
CA GLY P 555 43.81 -45.51 -28.72
C GLY P 555 44.11 -46.06 -27.33
N GLY P 556 43.12 -46.14 -26.44
CA GLY P 556 43.39 -46.67 -25.11
C GLY P 556 44.10 -47.99 -25.21
N ARG P 557 43.45 -48.90 -25.94
CA ARG P 557 43.95 -50.25 -26.18
C ARG P 557 45.45 -50.25 -26.36
N ALA P 558 45.90 -49.47 -27.33
CA ALA P 558 47.31 -49.37 -27.67
C ALA P 558 48.17 -48.95 -26.51
N VAL P 559 47.72 -48.06 -25.64
CA VAL P 559 48.61 -47.63 -24.56
C VAL P 559 48.38 -48.33 -23.22
N ASN P 560 47.99 -49.59 -23.32
CA ASN P 560 47.78 -50.49 -22.19
C ASN P 560 46.84 -49.97 -21.11
N LEU P 561 45.97 -49.04 -21.49
CA LEU P 561 44.98 -48.51 -20.55
C LEU P 561 43.86 -49.55 -20.33
N LEU P 562 43.57 -50.33 -21.37
CA LEU P 562 42.59 -51.41 -21.31
C LEU P 562 43.28 -52.69 -20.86
N PRO P 563 42.65 -53.49 -19.99
CA PRO P 563 43.24 -54.74 -19.51
C PRO P 563 43.19 -55.82 -20.59
N SER P 564 44.32 -56.51 -20.75
CA SER P 564 44.51 -57.56 -21.77
C SER P 564 45.35 -58.70 -21.17
N GLU P 565 45.74 -59.70 -21.97
CA GLU P 565 46.59 -60.77 -21.44
C GLU P 565 48.07 -60.56 -21.86
N THR P 566 48.28 -59.81 -22.94
CA THR P 566 49.64 -59.54 -23.42
C THR P 566 49.93 -58.03 -23.47
N VAL P 567 51.21 -57.69 -23.43
CA VAL P 567 51.70 -56.30 -23.46
C VAL P 567 51.40 -55.57 -24.81
N GLN P 568 50.49 -54.58 -24.80
CA GLN P 568 50.13 -53.78 -25.99
C GLN P 568 51.28 -52.92 -26.48
N ASP P 569 51.64 -53.04 -27.76
CA ASP P 569 52.72 -52.23 -28.31
C ASP P 569 52.19 -51.25 -29.34
N ILE P 570 52.16 -49.97 -28.98
CA ILE P 570 51.64 -49.00 -29.93
C ILE P 570 52.55 -48.91 -31.16
N TYR P 571 53.87 -48.74 -30.97
CA TYR P 571 54.75 -48.65 -32.13
C TYR P 571 54.51 -49.86 -33.02
N GLY P 572 54.35 -51.02 -32.40
CA GLY P 572 54.09 -52.21 -33.15
C GLY P 572 52.76 -52.14 -33.91
N ILE P 573 51.61 -52.06 -33.19
CA ILE P 573 50.30 -52.05 -33.86
C ILE P 573 50.34 -51.17 -35.06
N VAL P 574 51.13 -50.12 -34.94
CA VAL P 574 51.36 -49.16 -36.00
C VAL P 574 52.15 -49.85 -37.14
N ALA P 575 53.20 -50.58 -36.77
CA ALA P 575 54.03 -51.29 -37.74
C ALA P 575 53.19 -52.19 -38.59
N LYS P 576 52.29 -52.93 -37.93
CA LYS P 576 51.38 -53.86 -38.57
C LYS P 576 50.52 -53.17 -39.63
N LYS P 577 49.87 -52.05 -39.26
CA LYS P 577 48.96 -51.28 -40.15
C LYS P 577 49.69 -50.73 -41.35
N VAL P 578 50.95 -50.36 -41.15
CA VAL P 578 51.77 -49.89 -42.25
C VAL P 578 51.95 -51.05 -43.23
N ASN P 579 52.40 -52.19 -42.72
CA ASN P 579 52.60 -53.34 -43.58
C ASN P 579 51.34 -53.75 -44.33
N GLU P 580 50.15 -53.46 -43.80
CA GLU P 580 48.93 -53.84 -44.52
C GLU P 580 48.70 -52.93 -45.73
N ILE P 581 49.33 -51.75 -45.69
CA ILE P 581 49.27 -50.77 -46.79
C ILE P 581 50.40 -51.06 -47.78
N LEU P 582 51.56 -51.43 -47.26
CA LEU P 582 52.70 -51.76 -48.10
C LEU P 582 52.38 -53.00 -48.95
N GLN P 583 51.47 -53.81 -48.45
CA GLN P 583 51.03 -55.00 -49.14
C GLN P 583 50.00 -54.60 -50.17
N ALA P 584 49.10 -53.72 -49.76
CA ALA P 584 48.03 -53.22 -50.61
C ALA P 584 48.58 -52.59 -51.91
N ASP P 585 49.56 -51.69 -51.79
CA ASP P 585 50.15 -50.98 -52.96
C ASP P 585 51.14 -51.83 -53.79
N ALA P 586 51.57 -52.98 -53.25
CA ALA P 586 52.47 -53.89 -53.96
C ALA P 586 51.66 -54.53 -55.10
N ILE P 587 50.37 -54.74 -54.79
CA ILE P 587 49.33 -55.33 -55.68
C ILE P 587 48.77 -54.22 -56.61
N ASN P 588 48.28 -53.12 -56.04
CA ASN P 588 47.77 -51.99 -56.81
C ASN P 588 48.75 -50.81 -56.72
N GLY P 589 48.27 -49.62 -56.36
CA GLY P 589 49.19 -48.51 -56.24
C GLY P 589 49.83 -48.12 -57.56
N THR P 590 49.98 -46.82 -57.73
CA THR P 590 50.54 -46.26 -58.95
C THR P 590 51.87 -46.89 -59.37
N ASP P 591 52.19 -46.56 -60.62
CA ASP P 591 53.39 -46.99 -61.33
C ASP P 591 54.44 -45.83 -61.38
N ASN P 592 55.72 -46.19 -61.51
CA ASN P 592 56.86 -45.25 -61.53
C ASN P 592 56.73 -44.13 -62.58
N GLU P 593 57.85 -43.45 -62.87
CA GLU P 593 57.85 -42.33 -63.82
C GLU P 593 59.14 -41.50 -63.80
N VAL P 594 59.71 -41.21 -64.95
CA VAL P 594 60.89 -40.32 -65.01
C VAL P 594 60.41 -38.90 -65.37
N VAL P 595 60.48 -38.00 -64.40
CA VAL P 595 60.07 -36.63 -64.64
C VAL P 595 61.30 -35.73 -64.92
N THR P 596 61.09 -34.58 -65.57
CA THR P 596 62.16 -33.61 -65.88
C THR P 596 62.34 -32.67 -64.72
N VAL P 597 63.58 -32.49 -64.29
CA VAL P 597 63.84 -31.60 -63.17
C VAL P 597 64.90 -30.57 -63.54
N THR P 598 64.56 -29.31 -63.25
CA THR P 598 65.48 -28.23 -63.51
C THR P 598 65.93 -27.60 -62.18
N ASP P 599 67.25 -27.69 -61.89
CA ASP P 599 67.85 -27.15 -60.66
C ASP P 599 67.69 -25.63 -60.61
N GLU P 600 67.45 -25.08 -59.41
CA GLU P 600 67.21 -23.65 -59.23
C GLU P 600 68.49 -22.79 -59.27
N ASN P 601 69.67 -23.41 -59.18
CA ASN P 601 70.97 -22.69 -59.15
C ASN P 601 71.82 -22.82 -60.44
N THR P 602 71.95 -24.05 -60.94
CA THR P 602 72.76 -24.32 -62.14
C THR P 602 71.92 -24.34 -63.44
N GLY P 603 70.62 -24.58 -63.29
CA GLY P 603 69.74 -24.64 -64.45
C GLY P 603 69.97 -25.90 -65.27
N GLU P 604 70.94 -26.69 -64.84
CA GLU P 604 71.29 -27.94 -65.50
C GLU P 604 70.07 -28.89 -65.55
N ILE P 605 69.80 -29.43 -66.73
CA ILE P 605 68.67 -30.34 -66.93
C ILE P 605 69.04 -31.79 -66.59
N SER P 606 68.35 -32.36 -65.59
CA SER P 606 68.63 -33.73 -65.11
C SER P 606 67.43 -34.71 -65.32
N GLU P 607 67.77 -36.01 -65.31
CA GLU P 607 66.79 -37.10 -65.49
C GLU P 607 66.59 -37.84 -64.20
N LYS P 608 65.40 -37.68 -63.61
CA LYS P 608 65.09 -38.35 -62.36
C LYS P 608 63.85 -39.26 -62.52
N VAL P 609 63.98 -40.49 -62.01
CA VAL P 609 62.89 -41.49 -62.05
C VAL P 609 62.05 -41.46 -60.74
N LYS P 610 60.78 -41.09 -60.91
CA LYS P 610 59.82 -41.02 -59.83
C LYS P 610 59.23 -42.38 -59.52
N LEU P 611 59.51 -42.92 -58.37
CA LEU P 611 59.00 -44.22 -58.02
C LEU P 611 57.55 -44.08 -57.47
N GLY P 612 56.63 -44.82 -58.05
CA GLY P 612 55.24 -44.81 -57.62
C GLY P 612 55.09 -45.66 -56.39
N THR P 613 53.86 -45.77 -55.90
CA THR P 613 53.56 -46.55 -54.68
C THR P 613 53.90 -48.05 -54.83
N LYS P 614 53.57 -48.57 -56.00
CA LYS P 614 53.76 -49.96 -56.33
C LYS P 614 55.22 -50.42 -56.13
N ALA P 615 56.17 -49.59 -56.59
CA ALA P 615 57.61 -49.87 -56.50
C ALA P 615 58.21 -49.47 -55.14
N LEU P 616 57.73 -48.38 -54.57
CA LEU P 616 58.24 -47.99 -53.27
C LEU P 616 57.90 -49.04 -52.26
N ALA P 617 56.61 -49.42 -52.26
CA ALA P 617 56.04 -50.43 -51.38
C ALA P 617 56.91 -51.69 -51.39
N GLY P 618 57.41 -51.97 -52.58
CA GLY P 618 58.29 -53.10 -52.76
C GLY P 618 59.59 -52.89 -52.02
N GLN P 619 60.22 -51.73 -52.21
CA GLN P 619 61.50 -51.41 -51.54
C GLN P 619 61.39 -51.61 -50.03
N TRP P 620 60.23 -51.25 -49.47
CA TRP P 620 59.96 -51.38 -48.04
C TRP P 620 59.75 -52.84 -47.63
N LEU P 621 58.75 -53.49 -48.21
CA LEU P 621 58.55 -54.88 -47.88
C LEU P 621 59.91 -55.58 -47.94
N ALA P 622 60.75 -55.13 -48.88
CA ALA P 622 62.12 -55.62 -49.14
C ALA P 622 63.03 -55.44 -47.97
N TYR P 623 62.91 -54.28 -47.36
CA TYR P 623 63.74 -54.01 -46.21
C TYR P 623 63.29 -54.87 -45.06
N GLY P 624 62.14 -54.50 -44.51
CA GLY P 624 61.58 -55.17 -43.36
C GLY P 624 61.02 -54.14 -42.38
N VAL P 625 59.73 -53.93 -42.53
CA VAL P 625 58.99 -52.96 -41.74
C VAL P 625 58.56 -53.49 -40.39
N THR P 626 59.21 -53.07 -39.31
CA THR P 626 58.82 -53.57 -37.97
C THR P 626 58.46 -52.41 -37.04
N ARG P 627 58.41 -52.68 -35.73
CA ARG P 627 58.12 -51.60 -34.77
C ARG P 627 59.34 -50.65 -34.65
N SER P 628 60.49 -51.10 -35.16
CA SER P 628 61.76 -50.37 -35.09
C SER P 628 61.83 -49.16 -35.99
N VAL P 629 60.94 -49.01 -36.94
CA VAL P 629 61.01 -47.83 -37.78
C VAL P 629 59.99 -46.84 -37.33
N THR P 630 58.85 -47.36 -36.94
CA THR P 630 57.80 -46.48 -36.52
C THR P 630 58.03 -45.91 -35.09
N LYS P 631 58.82 -46.59 -34.26
CA LYS P 631 59.15 -46.14 -32.88
C LYS P 631 59.43 -44.62 -32.78
N ARG P 632 60.60 -44.18 -33.21
CA ARG P 632 60.88 -42.76 -33.06
C ARG P 632 59.68 -41.88 -33.38
N SER P 633 59.12 -42.02 -34.58
CA SER P 633 58.01 -41.19 -35.04
C SER P 633 56.78 -41.16 -34.12
N VAL P 634 56.32 -42.28 -33.58
CA VAL P 634 55.12 -42.21 -32.73
C VAL P 634 55.39 -41.63 -31.34
N MET P 635 56.41 -42.10 -30.61
CA MET P 635 56.60 -41.55 -29.28
C MET P 635 56.76 -40.01 -29.32
N THR P 636 57.16 -39.49 -30.49
CA THR P 636 57.30 -38.05 -30.61
C THR P 636 56.12 -37.53 -31.32
N LEU P 637 55.06 -38.29 -31.30
CA LEU P 637 53.86 -37.79 -31.92
C LEU P 637 53.39 -36.61 -31.07
N ALA P 638 53.66 -36.77 -29.76
CA ALA P 638 53.30 -35.88 -28.63
C ALA P 638 53.93 -34.51 -28.66
N TYR P 639 54.95 -34.27 -29.46
CA TYR P 639 55.51 -32.94 -29.42
C TYR P 639 55.28 -32.17 -30.69
N GLY P 640 54.42 -32.65 -31.56
CA GLY P 640 54.17 -31.82 -32.72
C GLY P 640 54.54 -32.38 -34.07
N SER P 641 55.50 -33.30 -34.16
CA SER P 641 55.76 -33.80 -35.48
C SER P 641 54.49 -34.46 -36.00
N LYS P 642 54.36 -34.41 -37.31
CA LYS P 642 53.23 -35.02 -37.97
C LYS P 642 53.74 -35.73 -39.22
N GLU P 643 53.17 -35.43 -40.38
CA GLU P 643 53.60 -36.06 -41.62
C GLU P 643 54.94 -35.54 -42.04
N PHE P 644 54.98 -34.26 -42.38
CA PHE P 644 56.23 -33.73 -42.85
C PHE P 644 57.39 -34.09 -41.93
N GLY P 645 57.14 -34.23 -40.64
CA GLY P 645 58.23 -34.53 -39.76
C GLY P 645 58.76 -35.94 -39.90
N PHE P 646 57.87 -36.91 -40.00
CA PHE P 646 58.30 -38.30 -40.04
C PHE P 646 59.29 -38.57 -41.11
N ARG P 647 59.23 -37.80 -42.17
CA ARG P 647 60.22 -38.01 -43.18
C ARG P 647 61.58 -38.09 -42.48
N GLN P 648 62.24 -36.93 -42.35
CA GLN P 648 63.58 -36.85 -41.76
C GLN P 648 63.87 -38.02 -40.82
N GLN P 649 62.94 -38.35 -39.95
CA GLN P 649 63.18 -39.45 -39.04
C GLN P 649 63.47 -40.73 -39.77
N VAL P 650 62.50 -41.26 -40.53
CA VAL P 650 62.77 -42.51 -41.22
C VAL P 650 64.09 -42.41 -41.96
N LEU P 651 64.21 -41.33 -42.73
CA LEU P 651 65.38 -41.05 -43.54
C LEU P 651 66.72 -41.21 -42.81
N GLU P 652 66.80 -41.03 -41.51
CA GLU P 652 68.12 -41.21 -40.93
C GLU P 652 68.10 -42.27 -39.86
N ASP P 653 66.91 -42.50 -39.32
CA ASP P 653 66.74 -43.50 -38.29
C ASP P 653 66.72 -44.92 -38.89
N THR P 654 66.27 -45.08 -40.13
CA THR P 654 66.27 -46.45 -40.63
C THR P 654 66.88 -46.58 -42.04
N ILE P 655 66.58 -45.61 -42.91
CA ILE P 655 67.09 -45.62 -44.28
C ILE P 655 68.58 -45.31 -44.37
N GLN P 656 69.10 -44.32 -43.65
CA GLN P 656 70.54 -44.01 -43.81
C GLN P 656 71.43 -45.05 -43.17
N PRO P 657 71.07 -45.51 -41.97
CA PRO P 657 71.89 -46.51 -41.29
C PRO P 657 71.93 -47.87 -42.00
N ALA P 658 70.85 -48.21 -42.67
CA ALA P 658 70.79 -49.45 -43.43
C ALA P 658 71.78 -49.37 -44.57
N ILE P 659 71.62 -48.37 -45.44
CA ILE P 659 72.53 -48.17 -46.56
C ILE P 659 74.01 -48.14 -46.07
N ASP P 660 74.36 -47.20 -45.18
CA ASP P 660 75.73 -47.10 -44.65
C ASP P 660 76.20 -48.42 -44.04
N SER P 661 75.27 -49.33 -43.87
CA SER P 661 75.55 -50.63 -43.33
C SER P 661 75.42 -51.69 -44.47
N GLY P 662 75.79 -51.28 -45.68
CA GLY P 662 75.71 -52.20 -46.78
C GLY P 662 74.30 -52.48 -47.23
N LYS P 663 73.39 -52.79 -46.29
CA LYS P 663 71.98 -53.08 -46.63
C LYS P 663 71.37 -51.85 -47.34
N GLY P 664 70.04 -51.69 -47.34
CA GLY P 664 69.44 -50.52 -47.95
C GLY P 664 69.74 -50.32 -49.44
N LEU P 665 69.98 -51.42 -50.15
CA LEU P 665 70.24 -51.31 -51.59
C LEU P 665 68.92 -51.20 -52.37
N MET P 666 67.80 -51.50 -51.70
CA MET P 666 66.47 -51.41 -52.32
C MET P 666 65.97 -49.98 -52.30
N PHE P 667 66.65 -49.12 -51.54
CA PHE P 667 66.29 -47.71 -51.47
C PHE P 667 67.00 -46.98 -52.57
N THR P 668 66.42 -47.00 -53.76
CA THR P 668 67.01 -46.33 -54.91
C THR P 668 67.12 -44.87 -54.59
N GLN P 669 65.95 -44.28 -54.37
CA GLN P 669 65.84 -42.86 -54.04
C GLN P 669 65.47 -42.69 -52.53
N PRO P 670 66.48 -42.56 -51.66
CA PRO P 670 66.18 -42.41 -50.23
C PRO P 670 65.01 -41.47 -49.94
N ASN P 671 65.08 -40.24 -50.46
CA ASN P 671 64.08 -39.20 -50.21
C ASN P 671 62.61 -39.57 -50.67
N GLN P 672 62.43 -40.33 -51.75
CA GLN P 672 61.08 -40.74 -52.18
C GLN P 672 60.53 -41.82 -51.21
N ALA P 673 61.45 -42.66 -50.75
CA ALA P 673 61.22 -43.77 -49.83
C ALA P 673 60.77 -43.24 -48.52
N ALA P 674 61.69 -42.50 -47.89
CA ALA P 674 61.42 -41.84 -46.62
C ALA P 674 60.06 -41.13 -46.67
N GLY P 675 59.91 -40.20 -47.61
CA GLY P 675 58.66 -39.49 -47.79
C GLY P 675 57.47 -40.42 -47.97
N TYR P 676 57.65 -41.45 -48.79
CA TYR P 676 56.59 -42.41 -48.95
C TYR P 676 56.20 -42.91 -47.57
N MET P 677 57.13 -43.65 -46.97
CA MET P 677 56.92 -44.20 -45.64
C MET P 677 56.21 -43.24 -44.71
N ALA P 678 56.71 -42.01 -44.69
CA ALA P 678 56.11 -41.00 -43.85
C ALA P 678 54.64 -41.12 -44.01
N LYS P 679 54.18 -40.72 -45.19
CA LYS P 679 52.77 -40.76 -45.51
C LYS P 679 52.11 -42.02 -44.90
N LEU P 680 52.78 -43.14 -44.95
CA LEU P 680 52.22 -44.36 -44.40
C LEU P 680 51.99 -44.20 -42.92
N ILE P 681 53.11 -44.20 -42.20
CA ILE P 681 53.12 -44.01 -40.75
C ILE P 681 52.02 -43.02 -40.39
N TRP P 682 52.03 -41.91 -41.11
CA TRP P 682 51.06 -40.86 -40.86
C TRP P 682 49.64 -41.37 -41.01
N GLU P 683 49.43 -42.25 -41.99
CA GLU P 683 48.09 -42.77 -42.26
C GLU P 683 47.72 -43.95 -41.39
N SER P 684 48.72 -44.43 -40.68
CA SER P 684 48.59 -45.56 -39.78
C SER P 684 48.34 -45.12 -38.35
N VAL P 685 49.02 -44.05 -37.93
CA VAL P 685 48.80 -43.62 -36.58
C VAL P 685 47.55 -42.75 -36.51
N SER P 686 47.32 -41.95 -37.55
CA SER P 686 46.14 -41.09 -37.54
C SER P 686 44.85 -41.90 -37.71
N VAL P 687 44.96 -43.19 -37.42
CA VAL P 687 43.82 -44.04 -37.54
C VAL P 687 43.79 -44.99 -36.35
N THR P 688 44.83 -44.87 -35.54
CA THR P 688 44.92 -45.71 -34.36
C THR P 688 44.67 -44.85 -33.13
N VAL P 689 45.41 -43.76 -33.03
CA VAL P 689 45.23 -42.87 -31.91
C VAL P 689 44.45 -41.68 -32.37
N VAL P 690 43.30 -41.90 -32.99
CA VAL P 690 42.51 -40.76 -33.47
C VAL P 690 42.35 -39.70 -32.37
N ALA P 691 42.25 -40.20 -31.13
CA ALA P 691 42.11 -39.37 -29.94
C ALA P 691 43.10 -38.21 -29.92
N ALA P 692 44.37 -38.57 -29.66
CA ALA P 692 45.52 -37.68 -29.57
C ALA P 692 45.72 -36.83 -30.83
N VAL P 693 45.51 -37.41 -31.97
CA VAL P 693 45.62 -36.63 -33.15
C VAL P 693 44.57 -35.55 -33.07
N GLU P 694 43.29 -35.91 -33.31
CA GLU P 694 42.13 -34.98 -33.29
C GLU P 694 42.32 -33.86 -32.29
N ALA P 695 42.44 -34.23 -31.01
CA ALA P 695 42.64 -33.23 -29.96
C ALA P 695 43.83 -32.34 -30.31
N MET P 696 45.00 -32.93 -30.59
CA MET P 696 46.16 -32.12 -30.89
C MET P 696 45.86 -31.09 -32.00
N ASN P 697 44.86 -31.37 -32.83
CA ASN P 697 44.45 -30.43 -33.89
C ASN P 697 43.59 -29.35 -33.27
N TRP P 698 42.68 -29.79 -32.40
CA TRP P 698 41.79 -28.87 -31.75
C TRP P 698 42.54 -27.83 -31.00
N LEU P 699 43.31 -28.25 -29.99
CA LEU P 699 44.14 -27.34 -29.18
C LEU P 699 45.19 -26.63 -30.02
N LYS P 700 45.42 -27.07 -31.25
CA LYS P 700 46.37 -26.36 -32.08
C LYS P 700 45.62 -25.30 -32.86
N SER P 701 44.35 -25.61 -33.15
CA SER P 701 43.50 -24.68 -33.90
C SER P 701 42.97 -23.57 -33.02
N ALA P 702 42.77 -23.87 -31.74
CA ALA P 702 42.34 -22.84 -30.87
C ALA P 702 43.50 -21.91 -30.67
N ALA P 703 44.59 -22.37 -30.07
CA ALA P 703 45.72 -21.50 -29.81
C ALA P 703 45.99 -20.57 -30.95
N LYS P 704 45.74 -21.07 -32.16
CA LYS P 704 45.95 -20.29 -33.37
C LYS P 704 45.21 -18.95 -33.28
N LEU P 705 43.90 -19.02 -33.45
CA LEU P 705 43.03 -17.85 -33.37
C LEU P 705 43.43 -16.95 -32.20
N LEU P 706 43.35 -17.48 -30.96
CA LEU P 706 43.67 -16.79 -29.70
C LEU P 706 45.01 -16.11 -29.75
N ALA P 707 45.86 -16.46 -30.70
CA ALA P 707 47.13 -15.76 -30.80
C ALA P 707 47.13 -14.82 -32.02
N ALA P 708 46.29 -15.07 -32.99
CA ALA P 708 46.24 -14.21 -34.17
C ALA P 708 46.10 -12.78 -33.72
N GLU P 709 46.28 -11.84 -34.65
CA GLU P 709 46.10 -10.40 -34.34
C GLU P 709 45.00 -9.83 -35.23
N VAL P 710 43.82 -10.42 -35.09
CA VAL P 710 42.65 -10.04 -35.85
C VAL P 710 42.47 -8.53 -35.93
N LYS P 711 42.38 -8.07 -37.17
CA LYS P 711 42.23 -6.67 -37.51
C LYS P 711 41.11 -6.47 -38.51
N ASP P 712 41.06 -5.25 -38.97
CA ASP P 712 40.12 -4.82 -40.01
C ASP P 712 40.98 -4.22 -41.17
N LYS P 713 40.95 -4.87 -42.34
CA LYS P 713 41.78 -4.44 -43.49
C LYS P 713 41.12 -3.31 -44.32
N LYS P 714 40.21 -2.59 -43.65
CA LYS P 714 39.48 -1.45 -44.19
C LYS P 714 39.73 -0.24 -43.29
N THR P 715 40.72 -0.39 -42.40
CA THR P 715 41.16 0.63 -41.45
C THR P 715 42.56 0.30 -40.97
N GLY P 716 42.72 -0.99 -40.71
CA GLY P 716 43.96 -1.53 -40.19
C GLY P 716 43.94 -1.47 -38.67
N GLU P 717 42.78 -1.12 -38.13
CA GLU P 717 42.64 -0.99 -36.69
C GLU P 717 42.56 -2.35 -36.01
N ILE P 718 43.41 -2.57 -35.01
CA ILE P 718 43.41 -3.84 -34.30
C ILE P 718 42.12 -4.03 -33.50
N LEU P 719 41.39 -5.11 -33.80
CA LEU P 719 40.12 -5.42 -33.15
C LEU P 719 40.24 -6.24 -31.87
N ARG P 720 41.21 -7.18 -31.86
CA ARG P 720 41.45 -8.06 -30.70
C ARG P 720 42.92 -8.43 -30.57
N LYS P 721 43.66 -7.68 -29.76
CA LYS P 721 45.08 -7.91 -29.61
C LYS P 721 45.39 -9.38 -29.36
N ARG P 722 46.64 -9.74 -29.68
CA ARG P 722 47.19 -11.06 -29.50
C ARG P 722 46.78 -11.61 -28.17
N CYS P 723 46.79 -12.89 -27.95
CA CYS P 723 46.30 -13.33 -26.63
C CYS P 723 46.93 -14.62 -26.15
N ALA P 724 47.42 -14.64 -24.94
CA ALA P 724 48.01 -15.86 -24.47
C ALA P 724 46.94 -16.88 -24.29
N VAL P 725 47.37 -18.00 -23.75
CA VAL P 725 46.50 -19.12 -23.55
C VAL P 725 46.48 -19.52 -22.06
N HIS P 726 45.36 -19.33 -21.34
CA HIS P 726 45.36 -19.77 -19.93
C HIS P 726 44.40 -20.91 -19.70
N TRP P 727 44.74 -21.82 -18.79
CA TRP P 727 43.91 -22.96 -18.44
C TRP P 727 44.30 -23.51 -17.13
N VAL P 728 43.48 -24.40 -16.59
CA VAL P 728 43.76 -24.92 -15.27
C VAL P 728 43.64 -26.45 -15.15
N THR P 729 44.74 -27.07 -14.70
CA THR P 729 44.84 -28.51 -14.53
C THR P 729 43.80 -29.00 -13.54
N PRO P 730 43.34 -30.25 -13.68
CA PRO P 730 42.34 -30.90 -12.82
C PRO P 730 42.58 -30.63 -11.35
N ASP P 731 43.84 -30.69 -10.93
CA ASP P 731 44.10 -30.43 -9.54
C ASP P 731 44.37 -28.94 -9.24
N GLY P 732 43.67 -28.02 -9.91
CA GLY P 732 43.83 -26.60 -9.60
C GLY P 732 45.14 -25.90 -10.05
N PHE P 733 45.91 -26.52 -10.95
CA PHE P 733 47.10 -25.83 -11.42
C PHE P 733 46.80 -25.11 -12.71
N PRO P 734 46.85 -23.78 -12.68
CA PRO P 734 46.62 -22.78 -13.72
C PRO P 734 47.89 -22.47 -14.47
N VAL P 735 47.81 -22.53 -15.80
CA VAL P 735 48.99 -22.24 -16.59
C VAL P 735 48.77 -21.05 -17.55
N TRP P 736 49.87 -20.48 -18.00
CA TRP P 736 49.82 -19.36 -18.88
C TRP P 736 50.75 -19.55 -20.03
N GLN P 737 50.27 -20.17 -21.08
CA GLN P 737 51.08 -20.28 -22.25
C GLN P 737 51.19 -18.88 -22.83
N GLU P 738 52.40 -18.35 -22.90
CA GLU P 738 52.57 -17.01 -23.42
C GLU P 738 53.93 -16.86 -24.04
N TYR P 739 54.13 -17.48 -25.17
CA TYR P 739 55.43 -17.36 -25.79
C TYR P 739 55.67 -15.90 -26.21
N LYS P 740 56.88 -15.37 -26.11
CA LYS P 740 57.07 -14.00 -26.55
C LYS P 740 58.30 -13.83 -27.44
N LYS P 741 58.12 -13.12 -28.53
CA LYS P 741 59.15 -12.85 -29.54
C LYS P 741 59.63 -11.40 -29.44
N PRO P 742 60.94 -11.14 -29.58
CA PRO P 742 61.55 -9.80 -29.52
C PRO P 742 61.27 -8.95 -30.77
N ILE P 743 61.08 -7.63 -30.59
CA ILE P 743 60.78 -6.75 -31.72
C ILE P 743 62.04 -6.13 -32.30
N GLN P 744 63.15 -6.49 -31.69
CA GLN P 744 64.45 -6.02 -32.12
C GLN P 744 64.84 -6.70 -33.44
N THR P 745 66.13 -6.74 -33.71
CA THR P 745 66.72 -7.36 -34.90
C THR P 745 68.17 -6.85 -35.03
N ARG P 746 69.14 -7.80 -35.01
CA ARG P 746 70.57 -7.51 -35.16
C ARG P 746 71.41 -8.79 -35.43
N LEU P 747 71.29 -9.34 -36.65
CA LEU P 747 72.03 -10.55 -37.07
C LEU P 747 73.39 -10.21 -37.69
N ASN P 748 74.44 -10.54 -36.95
CA ASN P 748 75.82 -10.32 -37.39
C ASN P 748 76.25 -11.45 -38.32
N LEU P 749 77.46 -11.39 -38.89
CA LEU P 749 77.84 -12.50 -39.77
C LEU P 749 78.90 -13.44 -39.16
N MET P 750 80.12 -12.94 -38.88
CA MET P 750 81.13 -13.87 -38.37
C MET P 750 81.63 -13.56 -36.99
N PHE P 751 81.08 -12.52 -36.38
CA PHE P 751 81.49 -12.16 -35.05
C PHE P 751 80.45 -12.52 -33.99
N LEU P 752 79.45 -11.65 -33.73
CA LEU P 752 78.45 -11.99 -32.69
C LEU P 752 77.01 -11.95 -33.22
N GLY P 753 76.35 -10.82 -32.99
CA GLY P 753 74.98 -10.64 -33.42
C GLY P 753 74.03 -10.86 -32.28
N GLN P 754 73.94 -9.88 -31.39
CA GLN P 754 73.07 -10.00 -30.23
C GLN P 754 72.07 -8.82 -30.09
N PHE P 755 71.63 -8.60 -28.84
CA PHE P 755 70.66 -7.57 -28.39
C PHE P 755 70.56 -6.31 -29.28
N ARG P 756 69.54 -5.47 -28.99
CA ARG P 756 69.28 -4.22 -29.72
C ARG P 756 69.15 -3.02 -28.77
N ASP P 766 60.19 -3.79 -25.57
CA ASP P 766 58.89 -4.34 -25.90
C ASP P 766 58.99 -5.73 -26.61
N SER P 767 57.99 -6.56 -26.39
CA SER P 767 57.98 -7.87 -27.00
C SER P 767 56.57 -8.32 -27.19
N GLU P 768 56.34 -9.09 -28.25
CA GLU P 768 54.99 -9.55 -28.59
C GLU P 768 54.84 -11.06 -28.60
N ILE P 769 53.63 -11.53 -28.30
CA ILE P 769 53.31 -12.96 -28.35
C ILE P 769 53.77 -13.43 -29.72
N ASP P 770 54.10 -14.72 -29.90
CA ASP P 770 54.53 -15.24 -31.22
C ASP P 770 53.64 -16.43 -31.67
N ALA P 771 52.64 -16.09 -32.47
CA ALA P 771 51.66 -17.00 -33.01
C ALA P 771 52.16 -18.41 -33.13
N HIS P 772 53.25 -18.56 -33.85
CA HIS P 772 53.81 -19.88 -34.07
C HIS P 772 54.17 -20.57 -32.76
N LYS P 773 55.25 -20.13 -32.12
CA LYS P 773 55.56 -20.79 -30.89
C LYS P 773 54.24 -21.08 -30.22
N GLN P 774 53.48 -20.06 -29.92
CA GLN P 774 52.22 -20.23 -29.23
C GLN P 774 51.32 -21.33 -29.84
N GLU P 775 51.39 -21.53 -31.17
CA GLU P 775 50.55 -22.54 -31.91
C GLU P 775 51.17 -23.93 -31.91
N SER P 776 52.49 -23.88 -31.85
CA SER P 776 53.44 -24.99 -31.85
C SER P 776 53.40 -25.86 -30.55
N GLY P 777 53.32 -25.26 -29.36
CA GLY P 777 53.36 -26.05 -28.15
C GLY P 777 52.04 -26.25 -27.42
N ILE P 778 51.00 -25.53 -27.74
CA ILE P 778 49.80 -25.72 -26.97
C ILE P 778 49.52 -27.19 -26.66
N ALA P 779 49.69 -28.04 -27.67
CA ALA P 779 49.42 -29.48 -27.58
C ALA P 779 50.34 -30.22 -26.60
N PRO P 780 51.68 -30.20 -26.82
CA PRO P 780 52.48 -30.92 -25.82
C PRO P 780 52.32 -30.29 -24.41
N ASN P 781 52.51 -28.95 -24.41
CA ASN P 781 52.46 -28.17 -23.21
C ASN P 781 51.15 -28.48 -22.53
N PHE P 782 50.08 -28.71 -23.31
CA PHE P 782 48.79 -29.02 -22.70
C PHE P 782 48.69 -30.44 -22.20
N VAL P 783 49.21 -31.42 -22.91
CA VAL P 783 49.12 -32.75 -22.37
C VAL P 783 50.02 -32.94 -21.16
N HIS P 784 51.24 -32.36 -21.17
CA HIS P 784 52.10 -32.52 -20.01
C HIS P 784 51.43 -32.01 -18.73
N SER P 785 51.04 -30.73 -18.67
CA SER P 785 50.36 -30.17 -17.49
C SER P 785 49.24 -31.10 -17.02
N GLN P 786 48.80 -31.97 -17.91
CA GLN P 786 47.80 -32.98 -17.59
C GLN P 786 48.43 -34.13 -16.85
N ASP P 787 49.61 -34.55 -17.32
CA ASP P 787 50.35 -35.65 -16.68
C ASP P 787 50.96 -35.16 -15.39
N GLY P 788 51.33 -33.87 -15.40
CA GLY P 788 51.87 -33.27 -14.19
C GLY P 788 50.79 -33.29 -13.14
N SER P 789 49.58 -32.82 -13.51
CA SER P 789 48.43 -32.83 -12.61
C SER P 789 48.20 -34.23 -12.07
N HIS P 790 48.10 -35.20 -12.98
CA HIS P 790 47.84 -36.59 -12.61
C HIS P 790 48.82 -37.10 -11.55
N LEU P 791 50.12 -36.89 -11.78
CA LEU P 791 51.13 -37.32 -10.83
C LEU P 791 50.74 -36.82 -9.42
N ARG P 792 50.78 -35.50 -9.23
CA ARG P 792 50.44 -34.88 -7.95
C ARG P 792 49.21 -35.50 -7.35
N LYS P 793 48.13 -35.61 -8.10
CA LYS P 793 46.89 -36.18 -7.55
C LYS P 793 47.06 -37.59 -7.04
N THR P 794 48.11 -38.30 -7.46
CA THR P 794 48.29 -39.62 -6.89
C THR P 794 49.30 -39.51 -5.76
N VAL P 795 50.33 -38.69 -5.92
CA VAL P 795 51.23 -38.49 -4.80
C VAL P 795 50.33 -38.29 -3.59
N VAL P 796 49.51 -37.26 -3.71
CA VAL P 796 48.57 -36.90 -2.70
C VAL P 796 47.66 -38.11 -2.39
N TRP P 797 46.78 -38.49 -3.32
CA TRP P 797 45.88 -39.62 -3.14
C TRP P 797 46.48 -40.82 -2.40
N ALA P 798 47.76 -41.06 -2.67
CA ALA P 798 48.52 -42.18 -2.15
C ALA P 798 49.03 -41.93 -0.76
N HIS P 799 49.10 -40.68 -0.37
CA HIS P 799 49.65 -40.38 0.92
C HIS P 799 48.62 -40.43 2.04
N GLU P 800 47.39 -40.03 1.74
CA GLU P 800 46.34 -39.99 2.75
C GLU P 800 45.40 -41.18 2.66
N LYS P 801 45.13 -41.69 1.46
CA LYS P 801 44.28 -42.84 1.43
C LYS P 801 45.12 -44.04 1.86
N TYR P 802 46.27 -44.23 1.20
CA TYR P 802 47.16 -45.32 1.57
C TYR P 802 48.31 -44.77 2.39
N GLY P 803 48.87 -45.58 3.27
CA GLY P 803 49.93 -45.08 4.14
C GLY P 803 51.18 -44.53 3.44
N ILE P 804 51.37 -44.87 2.17
CA ILE P 804 52.58 -44.48 1.44
C ILE P 804 53.11 -43.08 1.78
N GLU P 805 54.44 -42.97 1.94
CA GLU P 805 55.10 -41.73 2.34
C GLU P 805 56.47 -41.52 1.70
N SER P 806 56.99 -42.49 0.94
CA SER P 806 58.31 -42.33 0.30
C SER P 806 58.19 -42.53 -1.23
N PHE P 807 58.41 -41.45 -2.01
CA PHE P 807 58.18 -41.54 -3.47
C PHE P 807 59.31 -41.13 -4.37
N ALA P 808 59.39 -41.96 -5.40
CA ALA P 808 60.29 -41.81 -6.51
C ALA P 808 59.42 -41.34 -7.68
N LEU P 809 59.66 -40.11 -8.15
CA LEU P 809 58.83 -39.53 -9.20
C LEU P 809 59.61 -39.02 -10.41
N ILE P 810 59.15 -39.40 -11.60
CA ILE P 810 59.80 -38.97 -12.79
C ILE P 810 58.80 -38.78 -13.92
N HIS P 811 58.15 -37.62 -13.83
CA HIS P 811 57.16 -37.20 -14.77
C HIS P 811 56.10 -38.29 -14.83
N ASP P 812 56.20 -39.19 -15.81
CA ASP P 812 55.22 -40.26 -15.88
C ASP P 812 55.73 -41.48 -15.13
N SER P 813 56.56 -41.26 -14.10
CA SER P 813 57.19 -42.35 -13.29
C SER P 813 56.84 -42.34 -11.77
N PHE P 814 56.24 -43.43 -11.31
CA PHE P 814 55.83 -43.55 -9.93
C PHE P 814 56.59 -44.69 -9.20
N GLY P 815 57.14 -44.36 -8.03
CA GLY P 815 57.90 -45.34 -7.25
C GLY P 815 57.84 -45.09 -5.73
N THR P 816 57.94 -46.21 -4.98
CA THR P 816 57.93 -46.32 -3.47
C THR P 816 58.54 -47.69 -3.03
N ILE P 817 58.72 -47.92 -1.72
CA ILE P 817 59.29 -49.19 -1.30
C ILE P 817 58.43 -50.39 -1.72
N PRO P 818 59.02 -51.59 -1.71
CA PRO P 818 58.45 -52.90 -2.08
C PRO P 818 57.13 -53.17 -1.44
N ALA P 819 57.04 -52.77 -0.16
CA ALA P 819 55.84 -52.99 0.65
C ALA P 819 54.60 -52.26 0.07
N ASP P 820 54.71 -50.94 -0.06
CA ASP P 820 53.63 -50.04 -0.54
C ASP P 820 53.41 -50.14 -2.06
N ALA P 821 54.26 -50.91 -2.70
CA ALA P 821 54.19 -51.07 -4.13
C ALA P 821 52.82 -51.54 -4.64
N ALA P 822 52.31 -52.68 -4.14
CA ALA P 822 51.01 -53.20 -4.64
C ALA P 822 49.92 -52.12 -4.64
N ASN P 823 50.01 -51.22 -3.66
CA ASN P 823 49.08 -50.11 -3.43
C ASN P 823 49.26 -49.01 -4.49
N LEU P 824 50.46 -48.41 -4.53
CA LEU P 824 50.79 -47.33 -5.48
C LEU P 824 50.32 -47.68 -6.89
N PHE P 825 50.54 -48.95 -7.21
CA PHE P 825 50.13 -49.47 -8.49
C PHE P 825 48.63 -49.17 -8.65
N LYS P 826 47.88 -49.42 -7.58
CA LYS P 826 46.42 -49.23 -7.50
C LYS P 826 46.02 -47.74 -7.57
N ALA P 827 46.65 -46.92 -6.76
CA ALA P 827 46.32 -45.51 -6.73
C ALA P 827 46.29 -44.91 -8.12
N VAL P 828 47.44 -44.89 -8.76
CA VAL P 828 47.56 -44.30 -10.09
C VAL P 828 46.36 -44.60 -10.95
N ARG P 829 46.00 -45.87 -11.07
CA ARG P 829 44.84 -46.26 -11.90
C ARG P 829 43.55 -45.59 -11.42
N GLU P 830 43.38 -45.48 -10.09
CA GLU P 830 42.18 -44.83 -9.53
C GLU P 830 42.27 -43.31 -9.78
N THR P 831 43.34 -42.70 -9.25
CA THR P 831 43.59 -41.29 -9.43
C THR P 831 43.49 -40.94 -10.95
N MET P 832 43.67 -41.93 -11.82
CA MET P 832 43.58 -41.72 -13.26
C MET P 832 42.13 -41.64 -13.71
N VAL P 833 41.44 -42.78 -13.55
CA VAL P 833 40.03 -42.95 -13.91
C VAL P 833 39.17 -41.93 -13.17
N ASP P 834 39.67 -41.47 -12.02
CA ASP P 834 39.01 -40.47 -11.16
C ASP P 834 38.84 -39.13 -11.89
N THR P 835 39.97 -38.47 -12.11
CA THR P 835 40.07 -37.18 -12.79
C THR P 835 39.23 -37.13 -14.08
N TYR P 836 39.46 -38.08 -14.96
CA TYR P 836 38.82 -38.06 -16.27
C TYR P 836 37.35 -38.48 -16.29
N GLU P 837 36.78 -38.88 -15.16
CA GLU P 837 35.35 -39.20 -15.17
C GLU P 837 34.54 -37.97 -14.78
N SER P 838 35.24 -36.99 -14.16
CA SER P 838 34.64 -35.76 -13.63
C SER P 838 35.08 -34.42 -14.30
N CYS P 839 36.16 -34.43 -15.09
CA CYS P 839 36.56 -33.20 -15.75
C CYS P 839 36.95 -33.45 -17.21
N ASP P 840 36.27 -32.75 -18.11
CA ASP P 840 36.54 -32.91 -19.53
C ASP P 840 37.53 -31.88 -19.91
N VAL P 841 38.66 -31.91 -19.23
CA VAL P 841 39.72 -30.95 -19.43
C VAL P 841 39.71 -30.33 -20.81
N LEU P 842 39.13 -30.99 -21.82
CA LEU P 842 39.10 -30.35 -23.14
C LEU P 842 38.07 -29.19 -23.22
N ALA P 843 36.80 -29.47 -22.83
CA ALA P 843 35.71 -28.47 -22.80
C ALA P 843 36.07 -27.37 -21.84
N ASP P 844 36.43 -27.81 -20.64
CA ASP P 844 36.90 -26.94 -19.57
C ASP P 844 38.01 -26.03 -20.12
N PHE P 845 38.58 -26.40 -21.26
CA PHE P 845 39.59 -25.53 -21.84
C PHE P 845 38.94 -24.62 -22.80
N TYR P 846 37.82 -25.09 -23.31
CA TYR P 846 37.13 -24.24 -24.22
C TYR P 846 36.60 -23.01 -23.45
N ASP P 847 35.76 -23.25 -22.43
CA ASP P 847 35.20 -22.19 -21.57
C ASP P 847 36.22 -21.08 -21.29
N GLN P 848 37.43 -21.51 -20.98
CA GLN P 848 38.55 -20.62 -20.65
C GLN P 848 38.87 -19.59 -21.68
N PHE P 849 38.77 -19.96 -22.95
CA PHE P 849 39.09 -18.98 -23.94
C PHE P 849 37.86 -18.53 -24.73
N ALA P 850 36.89 -19.40 -24.96
CA ALA P 850 35.70 -19.05 -25.78
C ALA P 850 35.42 -17.55 -25.83
N ASP P 851 35.12 -16.96 -24.69
CA ASP P 851 34.81 -15.54 -24.65
C ASP P 851 35.94 -14.64 -25.21
N GLN P 852 37.06 -15.20 -25.65
CA GLN P 852 38.13 -14.32 -26.11
C GLN P 852 38.36 -14.43 -27.59
N LEU P 853 37.65 -15.32 -28.21
CA LEU P 853 37.82 -15.36 -29.62
C LEU P 853 37.17 -14.14 -30.19
N HIS P 854 37.81 -13.44 -31.14
CA HIS P 854 37.12 -12.28 -31.73
C HIS P 854 35.79 -12.67 -32.38
N GLU P 855 34.91 -11.70 -32.59
CA GLU P 855 33.61 -11.90 -33.22
C GLU P 855 33.72 -12.69 -34.55
N SER P 856 34.63 -12.24 -35.40
CA SER P 856 34.82 -12.80 -36.74
C SER P 856 35.57 -14.15 -36.80
N GLN P 857 35.81 -14.84 -35.72
CA GLN P 857 36.48 -16.12 -35.91
C GLN P 857 35.73 -17.18 -35.18
N LEU P 858 34.56 -16.76 -34.72
CA LEU P 858 33.65 -17.62 -33.99
C LEU P 858 33.37 -18.90 -34.76
N ASP P 859 33.84 -18.95 -35.99
CA ASP P 859 33.54 -20.07 -36.84
C ASP P 859 34.74 -20.96 -37.19
N LYS P 860 35.90 -20.35 -37.40
CA LYS P 860 37.06 -21.12 -37.76
C LYS P 860 37.49 -22.01 -36.60
N MET P 861 36.62 -22.18 -35.58
CA MET P 861 36.93 -23.02 -34.41
C MET P 861 36.12 -24.33 -34.33
N PRO P 862 36.69 -25.44 -34.85
CA PRO P 862 36.07 -26.77 -34.86
C PRO P 862 35.47 -27.14 -33.51
N ALA P 863 34.47 -28.01 -33.55
CA ALA P 863 33.79 -28.48 -32.35
C ALA P 863 34.58 -29.54 -31.65
N LEU P 864 34.22 -29.72 -30.39
CA LEU P 864 34.87 -30.69 -29.54
C LEU P 864 34.83 -32.06 -30.15
N PRO P 865 35.99 -32.73 -30.21
CA PRO P 865 36.08 -34.08 -30.76
C PRO P 865 35.13 -35.04 -30.06
N ALA P 866 34.37 -35.78 -30.86
CA ALA P 866 33.41 -36.76 -30.35
C ALA P 866 34.12 -37.76 -29.43
N LYS P 867 33.45 -38.15 -28.33
CA LYS P 867 34.01 -39.09 -27.36
C LYS P 867 34.08 -40.52 -27.91
N GLY P 868 34.51 -41.44 -27.06
CA GLY P 868 34.61 -42.82 -27.48
C GLY P 868 33.84 -43.72 -26.55
N ASN P 869 34.05 -45.02 -26.73
CA ASN P 869 33.42 -46.04 -25.93
C ASN P 869 34.41 -46.58 -24.91
N LEU P 870 35.51 -45.86 -24.68
CA LEU P 870 36.47 -46.33 -23.70
C LEU P 870 35.87 -46.14 -22.32
N ASN P 871 35.79 -47.25 -21.60
CA ASN P 871 35.26 -47.15 -20.26
C ASN P 871 36.40 -46.99 -19.28
N LEU P 872 36.55 -45.77 -18.84
CA LEU P 872 37.59 -45.44 -17.90
C LEU P 872 37.66 -46.45 -16.72
N ARG P 873 36.54 -47.12 -16.40
CA ARG P 873 36.48 -48.07 -15.27
C ARG P 873 37.34 -49.31 -15.47
N ASP P 874 37.82 -49.47 -16.70
CA ASP P 874 38.69 -50.60 -17.07
C ASP P 874 40.12 -50.42 -16.53
N ILE P 875 40.61 -49.19 -16.60
CA ILE P 875 41.94 -48.81 -16.13
C ILE P 875 42.32 -49.43 -14.79
N LEU P 876 41.35 -49.59 -13.91
CA LEU P 876 41.64 -50.17 -12.64
C LEU P 876 41.99 -51.67 -12.76
N GLU P 877 41.95 -52.23 -13.97
CA GLU P 877 42.28 -53.65 -14.14
C GLU P 877 43.29 -53.89 -15.26
N SER P 878 43.71 -52.83 -15.94
CA SER P 878 44.74 -53.02 -16.91
C SER P 878 46.03 -53.09 -16.12
N ASP P 879 46.78 -54.18 -16.29
CA ASP P 879 48.02 -54.35 -15.56
C ASP P 879 49.19 -53.57 -16.18
N PHE P 880 49.24 -53.55 -17.52
CA PHE P 880 50.34 -52.95 -18.29
C PHE P 880 50.26 -51.45 -18.47
N ALA P 881 49.30 -50.78 -17.86
CA ALA P 881 49.30 -49.34 -18.05
C ALA P 881 49.93 -48.65 -16.87
N PHE P 882 50.82 -49.34 -16.14
CA PHE P 882 51.45 -48.73 -14.96
C PHE P 882 51.11 -47.26 -14.93
N ALA P 883 50.20 -46.84 -14.06
CA ALA P 883 49.81 -45.42 -14.00
C ALA P 883 48.70 -45.11 -15.01
MG MG Q . 23.77 8.44 -2.69
MG MG R . 14.46 14.70 -5.68
PG APC S . 13.87 13.39 -2.95
O1G APC S . 13.15 14.00 -4.14
O2G APC S . 12.85 12.78 -2.04
O3G APC S . 14.63 14.50 -2.23
PB APC S . 16.27 12.23 -4.12
O1B APC S . 16.73 10.84 -4.25
O2B APC S . 16.11 13.08 -5.35
O3B APC S . 14.79 12.09 -3.38
PA APC S . 17.65 14.52 -2.62
O1A APC S . 17.37 15.55 -3.73
O2A APC S . 17.22 14.81 -1.20
C3A APC S . 17.22 12.92 -2.91
O5' APC S . 19.25 14.40 -2.69
C5' APC S . 19.92 13.66 -1.68
C4' APC S . 21.35 13.27 -2.09
O4' APC S . 22.12 13.21 -0.90
C3' APC S . 21.47 11.95 -2.84
O3' APC S . 21.92 12.21 -4.17
C2' APC S . 22.53 11.13 -2.11
O2' APC S . 23.58 10.66 -2.92
C1' APC S . 22.92 12.02 -0.92
N9 APC S . 22.83 11.43 0.43
C8 APC S . 21.63 11.21 1.06
N7 APC S . 21.75 10.72 2.27
C5 APC S . 23.12 10.60 2.45
C6 APC S . 23.84 10.13 3.53
N6 APC S . 23.24 9.69 4.66
N1 APC S . 25.22 10.12 3.43
C2 APC S . 25.79 10.57 2.27
N3 APC S . 25.17 11.04 1.14
C4 APC S . 23.81 11.02 1.32
MG MG T . -15.89 -12.60 -2.30
MG MG U . -24.11 -9.59 4.55
PG APC V . -14.56 -12.94 0.42
O1G APC V . -14.02 -12.14 -0.76
O2G APC V . -13.45 -13.47 1.31
O3G APC V . -15.41 -14.10 -0.07
PB APC V . -17.17 -11.99 1.03
O1B APC V . -17.56 -10.59 1.43
O2B APC V . -17.31 -12.42 -0.40
O3B APC V . -15.56 -12.01 1.32
PA APC V . -18.84 -14.44 1.43
O1A APC V . -18.35 -14.44 0.05
O2A APC V . -18.76 -15.70 2.22
C3A APC V . -17.86 -13.16 2.00
O5' APC V . -20.39 -13.93 1.56
C5' APC V . -21.38 -14.71 2.32
C4' APC V . -22.64 -13.88 2.80
O4' APC V . -23.05 -14.56 4.01
C3' APC V . -22.50 -12.44 3.25
O3' APC V . -22.95 -11.52 2.27
C2' APC V . -23.31 -12.21 4.51
O2' APC V . -24.51 -11.62 4.13
C1' APC V . -23.49 -13.63 5.04
N9 APC V . -23.02 -14.12 6.39
C8 APC V . -21.86 -14.81 6.69
N7 APC V . -21.84 -15.34 7.89
C5 APC V . -23.05 -14.98 8.45
C6 APC V . -23.68 -15.33 9.68
N6 APC V . -23.21 -16.26 10.54
N1 APC V . -24.86 -14.74 10.00
C2 APC V . -25.41 -13.91 9.09
N3 APC V . -24.95 -13.55 7.84
C4 APC V . -23.75 -14.14 7.59
MG MG W . -62.52 47.18 30.79
MG MG X . -59.02 40.70 22.12
PG APC Y . -61.18 48.94 29.23
O1G APC Y . -60.64 48.46 30.58
O2G APC Y . -60.77 50.39 28.93
O3G APC Y . -62.69 48.82 29.20
PB APC Y . -60.80 46.42 27.84
O1B APC Y . -59.45 45.94 27.38
O2B APC Y . -61.40 45.87 29.11
O3B APC Y . -60.53 48.03 28.04
PA APC Y . -63.49 45.73 26.91
O1A APC Y . -63.70 45.75 28.38
O2A APC Y . -64.43 46.46 26.01
C3A APC Y . -61.95 46.29 26.65
O5' APC Y . -63.50 44.15 26.41
C5' APC Y . -63.77 43.78 25.02
C4' APC Y . -63.30 42.32 24.70
O4' APC Y . -63.71 41.99 23.35
C3' APC Y . -61.83 41.99 24.80
O3' APC Y . -61.48 41.07 25.87
C2' APC Y . -61.38 41.38 23.49
O2' APC Y . -60.87 40.06 23.54
C1' APC Y . -62.58 41.56 22.58
N9 APC Y . -62.41 42.51 21.43
C8 APC Y . -62.00 43.82 21.46
N7 APC Y . -62.05 44.44 20.31
C5 APC Y . -62.53 43.48 19.41
C6 APC Y . -62.91 43.52 17.99
N6 APC Y . -62.93 44.64 17.21
N1 APC Y . -63.31 42.34 17.41
C2 APC Y . -63.38 41.23 18.21
N3 APC Y . -63.10 41.07 19.54
C4 APC Y . -62.69 42.25 20.08
MG MG Z . 61.63 -50.34 -23.76
MG MG AA . 59.98 -38.67 -24.55
PG APC BA . 60.30 -49.15 -26.44
O1G APC BA . 60.04 -50.54 -25.81
O2G APC BA . 59.49 -48.92 -27.69
O3G APC BA . 61.79 -49.03 -26.72
PB APC BA . 60.80 -47.03 -24.46
O1B APC BA . 59.92 -45.92 -23.96
O2B APC BA . 61.43 -48.02 -23.50
O3B APC BA . 59.80 -47.95 -25.42
PA APC BA . 63.48 -46.63 -25.60
O1A APC BA . 63.83 -47.73 -24.63
O2A APC BA . 63.86 -46.75 -27.06
C3A APC BA . 61.84 -46.32 -25.54
O5' APC BA . 64.12 -45.23 -25.13
C5' APC BA . 64.23 -44.16 -26.02
C4' APC BA . 63.99 -42.82 -25.34
O4' APC BA . 64.28 -41.86 -26.33
C3' APC BA . 62.54 -42.59 -24.88
O3' APC BA . 62.34 -42.70 -23.45
C2' APC BA . 62.09 -41.25 -25.48
O2' APC BA . 61.57 -40.22 -24.63
C1' APC BA . 63.27 -40.86 -26.39
N9 APC BA . 63.14 -40.41 -27.81
C8 APC BA . 63.03 -41.23 -28.92
N7 APC BA . 63.03 -40.59 -30.06
C5 APC BA . 63.13 -39.25 -29.71
C6 APC BA . 63.20 -38.03 -30.49
N6 APC BA . 63.15 -38.01 -31.86
N1 APC BA . 63.31 -36.83 -29.81
C2 APC BA . 63.36 -36.87 -28.44
N3 APC BA . 63.31 -37.94 -27.59
C4 APC BA . 63.18 -39.11 -28.31
#